data_2L6G
#
_entry.id   2L6G
#
_entity_poly.entity_id   1
_entity_poly.type   'polypeptide(L)'
_entity_poly.pdbx_seq_one_letter_code
;MANLDRSNDKVYENVTGLVKAVIEMSSKIQPAPPEEYVPMVKEVGLALRTLLATVDESLPVLPASTHREIEMAQKLLNSD
LAELINKMKLAQQYVMTSLQQEYKKQMLTAAHALAVDAKNLLDVIDQARLKMISQSRPHGGSGGSGSGGSGGSGSNLSEL
DRLLLELNAVQHNPPS
;
_entity_poly.pdbx_strand_id   A
#
# COMPACT_ATOMS: atom_id res chain seq x y z
N MET A 1 -9.12 26.29 -11.21
CA MET A 1 -8.14 25.32 -11.65
C MET A 1 -6.99 26.00 -12.40
N ALA A 2 -5.85 25.32 -12.48
CA ALA A 2 -4.69 25.85 -13.16
C ALA A 2 -4.08 24.82 -14.10
N ASN A 3 -3.38 23.84 -13.53
CA ASN A 3 -2.75 22.80 -14.33
C ASN A 3 -3.32 21.43 -13.97
N LEU A 4 -2.90 20.41 -14.71
CA LEU A 4 -3.37 19.05 -14.47
C LEU A 4 -2.33 18.24 -13.70
N ASP A 5 -1.51 18.93 -12.92
CA ASP A 5 -0.47 18.27 -12.12
C ASP A 5 -0.88 18.22 -10.65
N ARG A 6 -2.16 18.07 -10.40
CA ARG A 6 -2.68 18.01 -9.04
C ARG A 6 -3.00 16.57 -8.64
N SER A 7 -3.73 15.88 -9.52
CA SER A 7 -4.11 14.50 -9.27
C SER A 7 -2.93 13.56 -9.46
N ASN A 8 -2.08 13.86 -10.43
CA ASN A 8 -0.90 13.05 -10.72
C ASN A 8 0.00 12.96 -9.50
N ASP A 9 0.06 14.03 -8.73
CA ASP A 9 0.89 14.06 -7.53
C ASP A 9 0.14 13.49 -6.33
N LYS A 10 -1.19 13.63 -6.34
CA LYS A 10 -2.02 13.13 -5.26
C LYS A 10 -1.86 11.61 -5.11
N VAL A 11 -2.09 10.88 -6.19
CA VAL A 11 -1.96 9.43 -6.17
C VAL A 11 -0.53 9.01 -5.85
N TYR A 12 0.43 9.66 -6.48
CA TYR A 12 1.84 9.35 -6.27
C TYR A 12 2.24 9.64 -4.82
N GLU A 13 1.43 10.45 -4.14
CA GLU A 13 1.70 10.80 -2.75
C GLU A 13 1.10 9.78 -1.79
N ASN A 14 -0.20 9.53 -1.95
CA ASN A 14 -0.90 8.57 -1.11
C ASN A 14 -0.22 7.20 -1.15
N VAL A 15 0.18 6.79 -2.36
CA VAL A 15 0.84 5.51 -2.55
C VAL A 15 2.08 5.40 -1.67
N THR A 16 2.64 6.53 -1.28
CA THR A 16 3.82 6.57 -0.44
C THR A 16 3.46 6.60 1.04
N GLY A 17 2.55 7.50 1.40
CA GLY A 17 2.12 7.61 2.78
C GLY A 17 1.69 6.29 3.37
N LEU A 18 0.76 5.61 2.69
CA LEU A 18 0.27 4.33 3.15
C LEU A 18 1.42 3.37 3.45
N VAL A 19 2.46 3.43 2.62
CA VAL A 19 3.63 2.57 2.79
C VAL A 19 4.35 2.89 4.09
N LYS A 20 4.41 4.18 4.43
CA LYS A 20 5.07 4.63 5.65
C LYS A 20 4.44 3.98 6.88
N ALA A 21 3.11 3.87 6.86
CA ALA A 21 2.39 3.27 7.98
C ALA A 21 2.56 1.76 8.00
N VAL A 22 2.48 1.14 6.83
CA VAL A 22 2.63 -0.30 6.70
C VAL A 22 3.90 -0.79 7.38
N ILE A 23 4.98 -0.04 7.19
CA ILE A 23 6.27 -0.40 7.80
C ILE A 23 6.30 -0.01 9.27
N GLU A 24 5.86 1.20 9.58
CA GLU A 24 5.83 1.69 10.95
C GLU A 24 5.14 0.70 11.87
N MET A 25 3.90 0.36 11.55
CA MET A 25 3.13 -0.58 12.35
C MET A 25 3.85 -1.92 12.47
N SER A 26 4.52 -2.32 11.39
CA SER A 26 5.25 -3.58 11.37
C SER A 26 6.39 -3.57 12.39
N SER A 27 6.83 -2.36 12.75
CA SER A 27 7.91 -2.21 13.72
C SER A 27 7.41 -2.42 15.14
N LYS A 28 6.36 -1.69 15.51
CA LYS A 28 5.79 -1.80 16.85
C LYS A 28 4.62 -2.77 16.85
N ILE A 29 4.58 -3.65 15.85
CA ILE A 29 3.51 -4.64 15.76
C ILE A 29 3.48 -5.55 16.97
N GLN A 30 4.66 -5.95 17.44
CA GLN A 30 4.78 -6.82 18.61
C GLN A 30 4.18 -6.16 19.84
N PRO A 31 4.75 -5.01 20.23
CA PRO A 31 4.30 -4.26 21.41
C PRO A 31 2.94 -3.60 21.18
N ALA A 32 2.45 -3.68 19.95
CA ALA A 32 1.15 -3.11 19.60
C ALA A 32 0.08 -3.50 20.62
N PRO A 33 -0.32 -2.52 21.46
CA PRO A 33 -1.33 -2.74 22.49
C PRO A 33 -2.72 -2.95 21.90
N PRO A 34 -3.66 -3.39 22.74
CA PRO A 34 -5.05 -3.63 22.33
C PRO A 34 -5.80 -2.34 22.02
N GLU A 35 -5.28 -1.23 22.52
CA GLU A 35 -5.90 0.08 22.29
C GLU A 35 -5.42 0.67 20.97
N GLU A 36 -4.27 0.21 20.49
CA GLU A 36 -3.70 0.71 19.25
C GLU A 36 -4.13 -0.17 18.07
N TYR A 37 -4.66 -1.35 18.38
CA TYR A 37 -5.09 -2.28 17.35
C TYR A 37 -6.37 -1.78 16.67
N VAL A 38 -7.30 -1.29 17.49
CA VAL A 38 -8.57 -0.78 16.97
C VAL A 38 -8.34 0.25 15.86
N PRO A 39 -7.60 1.32 16.20
CA PRO A 39 -7.29 2.40 15.26
C PRO A 39 -6.32 1.95 14.17
N MET A 40 -5.46 1.01 14.50
CA MET A 40 -4.48 0.49 13.55
C MET A 40 -5.16 0.06 12.25
N VAL A 41 -6.17 -0.80 12.38
CA VAL A 41 -6.90 -1.28 11.21
C VAL A 41 -7.51 -0.12 10.42
N LYS A 42 -8.00 0.88 11.13
CA LYS A 42 -8.60 2.05 10.50
C LYS A 42 -7.61 2.73 9.57
N GLU A 43 -6.33 2.74 9.96
CA GLU A 43 -5.29 3.36 9.16
C GLU A 43 -5.12 2.63 7.84
N VAL A 44 -4.79 1.34 7.92
CA VAL A 44 -4.59 0.52 6.72
C VAL A 44 -5.85 0.49 5.86
N GLY A 45 -7.01 0.43 6.52
CA GLY A 45 -8.26 0.40 5.78
C GLY A 45 -8.48 1.63 4.95
N LEU A 46 -7.93 2.76 5.40
CA LEU A 46 -8.07 4.03 4.68
C LEU A 46 -7.21 4.03 3.43
N ALA A 47 -6.00 3.48 3.54
CA ALA A 47 -5.07 3.42 2.42
C ALA A 47 -5.69 2.68 1.24
N LEU A 48 -6.09 1.43 1.48
CA LEU A 48 -6.69 0.61 0.43
C LEU A 48 -7.90 1.31 -0.18
N ARG A 49 -8.82 1.75 0.67
CA ARG A 49 -10.02 2.44 0.22
C ARG A 49 -9.67 3.66 -0.62
N THR A 50 -8.69 4.43 -0.15
CA THR A 50 -8.25 5.64 -0.84
C THR A 50 -7.62 5.29 -2.18
N LEU A 51 -6.83 4.23 -2.20
CA LEU A 51 -6.16 3.79 -3.42
C LEU A 51 -7.15 3.63 -4.56
N LEU A 52 -8.33 3.10 -4.24
CA LEU A 52 -9.37 2.90 -5.24
C LEU A 52 -9.74 4.22 -5.92
N ALA A 53 -9.91 5.26 -5.11
CA ALA A 53 -10.25 6.57 -5.64
C ALA A 53 -9.06 7.23 -6.33
N THR A 54 -7.90 7.14 -5.70
CA THR A 54 -6.68 7.72 -6.25
C THR A 54 -6.44 7.25 -7.68
N VAL A 55 -6.53 5.94 -7.89
CA VAL A 55 -6.32 5.37 -9.22
C VAL A 55 -7.42 5.81 -10.17
N ASP A 56 -8.64 5.91 -9.66
CA ASP A 56 -9.78 6.33 -10.47
C ASP A 56 -9.48 7.62 -11.23
N GLU A 57 -8.89 8.58 -10.52
CA GLU A 57 -8.55 9.86 -11.12
C GLU A 57 -7.26 9.76 -11.93
N SER A 58 -6.51 8.68 -11.69
CA SER A 58 -5.25 8.47 -12.37
C SER A 58 -5.48 8.06 -13.83
N LEU A 59 -6.65 7.50 -14.10
CA LEU A 59 -7.00 7.08 -15.45
C LEU A 59 -6.76 8.19 -16.46
N PRO A 60 -7.46 9.32 -16.27
CA PRO A 60 -7.33 10.49 -17.15
C PRO A 60 -5.98 11.17 -17.01
N VAL A 61 -5.53 11.32 -15.77
CA VAL A 61 -4.24 11.96 -15.50
C VAL A 61 -3.13 11.36 -16.34
N LEU A 62 -3.28 10.08 -16.68
CA LEU A 62 -2.29 9.38 -17.48
C LEU A 62 -2.87 8.98 -18.84
N PRO A 63 -1.98 8.79 -19.83
CA PRO A 63 -2.38 8.41 -21.19
C PRO A 63 -2.90 6.98 -21.26
N ALA A 64 -4.02 6.81 -21.95
CA ALA A 64 -4.63 5.49 -22.10
C ALA A 64 -3.63 4.50 -22.68
N SER A 65 -3.28 3.48 -21.89
CA SER A 65 -2.33 2.47 -22.33
C SER A 65 -2.06 1.46 -21.22
N THR A 66 -2.09 1.94 -19.98
CA THR A 66 -1.85 1.09 -18.83
C THR A 66 -3.12 0.90 -18.00
N HIS A 67 -4.27 1.00 -18.66
CA HIS A 67 -5.55 0.84 -17.99
C HIS A 67 -5.82 -0.63 -17.68
N ARG A 68 -5.14 -1.52 -18.40
CA ARG A 68 -5.31 -2.95 -18.20
C ARG A 68 -5.16 -3.32 -16.73
N GLU A 69 -3.95 -3.15 -16.20
CA GLU A 69 -3.68 -3.46 -14.80
C GLU A 69 -4.52 -2.59 -13.88
N ILE A 70 -4.65 -1.32 -14.24
CA ILE A 70 -5.43 -0.38 -13.43
C ILE A 70 -6.84 -0.90 -13.18
N GLU A 71 -7.48 -1.37 -14.24
CA GLU A 71 -8.84 -1.90 -14.13
C GLU A 71 -8.89 -3.09 -13.18
N MET A 72 -8.03 -4.08 -13.44
CA MET A 72 -7.98 -5.28 -12.62
C MET A 72 -7.60 -4.92 -11.18
N ALA A 73 -6.92 -3.80 -11.01
CA ALA A 73 -6.50 -3.35 -9.69
C ALA A 73 -7.70 -2.87 -8.87
N GLN A 74 -8.69 -2.31 -9.55
CA GLN A 74 -9.88 -1.81 -8.88
C GLN A 74 -10.57 -2.92 -8.11
N LYS A 75 -11.22 -3.83 -8.83
CA LYS A 75 -11.92 -4.95 -8.21
C LYS A 75 -11.01 -5.70 -7.25
N LEU A 76 -9.77 -5.90 -7.66
CA LEU A 76 -8.79 -6.61 -6.84
C LEU A 76 -8.59 -5.90 -5.51
N LEU A 77 -8.52 -4.58 -5.56
CA LEU A 77 -8.33 -3.78 -4.34
C LEU A 77 -9.39 -4.11 -3.30
N ASN A 78 -10.65 -4.10 -3.73
CA ASN A 78 -11.77 -4.40 -2.83
C ASN A 78 -11.53 -5.71 -2.10
N SER A 79 -11.27 -6.78 -2.86
CA SER A 79 -11.04 -8.09 -2.28
C SER A 79 -9.95 -8.03 -1.21
N ASP A 80 -8.82 -7.45 -1.57
CA ASP A 80 -7.69 -7.32 -0.65
C ASP A 80 -8.15 -6.68 0.66
N LEU A 81 -9.10 -5.76 0.58
CA LEU A 81 -9.62 -5.08 1.75
C LEU A 81 -10.23 -6.07 2.73
N ALA A 82 -11.34 -6.69 2.32
CA ALA A 82 -12.01 -7.67 3.15
C ALA A 82 -11.06 -8.76 3.62
N GLU A 83 -10.15 -9.16 2.73
CA GLU A 83 -9.19 -10.20 3.05
C GLU A 83 -8.24 -9.75 4.16
N LEU A 84 -7.74 -8.53 4.04
CA LEU A 84 -6.82 -7.99 5.04
C LEU A 84 -7.52 -7.80 6.37
N ILE A 85 -8.60 -7.02 6.37
CA ILE A 85 -9.36 -6.77 7.59
C ILE A 85 -9.82 -8.07 8.23
N ASN A 86 -10.04 -9.09 7.40
CA ASN A 86 -10.48 -10.39 7.89
C ASN A 86 -9.43 -11.01 8.81
N LYS A 87 -8.26 -11.30 8.25
CA LYS A 87 -7.17 -11.89 9.02
C LYS A 87 -6.80 -11.00 10.20
N MET A 88 -6.60 -9.72 9.94
CA MET A 88 -6.24 -8.77 10.98
C MET A 88 -7.27 -8.80 12.12
N LYS A 89 -8.54 -8.92 11.76
CA LYS A 89 -9.61 -8.95 12.74
C LYS A 89 -9.46 -10.16 13.67
N LEU A 90 -8.93 -11.26 13.13
CA LEU A 90 -8.73 -12.47 13.90
C LEU A 90 -7.66 -12.26 14.98
N ALA A 91 -6.53 -11.71 14.57
CA ALA A 91 -5.43 -11.45 15.50
C ALA A 91 -5.91 -10.65 16.70
N GLN A 92 -6.78 -9.68 16.45
CA GLN A 92 -7.31 -8.83 17.52
C GLN A 92 -7.99 -9.68 18.60
N GLN A 93 -8.46 -10.86 18.21
CA GLN A 93 -9.13 -11.76 19.14
C GLN A 93 -8.18 -12.87 19.58
N TYR A 94 -7.20 -13.18 18.75
CA TYR A 94 -6.24 -14.23 19.04
C TYR A 94 -4.96 -13.64 19.66
N VAL A 95 -5.12 -12.48 20.30
CA VAL A 95 -3.98 -11.81 20.95
C VAL A 95 -4.11 -11.83 22.46
N MET A 96 -5.35 -11.79 22.94
CA MET A 96 -5.61 -11.80 24.37
C MET A 96 -5.35 -13.18 24.96
N THR A 97 -5.36 -14.20 24.10
CA THR A 97 -5.13 -15.57 24.54
C THR A 97 -3.64 -15.83 24.75
N SER A 98 -2.89 -15.94 23.66
CA SER A 98 -1.46 -16.18 23.74
C SER A 98 -0.84 -16.27 22.35
N LEU A 99 -1.59 -16.80 21.41
CA LEU A 99 -1.13 -16.93 20.02
C LEU A 99 -1.20 -15.59 19.30
N GLN A 100 -0.41 -14.63 19.76
CA GLN A 100 -0.37 -13.30 19.16
C GLN A 100 0.74 -13.21 18.13
N GLN A 101 1.96 -13.53 18.55
CA GLN A 101 3.12 -13.47 17.66
C GLN A 101 2.85 -14.25 16.38
N GLU A 102 2.09 -15.33 16.50
CA GLU A 102 1.76 -16.16 15.34
C GLU A 102 1.03 -15.35 14.28
N TYR A 103 -0.18 -14.90 14.62
CA TYR A 103 -0.99 -14.12 13.69
C TYR A 103 -0.24 -12.86 13.24
N LYS A 104 0.65 -12.37 14.10
CA LYS A 104 1.43 -11.18 13.79
C LYS A 104 2.33 -11.42 12.59
N LYS A 105 3.06 -12.53 12.61
CA LYS A 105 3.96 -12.87 11.51
C LYS A 105 3.23 -12.86 10.18
N GLN A 106 2.21 -13.71 10.08
CA GLN A 106 1.42 -13.79 8.85
C GLN A 106 0.78 -12.46 8.51
N MET A 107 0.30 -11.76 9.54
CA MET A 107 -0.34 -10.47 9.36
C MET A 107 0.56 -9.53 8.55
N LEU A 108 1.79 -9.36 9.01
CA LEU A 108 2.74 -8.49 8.32
C LEU A 108 2.90 -8.88 6.86
N THR A 109 2.97 -10.19 6.61
CA THR A 109 3.12 -10.71 5.26
C THR A 109 2.06 -10.11 4.33
N ALA A 110 0.81 -10.14 4.78
CA ALA A 110 -0.29 -9.60 3.98
C ALA A 110 -0.09 -8.11 3.70
N ALA A 111 0.10 -7.34 4.75
CA ALA A 111 0.30 -5.90 4.61
C ALA A 111 1.53 -5.60 3.76
N HIS A 112 2.47 -6.54 3.73
CA HIS A 112 3.69 -6.37 2.95
C HIS A 112 3.38 -6.28 1.46
N ALA A 113 2.58 -7.22 0.97
CA ALA A 113 2.19 -7.26 -0.43
C ALA A 113 1.33 -6.05 -0.80
N LEU A 114 0.52 -5.61 0.16
CA LEU A 114 -0.35 -4.45 -0.06
C LEU A 114 0.46 -3.18 -0.25
N ALA A 115 1.37 -2.92 0.68
CA ALA A 115 2.22 -1.73 0.62
C ALA A 115 2.93 -1.63 -0.73
N VAL A 116 3.62 -2.70 -1.10
CA VAL A 116 4.35 -2.74 -2.37
C VAL A 116 3.39 -2.64 -3.55
N ASP A 117 2.23 -3.27 -3.43
CA ASP A 117 1.23 -3.25 -4.48
C ASP A 117 0.74 -1.83 -4.74
N ALA A 118 0.29 -1.16 -3.68
CA ALA A 118 -0.20 0.21 -3.79
C ALA A 118 0.81 1.09 -4.52
N LYS A 119 2.09 0.88 -4.23
CA LYS A 119 3.15 1.65 -4.86
C LYS A 119 3.38 1.21 -6.30
N ASN A 120 3.38 -0.10 -6.52
CA ASN A 120 3.57 -0.64 -7.86
C ASN A 120 2.54 -0.11 -8.83
N LEU A 121 1.35 0.20 -8.31
CA LEU A 121 0.27 0.73 -9.13
C LEU A 121 0.73 1.91 -9.96
N LEU A 122 1.24 2.94 -9.27
CA LEU A 122 1.72 4.14 -9.95
C LEU A 122 3.03 3.86 -10.69
N ASP A 123 3.87 3.01 -10.08
CA ASP A 123 5.15 2.66 -10.69
C ASP A 123 4.95 2.07 -12.08
N VAL A 124 3.97 1.19 -12.22
CA VAL A 124 3.68 0.56 -13.50
C VAL A 124 3.22 1.58 -14.52
N ILE A 125 2.11 2.25 -14.23
CA ILE A 125 1.57 3.26 -15.13
C ILE A 125 2.61 4.32 -15.46
N ASP A 126 3.59 4.48 -14.58
CA ASP A 126 4.65 5.46 -14.78
C ASP A 126 5.34 5.25 -16.13
N GLN A 127 5.54 3.99 -16.49
CA GLN A 127 6.19 3.65 -17.76
C GLN A 127 5.42 4.25 -18.93
N ALA A 128 4.10 4.37 -18.77
CA ALA A 128 3.25 4.93 -19.82
C ALA A 128 3.45 6.43 -19.95
N ARG A 129 3.55 7.11 -18.81
CA ARG A 129 3.74 8.56 -18.79
C ARG A 129 4.95 8.96 -19.63
N LEU A 130 6.05 8.22 -19.46
CA LEU A 130 7.27 8.50 -20.20
C LEU A 130 7.15 8.07 -21.66
N LYS A 131 6.32 7.05 -21.89
CA LYS A 131 6.11 6.54 -23.23
C LYS A 131 5.63 7.65 -24.17
N MET A 132 4.74 8.50 -23.66
CA MET A 132 4.21 9.61 -24.45
C MET A 132 5.22 10.75 -24.53
N ILE A 133 5.74 11.15 -23.38
CA ILE A 133 6.72 12.23 -23.32
C ILE A 133 7.91 11.94 -24.24
N SER A 134 8.64 10.89 -23.93
CA SER A 134 9.81 10.51 -24.73
C SER A 134 9.38 9.84 -26.03
N GLN A 135 8.79 10.63 -26.91
CA GLN A 135 8.33 10.11 -28.20
C GLN A 135 7.74 11.22 -29.06
N SER A 136 6.71 11.87 -28.54
CA SER A 136 6.05 12.96 -29.26
C SER A 136 4.97 13.62 -28.40
N ARG A 137 4.85 14.94 -28.51
CA ARG A 137 3.87 15.68 -27.74
C ARG A 137 4.10 15.49 -26.24
N PRO A 138 5.17 16.12 -25.73
CA PRO A 138 5.52 16.04 -24.31
C PRO A 138 4.53 16.78 -23.41
N HIS A 139 4.69 16.64 -22.10
CA HIS A 139 3.81 17.31 -21.15
C HIS A 139 4.49 17.45 -19.80
N SER A 155 10.46 11.13 -0.26
CA SER A 155 9.58 10.17 -0.94
C SER A 155 10.07 9.87 -2.35
N ASN A 156 11.14 9.08 -2.44
CA ASN A 156 11.72 8.71 -3.72
C ASN A 156 11.56 7.22 -3.99
N LEU A 157 11.69 6.83 -5.25
CA LEU A 157 11.56 5.42 -5.64
C LEU A 157 12.52 4.55 -4.84
N SER A 158 13.80 4.88 -4.89
CA SER A 158 14.82 4.12 -4.17
C SER A 158 14.57 4.18 -2.67
N GLU A 159 14.14 5.34 -2.18
CA GLU A 159 13.87 5.52 -0.77
C GLU A 159 12.86 4.49 -0.27
N LEU A 160 11.79 4.30 -1.03
CA LEU A 160 10.75 3.34 -0.66
C LEU A 160 11.27 1.92 -0.79
N ASP A 161 12.14 1.69 -1.76
CA ASP A 161 12.71 0.36 -1.98
C ASP A 161 13.42 -0.14 -0.73
N ARG A 162 14.40 0.62 -0.26
CA ARG A 162 15.16 0.26 0.92
C ARG A 162 14.23 0.04 2.12
N LEU A 163 13.25 0.92 2.27
CA LEU A 163 12.29 0.82 3.37
C LEU A 163 11.55 -0.50 3.32
N LEU A 164 11.16 -0.91 2.12
CA LEU A 164 10.43 -2.17 1.94
C LEU A 164 11.28 -3.35 2.35
N LEU A 165 12.57 -3.30 2.01
CA LEU A 165 13.50 -4.38 2.34
C LEU A 165 13.46 -4.69 3.84
N GLU A 166 13.67 -3.66 4.65
CA GLU A 166 13.66 -3.83 6.10
C GLU A 166 12.37 -4.49 6.56
N LEU A 167 11.25 -4.05 6.00
CA LEU A 167 9.95 -4.60 6.35
C LEU A 167 9.95 -6.12 6.23
N ASN A 168 10.57 -6.63 5.17
CA ASN A 168 10.64 -8.06 4.94
C ASN A 168 11.38 -8.76 6.08
N ALA A 169 12.56 -8.26 6.41
CA ALA A 169 13.36 -8.84 7.48
C ALA A 169 12.61 -8.79 8.80
N VAL A 170 11.92 -7.68 9.05
CA VAL A 170 11.15 -7.51 10.28
C VAL A 170 10.11 -8.62 10.44
N GLN A 171 9.59 -9.10 9.32
CA GLN A 171 8.58 -10.16 9.34
C GLN A 171 9.22 -11.50 9.69
N HIS A 172 10.36 -11.78 9.06
CA HIS A 172 11.07 -13.03 9.30
C HIS A 172 11.29 -13.26 10.79
N ASN A 173 11.75 -12.22 11.49
CA ASN A 173 12.00 -12.31 12.92
C ASN A 173 12.50 -10.98 13.47
N PRO A 174 12.38 -10.80 14.79
CA PRO A 174 12.82 -9.58 15.47
C PRO A 174 14.33 -9.45 15.50
N PRO A 175 14.81 -8.24 15.87
CA PRO A 175 16.25 -7.96 15.94
C PRO A 175 16.92 -8.69 17.10
N SER A 176 17.26 -9.96 16.87
CA SER A 176 17.91 -10.78 17.89
C SER A 176 17.03 -10.89 19.13
N MET A 1 -10.11 25.24 -12.13
CA MET A 1 -9.70 24.84 -10.80
C MET A 1 -8.22 24.46 -10.78
N ALA A 2 -7.35 25.47 -10.86
CA ALA A 2 -5.91 25.23 -10.85
C ALA A 2 -5.51 24.29 -11.98
N ASN A 3 -4.25 23.85 -11.94
CA ASN A 3 -3.73 22.94 -12.96
C ASN A 3 -4.14 21.51 -12.66
N LEU A 4 -3.67 20.58 -13.50
CA LEU A 4 -3.98 19.16 -13.34
C LEU A 4 -2.84 18.43 -12.65
N ASP A 5 -2.07 19.16 -11.86
CA ASP A 5 -0.94 18.58 -11.14
C ASP A 5 -1.27 18.40 -9.66
N ARG A 6 -2.55 18.23 -9.36
CA ARG A 6 -3.00 18.05 -7.98
C ARG A 6 -3.33 16.59 -7.71
N SER A 7 -4.10 15.98 -8.60
CA SER A 7 -4.49 14.57 -8.46
C SER A 7 -3.32 13.65 -8.78
N ASN A 8 -2.53 14.04 -9.78
CA ASN A 8 -1.38 13.24 -10.18
C ASN A 8 -0.42 13.03 -9.03
N ASP A 9 -0.31 14.04 -8.16
CA ASP A 9 0.57 13.96 -7.01
C ASP A 9 -0.13 13.31 -5.82
N LYS A 10 -1.45 13.42 -5.79
CA LYS A 10 -2.24 12.83 -4.72
C LYS A 10 -2.04 11.33 -4.64
N VAL A 11 -2.27 10.64 -5.76
CA VAL A 11 -2.11 9.20 -5.82
C VAL A 11 -0.64 8.81 -5.61
N TYR A 12 0.25 9.62 -6.15
CA TYR A 12 1.68 9.36 -6.03
C TYR A 12 2.16 9.59 -4.60
N GLU A 13 1.40 10.37 -3.84
CA GLU A 13 1.74 10.66 -2.45
C GLU A 13 1.35 9.52 -1.54
N ASN A 14 0.08 9.12 -1.61
CA ASN A 14 -0.43 8.02 -0.78
C ASN A 14 0.47 6.80 -0.88
N VAL A 15 0.98 6.55 -2.09
CA VAL A 15 1.86 5.41 -2.32
C VAL A 15 2.99 5.37 -1.30
N THR A 16 3.39 6.55 -0.82
CA THR A 16 4.47 6.65 0.16
C THR A 16 3.92 6.57 1.58
N GLY A 17 2.90 7.36 1.87
CA GLY A 17 2.30 7.37 3.18
C GLY A 17 1.93 5.97 3.67
N LEU A 18 1.17 5.26 2.85
CA LEU A 18 0.76 3.91 3.19
C LEU A 18 1.94 3.04 3.59
N VAL A 19 3.07 3.26 2.91
CA VAL A 19 4.29 2.50 3.20
C VAL A 19 4.83 2.84 4.58
N LYS A 20 4.76 4.11 4.96
CA LYS A 20 5.24 4.56 6.25
C LYS A 20 4.53 3.82 7.38
N ALA A 21 3.25 3.56 7.19
CA ALA A 21 2.45 2.86 8.19
C ALA A 21 2.77 1.37 8.19
N VAL A 22 2.89 0.80 7.00
CA VAL A 22 3.20 -0.62 6.86
C VAL A 22 4.42 -1.01 7.70
N ILE A 23 5.45 -0.18 7.65
CA ILE A 23 6.67 -0.44 8.40
C ILE A 23 6.54 0.05 9.84
N GLU A 24 5.94 1.23 10.01
CA GLU A 24 5.74 1.80 11.34
C GLU A 24 5.08 0.79 12.28
N MET A 25 3.91 0.31 11.88
CA MET A 25 3.18 -0.66 12.69
C MET A 25 4.02 -1.90 12.95
N SER A 26 4.77 -2.33 11.95
CA SER A 26 5.63 -3.50 12.08
C SER A 26 6.69 -3.29 13.15
N SER A 27 6.95 -2.02 13.47
CA SER A 27 7.95 -1.68 14.47
C SER A 27 7.40 -1.87 15.87
N LYS A 28 6.27 -1.22 16.15
CA LYS A 28 5.63 -1.32 17.46
C LYS A 28 4.56 -2.40 17.45
N ILE A 29 4.67 -3.34 16.52
CA ILE A 29 3.70 -4.42 16.42
C ILE A 29 3.69 -5.28 17.69
N GLN A 30 4.87 -5.53 18.22
CA GLN A 30 5.00 -6.33 19.44
C GLN A 30 4.29 -5.66 20.62
N PRO A 31 4.75 -4.44 20.97
CA PRO A 31 4.17 -3.67 22.07
C PRO A 31 2.77 -3.16 21.75
N ALA A 32 2.35 -3.34 20.50
CA ALA A 32 1.03 -2.90 20.07
C ALA A 32 -0.05 -3.33 21.06
N PRO A 33 -0.57 -2.37 21.83
CA PRO A 33 -1.61 -2.62 22.83
C PRO A 33 -2.95 -2.98 22.19
N PRO A 34 -3.89 -3.46 23.02
CA PRO A 34 -5.23 -3.85 22.56
C PRO A 34 -6.06 -2.64 22.15
N GLU A 35 -5.66 -1.46 22.61
CA GLU A 35 -6.39 -0.23 22.29
C GLU A 35 -5.90 0.35 20.96
N GLU A 36 -4.67 0.00 20.58
CA GLU A 36 -4.10 0.49 19.33
C GLU A 36 -4.43 -0.45 18.18
N TYR A 37 -4.91 -1.65 18.50
CA TYR A 37 -5.27 -2.64 17.50
C TYR A 37 -6.55 -2.25 16.79
N VAL A 38 -7.47 -1.64 17.52
CA VAL A 38 -8.75 -1.21 16.97
C VAL A 38 -8.55 -0.20 15.84
N PRO A 39 -7.88 0.91 16.16
CA PRO A 39 -7.61 1.97 15.19
C PRO A 39 -6.59 1.54 14.12
N MET A 40 -5.68 0.66 14.51
CA MET A 40 -4.66 0.16 13.59
C MET A 40 -5.29 -0.33 12.29
N VAL A 41 -6.27 -1.24 12.41
CA VAL A 41 -6.95 -1.78 11.25
C VAL A 41 -7.58 -0.68 10.42
N LYS A 42 -8.14 0.32 11.10
CA LYS A 42 -8.78 1.44 10.43
C LYS A 42 -7.82 2.15 9.49
N GLU A 43 -6.56 2.27 9.92
CA GLU A 43 -5.54 2.93 9.12
C GLU A 43 -5.30 2.17 7.82
N VAL A 44 -4.98 0.88 7.94
CA VAL A 44 -4.73 0.04 6.77
C VAL A 44 -5.93 0.02 5.83
N GLY A 45 -7.12 -0.14 6.41
CA GLY A 45 -8.34 -0.18 5.62
C GLY A 45 -8.53 1.09 4.80
N LEU A 46 -8.08 2.21 5.35
CA LEU A 46 -8.21 3.50 4.68
C LEU A 46 -7.33 3.55 3.43
N ALA A 47 -6.14 2.99 3.52
CA ALA A 47 -5.20 2.97 2.40
C ALA A 47 -5.82 2.26 1.20
N LEU A 48 -6.39 1.08 1.45
CA LEU A 48 -7.01 0.30 0.38
C LEU A 48 -8.19 1.05 -0.23
N ARG A 49 -9.13 1.46 0.62
CA ARG A 49 -10.31 2.18 0.17
C ARG A 49 -9.91 3.44 -0.60
N THR A 50 -8.90 4.14 -0.10
CA THR A 50 -8.42 5.36 -0.73
C THR A 50 -7.72 5.05 -2.05
N LEU A 51 -6.98 3.96 -2.08
CA LEU A 51 -6.25 3.55 -3.28
C LEU A 51 -7.19 3.52 -4.49
N LEU A 52 -8.37 2.95 -4.30
CA LEU A 52 -9.36 2.85 -5.37
C LEU A 52 -9.62 4.21 -5.99
N ALA A 53 -9.80 5.22 -5.15
CA ALA A 53 -10.05 6.58 -5.62
C ALA A 53 -8.80 7.19 -6.24
N THR A 54 -7.68 7.08 -5.54
CA THR A 54 -6.41 7.62 -6.03
C THR A 54 -6.11 7.13 -7.43
N VAL A 55 -6.16 5.81 -7.62
CA VAL A 55 -5.89 5.22 -8.93
C VAL A 55 -6.96 5.61 -9.94
N ASP A 56 -8.19 5.77 -9.47
CA ASP A 56 -9.30 6.15 -10.33
C ASP A 56 -8.94 7.38 -11.15
N GLU A 57 -8.40 8.40 -10.50
CA GLU A 57 -8.02 9.63 -11.17
C GLU A 57 -6.69 9.47 -11.90
N SER A 58 -5.97 8.39 -11.58
CA SER A 58 -4.68 8.12 -12.19
C SER A 58 -4.86 7.65 -13.64
N LEU A 59 -6.03 7.08 -13.93
CA LEU A 59 -6.32 6.60 -15.27
C LEU A 59 -6.02 7.66 -16.32
N PRO A 60 -6.71 8.80 -16.22
CA PRO A 60 -6.53 9.91 -17.15
C PRO A 60 -5.18 10.61 -16.98
N VAL A 61 -4.73 10.72 -15.73
CA VAL A 61 -3.46 11.36 -15.44
C VAL A 61 -2.32 10.70 -16.21
N LEU A 62 -2.53 9.44 -16.58
CA LEU A 62 -1.51 8.70 -17.33
C LEU A 62 -1.98 8.43 -18.75
N PRO A 63 -1.03 8.16 -19.65
CA PRO A 63 -1.31 7.88 -21.06
C PRO A 63 -2.01 6.54 -21.26
N ALA A 64 -3.07 6.53 -22.06
CA ALA A 64 -3.82 5.32 -22.33
C ALA A 64 -2.90 4.20 -22.82
N SER A 65 -2.79 3.14 -22.03
CA SER A 65 -1.94 2.00 -22.38
C SER A 65 -1.96 0.94 -21.29
N THR A 66 -2.09 1.40 -20.04
CA THR A 66 -2.12 0.49 -18.90
C THR A 66 -3.50 0.47 -18.25
N HIS A 67 -4.53 0.76 -19.04
CA HIS A 67 -5.89 0.78 -18.54
C HIS A 67 -6.29 -0.59 -18.02
N ARG A 68 -5.93 -1.64 -18.76
CA ARG A 68 -6.26 -3.00 -18.37
C ARG A 68 -5.82 -3.27 -16.93
N GLU A 69 -4.52 -3.11 -16.67
CA GLU A 69 -3.98 -3.34 -15.34
C GLU A 69 -4.63 -2.42 -14.32
N ILE A 70 -4.74 -1.14 -14.66
CA ILE A 70 -5.34 -0.15 -13.77
C ILE A 70 -6.75 -0.59 -13.35
N GLU A 71 -7.54 -1.02 -14.32
CA GLU A 71 -8.90 -1.47 -14.04
C GLU A 71 -8.91 -2.64 -13.07
N MET A 72 -8.16 -3.69 -13.41
CA MET A 72 -8.07 -4.87 -12.57
C MET A 72 -7.50 -4.53 -11.20
N ALA A 73 -6.70 -3.47 -11.14
CA ALA A 73 -6.09 -3.04 -9.90
C ALA A 73 -7.14 -2.52 -8.92
N GLN A 74 -8.17 -1.88 -9.45
CA GLN A 74 -9.25 -1.34 -8.64
C GLN A 74 -9.91 -2.44 -7.81
N LYS A 75 -10.45 -3.44 -8.51
CA LYS A 75 -11.12 -4.55 -7.84
C LYS A 75 -10.15 -5.31 -6.95
N LEU A 76 -8.89 -5.39 -7.36
CA LEU A 76 -7.87 -6.08 -6.59
C LEU A 76 -7.82 -5.56 -5.16
N LEU A 77 -7.56 -4.27 -5.02
CA LEU A 77 -7.49 -3.65 -3.70
C LEU A 77 -8.76 -3.92 -2.90
N ASN A 78 -9.91 -3.82 -3.56
CA ASN A 78 -11.19 -4.07 -2.92
C ASN A 78 -11.20 -5.41 -2.21
N SER A 79 -11.04 -6.49 -2.98
CA SER A 79 -11.04 -7.84 -2.43
C SER A 79 -10.01 -7.95 -1.29
N ASP A 80 -8.80 -7.50 -1.55
CA ASP A 80 -7.73 -7.55 -0.56
C ASP A 80 -8.15 -6.84 0.72
N LEU A 81 -8.98 -5.81 0.57
CA LEU A 81 -9.45 -5.04 1.72
C LEU A 81 -10.25 -5.92 2.67
N ALA A 82 -11.36 -6.45 2.20
CA ALA A 82 -12.21 -7.32 3.01
C ALA A 82 -11.40 -8.43 3.64
N GLU A 83 -10.51 -9.03 2.85
CA GLU A 83 -9.67 -10.13 3.32
C GLU A 83 -8.73 -9.65 4.42
N LEU A 84 -8.18 -8.45 4.24
CA LEU A 84 -7.26 -7.88 5.21
C LEU A 84 -7.96 -7.60 6.54
N ILE A 85 -9.00 -6.77 6.48
CA ILE A 85 -9.76 -6.41 7.67
C ILE A 85 -10.22 -7.67 8.41
N ASN A 86 -10.59 -8.70 7.65
CA ASN A 86 -11.05 -9.95 8.24
C ASN A 86 -9.95 -10.59 9.07
N LYS A 87 -8.84 -10.91 8.43
CA LYS A 87 -7.71 -11.54 9.11
C LYS A 87 -7.24 -10.68 10.28
N MET A 88 -7.00 -9.40 10.00
CA MET A 88 -6.54 -8.47 11.03
C MET A 88 -7.50 -8.46 12.21
N LYS A 89 -8.80 -8.39 11.92
CA LYS A 89 -9.81 -8.38 12.97
C LYS A 89 -9.73 -9.63 13.83
N LEU A 90 -9.21 -10.71 13.26
CA LEU A 90 -9.06 -11.98 13.98
C LEU A 90 -7.99 -11.87 15.05
N ALA A 91 -6.80 -11.40 14.67
CA ALA A 91 -5.70 -11.25 15.61
C ALA A 91 -6.12 -10.42 16.81
N GLN A 92 -6.91 -9.38 16.57
CA GLN A 92 -7.38 -8.52 17.64
C GLN A 92 -8.13 -9.32 18.71
N GLN A 93 -8.70 -10.43 18.30
CA GLN A 93 -9.44 -11.29 19.21
C GLN A 93 -8.59 -12.47 19.67
N TYR A 94 -7.63 -12.85 18.85
CA TYR A 94 -6.75 -13.97 19.16
C TYR A 94 -5.44 -13.47 19.80
N VAL A 95 -5.51 -12.30 20.43
CA VAL A 95 -4.34 -11.72 21.08
C VAL A 95 -4.47 -11.78 22.59
N MET A 96 -5.69 -11.68 23.09
CA MET A 96 -5.95 -11.73 24.52
C MET A 96 -5.79 -13.15 25.05
N THR A 97 -5.88 -14.13 24.16
CA THR A 97 -5.75 -15.53 24.54
C THR A 97 -4.29 -15.90 24.76
N SER A 98 -3.54 -16.03 23.66
CA SER A 98 -2.13 -16.39 23.73
C SER A 98 -1.52 -16.45 22.33
N LEU A 99 -2.31 -16.89 21.37
CA LEU A 99 -1.85 -17.01 19.98
C LEU A 99 -1.81 -15.64 19.31
N GLN A 100 -0.92 -14.77 19.80
CA GLN A 100 -0.79 -13.43 19.24
C GLN A 100 0.35 -13.38 18.23
N GLN A 101 1.54 -13.81 18.64
CA GLN A 101 2.70 -13.82 17.76
C GLN A 101 2.38 -14.51 16.44
N GLU A 102 1.52 -15.52 16.51
CA GLU A 102 1.13 -16.28 15.32
C GLU A 102 0.47 -15.37 14.29
N TYR A 103 -0.65 -14.77 14.68
CA TYR A 103 -1.38 -13.88 13.78
C TYR A 103 -0.52 -12.70 13.36
N LYS A 104 0.44 -12.33 14.21
CA LYS A 104 1.34 -11.22 13.92
C LYS A 104 2.20 -11.52 12.70
N LYS A 105 2.80 -12.70 12.68
CA LYS A 105 3.64 -13.11 11.57
C LYS A 105 2.87 -13.05 10.25
N GLN A 106 1.79 -13.82 10.17
CA GLN A 106 0.97 -13.85 8.96
C GLN A 106 0.56 -12.45 8.55
N MET A 107 0.45 -11.56 9.53
CA MET A 107 0.06 -10.17 9.26
C MET A 107 1.06 -9.50 8.32
N LEU A 108 2.33 -9.54 8.70
CA LEU A 108 3.39 -8.93 7.89
C LEU A 108 3.36 -9.47 6.46
N THR A 109 3.19 -10.79 6.35
CA THR A 109 3.14 -11.43 5.04
C THR A 109 2.12 -10.76 4.13
N ALA A 110 0.86 -10.76 4.56
CA ALA A 110 -0.21 -10.15 3.77
C ALA A 110 0.04 -8.66 3.57
N ALA A 111 0.26 -7.95 4.67
CA ALA A 111 0.52 -6.51 4.60
C ALA A 111 1.63 -6.19 3.62
N HIS A 112 2.58 -7.11 3.48
CA HIS A 112 3.70 -6.93 2.56
C HIS A 112 3.21 -6.84 1.12
N ALA A 113 2.57 -7.91 0.65
CA ALA A 113 2.05 -7.95 -0.71
C ALA A 113 1.11 -6.78 -0.98
N LEU A 114 0.33 -6.42 0.03
CA LEU A 114 -0.62 -5.31 -0.10
C LEU A 114 0.12 -4.00 -0.38
N ALA A 115 0.94 -3.57 0.57
CA ALA A 115 1.70 -2.33 0.41
C ALA A 115 2.46 -2.32 -0.91
N VAL A 116 3.24 -3.37 -1.15
CA VAL A 116 4.02 -3.48 -2.38
C VAL A 116 3.14 -3.30 -3.61
N ASP A 117 1.92 -3.81 -3.54
CA ASP A 117 0.98 -3.70 -4.65
C ASP A 117 0.64 -2.24 -4.93
N ALA A 118 0.27 -1.52 -3.88
CA ALA A 118 -0.09 -0.11 -4.01
C ALA A 118 1.04 0.68 -4.67
N LYS A 119 2.27 0.21 -4.50
CA LYS A 119 3.43 0.86 -5.08
C LYS A 119 3.65 0.41 -6.52
N ASN A 120 3.79 -0.90 -6.70
CA ASN A 120 4.01 -1.47 -8.02
C ASN A 120 2.96 -0.96 -9.01
N LEU A 121 1.76 -0.70 -8.51
CA LEU A 121 0.66 -0.21 -9.34
C LEU A 121 1.09 1.03 -10.12
N LEU A 122 1.49 2.07 -9.40
CA LEU A 122 1.93 3.31 -10.02
C LEU A 122 3.28 3.14 -10.69
N ASP A 123 4.14 2.32 -10.09
CA ASP A 123 5.47 2.06 -10.63
C ASP A 123 5.38 1.51 -12.05
N VAL A 124 4.46 0.57 -12.26
CA VAL A 124 4.28 -0.03 -13.57
C VAL A 124 3.79 1.00 -14.59
N ILE A 125 2.62 1.57 -14.31
CA ILE A 125 2.04 2.57 -15.20
C ILE A 125 3.00 3.73 -15.43
N ASP A 126 3.93 3.92 -14.50
CA ASP A 126 4.91 4.99 -14.60
C ASP A 126 5.68 4.90 -15.91
N GLN A 127 6.03 3.67 -16.30
CA GLN A 127 6.77 3.44 -17.53
C GLN A 127 6.02 4.00 -18.73
N ALA A 128 4.69 4.01 -18.64
CA ALA A 128 3.85 4.51 -19.72
C ALA A 128 3.93 6.03 -19.81
N ARG A 129 3.89 6.69 -18.66
CA ARG A 129 3.96 8.15 -18.61
C ARG A 129 5.18 8.66 -19.36
N LEU A 130 6.32 8.04 -19.12
CA LEU A 130 7.57 8.44 -19.77
C LEU A 130 7.55 8.04 -21.24
N LYS A 131 6.82 6.98 -21.56
CA LYS A 131 6.73 6.50 -22.93
C LYS A 131 6.22 7.61 -23.86
N MET A 132 5.22 8.35 -23.40
CA MET A 132 4.66 9.43 -24.19
C MET A 132 5.56 10.66 -24.15
N ILE A 133 5.86 11.13 -22.94
CA ILE A 133 6.71 12.30 -22.77
C ILE A 133 8.03 12.14 -23.53
N SER A 134 8.83 11.17 -23.12
CA SER A 134 10.11 10.92 -23.76
C SER A 134 9.92 10.18 -25.09
N GLN A 135 9.34 10.87 -26.06
CA GLN A 135 9.10 10.27 -27.38
C GLN A 135 8.66 11.33 -28.38
N SER A 136 7.55 12.00 -28.07
CA SER A 136 7.02 13.04 -28.95
C SER A 136 5.83 13.74 -28.30
N ARG A 137 5.75 15.05 -28.49
CA ARG A 137 4.67 15.84 -27.92
C ARG A 137 4.61 15.68 -26.40
N PRO A 138 5.62 16.24 -25.71
CA PRO A 138 5.71 16.17 -24.25
C PRO A 138 4.63 17.02 -23.56
N HIS A 139 4.36 18.19 -24.12
CA HIS A 139 3.36 19.09 -23.57
C HIS A 139 3.76 19.54 -22.16
N SER A 155 16.33 10.49 -4.51
CA SER A 155 16.01 9.96 -3.18
C SER A 155 14.50 9.91 -2.97
N ASN A 156 13.76 9.68 -4.05
CA ASN A 156 12.30 9.61 -3.98
C ASN A 156 11.82 8.20 -4.31
N LEU A 157 11.86 7.85 -5.59
CA LEU A 157 11.42 6.54 -6.03
C LEU A 157 12.12 5.43 -5.25
N SER A 158 13.44 5.49 -5.21
CA SER A 158 14.24 4.50 -4.49
C SER A 158 13.91 4.51 -3.00
N GLU A 159 13.56 5.69 -2.49
CA GLU A 159 13.22 5.83 -1.08
C GLU A 159 12.12 4.85 -0.68
N LEU A 160 11.05 4.81 -1.46
CA LEU A 160 9.94 3.91 -1.20
C LEU A 160 10.36 2.46 -1.34
N ASP A 161 11.18 2.18 -2.35
CA ASP A 161 11.66 0.82 -2.60
C ASP A 161 12.44 0.30 -1.40
N ARG A 162 13.44 1.06 -0.97
CA ARG A 162 14.27 0.67 0.16
C ARG A 162 13.41 0.33 1.37
N LEU A 163 12.34 1.10 1.57
CA LEU A 163 11.44 0.88 2.69
C LEU A 163 10.83 -0.51 2.63
N LEU A 164 10.30 -0.87 1.46
CA LEU A 164 9.67 -2.18 1.27
C LEU A 164 10.65 -3.30 1.62
N LEU A 165 11.88 -3.17 1.16
CA LEU A 165 12.90 -4.18 1.44
C LEU A 165 13.01 -4.44 2.93
N GLU A 166 12.94 -3.38 3.73
CA GLU A 166 13.04 -3.50 5.18
C GLU A 166 11.92 -4.39 5.72
N LEU A 167 10.70 -4.14 5.26
CA LEU A 167 9.55 -4.92 5.70
C LEU A 167 9.81 -6.41 5.54
N ASN A 168 10.43 -6.79 4.43
CA ASN A 168 10.73 -8.20 4.17
C ASN A 168 11.73 -8.73 5.18
N ALA A 169 12.78 -7.95 5.45
CA ALA A 169 13.80 -8.34 6.41
C ALA A 169 13.21 -8.50 7.81
N VAL A 170 12.30 -7.61 8.17
CA VAL A 170 11.66 -7.65 9.48
C VAL A 170 10.89 -8.96 9.68
N GLN A 171 10.30 -9.46 8.60
CA GLN A 171 9.54 -10.71 8.66
C GLN A 171 10.45 -11.88 8.99
N HIS A 172 11.57 -11.98 8.28
CA HIS A 172 12.52 -13.06 8.50
C HIS A 172 12.91 -13.15 9.98
N ASN A 173 13.12 -12.00 10.60
CA ASN A 173 13.49 -11.95 12.01
C ASN A 173 13.46 -10.51 12.53
N PRO A 174 13.38 -10.37 13.86
CA PRO A 174 13.34 -9.05 14.51
C PRO A 174 14.67 -8.32 14.41
N PRO A 175 14.66 -7.02 14.75
CA PRO A 175 15.87 -6.18 14.71
C PRO A 175 16.87 -6.56 15.80
N SER A 176 17.91 -7.30 15.42
CA SER A 176 18.93 -7.73 16.36
C SER A 176 18.34 -8.64 17.43
N MET A 1 2.10 27.25 -16.48
CA MET A 1 1.09 26.94 -15.47
C MET A 1 0.32 25.69 -15.85
N ALA A 2 0.54 24.61 -15.10
CA ALA A 2 -0.14 23.35 -15.36
C ALA A 2 -1.66 23.50 -15.22
N ASN A 3 -2.37 22.38 -15.24
CA ASN A 3 -3.82 22.39 -15.10
C ASN A 3 -4.33 21.04 -14.63
N LEU A 4 -3.85 19.97 -15.25
CA LEU A 4 -4.25 18.62 -14.88
C LEU A 4 -3.19 17.95 -14.01
N ASP A 5 -2.43 18.76 -13.28
CA ASP A 5 -1.38 18.24 -12.41
C ASP A 5 -1.82 18.30 -10.95
N ARG A 6 -3.12 18.25 -10.71
CA ARG A 6 -3.67 18.30 -9.37
C ARG A 6 -3.92 16.89 -8.83
N SER A 7 -4.57 16.06 -9.63
CA SER A 7 -4.86 14.69 -9.24
C SER A 7 -3.63 13.82 -9.33
N ASN A 8 -2.73 14.15 -10.25
CA ASN A 8 -1.50 13.39 -10.43
C ASN A 8 -0.69 13.36 -9.16
N ASP A 9 -0.86 14.38 -8.33
CA ASP A 9 -0.13 14.46 -7.06
C ASP A 9 -0.94 13.84 -5.92
N LYS A 10 -2.26 13.85 -6.07
CA LYS A 10 -3.14 13.27 -5.06
C LYS A 10 -2.93 11.77 -4.93
N VAL A 11 -3.07 11.07 -6.05
CA VAL A 11 -2.89 9.62 -6.07
C VAL A 11 -1.45 9.24 -5.71
N TYR A 12 -0.51 10.03 -6.19
CA TYR A 12 0.91 9.78 -5.93
C TYR A 12 1.24 10.01 -4.45
N GLU A 13 0.39 10.78 -3.78
CA GLU A 13 0.58 11.09 -2.37
C GLU A 13 0.10 9.93 -1.49
N ASN A 14 -1.15 9.54 -1.68
CA ASN A 14 -1.74 8.46 -0.90
C ASN A 14 -0.85 7.20 -0.97
N VAL A 15 -0.33 6.92 -2.17
CA VAL A 15 0.53 5.76 -2.37
C VAL A 15 1.73 5.79 -1.42
N THR A 16 2.08 6.99 -0.96
CA THR A 16 3.21 7.16 -0.05
C THR A 16 2.76 7.06 1.41
N GLY A 17 1.70 7.80 1.75
CA GLY A 17 1.20 7.78 3.10
C GLY A 17 0.97 6.38 3.62
N LEU A 18 0.30 5.55 2.82
CA LEU A 18 0.01 4.18 3.19
C LEU A 18 1.29 3.43 3.54
N VAL A 19 2.37 3.73 2.81
CA VAL A 19 3.65 3.09 3.03
C VAL A 19 4.17 3.37 4.45
N LYS A 20 4.00 4.61 4.89
CA LYS A 20 4.44 5.02 6.21
C LYS A 20 3.75 4.19 7.29
N ALA A 21 2.45 3.98 7.14
CA ALA A 21 1.67 3.21 8.09
C ALA A 21 2.05 1.74 8.04
N VAL A 22 2.13 1.19 6.82
CA VAL A 22 2.48 -0.21 6.64
C VAL A 22 3.83 -0.53 7.27
N ILE A 23 4.78 0.39 7.12
CA ILE A 23 6.12 0.21 7.68
C ILE A 23 6.13 0.50 9.17
N GLU A 24 5.68 1.69 9.54
CA GLU A 24 5.64 2.10 10.94
C GLU A 24 4.93 1.05 11.79
N MET A 25 3.75 0.63 11.33
CA MET A 25 2.97 -0.37 12.05
C MET A 25 3.77 -1.66 12.24
N SER A 26 4.42 -2.10 11.18
CA SER A 26 5.23 -3.32 11.23
C SER A 26 6.36 -3.17 12.24
N SER A 27 6.68 -1.93 12.59
CA SER A 27 7.75 -1.66 13.54
C SER A 27 7.29 -1.93 14.97
N LYS A 28 6.22 -1.26 15.38
CA LYS A 28 5.68 -1.43 16.73
C LYS A 28 4.52 -2.42 16.73
N ILE A 29 4.51 -3.30 15.72
CA ILE A 29 3.44 -4.30 15.61
C ILE A 29 3.43 -5.23 16.83
N GLN A 30 4.62 -5.60 17.29
CA GLN A 30 4.75 -6.47 18.45
C GLN A 30 4.17 -5.82 19.70
N PRO A 31 4.74 -4.68 20.09
CA PRO A 31 4.29 -3.92 21.27
C PRO A 31 2.92 -3.29 21.06
N ALA A 32 2.40 -3.37 19.84
CA ALA A 32 1.10 -2.80 19.51
C ALA A 32 0.07 -3.19 20.55
N PRO A 33 -0.32 -2.22 21.39
CA PRO A 33 -1.31 -2.42 22.45
C PRO A 33 -2.72 -2.64 21.90
N PRO A 34 -3.65 -3.06 22.76
CA PRO A 34 -5.04 -3.31 22.38
C PRO A 34 -5.79 -2.02 22.06
N GLU A 35 -5.24 -0.90 22.51
CA GLU A 35 -5.86 0.40 22.28
C GLU A 35 -5.44 0.97 20.92
N GLU A 36 -4.31 0.48 20.41
CA GLU A 36 -3.78 0.94 19.13
C GLU A 36 -4.15 -0.03 18.02
N TYR A 37 -4.56 -1.24 18.40
CA TYR A 37 -4.93 -2.26 17.43
C TYR A 37 -6.27 -1.93 16.78
N VAL A 38 -7.23 -1.49 17.59
CA VAL A 38 -8.55 -1.14 17.10
C VAL A 38 -8.46 -0.16 15.94
N PRO A 39 -7.81 0.99 16.17
CA PRO A 39 -7.65 2.03 15.16
C PRO A 39 -6.68 1.60 14.06
N MET A 40 -5.69 0.79 14.42
CA MET A 40 -4.71 0.31 13.46
C MET A 40 -5.39 -0.30 12.24
N VAL A 41 -6.51 -0.98 12.47
CA VAL A 41 -7.25 -1.61 11.38
C VAL A 41 -7.73 -0.58 10.36
N LYS A 42 -8.41 0.44 10.86
CA LYS A 42 -8.93 1.51 10.00
C LYS A 42 -7.80 2.15 9.20
N GLU A 43 -6.61 2.22 9.80
CA GLU A 43 -5.46 2.80 9.14
C GLU A 43 -5.11 2.05 7.86
N VAL A 44 -4.74 0.78 8.01
CA VAL A 44 -4.39 -0.05 6.87
C VAL A 44 -5.58 -0.24 5.94
N GLY A 45 -6.74 -0.54 6.52
CA GLY A 45 -7.93 -0.74 5.73
C GLY A 45 -8.28 0.47 4.88
N LEU A 46 -7.92 1.65 5.37
CA LEU A 46 -8.19 2.89 4.65
C LEU A 46 -7.28 3.03 3.43
N ALA A 47 -6.03 2.61 3.59
CA ALA A 47 -5.06 2.69 2.50
C ALA A 47 -5.54 1.92 1.29
N LEU A 48 -5.99 0.69 1.51
CA LEU A 48 -6.48 -0.15 0.42
C LEU A 48 -7.71 0.47 -0.24
N ARG A 49 -8.74 0.73 0.56
CA ARG A 49 -9.97 1.33 0.06
C ARG A 49 -9.68 2.63 -0.68
N THR A 50 -8.74 3.41 -0.16
CA THR A 50 -8.37 4.68 -0.77
C THR A 50 -7.60 4.46 -2.07
N LEU A 51 -6.72 3.47 -2.06
CA LEU A 51 -5.91 3.16 -3.24
C LEU A 51 -6.79 2.96 -4.47
N LEU A 52 -7.97 2.37 -4.26
CA LEU A 52 -8.91 2.12 -5.35
C LEU A 52 -9.36 3.45 -5.98
N ALA A 53 -9.70 4.41 -5.13
CA ALA A 53 -10.15 5.72 -5.60
C ALA A 53 -8.99 6.52 -6.18
N THR A 54 -7.86 6.50 -5.48
CA THR A 54 -6.67 7.23 -5.93
C THR A 54 -6.33 6.88 -7.37
N VAL A 55 -6.17 5.58 -7.65
CA VAL A 55 -5.83 5.13 -8.99
C VAL A 55 -6.96 5.43 -9.98
N ASP A 56 -8.19 5.39 -9.48
CA ASP A 56 -9.36 5.66 -10.30
C ASP A 56 -9.20 6.97 -11.06
N GLU A 57 -8.77 8.01 -10.34
CA GLU A 57 -8.58 9.33 -10.94
C GLU A 57 -7.27 9.38 -11.72
N SER A 58 -6.40 8.40 -11.48
CA SER A 58 -5.11 8.34 -12.16
C SER A 58 -5.28 7.91 -13.61
N LEU A 59 -6.36 7.22 -13.90
CA LEU A 59 -6.65 6.74 -15.25
C LEU A 59 -6.52 7.88 -16.26
N PRO A 60 -7.36 8.92 -16.08
CA PRO A 60 -7.36 10.09 -16.95
C PRO A 60 -6.11 10.94 -16.79
N VAL A 61 -5.69 11.15 -15.54
CA VAL A 61 -4.51 11.95 -15.26
C VAL A 61 -3.31 11.47 -16.07
N LEU A 62 -3.30 10.19 -16.39
CA LEU A 62 -2.21 9.59 -17.16
C LEU A 62 -2.70 9.13 -18.53
N PRO A 63 -1.77 8.98 -19.48
CA PRO A 63 -2.09 8.53 -20.84
C PRO A 63 -2.52 7.07 -20.88
N ALA A 64 -3.56 6.79 -21.66
CA ALA A 64 -4.07 5.42 -21.79
C ALA A 64 -2.96 4.46 -22.21
N SER A 65 -2.74 3.42 -21.41
CA SER A 65 -1.71 2.44 -21.69
C SER A 65 -1.65 1.38 -20.60
N THR A 66 -1.93 1.80 -19.36
CA THR A 66 -1.90 0.89 -18.22
C THR A 66 -3.31 0.67 -17.67
N HIS A 67 -4.31 0.82 -18.52
CA HIS A 67 -5.70 0.63 -18.12
C HIS A 67 -5.92 -0.79 -17.60
N ARG A 68 -5.34 -1.76 -18.28
CA ARG A 68 -5.48 -3.16 -17.88
C ARG A 68 -5.14 -3.34 -16.40
N GLU A 69 -3.93 -2.96 -16.03
CA GLU A 69 -3.48 -3.09 -14.64
C GLU A 69 -4.35 -2.23 -13.71
N ILE A 70 -4.65 -1.02 -14.14
CA ILE A 70 -5.47 -0.11 -13.35
C ILE A 70 -6.81 -0.74 -13.00
N GLU A 71 -7.46 -1.32 -14.01
CA GLU A 71 -8.76 -1.97 -13.81
C GLU A 71 -8.65 -3.10 -12.80
N MET A 72 -7.72 -4.02 -13.06
CA MET A 72 -7.52 -5.16 -12.17
C MET A 72 -7.11 -4.70 -10.78
N ALA A 73 -6.49 -3.52 -10.71
CA ALA A 73 -6.05 -2.96 -9.43
C ALA A 73 -7.25 -2.58 -8.56
N GLN A 74 -8.33 -2.13 -9.19
CA GLN A 74 -9.52 -1.72 -8.47
C GLN A 74 -10.12 -2.91 -7.71
N LYS A 75 -10.60 -3.90 -8.46
CA LYS A 75 -11.20 -5.08 -7.86
C LYS A 75 -10.23 -5.75 -6.89
N LEU A 76 -8.98 -5.88 -7.30
CA LEU A 76 -7.95 -6.49 -6.47
C LEU A 76 -7.85 -5.79 -5.13
N LEU A 77 -7.82 -4.46 -5.15
CA LEU A 77 -7.73 -3.67 -3.93
C LEU A 77 -8.80 -4.09 -2.93
N ASN A 78 -10.03 -4.21 -3.39
CA ASN A 78 -11.15 -4.60 -2.54
C ASN A 78 -10.81 -5.89 -1.78
N SER A 79 -10.43 -6.93 -2.52
CA SER A 79 -10.09 -8.21 -1.92
C SER A 79 -9.05 -8.03 -0.81
N ASP A 80 -7.94 -7.39 -1.16
CA ASP A 80 -6.86 -7.16 -0.20
C ASP A 80 -7.40 -6.50 1.06
N LEU A 81 -8.37 -5.60 0.89
CA LEU A 81 -8.95 -4.90 2.02
C LEU A 81 -9.63 -5.87 2.98
N ALA A 82 -10.71 -6.49 2.52
CA ALA A 82 -11.45 -7.45 3.33
C ALA A 82 -10.51 -8.53 3.89
N GLU A 83 -9.53 -8.91 3.08
CA GLU A 83 -8.57 -9.94 3.50
C GLU A 83 -7.82 -9.51 4.75
N LEU A 84 -7.37 -8.26 4.77
CA LEU A 84 -6.63 -7.73 5.91
C LEU A 84 -7.55 -7.57 7.12
N ILE A 85 -8.68 -6.92 6.92
CA ILE A 85 -9.64 -6.70 8.00
C ILE A 85 -10.09 -8.03 8.61
N ASN A 86 -10.39 -9.00 7.75
CA ASN A 86 -10.83 -10.32 8.20
C ASN A 86 -9.84 -10.91 9.20
N LYS A 87 -8.67 -11.31 8.69
CA LYS A 87 -7.64 -11.89 9.54
C LYS A 87 -7.34 -10.99 10.73
N MET A 88 -7.40 -9.68 10.52
CA MET A 88 -7.14 -8.72 11.57
C MET A 88 -8.17 -8.85 12.70
N LYS A 89 -9.42 -9.07 12.32
CA LYS A 89 -10.49 -9.22 13.30
C LYS A 89 -10.24 -10.43 14.19
N LEU A 90 -9.67 -11.48 13.62
CA LEU A 90 -9.37 -12.70 14.37
C LEU A 90 -8.29 -12.45 15.42
N ALA A 91 -7.20 -11.82 14.99
CA ALA A 91 -6.10 -11.51 15.89
C ALA A 91 -6.59 -10.77 17.13
N GLN A 92 -7.56 -9.88 16.93
CA GLN A 92 -8.11 -9.11 18.04
C GLN A 92 -8.65 -10.03 19.14
N GLN A 93 -9.05 -11.23 18.74
CA GLN A 93 -9.58 -12.20 19.70
C GLN A 93 -8.54 -13.26 20.04
N TYR A 94 -7.60 -13.48 19.12
CA TYR A 94 -6.55 -14.47 19.31
C TYR A 94 -5.26 -13.80 19.80
N VAL A 95 -5.41 -12.65 20.44
CA VAL A 95 -4.25 -11.93 20.96
C VAL A 95 -4.20 -11.98 22.48
N MET A 96 -5.37 -11.95 23.11
CA MET A 96 -5.46 -12.00 24.57
C MET A 96 -5.20 -13.41 25.08
N THR A 97 -5.30 -14.39 24.18
CA THR A 97 -5.07 -15.78 24.55
C THR A 97 -3.58 -16.08 24.66
N SER A 98 -2.91 -16.16 23.51
CA SER A 98 -1.48 -16.45 23.49
C SER A 98 -0.96 -16.48 22.05
N LEU A 99 -1.80 -16.96 21.13
CA LEU A 99 -1.42 -17.02 19.73
C LEU A 99 -1.49 -15.66 19.07
N GLN A 100 -0.65 -14.74 19.53
CA GLN A 100 -0.62 -13.39 18.97
C GLN A 100 0.47 -13.26 17.91
N GLN A 101 1.69 -13.61 18.28
CA GLN A 101 2.81 -13.54 17.35
C GLN A 101 2.49 -14.24 16.04
N GLU A 102 1.72 -15.32 16.12
CA GLU A 102 1.35 -16.08 14.94
C GLU A 102 0.75 -15.18 13.87
N TYR A 103 -0.35 -14.51 14.21
CA TYR A 103 -1.01 -13.61 13.28
C TYR A 103 -0.05 -12.53 12.78
N LYS A 104 0.90 -12.17 13.63
CA LYS A 104 1.89 -11.15 13.28
C LYS A 104 2.73 -11.59 12.09
N LYS A 105 3.12 -12.86 12.09
CA LYS A 105 3.92 -13.41 11.00
C LYS A 105 3.18 -13.34 9.67
N GLN A 106 2.01 -13.97 9.63
CA GLN A 106 1.19 -13.99 8.42
C GLN A 106 0.81 -12.57 8.01
N MET A 107 0.41 -11.77 8.99
CA MET A 107 0.01 -10.38 8.73
C MET A 107 1.09 -9.66 7.93
N LEU A 108 2.32 -9.73 8.41
CA LEU A 108 3.44 -9.06 7.75
C LEU A 108 3.54 -9.51 6.29
N THR A 109 3.36 -10.80 6.05
CA THR A 109 3.43 -11.35 4.71
C THR A 109 2.54 -10.57 3.75
N ALA A 110 1.26 -10.46 4.09
CA ALA A 110 0.31 -9.73 3.26
C ALA A 110 0.70 -8.27 3.11
N ALA A 111 0.89 -7.59 4.25
CA ALA A 111 1.28 -6.19 4.25
C ALA A 111 2.54 -5.97 3.41
N HIS A 112 3.37 -6.99 3.32
CA HIS A 112 4.60 -6.91 2.56
C HIS A 112 4.31 -6.69 1.08
N ALA A 113 3.56 -7.62 0.48
CA ALA A 113 3.20 -7.54 -0.92
C ALA A 113 2.29 -6.35 -1.19
N LEU A 114 1.41 -6.06 -0.23
CA LEU A 114 0.47 -4.95 -0.37
C LEU A 114 1.22 -3.63 -0.52
N ALA A 115 2.14 -3.35 0.41
CA ALA A 115 2.92 -2.12 0.37
C ALA A 115 3.58 -1.94 -0.99
N VAL A 116 4.27 -2.98 -1.45
CA VAL A 116 4.96 -2.93 -2.74
C VAL A 116 3.96 -2.73 -3.87
N ASP A 117 2.78 -3.31 -3.75
CA ASP A 117 1.74 -3.20 -4.76
C ASP A 117 1.31 -1.75 -4.93
N ALA A 118 0.95 -1.11 -3.82
CA ALA A 118 0.52 0.28 -3.84
C ALA A 118 1.53 1.16 -4.57
N LYS A 119 2.81 0.89 -4.33
CA LYS A 119 3.88 1.65 -4.96
C LYS A 119 4.02 1.28 -6.43
N ASN A 120 4.05 -0.02 -6.71
CA ASN A 120 4.18 -0.52 -8.07
C ASN A 120 3.09 0.05 -8.97
N LEU A 121 1.92 0.32 -8.38
CA LEU A 121 0.80 0.86 -9.12
C LEU A 121 1.21 2.10 -9.91
N LEU A 122 1.73 3.10 -9.19
CA LEU A 122 2.17 4.34 -9.83
C LEU A 122 3.45 4.13 -10.62
N ASP A 123 4.32 3.25 -10.10
CA ASP A 123 5.58 2.95 -10.76
C ASP A 123 5.35 2.45 -12.18
N VAL A 124 4.37 1.56 -12.34
CA VAL A 124 4.05 1.00 -13.64
C VAL A 124 3.53 2.08 -14.59
N ILE A 125 2.42 2.71 -14.21
CA ILE A 125 1.83 3.76 -15.03
C ILE A 125 2.83 4.87 -15.31
N ASP A 126 3.83 4.99 -14.43
CA ASP A 126 4.86 6.01 -14.59
C ASP A 126 5.53 5.91 -15.96
N GLN A 127 5.74 4.68 -16.42
CA GLN A 127 6.38 4.45 -17.71
C GLN A 127 5.53 5.01 -18.84
N ALA A 128 4.21 5.08 -18.61
CA ALA A 128 3.30 5.59 -19.62
C ALA A 128 3.43 7.11 -19.76
N ARG A 129 3.55 7.80 -18.63
CA ARG A 129 3.68 9.25 -18.64
C ARG A 129 4.88 9.68 -19.46
N LEU A 130 6.03 9.08 -19.18
CA LEU A 130 7.26 9.40 -19.89
C LEU A 130 7.19 8.92 -21.35
N LYS A 131 6.49 7.81 -21.57
CA LYS A 131 6.34 7.26 -22.90
C LYS A 131 5.73 8.29 -23.86
N MET A 132 4.84 9.12 -23.32
CA MET A 132 4.18 10.15 -24.13
C MET A 132 5.12 11.33 -24.36
N ILE A 133 5.73 11.83 -23.28
CA ILE A 133 6.65 12.95 -23.37
C ILE A 133 7.72 12.70 -24.42
N SER A 134 8.47 11.62 -24.23
CA SER A 134 9.55 11.27 -25.16
C SER A 134 8.99 10.54 -26.39
N GLN A 135 8.16 11.23 -27.15
CA GLN A 135 7.56 10.66 -28.35
C GLN A 135 6.71 11.69 -29.08
N SER A 136 5.65 12.17 -28.44
CA SER A 136 4.76 13.15 -29.02
C SER A 136 3.75 13.66 -28.00
N ARG A 137 3.31 14.91 -28.17
CA ARG A 137 2.34 15.50 -27.27
C ARG A 137 2.87 15.50 -25.83
N PRO A 138 3.85 16.38 -25.55
CA PRO A 138 4.45 16.49 -24.22
C PRO A 138 3.50 17.09 -23.21
N HIS A 139 2.85 16.22 -22.42
CA HIS A 139 1.91 16.66 -21.41
C HIS A 139 2.50 16.53 -20.01
N SER A 155 15.70 8.80 -5.76
CA SER A 155 15.59 9.56 -4.53
C SER A 155 14.43 9.07 -3.68
N ASN A 156 13.24 9.00 -4.30
CA ASN A 156 12.05 8.56 -3.60
C ASN A 156 11.85 7.05 -3.76
N LEU A 157 12.06 6.56 -4.98
CA LEU A 157 11.91 5.14 -5.27
C LEU A 157 12.80 4.30 -4.36
N SER A 158 14.08 4.64 -4.32
CA SER A 158 15.04 3.92 -3.49
C SER A 158 14.62 3.97 -2.02
N GLU A 159 14.13 5.12 -1.58
CA GLU A 159 13.70 5.30 -0.21
C GLU A 159 12.71 4.21 0.20
N LEU A 160 11.69 3.99 -0.62
CA LEU A 160 10.69 2.97 -0.35
C LEU A 160 11.29 1.57 -0.45
N ASP A 161 12.22 1.40 -1.38
CA ASP A 161 12.88 0.12 -1.58
C ASP A 161 13.57 -0.35 -0.31
N ARG A 162 14.46 0.48 0.21
CA ARG A 162 15.19 0.15 1.43
C ARG A 162 14.23 -0.24 2.55
N LEU A 163 13.22 0.59 2.79
CA LEU A 163 12.23 0.32 3.83
C LEU A 163 11.62 -1.07 3.66
N LEU A 164 11.30 -1.42 2.41
CA LEU A 164 10.72 -2.72 2.12
C LEU A 164 11.63 -3.84 2.58
N LEU A 165 12.91 -3.72 2.27
CA LEU A 165 13.89 -4.74 2.66
C LEU A 165 13.79 -5.05 4.15
N GLU A 166 13.66 -3.99 4.96
CA GLU A 166 13.56 -4.15 6.40
C GLU A 166 12.35 -5.01 6.77
N LEU A 167 11.23 -4.74 6.11
CA LEU A 167 10.00 -5.47 6.37
C LEU A 167 10.24 -6.98 6.29
N ASN A 168 10.95 -7.41 5.25
CA ASN A 168 11.26 -8.82 5.06
C ASN A 168 12.01 -9.38 6.26
N ALA A 169 13.06 -8.68 6.68
CA ALA A 169 13.87 -9.10 7.81
C ALA A 169 13.03 -9.14 9.09
N VAL A 170 12.15 -8.17 9.24
CA VAL A 170 11.29 -8.09 10.42
C VAL A 170 10.45 -9.35 10.58
N GLN A 171 10.07 -9.96 9.46
CA GLN A 171 9.28 -11.17 9.46
C GLN A 171 10.10 -12.36 9.96
N HIS A 172 11.29 -12.52 9.39
CA HIS A 172 12.18 -13.62 9.76
C HIS A 172 12.37 -13.66 11.28
N ASN A 173 12.69 -12.50 11.86
CA ASN A 173 12.91 -12.40 13.30
C ASN A 173 13.11 -10.95 13.72
N PRO A 174 12.92 -10.69 15.02
CA PRO A 174 13.08 -9.34 15.58
C PRO A 174 14.53 -8.89 15.61
N PRO A 175 14.74 -7.59 15.85
CA PRO A 175 16.08 -6.99 15.91
C PRO A 175 16.87 -7.46 17.13
N SER A 176 17.78 -8.40 16.90
CA SER A 176 18.61 -8.93 17.99
C SER A 176 19.72 -7.95 18.35
N MET A 1 -2.14 26.05 -18.13
CA MET A 1 -2.21 26.32 -16.70
C MET A 1 -2.18 25.02 -15.91
N ALA A 2 -1.25 24.93 -14.96
CA ALA A 2 -1.12 23.74 -14.13
C ALA A 2 -2.31 23.61 -13.18
N ASN A 3 -3.38 22.99 -13.66
CA ASN A 3 -4.58 22.81 -12.85
C ASN A 3 -4.85 21.32 -12.62
N LEU A 4 -4.38 20.49 -13.54
CA LEU A 4 -4.57 19.05 -13.44
C LEU A 4 -3.35 18.38 -12.81
N ASP A 5 -2.64 19.13 -11.99
CA ASP A 5 -1.44 18.61 -11.31
C ASP A 5 -1.74 18.35 -9.84
N ARG A 6 -3.00 18.09 -9.53
CA ARG A 6 -3.41 17.81 -8.16
C ARG A 6 -3.65 16.32 -7.95
N SER A 7 -4.40 15.71 -8.86
CA SER A 7 -4.71 14.29 -8.77
C SER A 7 -3.49 13.45 -9.16
N ASN A 8 -2.74 13.93 -10.14
CA ASN A 8 -1.56 13.22 -10.62
C ASN A 8 -0.56 13.03 -9.48
N ASP A 9 -0.57 13.94 -8.52
CA ASP A 9 0.33 13.86 -7.37
C ASP A 9 -0.32 13.12 -6.22
N LYS A 10 -1.65 13.16 -6.17
CA LYS A 10 -2.40 12.49 -5.10
C LYS A 10 -2.15 10.98 -5.13
N VAL A 11 -2.34 10.38 -6.30
CA VAL A 11 -2.13 8.94 -6.46
C VAL A 11 -0.70 8.55 -6.09
N TYR A 12 0.26 9.33 -6.59
CA TYR A 12 1.68 9.07 -6.32
C TYR A 12 2.03 9.43 -4.89
N GLU A 13 1.13 10.14 -4.22
CA GLU A 13 1.35 10.56 -2.84
C GLU A 13 0.82 9.51 -1.86
N ASN A 14 -0.45 9.16 -2.01
CA ASN A 14 -1.08 8.18 -1.15
C ASN A 14 -0.28 6.88 -1.12
N VAL A 15 0.27 6.50 -2.27
CA VAL A 15 1.06 5.28 -2.38
C VAL A 15 2.23 5.30 -1.40
N THR A 16 2.63 6.50 -0.99
CA THR A 16 3.74 6.66 -0.05
C THR A 16 3.25 6.63 1.39
N GLY A 17 2.21 7.42 1.67
CA GLY A 17 1.66 7.47 3.02
C GLY A 17 1.36 6.09 3.57
N LEU A 18 0.63 5.29 2.80
CA LEU A 18 0.27 3.93 3.22
C LEU A 18 1.50 3.16 3.65
N VAL A 19 2.62 3.38 2.96
CA VAL A 19 3.88 2.71 3.28
C VAL A 19 4.31 3.00 4.70
N LYS A 20 4.29 4.28 5.06
CA LYS A 20 4.69 4.71 6.41
C LYS A 20 3.81 4.05 7.47
N ALA A 21 2.57 3.74 7.09
CA ALA A 21 1.63 3.10 8.02
C ALA A 21 1.96 1.62 8.19
N VAL A 22 1.96 0.89 7.08
CA VAL A 22 2.25 -0.53 7.11
C VAL A 22 3.58 -0.82 7.80
N ILE A 23 4.49 0.15 7.73
CA ILE A 23 5.80 0.01 8.37
C ILE A 23 5.72 0.35 9.86
N GLU A 24 5.06 1.44 10.18
CA GLU A 24 4.92 1.88 11.56
C GLU A 24 4.39 0.74 12.44
N MET A 25 3.25 0.20 12.05
CA MET A 25 2.63 -0.90 12.80
C MET A 25 3.59 -2.07 12.92
N SER A 26 4.28 -2.40 11.83
CA SER A 26 5.22 -3.51 11.82
C SER A 26 6.34 -3.29 12.83
N SER A 27 6.52 -2.03 13.23
CA SER A 27 7.55 -1.67 14.19
C SER A 27 7.13 -2.02 15.61
N LYS A 28 6.02 -1.43 16.05
CA LYS A 28 5.50 -1.68 17.39
C LYS A 28 4.43 -2.77 17.36
N ILE A 29 4.51 -3.66 16.38
CA ILE A 29 3.55 -4.74 16.24
C ILE A 29 3.56 -5.64 17.47
N GLN A 30 4.75 -5.91 17.99
CA GLN A 30 4.89 -6.75 19.18
C GLN A 30 4.18 -6.13 20.38
N PRO A 31 4.63 -4.93 20.78
CA PRO A 31 4.04 -4.21 21.92
C PRO A 31 2.64 -3.70 21.62
N ALA A 32 2.21 -3.85 20.37
CA ALA A 32 0.88 -3.40 19.95
C ALA A 32 -0.19 -3.87 20.94
N PRO A 33 -0.71 -2.93 21.74
CA PRO A 33 -1.75 -3.23 22.73
C PRO A 33 -3.09 -3.58 22.09
N PRO A 34 -4.02 -4.10 22.91
CA PRO A 34 -5.35 -4.49 22.43
C PRO A 34 -6.21 -3.27 22.07
N GLU A 35 -5.83 -2.11 22.59
CA GLU A 35 -6.56 -0.89 22.32
C GLU A 35 -6.08 -0.24 21.01
N GLU A 36 -4.90 -0.63 20.57
CA GLU A 36 -4.32 -0.09 19.35
C GLU A 36 -4.74 -0.92 18.13
N TYR A 37 -5.36 -2.07 18.40
CA TYR A 37 -5.81 -2.96 17.33
C TYR A 37 -7.06 -2.39 16.65
N VAL A 38 -7.90 -1.72 17.43
CA VAL A 38 -9.13 -1.13 16.90
C VAL A 38 -8.82 -0.11 15.82
N PRO A 39 -8.03 0.91 16.20
CA PRO A 39 -7.65 1.99 15.27
C PRO A 39 -6.68 1.51 14.19
N MET A 40 -5.88 0.51 14.52
CA MET A 40 -4.91 -0.04 13.57
C MET A 40 -5.59 -0.41 12.25
N VAL A 41 -6.75 -1.04 12.35
CA VAL A 41 -7.50 -1.44 11.17
C VAL A 41 -7.95 -0.23 10.36
N LYS A 42 -8.37 0.82 11.06
CA LYS A 42 -8.81 2.05 10.42
C LYS A 42 -7.74 2.59 9.47
N GLU A 43 -6.50 2.60 9.93
CA GLU A 43 -5.39 3.08 9.13
C GLU A 43 -5.22 2.26 7.85
N VAL A 44 -5.13 0.95 8.02
CA VAL A 44 -4.98 0.04 6.88
C VAL A 44 -6.14 0.19 5.90
N GLY A 45 -7.36 0.24 6.43
CA GLY A 45 -8.54 0.38 5.59
C GLY A 45 -8.53 1.68 4.81
N LEU A 46 -7.86 2.70 5.36
CA LEU A 46 -7.78 4.00 4.71
C LEU A 46 -6.95 3.93 3.43
N ALA A 47 -5.81 3.27 3.52
CA ALA A 47 -4.92 3.12 2.37
C ALA A 47 -5.64 2.43 1.21
N LEU A 48 -6.30 1.32 1.50
CA LEU A 48 -7.02 0.57 0.48
C LEU A 48 -8.17 1.40 -0.09
N ARG A 49 -9.03 1.88 0.78
CA ARG A 49 -10.18 2.70 0.36
C ARG A 49 -9.72 3.90 -0.47
N THR A 50 -8.60 4.49 -0.06
CA THR A 50 -8.06 5.65 -0.76
C THR A 50 -7.45 5.25 -2.10
N LEU A 51 -6.77 4.11 -2.11
CA LEU A 51 -6.14 3.61 -3.33
C LEU A 51 -7.15 3.56 -4.48
N LEU A 52 -8.35 3.08 -4.18
CA LEU A 52 -9.40 2.97 -5.19
C LEU A 52 -9.71 4.35 -5.79
N ALA A 53 -9.84 5.35 -4.92
CA ALA A 53 -10.13 6.70 -5.35
C ALA A 53 -8.99 7.28 -6.18
N THR A 54 -7.78 7.23 -5.62
CA THR A 54 -6.61 7.74 -6.30
C THR A 54 -6.43 7.11 -7.67
N VAL A 55 -6.36 5.77 -7.69
CA VAL A 55 -6.20 5.04 -8.94
C VAL A 55 -7.36 5.32 -9.90
N ASP A 56 -8.56 5.45 -9.35
CA ASP A 56 -9.74 5.72 -10.15
C ASP A 56 -9.53 6.93 -11.05
N GLU A 57 -8.94 7.98 -10.48
CA GLU A 57 -8.67 9.21 -11.24
C GLU A 57 -7.32 9.12 -11.96
N SER A 58 -6.54 8.11 -11.61
CA SER A 58 -5.23 7.92 -12.23
C SER A 58 -5.37 7.40 -13.66
N LEU A 59 -6.49 6.74 -13.93
CA LEU A 59 -6.75 6.21 -15.26
C LEU A 59 -6.52 7.26 -16.35
N PRO A 60 -7.29 8.36 -16.27
CA PRO A 60 -7.19 9.47 -17.22
C PRO A 60 -5.88 10.25 -17.06
N VAL A 61 -5.47 10.45 -15.81
CA VAL A 61 -4.24 11.17 -15.53
C VAL A 61 -3.05 10.57 -16.28
N LEU A 62 -3.15 9.28 -16.60
CA LEU A 62 -2.09 8.59 -17.32
C LEU A 62 -2.55 8.21 -18.73
N PRO A 63 -1.58 7.97 -19.62
CA PRO A 63 -1.85 7.59 -21.00
C PRO A 63 -2.42 6.18 -21.12
N ALA A 64 -3.49 6.04 -21.89
CA ALA A 64 -4.13 4.74 -22.08
C ALA A 64 -3.13 3.69 -22.56
N SER A 65 -2.89 2.70 -21.72
CA SER A 65 -1.95 1.63 -22.04
C SER A 65 -1.84 0.63 -20.89
N THR A 66 -1.97 1.13 -19.67
CA THR A 66 -1.89 0.29 -18.49
C THR A 66 -3.24 0.17 -17.79
N HIS A 67 -4.32 0.32 -18.56
CA HIS A 67 -5.66 0.23 -18.02
C HIS A 67 -5.96 -1.18 -17.53
N ARG A 68 -5.44 -2.17 -18.25
CA ARG A 68 -5.66 -3.57 -17.88
C ARG A 68 -5.29 -3.81 -16.42
N GLU A 69 -4.10 -3.39 -16.04
CA GLU A 69 -3.63 -3.56 -14.67
C GLU A 69 -4.39 -2.64 -13.72
N ILE A 70 -4.72 -1.44 -14.19
CA ILE A 70 -5.44 -0.48 -13.38
C ILE A 70 -6.80 -1.02 -12.96
N GLU A 71 -7.57 -1.50 -13.93
CA GLU A 71 -8.88 -2.06 -13.65
C GLU A 71 -8.79 -3.25 -12.70
N MET A 72 -7.96 -4.21 -13.05
CA MET A 72 -7.77 -5.40 -12.23
C MET A 72 -7.23 -5.03 -10.85
N ALA A 73 -6.52 -3.91 -10.77
CA ALA A 73 -5.96 -3.45 -9.52
C ALA A 73 -7.05 -2.98 -8.56
N GLN A 74 -8.14 -2.45 -9.12
CA GLN A 74 -9.25 -1.96 -8.32
C GLN A 74 -9.89 -3.10 -7.53
N LYS A 75 -10.42 -4.08 -8.24
CA LYS A 75 -11.06 -5.23 -7.61
C LYS A 75 -10.06 -6.01 -6.76
N LEU A 76 -8.86 -6.19 -7.30
CA LEU A 76 -7.81 -6.91 -6.59
C LEU A 76 -7.61 -6.34 -5.19
N LEU A 77 -7.34 -5.04 -5.13
CA LEU A 77 -7.12 -4.36 -3.85
C LEU A 77 -8.25 -4.65 -2.88
N ASN A 78 -9.48 -4.63 -3.38
CA ASN A 78 -10.65 -4.90 -2.55
C ASN A 78 -10.48 -6.20 -1.78
N SER A 79 -10.14 -7.26 -2.49
CA SER A 79 -9.95 -8.57 -1.88
C SER A 79 -8.99 -8.49 -0.70
N ASP A 80 -7.81 -7.95 -0.95
CA ASP A 80 -6.79 -7.81 0.09
C ASP A 80 -7.36 -7.10 1.31
N LEU A 81 -8.16 -6.07 1.08
CA LEU A 81 -8.78 -5.31 2.16
C LEU A 81 -9.52 -6.24 3.13
N ALA A 82 -10.60 -6.84 2.65
CA ALA A 82 -11.38 -7.75 3.48
C ALA A 82 -10.50 -8.82 4.10
N GLU A 83 -9.49 -9.26 3.36
CA GLU A 83 -8.57 -10.28 3.85
C GLU A 83 -7.88 -9.83 5.13
N LEU A 84 -7.37 -8.61 5.12
CA LEU A 84 -6.69 -8.06 6.28
C LEU A 84 -7.65 -7.88 7.45
N ILE A 85 -8.71 -7.12 7.22
CA ILE A 85 -9.71 -6.87 8.25
C ILE A 85 -10.22 -8.18 8.85
N ASN A 86 -10.33 -9.21 8.02
CA ASN A 86 -10.81 -10.51 8.46
C ASN A 86 -9.85 -11.11 9.49
N LYS A 87 -8.65 -11.44 9.04
CA LYS A 87 -7.64 -12.02 9.92
C LYS A 87 -7.45 -11.17 11.18
N MET A 88 -7.55 -9.86 11.01
CA MET A 88 -7.40 -8.94 12.13
C MET A 88 -8.45 -9.20 13.20
N LYS A 89 -9.71 -9.31 12.77
CA LYS A 89 -10.82 -9.57 13.70
C LYS A 89 -10.56 -10.83 14.52
N LEU A 90 -9.91 -11.81 13.89
CA LEU A 90 -9.60 -13.07 14.57
C LEU A 90 -8.54 -12.86 15.64
N ALA A 91 -7.43 -12.25 15.26
CA ALA A 91 -6.34 -11.98 16.19
C ALA A 91 -6.85 -11.28 17.44
N GLN A 92 -7.85 -10.42 17.26
CA GLN A 92 -8.41 -9.67 18.38
C GLN A 92 -8.91 -10.63 19.47
N GLN A 93 -9.34 -11.82 19.07
CA GLN A 93 -9.83 -12.81 20.00
C GLN A 93 -8.79 -13.90 20.24
N TYR A 94 -7.89 -14.08 19.28
CA TYR A 94 -6.85 -15.09 19.39
C TYR A 94 -5.56 -14.48 19.91
N VAL A 95 -5.69 -13.39 20.66
CA VAL A 95 -4.53 -12.71 21.24
C VAL A 95 -4.48 -12.87 22.75
N MET A 96 -5.66 -12.84 23.38
CA MET A 96 -5.76 -12.98 24.82
C MET A 96 -5.55 -14.43 25.24
N THR A 97 -5.67 -15.34 24.29
CA THR A 97 -5.50 -16.76 24.56
C THR A 97 -4.03 -17.13 24.67
N SER A 98 -3.34 -17.15 23.53
CA SER A 98 -1.92 -17.48 23.50
C SER A 98 -1.37 -17.42 22.07
N LEU A 99 -2.22 -17.80 21.11
CA LEU A 99 -1.82 -17.78 19.70
C LEU A 99 -1.84 -16.36 19.15
N GLN A 100 -1.02 -15.49 19.72
CA GLN A 100 -0.94 -14.10 19.29
C GLN A 100 0.21 -13.91 18.30
N GLN A 101 1.41 -14.31 18.72
CA GLN A 101 2.58 -14.17 17.87
C GLN A 101 2.34 -14.76 16.49
N GLU A 102 1.61 -15.88 16.45
CA GLU A 102 1.30 -16.55 15.19
C GLU A 102 0.72 -15.56 14.18
N TYR A 103 -0.41 -14.96 14.53
CA TYR A 103 -1.07 -14.00 13.65
C TYR A 103 -0.11 -12.88 13.27
N LYS A 104 0.85 -12.59 14.14
CA LYS A 104 1.82 -11.54 13.90
C LYS A 104 2.67 -11.85 12.67
N LYS A 105 3.18 -13.08 12.61
CA LYS A 105 4.00 -13.51 11.48
C LYS A 105 3.23 -13.39 10.17
N GLN A 106 2.09 -14.06 10.08
CA GLN A 106 1.27 -14.02 8.89
C GLN A 106 0.85 -12.59 8.56
N MET A 107 0.53 -11.83 9.59
CA MET A 107 0.11 -10.45 9.42
C MET A 107 1.10 -9.68 8.56
N LEU A 108 2.37 -9.72 8.96
CA LEU A 108 3.43 -9.02 8.23
C LEU A 108 3.45 -9.45 6.76
N THR A 109 3.29 -10.76 6.54
CA THR A 109 3.30 -11.30 5.19
C THR A 109 2.32 -10.55 4.29
N ALA A 110 1.09 -10.41 4.76
CA ALA A 110 0.06 -9.70 3.99
C ALA A 110 0.47 -8.26 3.74
N ALA A 111 0.77 -7.54 4.81
CA ALA A 111 1.17 -6.14 4.70
C ALA A 111 2.38 -5.98 3.78
N HIS A 112 3.19 -7.04 3.69
CA HIS A 112 4.38 -7.02 2.85
C HIS A 112 4.00 -6.85 1.38
N ALA A 113 3.13 -7.73 0.90
CA ALA A 113 2.68 -7.68 -0.49
C ALA A 113 1.88 -6.42 -0.77
N LEU A 114 1.17 -5.94 0.25
CA LEU A 114 0.36 -4.73 0.12
C LEU A 114 1.23 -3.52 -0.22
N ALA A 115 2.18 -3.22 0.66
CA ALA A 115 3.09 -2.11 0.46
C ALA A 115 3.73 -2.16 -0.93
N VAL A 116 4.35 -3.29 -1.25
CA VAL A 116 5.00 -3.47 -2.54
C VAL A 116 4.00 -3.31 -3.68
N ASP A 117 2.80 -3.85 -3.49
CA ASP A 117 1.75 -3.77 -4.50
C ASP A 117 1.37 -2.32 -4.78
N ALA A 118 1.03 -1.60 -3.73
CA ALA A 118 0.64 -0.20 -3.86
C ALA A 118 1.69 0.59 -4.64
N LYS A 119 2.95 0.27 -4.41
CA LYS A 119 4.06 0.95 -5.09
C LYS A 119 4.16 0.48 -6.55
N ASN A 120 4.28 -0.83 -6.73
CA ASN A 120 4.39 -1.40 -8.07
C ASN A 120 3.27 -0.90 -8.97
N LEU A 121 2.11 -0.63 -8.37
CA LEU A 121 0.96 -0.14 -9.11
C LEU A 121 1.33 1.11 -9.92
N LEU A 122 1.80 2.13 -9.23
CA LEU A 122 2.19 3.37 -9.89
C LEU A 122 3.48 3.20 -10.68
N ASP A 123 4.38 2.38 -10.15
CA ASP A 123 5.65 2.11 -10.81
C ASP A 123 5.44 1.57 -12.22
N VAL A 124 4.51 0.62 -12.34
CA VAL A 124 4.21 0.01 -13.62
C VAL A 124 3.63 1.03 -14.60
N ILE A 125 2.49 1.61 -14.22
CA ILE A 125 1.83 2.60 -15.06
C ILE A 125 2.77 3.77 -15.38
N ASP A 126 3.77 3.96 -14.53
CA ASP A 126 4.74 5.03 -14.73
C ASP A 126 5.41 4.91 -16.09
N GLN A 127 5.71 3.68 -16.49
CA GLN A 127 6.35 3.43 -17.78
C GLN A 127 5.52 3.98 -18.93
N ALA A 128 4.20 3.98 -18.75
CA ALA A 128 3.29 4.49 -19.77
C ALA A 128 3.36 6.01 -19.86
N ARG A 129 3.42 6.67 -18.70
CA ARG A 129 3.48 8.12 -18.64
C ARG A 129 4.64 8.65 -19.49
N LEU A 130 5.80 8.01 -19.35
CA LEU A 130 6.98 8.41 -20.11
C LEU A 130 6.85 8.01 -21.57
N LYS A 131 6.12 6.93 -21.83
CA LYS A 131 5.92 6.44 -23.19
C LYS A 131 5.32 7.53 -24.07
N MET A 132 4.40 8.30 -23.51
CA MET A 132 3.76 9.38 -24.26
C MET A 132 4.67 10.60 -24.35
N ILE A 133 5.14 11.07 -23.20
CA ILE A 133 6.02 12.23 -23.16
C ILE A 133 7.24 12.03 -24.05
N SER A 134 8.04 11.01 -23.75
CA SER A 134 9.23 10.72 -24.53
C SER A 134 8.86 10.05 -25.85
N GLN A 135 8.40 10.86 -26.80
CA GLN A 135 8.02 10.34 -28.11
C GLN A 135 7.72 11.49 -29.08
N SER A 136 6.76 12.33 -28.71
CA SER A 136 6.37 13.45 -29.55
C SER A 136 5.37 14.35 -28.81
N ARG A 137 5.64 15.66 -28.85
CA ARG A 137 4.77 16.63 -28.18
C ARG A 137 4.65 16.33 -26.69
N PRO A 138 5.76 16.52 -25.96
CA PRO A 138 5.81 16.27 -24.52
C PRO A 138 5.00 17.29 -23.73
N HIS A 139 5.14 17.26 -22.41
CA HIS A 139 4.43 18.18 -21.54
C HIS A 139 5.18 19.50 -21.41
N SER A 155 14.78 11.57 -4.93
CA SER A 155 14.63 11.41 -3.49
C SER A 155 13.21 11.03 -3.12
N ASN A 156 12.51 10.39 -4.06
CA ASN A 156 11.13 9.97 -3.82
C ASN A 156 10.96 8.48 -4.12
N LEU A 157 11.22 8.08 -5.36
CA LEU A 157 11.10 6.69 -5.76
C LEU A 157 11.96 5.79 -4.87
N SER A 158 13.24 6.13 -4.76
CA SER A 158 14.16 5.35 -3.94
C SER A 158 13.68 5.28 -2.49
N GLU A 159 13.17 6.40 -1.99
CA GLU A 159 12.68 6.46 -0.61
C GLU A 159 11.69 5.33 -0.35
N LEU A 160 10.81 5.08 -1.31
CA LEU A 160 9.81 4.03 -1.17
C LEU A 160 10.44 2.65 -1.35
N ASP A 161 11.31 2.54 -2.34
CA ASP A 161 11.99 1.27 -2.62
C ASP A 161 12.76 0.78 -1.39
N ARG A 162 13.52 1.68 -0.78
CA ARG A 162 14.30 1.35 0.40
C ARG A 162 13.40 0.86 1.54
N LEU A 163 12.35 1.62 1.81
CA LEU A 163 11.40 1.26 2.87
C LEU A 163 10.86 -0.14 2.66
N LEU A 164 10.50 -0.45 1.42
CA LEU A 164 9.96 -1.77 1.08
C LEU A 164 10.91 -2.87 1.52
N LEU A 165 12.17 -2.75 1.14
CA LEU A 165 13.18 -3.74 1.50
C LEU A 165 13.17 -4.01 3.00
N GLU A 166 12.97 -2.95 3.78
CA GLU A 166 12.94 -3.07 5.24
C GLU A 166 11.85 -4.05 5.68
N LEU A 167 10.65 -3.85 5.15
CA LEU A 167 9.52 -4.70 5.50
C LEU A 167 9.86 -6.18 5.30
N ASN A 168 10.56 -6.47 4.21
CA ASN A 168 10.98 -7.84 3.90
C ASN A 168 11.88 -8.39 4.99
N ALA A 169 12.89 -7.61 5.37
CA ALA A 169 13.84 -8.02 6.40
C ALA A 169 13.12 -8.21 7.75
N VAL A 170 12.19 -7.33 8.05
CA VAL A 170 11.44 -7.40 9.29
C VAL A 170 10.83 -8.78 9.49
N GLN A 171 10.22 -9.31 8.43
CA GLN A 171 9.59 -10.62 8.47
C GLN A 171 10.63 -11.71 8.71
N HIS A 172 11.75 -11.61 8.01
CA HIS A 172 12.84 -12.58 8.15
C HIS A 172 13.20 -12.79 9.61
N ASN A 173 13.52 -11.70 10.30
CA ASN A 173 13.89 -11.76 11.71
C ASN A 173 14.19 -10.36 12.25
N PRO A 174 14.14 -10.23 13.59
CA PRO A 174 14.40 -8.95 14.26
C PRO A 174 15.86 -8.54 14.18
N PRO A 175 16.14 -7.28 14.54
CA PRO A 175 17.51 -6.74 14.52
C PRO A 175 18.40 -7.35 15.60
N SER A 176 19.02 -8.48 15.27
CA SER A 176 19.90 -9.17 16.21
C SER A 176 21.10 -8.31 16.56
N MET A 1 -3.21 28.11 -14.04
CA MET A 1 -2.27 27.20 -14.69
C MET A 1 -2.38 25.80 -14.09
N ALA A 2 -1.85 25.63 -12.88
CA ALA A 2 -1.89 24.34 -12.21
C ALA A 2 -3.21 24.14 -11.48
N ASN A 3 -4.16 23.51 -12.18
CA ASN A 3 -5.48 23.26 -11.60
C ASN A 3 -5.76 21.76 -11.53
N LEU A 4 -5.26 21.02 -12.52
CA LEU A 4 -5.45 19.58 -12.57
C LEU A 4 -4.25 18.84 -11.99
N ASP A 5 -3.54 19.50 -11.08
CA ASP A 5 -2.37 18.91 -10.44
C ASP A 5 -2.69 18.49 -9.01
N ARG A 6 -3.96 18.20 -8.75
CA ARG A 6 -4.39 17.79 -7.42
C ARG A 6 -4.63 16.28 -7.36
N SER A 7 -5.36 15.77 -8.35
CA SER A 7 -5.66 14.35 -8.41
C SER A 7 -4.45 13.55 -8.88
N ASN A 8 -3.67 14.15 -9.76
CA ASN A 8 -2.47 13.50 -10.29
C ASN A 8 -1.42 13.32 -9.20
N ASP A 9 -1.27 14.34 -8.36
CA ASP A 9 -0.31 14.29 -7.26
C ASP A 9 -0.88 13.55 -6.06
N LYS A 10 -2.21 13.57 -5.93
CA LYS A 10 -2.87 12.90 -4.83
C LYS A 10 -2.56 11.41 -4.82
N VAL A 11 -2.84 10.75 -5.94
CA VAL A 11 -2.57 9.32 -6.07
C VAL A 11 -1.09 9.02 -5.93
N TYR A 12 -0.26 9.88 -6.50
CA TYR A 12 1.19 9.70 -6.43
C TYR A 12 1.71 9.96 -5.02
N GLU A 13 0.90 10.63 -4.22
CA GLU A 13 1.28 10.95 -2.84
C GLU A 13 0.83 9.84 -1.89
N ASN A 14 -0.48 9.62 -1.83
CA ASN A 14 -1.05 8.60 -0.95
C ASN A 14 -0.36 7.25 -1.18
N VAL A 15 -0.05 6.96 -2.45
CA VAL A 15 0.61 5.72 -2.80
C VAL A 15 1.85 5.47 -1.95
N THR A 16 2.47 6.56 -1.52
CA THR A 16 3.67 6.48 -0.69
C THR A 16 3.31 6.43 0.79
N GLY A 17 2.46 7.35 1.23
CA GLY A 17 2.05 7.40 2.61
C GLY A 17 1.55 6.06 3.12
N LEU A 18 0.59 5.47 2.40
CA LEU A 18 0.03 4.19 2.78
C LEU A 18 1.13 3.16 3.00
N VAL A 19 2.18 3.22 2.17
CA VAL A 19 3.30 2.29 2.28
C VAL A 19 4.05 2.49 3.60
N LYS A 20 4.14 3.74 4.04
CA LYS A 20 4.84 4.07 5.28
C LYS A 20 4.18 3.37 6.47
N ALA A 21 2.85 3.38 6.49
CA ALA A 21 2.10 2.73 7.57
C ALA A 21 2.29 1.22 7.54
N VAL A 22 2.25 0.64 6.34
CA VAL A 22 2.41 -0.79 6.18
C VAL A 22 3.70 -1.28 6.84
N ILE A 23 4.78 -0.54 6.64
CA ILE A 23 6.07 -0.88 7.21
C ILE A 23 6.14 -0.49 8.69
N GLU A 24 5.78 0.76 8.97
CA GLU A 24 5.80 1.26 10.34
C GLU A 24 5.05 0.32 11.28
N MET A 25 3.84 -0.04 10.89
CA MET A 25 3.00 -0.93 11.69
C MET A 25 3.72 -2.25 11.96
N SER A 26 4.32 -2.82 10.91
CA SER A 26 5.04 -4.08 11.03
C SER A 26 6.20 -3.96 12.02
N SER A 27 6.62 -2.71 12.27
CA SER A 27 7.72 -2.45 13.18
C SER A 27 7.28 -2.64 14.63
N LYS A 28 6.28 -1.87 15.04
CA LYS A 28 5.76 -1.95 16.40
C LYS A 28 4.54 -2.88 16.47
N ILE A 29 4.44 -3.78 15.50
CA ILE A 29 3.33 -4.72 15.45
C ILE A 29 3.30 -5.60 16.70
N GLN A 30 4.48 -6.04 17.13
CA GLN A 30 4.60 -6.89 18.31
C GLN A 30 4.06 -6.17 19.55
N PRO A 31 4.69 -5.04 19.89
CA PRO A 31 4.30 -4.24 21.06
C PRO A 31 2.96 -3.55 20.86
N ALA A 32 2.43 -3.62 19.64
CA ALA A 32 1.15 -3.00 19.32
C ALA A 32 0.10 -3.34 20.38
N PRO A 33 -0.24 -2.34 21.20
CA PRO A 33 -1.24 -2.49 22.27
C PRO A 33 -2.65 -2.67 21.72
N PRO A 34 -3.59 -3.04 22.60
CA PRO A 34 -4.99 -3.23 22.22
C PRO A 34 -5.70 -1.93 21.90
N GLU A 35 -5.11 -0.82 22.34
CA GLU A 35 -5.68 0.50 22.09
C GLU A 35 -5.24 1.04 20.73
N GLU A 36 -4.10 0.54 20.25
CA GLU A 36 -3.57 0.97 18.96
C GLU A 36 -4.00 0.02 17.84
N TYR A 37 -4.46 -1.16 18.23
CA TYR A 37 -4.91 -2.17 17.26
C TYR A 37 -6.25 -1.79 16.66
N VAL A 38 -7.09 -1.16 17.47
CA VAL A 38 -8.42 -0.74 17.02
C VAL A 38 -8.31 0.25 15.87
N PRO A 39 -7.61 1.38 16.10
CA PRO A 39 -7.42 2.42 15.09
C PRO A 39 -6.50 1.97 13.96
N MET A 40 -5.56 1.08 14.28
CA MET A 40 -4.63 0.57 13.29
C MET A 40 -5.36 0.05 12.05
N VAL A 41 -6.53 -0.56 12.28
CA VAL A 41 -7.33 -1.10 11.19
C VAL A 41 -7.81 0.01 10.26
N LYS A 42 -8.40 1.05 10.84
CA LYS A 42 -8.90 2.17 10.06
C LYS A 42 -7.81 2.76 9.18
N GLU A 43 -6.58 2.75 9.69
CA GLU A 43 -5.44 3.29 8.96
C GLU A 43 -5.22 2.50 7.66
N VAL A 44 -4.85 1.24 7.80
CA VAL A 44 -4.61 0.39 6.63
C VAL A 44 -5.85 0.30 5.75
N GLY A 45 -6.99 0.10 6.38
CA GLY A 45 -8.24 0.00 5.62
C GLY A 45 -8.47 1.21 4.74
N LEU A 46 -8.15 2.38 5.26
CA LEU A 46 -8.33 3.63 4.51
C LEU A 46 -7.46 3.66 3.27
N ALA A 47 -6.25 3.11 3.39
CA ALA A 47 -5.32 3.07 2.27
C ALA A 47 -5.91 2.31 1.09
N LEU A 48 -6.51 1.15 1.37
CA LEU A 48 -7.12 0.33 0.33
C LEU A 48 -8.30 1.05 -0.31
N ARG A 49 -9.26 1.46 0.52
CA ARG A 49 -10.44 2.16 0.03
C ARG A 49 -10.04 3.40 -0.76
N THR A 50 -9.02 4.10 -0.29
CA THR A 50 -8.54 5.31 -0.96
C THR A 50 -7.82 4.97 -2.25
N LEU A 51 -7.06 3.88 -2.24
CA LEU A 51 -6.33 3.45 -3.43
C LEU A 51 -7.25 3.31 -4.63
N LEU A 52 -8.48 2.86 -4.38
CA LEU A 52 -9.46 2.68 -5.44
C LEU A 52 -9.78 4.01 -6.10
N ALA A 53 -9.99 5.04 -5.29
CA ALA A 53 -10.31 6.37 -5.79
C ALA A 53 -9.08 7.03 -6.42
N THR A 54 -7.95 6.91 -5.74
CA THR A 54 -6.70 7.49 -6.23
C THR A 54 -6.42 7.06 -7.66
N VAL A 55 -6.41 5.75 -7.89
CA VAL A 55 -6.15 5.21 -9.23
C VAL A 55 -7.26 5.60 -10.19
N ASP A 56 -8.48 5.72 -9.66
CA ASP A 56 -9.63 6.08 -10.49
C ASP A 56 -9.34 7.33 -11.31
N GLU A 57 -8.80 8.35 -10.66
CA GLU A 57 -8.49 9.61 -11.34
C GLU A 57 -7.19 9.48 -12.11
N SER A 58 -6.42 8.44 -11.82
CA SER A 58 -5.15 8.21 -12.49
C SER A 58 -5.36 7.73 -13.92
N LEU A 59 -6.52 7.14 -14.17
CA LEU A 59 -6.85 6.63 -15.50
C LEU A 59 -6.63 7.71 -16.56
N PRO A 60 -7.35 8.82 -16.43
CA PRO A 60 -7.25 9.95 -17.37
C PRO A 60 -5.92 10.68 -17.25
N VAL A 61 -5.46 10.86 -16.02
CA VAL A 61 -4.19 11.55 -15.76
C VAL A 61 -3.05 10.89 -16.52
N LEU A 62 -3.22 9.60 -16.84
CA LEU A 62 -2.20 8.86 -17.57
C LEU A 62 -2.70 8.45 -18.95
N PRO A 63 -1.76 8.21 -19.87
CA PRO A 63 -2.09 7.80 -21.25
C PRO A 63 -2.67 6.39 -21.31
N ALA A 64 -3.71 6.23 -22.11
CA ALA A 64 -4.37 4.94 -22.27
C ALA A 64 -3.37 3.88 -22.74
N SER A 65 -3.12 2.88 -21.88
CA SER A 65 -2.18 1.81 -22.20
C SER A 65 -2.05 0.85 -21.03
N THR A 66 -2.17 1.37 -19.82
CA THR A 66 -2.06 0.55 -18.61
C THR A 66 -3.40 0.44 -17.90
N HIS A 67 -4.48 0.57 -18.66
CA HIS A 67 -5.83 0.49 -18.09
C HIS A 67 -6.16 -0.95 -17.70
N ARG A 68 -5.63 -1.91 -18.46
CA ARG A 68 -5.87 -3.32 -18.18
C ARG A 68 -5.56 -3.66 -16.72
N GLU A 69 -4.30 -3.47 -16.34
CA GLU A 69 -3.88 -3.75 -14.97
C GLU A 69 -4.64 -2.88 -13.98
N ILE A 70 -4.76 -1.60 -14.29
CA ILE A 70 -5.46 -0.66 -13.42
C ILE A 70 -6.87 -1.15 -13.10
N GLU A 71 -7.56 -1.64 -14.13
CA GLU A 71 -8.92 -2.15 -13.95
C GLU A 71 -8.94 -3.32 -12.98
N MET A 72 -8.12 -4.33 -13.25
CA MET A 72 -8.05 -5.50 -12.40
C MET A 72 -7.57 -5.13 -10.99
N ALA A 73 -6.80 -4.06 -10.90
CA ALA A 73 -6.29 -3.58 -9.62
C ALA A 73 -7.41 -3.08 -8.72
N GLN A 74 -8.44 -2.52 -9.34
CA GLN A 74 -9.58 -1.99 -8.60
C GLN A 74 -10.24 -3.09 -7.77
N LYS A 75 -10.81 -4.09 -8.45
CA LYS A 75 -11.47 -5.19 -7.77
C LYS A 75 -10.49 -5.96 -6.91
N LEU A 76 -9.30 -6.21 -7.44
CA LEU A 76 -8.27 -6.94 -6.71
C LEU A 76 -8.02 -6.31 -5.35
N LEU A 77 -7.73 -5.02 -5.35
CA LEU A 77 -7.46 -4.30 -4.11
C LEU A 77 -8.58 -4.52 -3.10
N ASN A 78 -9.82 -4.49 -3.58
CA ASN A 78 -10.97 -4.70 -2.72
C ASN A 78 -10.83 -5.98 -1.90
N SER A 79 -10.51 -7.08 -2.57
CA SER A 79 -10.34 -8.36 -1.91
C SER A 79 -9.35 -8.25 -0.75
N ASP A 80 -8.16 -7.73 -1.04
CA ASP A 80 -7.13 -7.56 -0.03
C ASP A 80 -7.66 -6.81 1.17
N LEU A 81 -8.47 -5.79 0.91
CA LEU A 81 -9.06 -4.98 1.97
C LEU A 81 -9.74 -5.86 3.02
N ALA A 82 -10.81 -6.53 2.61
CA ALA A 82 -11.56 -7.40 3.50
C ALA A 82 -10.65 -8.46 4.12
N GLU A 83 -9.69 -8.93 3.32
CA GLU A 83 -8.75 -9.96 3.79
C GLU A 83 -8.01 -9.48 5.03
N LEU A 84 -7.46 -8.27 4.96
CA LEU A 84 -6.73 -7.70 6.08
C LEU A 84 -7.65 -7.45 7.28
N ILE A 85 -8.72 -6.73 7.04
CA ILE A 85 -9.68 -6.42 8.09
C ILE A 85 -10.16 -7.69 8.79
N ASN A 86 -10.47 -8.71 8.00
CA ASN A 86 -10.93 -9.98 8.54
C ASN A 86 -9.86 -10.62 9.41
N LYS A 87 -8.70 -10.89 8.82
CA LYS A 87 -7.59 -11.50 9.53
C LYS A 87 -7.30 -10.74 10.82
N MET A 88 -7.33 -9.41 10.75
CA MET A 88 -7.07 -8.57 11.91
C MET A 88 -8.08 -8.85 13.02
N LYS A 89 -9.36 -8.83 12.67
CA LYS A 89 -10.42 -9.07 13.63
C LYS A 89 -10.17 -10.37 14.39
N LEU A 90 -9.51 -11.32 13.73
CA LEU A 90 -9.21 -12.60 14.34
C LEU A 90 -8.12 -12.47 15.39
N ALA A 91 -7.01 -11.86 15.00
CA ALA A 91 -5.88 -11.66 15.91
C ALA A 91 -6.33 -10.98 17.20
N GLN A 92 -7.27 -10.05 17.07
CA GLN A 92 -7.79 -9.33 18.23
C GLN A 92 -8.34 -10.29 19.27
N GLN A 93 -8.79 -11.46 18.82
CA GLN A 93 -9.34 -12.47 19.71
C GLN A 93 -8.34 -13.59 19.95
N TYR A 94 -7.44 -13.78 18.99
CA TYR A 94 -6.43 -14.83 19.10
C TYR A 94 -5.11 -14.26 19.62
N VAL A 95 -5.20 -13.17 20.37
CA VAL A 95 -4.01 -12.53 20.93
C VAL A 95 -3.96 -12.70 22.44
N MET A 96 -5.12 -12.66 23.09
CA MET A 96 -5.21 -12.81 24.52
C MET A 96 -5.03 -14.27 24.92
N THR A 97 -5.21 -15.17 23.96
CA THR A 97 -5.07 -16.60 24.21
C THR A 97 -3.61 -17.01 24.29
N SER A 98 -2.95 -17.05 23.13
CA SER A 98 -1.54 -17.43 23.07
C SER A 98 -1.03 -17.38 21.64
N LEU A 99 -1.90 -17.72 20.69
CA LEU A 99 -1.54 -17.72 19.29
C LEU A 99 -1.51 -16.30 18.73
N GLN A 100 -0.63 -15.47 19.27
CA GLN A 100 -0.51 -14.09 18.83
C GLN A 100 0.60 -13.95 17.80
N GLN A 101 1.80 -14.41 18.14
CA GLN A 101 2.95 -14.33 17.25
C GLN A 101 2.61 -14.90 15.88
N GLU A 102 1.79 -15.95 15.87
CA GLU A 102 1.39 -16.59 14.62
C GLU A 102 0.84 -15.56 13.64
N TYR A 103 -0.24 -14.89 14.03
CA TYR A 103 -0.87 -13.88 13.18
C TYR A 103 0.14 -12.82 12.77
N LYS A 104 1.14 -12.60 13.62
CA LYS A 104 2.17 -11.61 13.34
C LYS A 104 2.95 -11.96 12.08
N LYS A 105 3.37 -13.21 11.98
CA LYS A 105 4.12 -13.67 10.82
C LYS A 105 3.28 -13.57 9.56
N GLN A 106 2.04 -14.03 9.63
CA GLN A 106 1.13 -13.99 8.49
C GLN A 106 0.90 -12.56 8.03
N MET A 107 0.62 -11.67 8.97
CA MET A 107 0.39 -10.26 8.66
C MET A 107 1.54 -9.69 7.83
N LEU A 108 2.76 -9.92 8.30
CA LEU A 108 3.94 -9.43 7.60
C LEU A 108 3.92 -9.83 6.14
N THR A 109 3.55 -11.09 5.88
CA THR A 109 3.48 -11.60 4.52
C THR A 109 2.53 -10.78 3.66
N ALA A 110 1.29 -10.64 4.12
CA ALA A 110 0.29 -9.87 3.39
C ALA A 110 0.71 -8.42 3.24
N ALA A 111 1.07 -7.79 4.36
CA ALA A 111 1.49 -6.40 4.35
C ALA A 111 2.61 -6.17 3.33
N HIS A 112 3.48 -7.17 3.18
CA HIS A 112 4.58 -7.08 2.23
C HIS A 112 4.07 -6.88 0.81
N ALA A 113 3.26 -7.82 0.33
CA ALA A 113 2.71 -7.74 -1.01
C ALA A 113 1.74 -6.56 -1.14
N LEU A 114 1.07 -6.24 -0.03
CA LEU A 114 0.12 -5.13 -0.03
C LEU A 114 0.82 -3.81 -0.29
N ALA A 115 1.71 -3.42 0.63
CA ALA A 115 2.45 -2.17 0.48
C ALA A 115 3.11 -2.08 -0.89
N VAL A 116 3.79 -3.14 -1.28
CA VAL A 116 4.48 -3.19 -2.57
C VAL A 116 3.49 -3.07 -3.72
N ASP A 117 2.31 -3.65 -3.54
CA ASP A 117 1.27 -3.61 -4.57
C ASP A 117 0.82 -2.18 -4.83
N ALA A 118 0.39 -1.49 -3.77
CA ALA A 118 -0.07 -0.11 -3.89
C ALA A 118 0.97 0.75 -4.61
N LYS A 119 2.25 0.47 -4.35
CA LYS A 119 3.33 1.21 -4.96
C LYS A 119 3.51 0.82 -6.42
N ASN A 120 3.60 -0.49 -6.67
CA ASN A 120 3.78 -0.99 -8.03
C ASN A 120 2.69 -0.46 -8.95
N LEU A 121 1.53 -0.15 -8.38
CA LEU A 121 0.41 0.37 -9.15
C LEU A 121 0.84 1.58 -9.97
N LEU A 122 1.36 2.60 -9.30
CA LEU A 122 1.80 3.81 -9.97
C LEU A 122 3.10 3.57 -10.74
N ASP A 123 3.95 2.72 -10.19
CA ASP A 123 5.22 2.39 -10.83
C ASP A 123 5.00 1.81 -12.22
N VAL A 124 4.02 0.91 -12.34
CA VAL A 124 3.71 0.29 -13.62
C VAL A 124 3.18 1.32 -14.61
N ILE A 125 2.07 1.95 -14.26
CA ILE A 125 1.45 2.96 -15.12
C ILE A 125 2.46 4.06 -15.46
N ASP A 126 3.45 4.24 -14.60
CA ASP A 126 4.47 5.26 -14.81
C ASP A 126 5.13 5.10 -16.18
N GLN A 127 5.41 3.85 -16.55
CA GLN A 127 6.04 3.56 -17.84
C GLN A 127 5.21 4.10 -18.99
N ALA A 128 3.90 4.17 -18.80
CA ALA A 128 2.99 4.67 -19.82
C ALA A 128 3.12 6.18 -19.97
N ARG A 129 3.22 6.88 -18.83
CA ARG A 129 3.33 8.33 -18.83
C ARG A 129 4.52 8.77 -19.70
N LEU A 130 5.66 8.12 -19.51
CA LEU A 130 6.86 8.45 -20.27
C LEU A 130 6.74 7.99 -21.71
N LYS A 131 5.97 6.93 -21.93
CA LYS A 131 5.77 6.39 -23.26
C LYS A 131 5.21 7.45 -24.20
N MET A 132 4.28 8.25 -23.70
CA MET A 132 3.67 9.32 -24.49
C MET A 132 4.57 10.55 -24.52
N ILE A 133 4.95 11.02 -23.33
CA ILE A 133 5.81 12.19 -23.22
C ILE A 133 7.06 12.05 -24.08
N SER A 134 7.84 11.01 -23.81
CA SER A 134 9.07 10.77 -24.56
C SER A 134 8.76 10.14 -25.92
N GLN A 135 8.26 10.95 -26.84
CA GLN A 135 7.91 10.47 -28.17
C GLN A 135 7.60 11.63 -29.10
N SER A 136 6.60 12.42 -28.75
CA SER A 136 6.19 13.57 -29.55
C SER A 136 5.14 14.41 -28.82
N ARG A 137 5.37 15.71 -28.77
CA ARG A 137 4.44 16.62 -28.10
C ARG A 137 4.91 18.07 -28.24
N PRO A 138 3.98 19.01 -28.04
CA PRO A 138 4.28 20.45 -28.14
C PRO A 138 5.16 20.93 -26.99
N HIS A 139 6.46 20.67 -27.11
CA HIS A 139 7.42 21.08 -26.09
C HIS A 139 8.83 21.14 -26.65
N SER A 155 15.26 10.63 -2.89
CA SER A 155 14.89 9.36 -3.50
C SER A 155 13.46 8.97 -3.11
N ASN A 156 12.72 8.43 -4.07
CA ASN A 156 11.34 8.01 -3.84
C ASN A 156 11.22 6.49 -3.89
N LEU A 157 11.41 5.93 -5.08
CA LEU A 157 11.31 4.48 -5.27
C LEU A 157 12.20 3.75 -4.27
N SER A 158 13.50 4.06 -4.30
CA SER A 158 14.45 3.42 -3.40
C SER A 158 13.99 3.55 -1.95
N GLU A 159 13.39 4.68 -1.62
CA GLU A 159 12.91 4.93 -0.26
C GLU A 159 12.01 3.79 0.21
N LEU A 160 11.03 3.44 -0.62
CA LEU A 160 10.10 2.36 -0.29
C LEU A 160 10.81 1.01 -0.28
N ASP A 161 11.76 0.83 -1.20
CA ASP A 161 12.51 -0.41 -1.30
C ASP A 161 13.28 -0.67 0.00
N ARG A 162 14.15 0.26 0.37
CA ARG A 162 14.95 0.11 1.58
C ARG A 162 14.06 -0.20 2.78
N LEU A 163 13.04 0.64 2.99
CA LEU A 163 12.12 0.45 4.10
C LEU A 163 11.56 -0.97 4.12
N LEU A 164 11.21 -1.48 2.95
CA LEU A 164 10.66 -2.82 2.83
C LEU A 164 11.66 -3.85 3.36
N LEU A 165 12.92 -3.71 2.99
CA LEU A 165 13.97 -4.63 3.44
C LEU A 165 13.95 -4.78 4.96
N GLU A 166 13.80 -3.66 5.65
CA GLU A 166 13.77 -3.65 7.10
C GLU A 166 12.61 -4.51 7.62
N LEU A 167 11.45 -4.37 6.99
CA LEU A 167 10.27 -5.12 7.39
C LEU A 167 10.57 -6.61 7.47
N ASN A 168 11.27 -7.12 6.44
CA ASN A 168 11.62 -8.54 6.40
C ASN A 168 12.47 -8.92 7.61
N ALA A 169 13.49 -8.11 7.89
CA ALA A 169 14.37 -8.38 9.02
C ALA A 169 13.61 -8.32 10.35
N VAL A 170 12.67 -7.38 10.43
CA VAL A 170 11.87 -7.22 11.64
C VAL A 170 11.22 -8.54 12.05
N GLN A 171 10.63 -9.24 11.08
CA GLN A 171 9.98 -10.51 11.33
C GLN A 171 10.98 -11.55 11.81
N HIS A 172 12.13 -11.62 11.14
CA HIS A 172 13.17 -12.57 11.49
C HIS A 172 13.52 -12.46 12.98
N ASN A 173 13.83 -11.25 13.42
CA ASN A 173 14.19 -11.01 14.82
C ASN A 173 14.22 -9.52 15.13
N PRO A 174 14.14 -9.19 16.42
CA PRO A 174 14.16 -7.79 16.88
C PRO A 174 15.52 -7.14 16.70
N PRO A 175 15.56 -5.81 16.85
CA PRO A 175 16.81 -5.04 16.71
C PRO A 175 17.79 -5.29 17.84
N SER A 176 18.51 -6.41 17.75
CA SER A 176 19.48 -6.77 18.78
C SER A 176 18.84 -6.77 20.16
N MET A 1 -5.53 22.32 -17.95
CA MET A 1 -4.52 23.09 -18.67
C MET A 1 -3.54 23.72 -17.69
N ALA A 2 -2.29 23.24 -17.72
CA ALA A 2 -1.25 23.76 -16.84
C ALA A 2 -1.70 23.73 -15.38
N ASN A 3 -2.14 22.56 -14.94
CA ASN A 3 -2.60 22.39 -13.56
C ASN A 3 -3.05 20.95 -13.31
N LEU A 4 -2.36 20.01 -13.96
CA LEU A 4 -2.68 18.59 -13.80
C LEU A 4 -1.73 17.92 -12.83
N ASP A 5 -1.18 18.70 -11.90
CA ASP A 5 -0.26 18.18 -10.91
C ASP A 5 -0.92 18.07 -9.55
N ARG A 6 -2.24 17.92 -9.55
CA ARG A 6 -3.00 17.80 -8.31
C ARG A 6 -3.40 16.36 -8.05
N SER A 7 -3.93 15.70 -9.08
CA SER A 7 -4.37 14.31 -8.96
C SER A 7 -3.17 13.37 -8.95
N ASN A 8 -2.28 13.54 -9.94
CA ASN A 8 -1.09 12.71 -10.05
C ASN A 8 -0.23 12.82 -8.79
N ASP A 9 -0.40 13.92 -8.06
CA ASP A 9 0.36 14.15 -6.84
C ASP A 9 -0.28 13.42 -5.65
N LYS A 10 -1.61 13.42 -5.62
CA LYS A 10 -2.34 12.76 -4.54
C LYS A 10 -2.12 11.25 -4.57
N VAL A 11 -2.41 10.64 -5.72
CA VAL A 11 -2.24 9.20 -5.87
C VAL A 11 -0.78 8.79 -5.66
N TYR A 12 0.13 9.62 -6.16
CA TYR A 12 1.56 9.34 -6.03
C TYR A 12 2.03 9.61 -4.60
N GLU A 13 1.27 10.41 -3.87
CA GLU A 13 1.60 10.74 -2.49
C GLU A 13 1.21 9.62 -1.54
N ASN A 14 -0.06 9.21 -1.62
CA ASN A 14 -0.58 8.15 -0.78
C ASN A 14 0.33 6.92 -0.83
N VAL A 15 0.87 6.64 -2.01
CA VAL A 15 1.75 5.50 -2.20
C VAL A 15 2.86 5.50 -1.15
N THR A 16 3.25 6.68 -0.69
CA THR A 16 4.29 6.80 0.32
C THR A 16 3.71 6.74 1.73
N GLY A 17 2.67 7.53 1.97
CA GLY A 17 2.05 7.55 3.28
C GLY A 17 1.69 6.17 3.76
N LEU A 18 0.94 5.42 2.94
CA LEU A 18 0.53 4.07 3.30
C LEU A 18 1.72 3.23 3.74
N VAL A 19 2.86 3.44 3.09
CA VAL A 19 4.08 2.70 3.42
C VAL A 19 4.57 3.06 4.81
N LYS A 20 4.42 4.31 5.19
CA LYS A 20 4.85 4.78 6.50
C LYS A 20 4.12 4.03 7.61
N ALA A 21 2.83 3.80 7.42
CA ALA A 21 2.03 3.09 8.41
C ALA A 21 2.38 1.60 8.42
N VAL A 22 2.54 1.03 7.24
CA VAL A 22 2.88 -0.39 7.11
C VAL A 22 4.20 -0.70 7.80
N ILE A 23 5.15 0.22 7.70
CA ILE A 23 6.46 0.03 8.31
C ILE A 23 6.41 0.32 9.81
N GLU A 24 5.92 1.51 10.16
CA GLU A 24 5.81 1.90 11.56
C GLU A 24 5.09 0.84 12.37
N MET A 25 3.95 0.38 11.86
CA MET A 25 3.16 -0.64 12.54
C MET A 25 4.00 -1.90 12.78
N SER A 26 4.72 -2.33 11.76
CA SER A 26 5.56 -3.52 11.86
C SER A 26 6.63 -3.34 12.93
N SER A 27 6.91 -2.09 13.28
CA SER A 27 7.91 -1.77 14.29
C SER A 27 7.37 -2.05 15.69
N LYS A 28 6.27 -1.38 16.04
CA LYS A 28 5.67 -1.55 17.35
C LYS A 28 4.55 -2.59 17.30
N ILE A 29 4.62 -3.48 16.32
CA ILE A 29 3.61 -4.52 16.16
C ILE A 29 3.55 -5.42 17.38
N GLN A 30 4.73 -5.75 17.93
CA GLN A 30 4.81 -6.61 19.10
C GLN A 30 4.12 -5.96 20.30
N PRO A 31 4.61 -4.79 20.71
CA PRO A 31 4.04 -4.05 21.84
C PRO A 31 2.67 -3.47 21.53
N ALA A 32 2.25 -3.59 20.28
CA ALA A 32 0.95 -3.08 19.84
C ALA A 32 -0.15 -3.51 20.82
N PRO A 33 -0.65 -2.55 21.61
CA PRO A 33 -1.70 -2.81 22.60
C PRO A 33 -3.04 -3.09 21.94
N PRO A 34 -4.01 -3.56 22.74
CA PRO A 34 -5.35 -3.88 22.26
C PRO A 34 -6.15 -2.64 21.89
N GLU A 35 -5.72 -1.49 22.40
CA GLU A 35 -6.40 -0.23 22.13
C GLU A 35 -5.87 0.39 20.82
N GLU A 36 -4.68 -0.05 20.41
CA GLU A 36 -4.08 0.46 19.18
C GLU A 36 -4.50 -0.36 17.97
N TYR A 37 -5.04 -1.56 18.23
CA TYR A 37 -5.49 -2.44 17.17
C TYR A 37 -6.77 -1.91 16.52
N VAL A 38 -7.70 -1.44 17.36
CA VAL A 38 -8.96 -0.90 16.87
C VAL A 38 -8.74 0.14 15.78
N PRO A 39 -7.98 1.19 16.13
CA PRO A 39 -7.67 2.28 15.21
C PRO A 39 -6.73 1.85 14.10
N MET A 40 -5.83 0.92 14.41
CA MET A 40 -4.87 0.42 13.43
C MET A 40 -5.58 -0.04 12.16
N VAL A 41 -6.77 -0.62 12.31
CA VAL A 41 -7.54 -1.09 11.18
C VAL A 41 -7.95 0.06 10.27
N LYS A 42 -8.47 1.12 10.87
CA LYS A 42 -8.90 2.30 10.12
C LYS A 42 -7.74 2.89 9.33
N GLU A 43 -6.54 2.80 9.88
CA GLU A 43 -5.35 3.33 9.23
C GLU A 43 -5.05 2.55 7.95
N VAL A 44 -4.71 1.28 8.10
CA VAL A 44 -4.39 0.43 6.97
C VAL A 44 -5.55 0.37 5.99
N GLY A 45 -6.76 0.18 6.52
CA GLY A 45 -7.94 0.11 5.69
C GLY A 45 -8.16 1.36 4.88
N LEU A 46 -7.80 2.51 5.45
CA LEU A 46 -7.96 3.80 4.78
C LEU A 46 -7.10 3.85 3.52
N ALA A 47 -5.87 3.37 3.63
CA ALA A 47 -4.95 3.37 2.49
C ALA A 47 -5.52 2.59 1.33
N LEU A 48 -6.04 1.39 1.61
CA LEU A 48 -6.62 0.54 0.59
C LEU A 48 -7.83 1.21 -0.06
N ARG A 49 -8.82 1.54 0.75
CA ARG A 49 -10.03 2.19 0.27
C ARG A 49 -9.69 3.43 -0.56
N THR A 50 -8.69 4.18 -0.10
CA THR A 50 -8.27 5.40 -0.80
C THR A 50 -7.53 5.07 -2.08
N LEU A 51 -6.78 3.97 -2.06
CA LEU A 51 -6.02 3.54 -3.24
C LEU A 51 -6.94 3.38 -4.44
N LEU A 52 -8.14 2.86 -4.21
CA LEU A 52 -9.10 2.67 -5.29
C LEU A 52 -9.49 4.00 -5.92
N ALA A 53 -9.76 4.99 -5.08
CA ALA A 53 -10.13 6.32 -5.57
C ALA A 53 -8.95 7.01 -6.24
N THR A 54 -7.79 6.98 -5.58
CA THR A 54 -6.59 7.60 -6.11
C THR A 54 -6.31 7.14 -7.53
N VAL A 55 -6.10 5.84 -7.69
CA VAL A 55 -5.82 5.27 -9.01
C VAL A 55 -6.97 5.54 -9.97
N ASP A 56 -8.19 5.57 -9.44
CA ASP A 56 -9.37 5.82 -10.26
C ASP A 56 -9.18 7.07 -11.13
N GLU A 57 -8.72 8.15 -10.49
CA GLU A 57 -8.50 9.40 -11.20
C GLU A 57 -7.17 9.38 -11.96
N SER A 58 -6.34 8.39 -11.66
CA SER A 58 -5.04 8.25 -12.30
C SER A 58 -5.20 7.75 -13.74
N LEU A 59 -6.32 7.07 -14.00
CA LEU A 59 -6.60 6.53 -15.32
C LEU A 59 -6.42 7.60 -16.39
N PRO A 60 -7.21 8.67 -16.29
CA PRO A 60 -7.16 9.79 -17.23
C PRO A 60 -5.88 10.60 -17.10
N VAL A 61 -5.46 10.86 -15.87
CA VAL A 61 -4.25 11.61 -15.60
C VAL A 61 -3.07 11.06 -16.41
N LEU A 62 -3.06 9.75 -16.61
CA LEU A 62 -2.00 9.10 -17.36
C LEU A 62 -2.51 8.57 -18.69
N PRO A 63 -1.59 8.33 -19.63
CA PRO A 63 -1.92 7.82 -20.97
C PRO A 63 -2.38 6.37 -20.92
N ALA A 64 -3.44 6.08 -21.68
CA ALA A 64 -3.99 4.72 -21.73
C ALA A 64 -2.91 3.71 -22.11
N SER A 65 -2.73 2.71 -21.25
CA SER A 65 -1.73 1.68 -21.49
C SER A 65 -1.70 0.67 -20.35
N THR A 66 -1.96 1.16 -19.13
CA THR A 66 -1.97 0.30 -17.95
C THR A 66 -3.38 0.15 -17.39
N HIS A 67 -4.38 0.29 -18.26
CA HIS A 67 -5.77 0.16 -17.85
C HIS A 67 -6.03 -1.21 -17.23
N ARG A 68 -5.56 -2.26 -17.90
CA ARG A 68 -5.75 -3.61 -17.42
C ARG A 68 -5.32 -3.75 -15.96
N GLU A 69 -4.09 -3.30 -15.67
CA GLU A 69 -3.56 -3.37 -14.32
C GLU A 69 -4.34 -2.45 -13.38
N ILE A 70 -4.72 -1.28 -13.87
CA ILE A 70 -5.47 -0.32 -13.07
C ILE A 70 -6.80 -0.91 -12.61
N GLU A 71 -7.61 -1.38 -13.57
CA GLU A 71 -8.90 -1.97 -13.27
C GLU A 71 -8.75 -3.18 -12.36
N MET A 72 -7.87 -4.10 -12.75
CA MET A 72 -7.62 -5.30 -11.98
C MET A 72 -7.09 -4.97 -10.59
N ALA A 73 -6.46 -3.81 -10.47
CA ALA A 73 -5.91 -3.35 -9.20
C ALA A 73 -7.02 -2.96 -8.23
N GLN A 74 -8.10 -2.41 -8.77
CA GLN A 74 -9.23 -1.99 -7.94
C GLN A 74 -9.84 -3.18 -7.21
N LYS A 75 -10.33 -4.15 -7.95
CA LYS A 75 -10.94 -5.34 -7.37
C LYS A 75 -9.93 -6.12 -6.54
N LEU A 76 -8.70 -6.22 -7.04
CA LEU A 76 -7.64 -6.93 -6.35
C LEU A 76 -7.48 -6.41 -4.93
N LEU A 77 -7.21 -5.11 -4.81
CA LEU A 77 -7.03 -4.48 -3.51
C LEU A 77 -8.20 -4.80 -2.58
N ASN A 78 -9.41 -4.76 -3.13
CA ASN A 78 -10.61 -5.05 -2.36
C ASN A 78 -10.48 -6.39 -1.62
N SER A 79 -10.12 -7.43 -2.36
CA SER A 79 -9.96 -8.75 -1.78
C SER A 79 -9.03 -8.70 -0.57
N ASP A 80 -7.80 -8.26 -0.79
CA ASP A 80 -6.81 -8.17 0.28
C ASP A 80 -7.36 -7.37 1.45
N LEU A 81 -8.15 -6.34 1.15
CA LEU A 81 -8.74 -5.50 2.19
C LEU A 81 -9.52 -6.35 3.20
N ALA A 82 -10.61 -6.94 2.75
CA ALA A 82 -11.44 -7.78 3.61
C ALA A 82 -10.60 -8.83 4.32
N GLU A 83 -9.59 -9.35 3.63
CA GLU A 83 -8.70 -10.36 4.20
C GLU A 83 -7.98 -9.83 5.43
N LEU A 84 -7.53 -8.58 5.34
CA LEU A 84 -6.81 -7.96 6.46
C LEU A 84 -7.76 -7.68 7.62
N ILE A 85 -8.92 -7.11 7.32
CA ILE A 85 -9.90 -6.81 8.34
C ILE A 85 -10.40 -8.07 9.03
N ASN A 86 -10.71 -9.09 8.23
CA ASN A 86 -11.21 -10.35 8.75
C ASN A 86 -10.14 -11.02 9.64
N LYS A 87 -8.98 -11.28 9.05
CA LYS A 87 -7.89 -11.91 9.77
C LYS A 87 -7.60 -11.18 11.08
N MET A 88 -7.73 -9.85 11.05
CA MET A 88 -7.49 -9.03 12.22
C MET A 88 -8.52 -9.32 13.31
N LYS A 89 -9.79 -9.35 12.92
CA LYS A 89 -10.87 -9.62 13.86
C LYS A 89 -10.60 -10.89 14.66
N LEU A 90 -9.96 -11.85 14.02
CA LEU A 90 -9.63 -13.13 14.66
C LEU A 90 -8.58 -12.92 15.75
N ALA A 91 -7.50 -12.23 15.41
CA ALA A 91 -6.42 -11.96 16.36
C ALA A 91 -6.97 -11.34 17.64
N GLN A 92 -7.97 -10.48 17.50
CA GLN A 92 -8.57 -9.82 18.65
C GLN A 92 -9.09 -10.83 19.66
N GLN A 93 -9.44 -12.02 19.16
CA GLN A 93 -9.95 -13.08 20.02
C GLN A 93 -8.87 -14.15 20.28
N TYR A 94 -7.92 -14.24 19.36
CA TYR A 94 -6.84 -15.21 19.48
C TYR A 94 -5.58 -14.56 20.05
N VAL A 95 -5.77 -13.48 20.80
CA VAL A 95 -4.65 -12.76 21.41
C VAL A 95 -4.63 -12.95 22.92
N MET A 96 -5.81 -13.00 23.53
CA MET A 96 -5.92 -13.18 24.96
C MET A 96 -5.65 -14.63 25.35
N THR A 97 -5.73 -15.52 24.37
CA THR A 97 -5.50 -16.94 24.61
C THR A 97 -4.00 -17.24 24.72
N SER A 98 -3.32 -17.21 23.59
CA SER A 98 -1.88 -17.49 23.57
C SER A 98 -1.34 -17.39 22.14
N LEU A 99 -2.15 -17.79 21.17
CA LEU A 99 -1.75 -17.74 19.77
C LEU A 99 -1.81 -16.31 19.23
N GLN A 100 -0.99 -15.43 19.80
CA GLN A 100 -0.97 -14.04 19.39
C GLN A 100 0.16 -13.80 18.37
N GLN A 101 1.37 -14.19 18.75
CA GLN A 101 2.53 -14.02 17.88
C GLN A 101 2.26 -14.58 16.49
N GLU A 102 1.53 -15.69 16.45
CA GLU A 102 1.20 -16.35 15.19
C GLU A 102 0.60 -15.35 14.21
N TYR A 103 -0.53 -14.76 14.59
CA TYR A 103 -1.21 -13.79 13.74
C TYR A 103 -0.27 -12.67 13.33
N LYS A 104 0.68 -12.34 14.20
CA LYS A 104 1.66 -11.30 13.93
C LYS A 104 2.51 -11.65 12.71
N LYS A 105 2.97 -12.89 12.66
CA LYS A 105 3.81 -13.35 11.56
C LYS A 105 3.04 -13.26 10.24
N GLN A 106 1.90 -13.94 10.17
CA GLN A 106 1.08 -13.94 8.96
C GLN A 106 0.66 -12.51 8.60
N MET A 107 0.32 -11.73 9.61
CA MET A 107 -0.11 -10.35 9.39
C MET A 107 0.92 -9.59 8.55
N LEU A 108 2.17 -9.61 8.99
CA LEU A 108 3.24 -8.93 8.28
C LEU A 108 3.29 -9.37 6.81
N THR A 109 3.13 -10.67 6.58
CA THR A 109 3.15 -11.22 5.24
C THR A 109 2.20 -10.47 4.32
N ALA A 110 0.96 -10.32 4.75
CA ALA A 110 -0.05 -9.62 3.98
C ALA A 110 0.36 -8.16 3.73
N ALA A 111 0.64 -7.44 4.82
CA ALA A 111 1.05 -6.05 4.72
C ALA A 111 2.27 -5.89 3.83
N HIS A 112 3.08 -6.94 3.75
CA HIS A 112 4.28 -6.92 2.93
C HIS A 112 3.93 -6.75 1.45
N ALA A 113 3.07 -7.63 0.95
CA ALA A 113 2.65 -7.57 -0.45
C ALA A 113 1.84 -6.31 -0.73
N LEU A 114 1.04 -5.90 0.25
CA LEU A 114 0.22 -4.70 0.10
C LEU A 114 1.08 -3.48 -0.18
N ALA A 115 2.08 -3.26 0.66
CA ALA A 115 2.98 -2.14 0.50
C ALA A 115 3.57 -2.09 -0.90
N VAL A 116 4.18 -3.20 -1.32
CA VAL A 116 4.79 -3.29 -2.64
C VAL A 116 3.74 -3.13 -3.74
N ASP A 117 2.54 -3.64 -3.49
CA ASP A 117 1.45 -3.54 -4.45
C ASP A 117 1.12 -2.08 -4.75
N ALA A 118 0.76 -1.34 -3.70
CA ALA A 118 0.42 0.07 -3.85
C ALA A 118 1.50 0.83 -4.61
N LYS A 119 2.75 0.41 -4.42
CA LYS A 119 3.87 1.04 -5.08
C LYS A 119 3.94 0.65 -6.56
N ASN A 120 3.95 -0.65 -6.82
CA ASN A 120 4.00 -1.16 -8.18
C ASN A 120 2.92 -0.52 -9.05
N LEU A 121 1.79 -0.17 -8.41
CA LEU A 121 0.68 0.45 -9.12
C LEU A 121 1.15 1.65 -9.92
N LEU A 122 1.71 2.64 -9.23
CA LEU A 122 2.21 3.85 -9.88
C LEU A 122 3.48 3.57 -10.67
N ASP A 123 4.29 2.64 -10.16
CA ASP A 123 5.54 2.27 -10.81
C ASP A 123 5.28 1.78 -12.23
N VAL A 124 4.27 0.94 -12.38
CA VAL A 124 3.92 0.39 -13.68
C VAL A 124 3.44 1.48 -14.63
N ILE A 125 2.37 2.17 -14.25
CA ILE A 125 1.81 3.24 -15.07
C ILE A 125 2.87 4.31 -15.35
N ASP A 126 3.88 4.38 -14.50
CA ASP A 126 4.95 5.35 -14.66
C ASP A 126 5.60 5.22 -16.04
N GLN A 127 5.77 3.98 -16.49
CA GLN A 127 6.38 3.73 -17.79
C GLN A 127 5.52 4.30 -18.91
N ALA A 128 4.22 4.43 -18.65
CA ALA A 128 3.29 4.95 -19.63
C ALA A 128 3.49 6.46 -19.84
N ARG A 129 3.62 7.18 -18.74
CA ARG A 129 3.81 8.62 -18.79
C ARG A 129 5.05 8.98 -19.62
N LEU A 130 6.17 8.34 -19.30
CA LEU A 130 7.42 8.59 -20.03
C LEU A 130 7.34 8.06 -21.45
N LYS A 131 6.61 6.97 -21.63
CA LYS A 131 6.45 6.36 -22.95
C LYS A 131 5.90 7.37 -23.94
N MET A 132 5.00 8.24 -23.48
CA MET A 132 4.41 9.25 -24.33
C MET A 132 5.36 10.43 -24.53
N ILE A 133 5.89 10.94 -23.42
CA ILE A 133 6.81 12.06 -23.46
C ILE A 133 8.00 11.76 -24.37
N SER A 134 8.73 10.71 -24.04
CA SER A 134 9.90 10.32 -24.83
C SER A 134 9.47 9.60 -26.11
N GLN A 135 8.76 10.32 -26.98
CA GLN A 135 8.29 9.76 -28.23
C GLN A 135 7.69 10.84 -29.13
N SER A 136 6.67 11.52 -28.62
CA SER A 136 6.01 12.58 -29.38
C SER A 136 5.00 13.31 -28.51
N ARG A 137 5.06 14.64 -28.52
CA ARG A 137 4.16 15.46 -27.73
C ARG A 137 4.36 16.95 -28.04
N PRO A 138 3.94 17.38 -29.24
CA PRO A 138 4.07 18.76 -29.67
C PRO A 138 3.14 19.70 -28.91
N HIS A 139 3.71 20.46 -27.98
CA HIS A 139 2.93 21.40 -27.17
C HIS A 139 3.76 22.63 -26.83
N SER A 155 10.38 13.15 -4.97
CA SER A 155 11.33 12.18 -5.50
C SER A 155 11.75 11.19 -4.42
N ASN A 156 10.83 10.31 -4.05
CA ASN A 156 11.10 9.31 -3.02
C ASN A 156 10.92 7.90 -3.58
N LEU A 157 11.11 7.76 -4.89
CA LEU A 157 10.97 6.47 -5.55
C LEU A 157 11.89 5.43 -4.92
N SER A 158 13.19 5.67 -5.01
CA SER A 158 14.18 4.75 -4.45
C SER A 158 14.05 4.68 -2.93
N GLU A 159 13.86 5.83 -2.29
CA GLU A 159 13.71 5.90 -0.85
C GLU A 159 12.64 4.94 -0.36
N LEU A 160 11.54 4.87 -1.10
CA LEU A 160 10.43 3.98 -0.75
C LEU A 160 10.81 2.52 -0.98
N ASP A 161 11.47 2.25 -2.10
CA ASP A 161 11.89 0.89 -2.42
C ASP A 161 12.76 0.31 -1.33
N ARG A 162 13.73 1.10 -0.86
CA ARG A 162 14.64 0.66 0.19
C ARG A 162 13.87 0.29 1.45
N LEU A 163 12.99 1.18 1.88
CA LEU A 163 12.19 0.95 3.08
C LEU A 163 11.46 -0.38 2.99
N LEU A 164 10.82 -0.63 1.85
CA LEU A 164 10.09 -1.86 1.64
C LEU A 164 10.97 -3.08 1.88
N LEU A 165 12.18 -3.04 1.35
CA LEU A 165 13.14 -4.13 1.52
C LEU A 165 13.30 -4.50 2.99
N GLU A 166 13.43 -3.48 3.84
CA GLU A 166 13.59 -3.70 5.27
C GLU A 166 12.42 -4.51 5.83
N LEU A 167 11.20 -4.12 5.46
CA LEU A 167 10.02 -4.82 5.92
C LEU A 167 10.12 -6.32 5.67
N ASN A 168 10.67 -6.69 4.51
CA ASN A 168 10.82 -8.09 4.14
C ASN A 168 11.70 -8.81 5.17
N ALA A 169 12.86 -8.25 5.45
CA ALA A 169 13.79 -8.85 6.41
C ALA A 169 13.18 -8.89 7.80
N VAL A 170 12.48 -7.82 8.18
CA VAL A 170 11.84 -7.75 9.49
C VAL A 170 10.98 -8.98 9.75
N GLN A 171 10.30 -9.45 8.71
CA GLN A 171 9.44 -10.62 8.83
C GLN A 171 10.26 -11.89 9.03
N HIS A 172 11.31 -12.04 8.23
CA HIS A 172 12.18 -13.20 8.32
C HIS A 172 12.66 -13.42 9.75
N ASN A 173 13.00 -12.32 10.42
CA ASN A 173 13.47 -12.38 11.80
C ASN A 173 13.75 -10.98 12.34
N PRO A 174 13.80 -10.86 13.68
CA PRO A 174 14.06 -9.59 14.35
C PRO A 174 15.49 -9.10 14.16
N PRO A 175 15.75 -7.84 14.52
CA PRO A 175 17.07 -7.23 14.39
C PRO A 175 18.07 -7.82 15.37
N SER A 176 18.85 -8.79 14.92
CA SER A 176 19.86 -9.43 15.77
C SER A 176 20.99 -8.48 16.10
N MET A 1 1.01 25.30 -17.95
CA MET A 1 -0.17 25.38 -17.10
C MET A 1 -0.16 24.26 -16.05
N ALA A 2 0.41 24.56 -14.89
CA ALA A 2 0.48 23.59 -13.81
C ALA A 2 -0.77 23.65 -12.93
N ASN A 3 -1.90 23.22 -13.49
CA ASN A 3 -3.16 23.24 -12.75
C ASN A 3 -3.67 21.81 -12.53
N LEU A 4 -3.29 20.91 -13.42
CA LEU A 4 -3.71 19.51 -13.34
C LEU A 4 -2.64 18.67 -12.63
N ASP A 5 -1.93 19.29 -11.70
CA ASP A 5 -0.88 18.59 -10.95
C ASP A 5 -1.34 18.30 -9.53
N ARG A 6 -2.65 18.17 -9.35
CA ARG A 6 -3.22 17.89 -8.04
C ARG A 6 -3.62 16.43 -7.92
N SER A 7 -4.35 15.93 -8.93
CA SER A 7 -4.80 14.55 -8.95
C SER A 7 -3.65 13.60 -9.26
N ASN A 8 -2.86 13.96 -10.27
CA ASN A 8 -1.73 13.13 -10.68
C ASN A 8 -0.75 12.94 -9.52
N ASP A 9 -0.62 13.97 -8.69
CA ASP A 9 0.28 13.92 -7.55
C ASP A 9 -0.42 13.29 -6.33
N LYS A 10 -1.73 13.42 -6.29
CA LYS A 10 -2.52 12.88 -5.19
C LYS A 10 -2.32 11.37 -5.08
N VAL A 11 -2.59 10.66 -6.18
CA VAL A 11 -2.44 9.21 -6.21
C VAL A 11 -0.98 8.80 -5.99
N TYR A 12 -0.07 9.57 -6.57
CA TYR A 12 1.35 9.29 -6.44
C TYR A 12 1.83 9.56 -5.02
N GLU A 13 1.02 10.27 -4.25
CA GLU A 13 1.36 10.61 -2.87
C GLU A 13 0.84 9.53 -1.91
N ASN A 14 -0.44 9.23 -2.01
CA ASN A 14 -1.05 8.21 -1.15
C ASN A 14 -0.26 6.91 -1.19
N VAL A 15 0.20 6.55 -2.38
CA VAL A 15 0.97 5.32 -2.57
C VAL A 15 2.16 5.28 -1.61
N THR A 16 2.64 6.45 -1.20
CA THR A 16 3.76 6.55 -0.29
C THR A 16 3.30 6.57 1.16
N GLY A 17 2.32 7.42 1.46
CA GLY A 17 1.81 7.52 2.81
C GLY A 17 1.42 6.16 3.38
N LEU A 18 0.62 5.42 2.62
CA LEU A 18 0.17 4.10 3.06
C LEU A 18 1.36 3.24 3.48
N VAL A 19 2.48 3.39 2.79
CA VAL A 19 3.68 2.63 3.10
C VAL A 19 4.16 2.92 4.52
N LYS A 20 4.26 4.19 4.86
CA LYS A 20 4.71 4.61 6.18
C LYS A 20 3.89 3.91 7.27
N ALA A 21 2.59 3.83 7.06
CA ALA A 21 1.69 3.18 8.03
C ALA A 21 1.91 1.68 8.04
N VAL A 22 1.96 1.08 6.85
CA VAL A 22 2.16 -0.36 6.73
C VAL A 22 3.47 -0.79 7.37
N ILE A 23 4.51 0.02 7.20
CA ILE A 23 5.81 -0.28 7.78
C ILE A 23 5.85 0.06 9.26
N GLU A 24 5.38 1.24 9.61
CA GLU A 24 5.36 1.68 11.00
C GLU A 24 4.70 0.62 11.89
N MET A 25 3.54 0.14 11.48
CA MET A 25 2.80 -0.86 12.23
C MET A 25 3.67 -2.11 12.45
N SER A 26 4.32 -2.57 11.39
CA SER A 26 5.17 -3.75 11.46
C SER A 26 6.32 -3.52 12.45
N SER A 27 6.60 -2.26 12.75
CA SER A 27 7.67 -1.91 13.67
C SER A 27 7.27 -2.21 15.11
N LYS A 28 6.17 -1.60 15.55
CA LYS A 28 5.68 -1.80 16.90
C LYS A 28 4.52 -2.79 16.92
N ILE A 29 4.49 -3.68 15.94
CA ILE A 29 3.43 -4.68 15.84
C ILE A 29 3.42 -5.59 17.07
N GLN A 30 4.60 -5.97 17.52
CA GLN A 30 4.72 -6.84 18.69
C GLN A 30 4.11 -6.18 19.93
N PRO A 31 4.67 -5.02 20.32
CA PRO A 31 4.20 -4.27 21.48
C PRO A 31 2.84 -3.64 21.25
N ALA A 32 2.36 -3.72 20.01
CA ALA A 32 1.06 -3.15 19.66
C ALA A 32 -0.01 -3.58 20.65
N PRO A 33 -0.44 -2.64 21.51
CA PRO A 33 -1.47 -2.90 22.53
C PRO A 33 -2.85 -3.11 21.90
N PRO A 34 -3.79 -3.60 22.73
CA PRO A 34 -5.16 -3.87 22.29
C PRO A 34 -5.94 -2.57 22.00
N GLU A 35 -5.44 -1.46 22.53
CA GLU A 35 -6.09 -0.17 22.32
C GLU A 35 -5.61 0.48 21.03
N GLU A 36 -4.43 0.07 20.57
CA GLU A 36 -3.86 0.61 19.35
C GLU A 36 -4.31 -0.21 18.13
N TYR A 37 -4.80 -1.41 18.39
CA TYR A 37 -5.26 -2.29 17.33
C TYR A 37 -6.57 -1.80 16.73
N VAL A 38 -7.48 -1.36 17.60
CA VAL A 38 -8.77 -0.85 17.17
C VAL A 38 -8.62 0.19 16.07
N PRO A 39 -7.86 1.25 16.37
CA PRO A 39 -7.63 2.35 15.41
C PRO A 39 -6.73 1.91 14.26
N MET A 40 -5.85 0.95 14.52
CA MET A 40 -4.94 0.45 13.49
C MET A 40 -5.70 0.10 12.22
N VAL A 41 -6.87 -0.50 12.38
CA VAL A 41 -7.69 -0.89 11.24
C VAL A 41 -8.15 0.33 10.45
N LYS A 42 -8.52 1.38 11.17
CA LYS A 42 -8.98 2.61 10.54
C LYS A 42 -7.90 3.19 9.63
N GLU A 43 -6.66 3.16 10.09
CA GLU A 43 -5.54 3.68 9.32
C GLU A 43 -5.30 2.83 8.08
N VAL A 44 -5.14 1.53 8.28
CA VAL A 44 -4.90 0.61 7.18
C VAL A 44 -6.03 0.67 6.15
N GLY A 45 -7.27 0.66 6.64
CA GLY A 45 -8.42 0.71 5.77
C GLY A 45 -8.48 2.01 4.98
N LEU A 46 -7.93 3.07 5.54
CA LEU A 46 -7.92 4.38 4.90
C LEU A 46 -7.09 4.35 3.62
N ALA A 47 -5.88 3.79 3.71
CA ALA A 47 -4.99 3.70 2.56
C ALA A 47 -5.64 2.92 1.43
N LEU A 48 -6.14 1.73 1.74
CA LEU A 48 -6.79 0.89 0.74
C LEU A 48 -7.99 1.59 0.13
N ARG A 49 -8.94 1.99 0.98
CA ARG A 49 -10.14 2.67 0.52
C ARG A 49 -9.78 3.87 -0.36
N THR A 50 -8.74 4.58 0.03
CA THR A 50 -8.28 5.75 -0.73
C THR A 50 -7.64 5.34 -2.04
N LEU A 51 -6.93 4.22 -2.02
CA LEU A 51 -6.26 3.72 -3.22
C LEU A 51 -7.22 3.63 -4.39
N LEU A 52 -8.40 3.08 -4.14
CA LEU A 52 -9.42 2.93 -5.17
C LEU A 52 -9.76 4.28 -5.79
N ALA A 53 -9.93 5.29 -4.94
CA ALA A 53 -10.26 6.63 -5.40
C ALA A 53 -9.09 7.25 -6.16
N THR A 54 -7.93 7.30 -5.50
CA THR A 54 -6.74 7.88 -6.11
C THR A 54 -6.45 7.24 -7.47
N VAL A 55 -6.46 5.91 -7.51
CA VAL A 55 -6.20 5.19 -8.75
C VAL A 55 -7.30 5.43 -9.76
N ASP A 56 -8.53 5.55 -9.28
CA ASP A 56 -9.68 5.78 -10.14
C ASP A 56 -9.43 6.98 -11.07
N GLU A 57 -8.91 8.05 -10.49
CA GLU A 57 -8.62 9.27 -11.26
C GLU A 57 -7.31 9.13 -12.03
N SER A 58 -6.52 8.12 -11.65
CA SER A 58 -5.24 7.88 -12.29
C SER A 58 -5.43 7.29 -13.69
N LEU A 59 -6.57 6.63 -13.89
CA LEU A 59 -6.88 6.01 -15.18
C LEU A 59 -6.67 7.01 -16.32
N PRO A 60 -7.42 8.12 -16.27
CA PRO A 60 -7.35 9.17 -17.30
C PRO A 60 -6.03 9.94 -17.23
N VAL A 61 -5.54 10.17 -16.02
CA VAL A 61 -4.30 10.89 -15.82
C VAL A 61 -3.17 10.28 -16.63
N LEU A 62 -3.29 8.99 -16.91
CA LEU A 62 -2.27 8.27 -17.68
C LEU A 62 -2.81 7.87 -19.05
N PRO A 63 -1.90 7.62 -19.99
CA PRO A 63 -2.26 7.22 -21.36
C PRO A 63 -2.84 5.81 -21.42
N ALA A 64 -3.95 5.67 -22.14
CA ALA A 64 -4.61 4.38 -22.27
C ALA A 64 -3.64 3.32 -22.78
N SER A 65 -3.38 2.33 -21.95
CA SER A 65 -2.46 1.24 -22.31
C SER A 65 -2.30 0.26 -21.16
N THR A 66 -2.37 0.77 -19.93
CA THR A 66 -2.23 -0.06 -18.74
C THR A 66 -3.55 -0.17 -17.99
N HIS A 67 -4.65 -0.02 -18.72
CA HIS A 67 -5.99 -0.10 -18.11
C HIS A 67 -6.20 -1.46 -17.46
N ARG A 68 -5.75 -2.51 -18.13
CA ARG A 68 -5.90 -3.87 -17.63
C ARG A 68 -5.39 -3.97 -16.19
N GLU A 69 -4.13 -3.61 -15.98
CA GLU A 69 -3.53 -3.66 -14.66
C GLU A 69 -4.22 -2.69 -13.70
N ILE A 70 -4.57 -1.51 -14.21
CA ILE A 70 -5.25 -0.50 -13.41
C ILE A 70 -6.54 -1.03 -12.82
N GLU A 71 -7.43 -1.53 -13.69
CA GLU A 71 -8.70 -2.08 -13.25
C GLU A 71 -8.50 -3.26 -12.31
N MET A 72 -7.65 -4.19 -12.72
CA MET A 72 -7.36 -5.37 -11.91
C MET A 72 -6.75 -4.98 -10.56
N ALA A 73 -6.14 -3.79 -10.52
CA ALA A 73 -5.52 -3.30 -9.30
C ALA A 73 -6.57 -2.86 -8.29
N GLN A 74 -7.67 -2.30 -8.79
CA GLN A 74 -8.75 -1.84 -7.94
C GLN A 74 -9.36 -2.99 -7.15
N LYS A 75 -9.89 -3.98 -7.87
CA LYS A 75 -10.49 -5.15 -7.25
C LYS A 75 -9.48 -5.91 -6.41
N LEU A 76 -8.27 -6.04 -6.93
CA LEU A 76 -7.20 -6.75 -6.23
C LEU A 76 -7.01 -6.19 -4.82
N LEU A 77 -6.78 -4.88 -4.73
CA LEU A 77 -6.58 -4.23 -3.45
C LEU A 77 -7.72 -4.56 -2.48
N ASN A 78 -8.95 -4.55 -3.01
CA ASN A 78 -10.12 -4.86 -2.19
C ASN A 78 -9.99 -6.22 -1.53
N SER A 79 -9.57 -7.21 -2.31
CA SER A 79 -9.40 -8.57 -1.80
C SER A 79 -8.53 -8.58 -0.55
N ASP A 80 -7.33 -8.01 -0.68
CA ASP A 80 -6.39 -7.95 0.44
C ASP A 80 -7.03 -7.26 1.65
N LEU A 81 -7.81 -6.22 1.37
CA LEU A 81 -8.48 -5.46 2.43
C LEU A 81 -9.25 -6.40 3.36
N ALA A 82 -10.25 -7.08 2.81
CA ALA A 82 -11.06 -8.00 3.60
C ALA A 82 -10.18 -8.98 4.36
N GLU A 83 -9.07 -9.39 3.75
CA GLU A 83 -8.16 -10.33 4.37
C GLU A 83 -7.54 -9.74 5.64
N LEU A 84 -7.10 -8.49 5.54
CA LEU A 84 -6.49 -7.80 6.67
C LEU A 84 -7.51 -7.59 7.79
N ILE A 85 -8.67 -7.04 7.44
CA ILE A 85 -9.72 -6.79 8.42
C ILE A 85 -10.21 -8.10 9.04
N ASN A 86 -10.32 -9.14 8.22
CA ASN A 86 -10.77 -10.43 8.69
C ASN A 86 -9.81 -11.01 9.71
N LYS A 87 -8.57 -11.24 9.29
CA LYS A 87 -7.55 -11.79 10.19
C LYS A 87 -7.46 -10.98 11.47
N MET A 88 -7.48 -9.65 11.34
CA MET A 88 -7.40 -8.76 12.49
C MET A 88 -8.51 -9.08 13.50
N LYS A 89 -9.73 -9.11 13.02
CA LYS A 89 -10.89 -9.41 13.88
C LYS A 89 -10.65 -10.69 14.67
N LEU A 90 -9.93 -11.63 14.08
CA LEU A 90 -9.63 -12.90 14.73
C LEU A 90 -8.53 -12.73 15.77
N ALA A 91 -7.45 -12.06 15.38
CA ALA A 91 -6.33 -11.84 16.28
C ALA A 91 -6.80 -11.23 17.60
N GLN A 92 -7.85 -10.41 17.53
CA GLN A 92 -8.40 -9.76 18.71
C GLN A 92 -8.79 -10.79 19.77
N GLN A 93 -9.22 -11.97 19.31
CA GLN A 93 -9.63 -13.03 20.21
C GLN A 93 -8.55 -14.11 20.29
N TYR A 94 -7.70 -14.17 19.27
CA TYR A 94 -6.63 -15.16 19.23
C TYR A 94 -5.31 -14.56 19.72
N VAL A 95 -5.41 -13.57 20.59
CA VAL A 95 -4.23 -12.89 21.13
C VAL A 95 -4.08 -13.18 22.61
N MET A 96 -5.20 -13.20 23.32
CA MET A 96 -5.19 -13.46 24.76
C MET A 96 -4.96 -14.94 25.04
N THR A 97 -5.14 -15.78 24.03
CA THR A 97 -4.94 -17.21 24.16
C THR A 97 -3.47 -17.57 24.15
N SER A 98 -2.85 -17.50 22.96
CA SER A 98 -1.44 -17.82 22.81
C SER A 98 -1.00 -17.67 21.36
N LEU A 99 -1.91 -17.98 20.44
CA LEU A 99 -1.62 -17.87 19.01
C LEU A 99 -1.65 -16.41 18.55
N GLN A 100 -0.76 -15.60 19.11
CA GLN A 100 -0.68 -14.19 18.76
C GLN A 100 0.38 -13.95 17.69
N GLN A 101 1.59 -14.41 17.96
CA GLN A 101 2.70 -14.24 17.02
C GLN A 101 2.30 -14.71 15.62
N GLU A 102 1.51 -15.78 15.57
CA GLU A 102 1.06 -16.33 14.29
C GLU A 102 0.43 -15.25 13.42
N TYR A 103 -0.64 -14.64 13.92
CA TYR A 103 -1.34 -13.59 13.20
C TYR A 103 -0.38 -12.49 12.77
N LYS A 104 0.66 -12.28 13.57
CA LYS A 104 1.66 -11.26 13.28
C LYS A 104 2.38 -11.57 11.96
N LYS A 105 2.84 -12.81 11.82
CA LYS A 105 3.54 -13.23 10.61
C LYS A 105 2.63 -13.14 9.39
N GLN A 106 1.40 -13.63 9.55
CA GLN A 106 0.43 -13.60 8.46
C GLN A 106 0.15 -12.17 8.01
N MET A 107 -0.10 -11.29 8.97
CA MET A 107 -0.38 -9.90 8.67
C MET A 107 0.81 -9.23 7.98
N LEU A 108 1.99 -9.39 8.57
CA LEU A 108 3.20 -8.81 8.02
C LEU A 108 3.37 -9.19 6.55
N THR A 109 3.09 -10.46 6.24
CA THR A 109 3.20 -10.94 4.86
C THR A 109 2.30 -10.16 3.92
N ALA A 110 1.01 -10.11 4.25
CA ALA A 110 0.03 -9.39 3.45
C ALA A 110 0.38 -7.91 3.36
N ALA A 111 0.60 -7.28 4.51
CA ALA A 111 0.94 -5.87 4.55
C ALA A 111 2.14 -5.56 3.66
N HIS A 112 3.07 -6.50 3.59
CA HIS A 112 4.26 -6.33 2.77
C HIS A 112 3.89 -6.12 1.30
N ALA A 113 3.18 -7.09 0.74
CA ALA A 113 2.76 -7.01 -0.66
C ALA A 113 1.83 -5.83 -0.88
N LEU A 114 1.12 -5.42 0.17
CA LEU A 114 0.20 -4.30 0.09
C LEU A 114 0.92 -3.04 -0.40
N ALA A 115 1.89 -2.59 0.38
CA ALA A 115 2.65 -1.40 0.04
C ALA A 115 3.28 -1.53 -1.35
N VAL A 116 3.88 -2.68 -1.61
CA VAL A 116 4.52 -2.92 -2.91
C VAL A 116 3.50 -2.83 -4.04
N ASP A 117 2.28 -3.27 -3.78
CA ASP A 117 1.21 -3.22 -4.78
C ASP A 117 0.96 -1.80 -5.25
N ALA A 118 0.54 -0.95 -4.31
CA ALA A 118 0.26 0.45 -4.62
C ALA A 118 1.45 1.11 -5.28
N LYS A 119 2.65 0.62 -4.97
CA LYS A 119 3.88 1.17 -5.53
C LYS A 119 4.05 0.74 -6.98
N ASN A 120 4.17 -0.56 -7.21
CA ASN A 120 4.34 -1.10 -8.55
C ASN A 120 3.26 -0.56 -9.49
N LEU A 121 2.08 -0.31 -8.94
CA LEU A 121 0.96 0.21 -9.72
C LEU A 121 1.35 1.48 -10.46
N LEU A 122 1.81 2.48 -9.72
CA LEU A 122 2.22 3.75 -10.31
C LEU A 122 3.54 3.59 -11.07
N ASP A 123 4.41 2.74 -10.55
CA ASP A 123 5.71 2.49 -11.17
C ASP A 123 5.54 2.00 -12.60
N VAL A 124 4.60 1.07 -12.81
CA VAL A 124 4.33 0.52 -14.12
C VAL A 124 3.78 1.59 -15.06
N ILE A 125 2.64 2.15 -14.71
CA ILE A 125 2.01 3.19 -15.52
C ILE A 125 2.97 4.35 -15.77
N ASP A 126 3.94 4.50 -14.88
CA ASP A 126 4.93 5.57 -15.01
C ASP A 126 5.62 5.52 -16.37
N GLN A 127 5.88 4.30 -16.84
CA GLN A 127 6.53 4.11 -18.13
C GLN A 127 5.63 4.55 -19.27
N ALA A 128 4.33 4.52 -19.04
CA ALA A 128 3.36 4.91 -20.05
C ALA A 128 3.36 6.42 -20.25
N ARG A 129 3.33 7.15 -19.14
CA ARG A 129 3.32 8.62 -19.19
C ARG A 129 4.53 9.14 -19.97
N LEU A 130 5.71 8.65 -19.61
CA LEU A 130 6.95 9.07 -20.27
C LEU A 130 6.99 8.56 -21.70
N LYS A 131 6.41 7.38 -21.93
CA LYS A 131 6.39 6.78 -23.25
C LYS A 131 5.73 7.72 -24.26
N MET A 132 4.76 8.49 -23.80
CA MET A 132 4.06 9.44 -24.65
C MET A 132 4.87 10.72 -24.85
N ILE A 133 5.35 11.27 -23.74
CA ILE A 133 6.15 12.49 -23.79
C ILE A 133 7.30 12.36 -24.78
N SER A 134 8.14 11.36 -24.56
CA SER A 134 9.28 11.12 -25.44
C SER A 134 8.84 10.47 -26.75
N GLN A 135 8.09 11.22 -27.55
CA GLN A 135 7.61 10.72 -28.83
C GLN A 135 6.90 11.82 -29.61
N SER A 136 5.85 12.38 -29.02
CA SER A 136 5.10 13.45 -29.67
C SER A 136 4.00 13.97 -28.74
N ARG A 137 3.91 15.30 -28.64
CA ARG A 137 2.91 15.93 -27.79
C ARG A 137 2.89 17.44 -28.01
N PRO A 138 1.76 18.07 -27.66
CA PRO A 138 1.58 19.52 -27.80
C PRO A 138 2.43 20.30 -26.83
N HIS A 139 3.00 21.42 -27.30
CA HIS A 139 3.83 22.26 -26.45
C HIS A 139 3.11 22.64 -25.16
N SER A 155 12.30 12.06 -7.25
CA SER A 155 11.57 10.88 -6.79
C SER A 155 12.29 10.22 -5.62
N ASN A 156 11.62 9.26 -4.99
CA ASN A 156 12.19 8.55 -3.86
C ASN A 156 12.00 7.04 -4.01
N LEU A 157 12.06 6.57 -5.25
CA LEU A 157 11.90 5.15 -5.52
C LEU A 157 12.85 4.31 -4.68
N SER A 158 14.07 4.80 -4.51
CA SER A 158 15.08 4.10 -3.72
C SER A 158 14.71 4.11 -2.24
N GLU A 159 14.14 5.21 -1.78
CA GLU A 159 13.72 5.34 -0.38
C GLU A 159 12.78 4.21 0.01
N LEU A 160 11.80 3.93 -0.85
CA LEU A 160 10.84 2.88 -0.59
C LEU A 160 11.49 1.51 -0.64
N ASP A 161 12.45 1.35 -1.54
CA ASP A 161 13.17 0.09 -1.69
C ASP A 161 13.82 -0.33 -0.38
N ARG A 162 14.66 0.54 0.16
CA ARG A 162 15.35 0.25 1.42
C ARG A 162 14.35 -0.14 2.51
N LEU A 163 13.32 0.68 2.68
CA LEU A 163 12.31 0.41 3.69
C LEU A 163 11.76 -1.00 3.55
N LEU A 164 11.42 -1.39 2.32
CA LEU A 164 10.89 -2.71 2.04
C LEU A 164 11.83 -3.80 2.55
N LEU A 165 13.12 -3.62 2.30
CA LEU A 165 14.14 -4.58 2.73
C LEU A 165 14.00 -4.87 4.22
N GLU A 166 13.81 -3.82 5.01
CA GLU A 166 13.66 -3.96 6.45
C GLU A 166 12.48 -4.87 6.80
N LEU A 167 11.37 -4.65 6.11
CA LEU A 167 10.17 -5.45 6.34
C LEU A 167 10.48 -6.94 6.26
N ASN A 168 11.28 -7.32 5.28
CA ASN A 168 11.66 -8.72 5.09
C ASN A 168 12.44 -9.24 6.29
N ALA A 169 13.44 -8.46 6.71
CA ALA A 169 14.27 -8.85 7.85
C ALA A 169 13.43 -8.98 9.12
N VAL A 170 12.46 -8.09 9.28
CA VAL A 170 11.58 -8.11 10.45
C VAL A 170 10.78 -9.40 10.51
N GLN A 171 10.46 -9.94 9.33
CA GLN A 171 9.69 -11.18 9.26
C GLN A 171 10.50 -12.36 9.79
N HIS A 172 11.74 -12.48 9.32
CA HIS A 172 12.61 -13.57 9.76
C HIS A 172 12.68 -13.63 11.28
N ASN A 173 12.99 -12.50 11.90
CA ASN A 173 13.09 -12.43 13.36
C ASN A 173 13.26 -10.98 13.82
N PRO A 174 12.95 -10.73 15.10
CA PRO A 174 13.07 -9.39 15.69
C PRO A 174 14.52 -8.94 15.84
N PRO A 175 14.71 -7.65 16.14
CA PRO A 175 16.04 -7.07 16.31
C PRO A 175 16.72 -7.56 17.59
N SER A 176 15.92 -8.09 18.52
CA SER A 176 16.44 -8.59 19.79
C SER A 176 15.45 -9.55 20.43
N MET A 1 -6.58 23.31 -20.51
CA MET A 1 -6.45 22.34 -19.43
C MET A 1 -5.06 22.39 -18.81
N ALA A 2 -4.75 23.51 -18.15
CA ALA A 2 -3.46 23.69 -17.51
C ALA A 2 -3.60 23.76 -16.00
N ASN A 3 -3.93 22.64 -15.38
CA ASN A 3 -4.10 22.57 -13.93
C ASN A 3 -4.44 21.15 -13.49
N LEU A 4 -3.89 20.17 -14.18
CA LEU A 4 -4.13 18.76 -13.87
C LEU A 4 -2.96 18.17 -13.10
N ASP A 5 -2.23 19.02 -12.39
CA ASP A 5 -1.07 18.58 -11.61
C ASP A 5 -1.42 18.50 -10.13
N ARG A 6 -2.70 18.26 -9.84
CA ARG A 6 -3.15 18.17 -8.45
C ARG A 6 -3.39 16.71 -8.06
N SER A 7 -4.10 15.98 -8.91
CA SER A 7 -4.39 14.57 -8.65
C SER A 7 -3.17 13.71 -8.91
N ASN A 8 -2.33 14.14 -9.85
CA ASN A 8 -1.13 13.40 -10.20
C ASN A 8 -0.23 13.23 -8.98
N ASP A 9 -0.15 14.27 -8.15
CA ASP A 9 0.68 14.23 -6.95
C ASP A 9 -0.07 13.58 -5.80
N LYS A 10 -1.40 13.68 -5.83
CA LYS A 10 -2.24 13.10 -4.79
C LYS A 10 -2.01 11.59 -4.69
N VAL A 11 -2.20 10.89 -5.80
CA VAL A 11 -2.02 9.44 -5.84
C VAL A 11 -0.58 9.07 -5.51
N TYR A 12 0.37 9.78 -6.10
CA TYR A 12 1.78 9.52 -5.86
C TYR A 12 2.15 9.76 -4.40
N GLU A 13 1.30 10.50 -3.71
CA GLU A 13 1.53 10.81 -2.29
C GLU A 13 0.94 9.73 -1.40
N ASN A 14 -0.34 9.43 -1.59
CA ASN A 14 -1.02 8.41 -0.79
C ASN A 14 -0.30 7.07 -0.90
N VAL A 15 0.12 6.73 -2.11
CA VAL A 15 0.83 5.48 -2.35
C VAL A 15 2.07 5.36 -1.47
N THR A 16 2.57 6.51 -1.02
CA THR A 16 3.76 6.55 -0.18
C THR A 16 3.38 6.51 1.30
N GLY A 17 2.45 7.38 1.69
CA GLY A 17 2.02 7.43 3.07
C GLY A 17 1.62 6.07 3.60
N LEU A 18 0.71 5.40 2.89
CA LEU A 18 0.24 4.08 3.30
C LEU A 18 1.41 3.14 3.57
N VAL A 19 2.46 3.27 2.75
CA VAL A 19 3.64 2.43 2.90
C VAL A 19 4.37 2.73 4.20
N LYS A 20 4.38 4.00 4.59
CA LYS A 20 5.04 4.41 5.83
C LYS A 20 4.43 3.70 7.04
N ALA A 21 3.11 3.59 7.05
CA ALA A 21 2.42 2.93 8.14
C ALA A 21 2.63 1.41 8.10
N VAL A 22 2.56 0.85 6.90
CA VAL A 22 2.76 -0.59 6.73
C VAL A 22 4.09 -1.04 7.30
N ILE A 23 5.11 -0.20 7.17
CA ILE A 23 6.43 -0.51 7.68
C ILE A 23 6.58 -0.06 9.14
N GLU A 24 6.27 1.21 9.38
CA GLU A 24 6.37 1.77 10.72
C GLU A 24 5.63 0.90 11.73
N MET A 25 4.42 0.48 11.36
CA MET A 25 3.61 -0.37 12.23
C MET A 25 4.35 -1.64 12.61
N SER A 26 4.95 -2.28 11.61
CA SER A 26 5.70 -3.52 11.85
C SER A 26 6.83 -3.29 12.84
N SER A 27 7.29 -2.04 12.92
CA SER A 27 8.39 -1.69 13.82
C SER A 27 7.93 -1.77 15.28
N LYS A 28 6.82 -1.11 15.58
CA LYS A 28 6.28 -1.09 16.94
C LYS A 28 5.11 -2.08 17.06
N ILE A 29 5.08 -3.06 16.18
CA ILE A 29 4.02 -4.07 16.20
C ILE A 29 4.14 -4.98 17.42
N GLN A 30 5.39 -5.20 17.86
CA GLN A 30 5.63 -6.05 19.02
C GLN A 30 4.90 -5.51 20.25
N PRO A 31 5.25 -4.28 20.66
CA PRO A 31 4.65 -3.64 21.82
C PRO A 31 3.19 -3.25 21.57
N ALA A 32 2.75 -3.38 20.34
CA ALA A 32 1.38 -3.05 19.96
C ALA A 32 0.39 -3.67 20.94
N PRO A 33 -0.23 -2.83 21.79
CA PRO A 33 -1.20 -3.28 22.78
C PRO A 33 -2.52 -3.73 22.13
N PRO A 34 -3.37 -4.38 22.93
CA PRO A 34 -4.67 -4.88 22.46
C PRO A 34 -5.65 -3.75 22.16
N GLU A 35 -5.37 -2.57 22.71
CA GLU A 35 -6.23 -1.41 22.51
C GLU A 35 -5.85 -0.67 21.23
N GLU A 36 -4.61 -0.88 20.78
CA GLU A 36 -4.12 -0.23 19.57
C GLU A 36 -4.42 -1.09 18.34
N TYR A 37 -4.85 -2.32 18.57
CA TYR A 37 -5.15 -3.24 17.48
C TYR A 37 -6.46 -2.85 16.80
N VAL A 38 -7.41 -2.35 17.59
CA VAL A 38 -8.70 -1.94 17.06
C VAL A 38 -8.55 -0.83 16.02
N PRO A 39 -7.93 0.29 16.44
CA PRO A 39 -7.70 1.43 15.55
C PRO A 39 -6.66 1.14 14.47
N MET A 40 -5.73 0.25 14.77
CA MET A 40 -4.68 -0.11 13.83
C MET A 40 -5.29 -0.52 12.49
N VAL A 41 -6.23 -1.45 12.53
CA VAL A 41 -6.89 -1.92 11.31
C VAL A 41 -7.58 -0.78 10.59
N LYS A 42 -8.06 0.20 11.35
CA LYS A 42 -8.74 1.35 10.77
C LYS A 42 -7.83 2.10 9.80
N GLU A 43 -6.61 2.39 10.24
CA GLU A 43 -5.65 3.09 9.40
C GLU A 43 -5.34 2.31 8.14
N VAL A 44 -5.05 1.01 8.30
CA VAL A 44 -4.74 0.15 7.18
C VAL A 44 -5.88 0.13 6.16
N GLY A 45 -7.11 -0.01 6.67
CA GLY A 45 -8.27 -0.04 5.80
C GLY A 45 -8.41 1.22 4.97
N LEU A 46 -8.03 2.36 5.55
CA LEU A 46 -8.10 3.64 4.87
C LEU A 46 -7.20 3.66 3.62
N ALA A 47 -5.99 3.12 3.79
CA ALA A 47 -5.03 3.07 2.68
C ALA A 47 -5.60 2.30 1.50
N LEU A 48 -6.18 1.14 1.77
CA LEU A 48 -6.77 0.32 0.72
C LEU A 48 -7.93 1.04 0.03
N ARG A 49 -8.92 1.43 0.82
CA ARG A 49 -10.08 2.13 0.29
C ARG A 49 -9.65 3.36 -0.51
N THR A 50 -8.64 4.06 -0.03
CA THR A 50 -8.14 5.25 -0.70
C THR A 50 -7.38 4.89 -1.97
N LEU A 51 -6.67 3.77 -1.93
CA LEU A 51 -5.90 3.30 -3.08
C LEU A 51 -6.78 3.22 -4.33
N LEU A 52 -7.99 2.68 -4.16
CA LEU A 52 -8.92 2.55 -5.27
C LEU A 52 -9.31 3.92 -5.83
N ALA A 53 -9.60 4.85 -4.93
CA ALA A 53 -9.98 6.20 -5.33
C ALA A 53 -8.83 6.90 -6.04
N THR A 54 -7.66 6.89 -5.42
CA THR A 54 -6.48 7.52 -6.00
C THR A 54 -6.24 7.05 -7.43
N VAL A 55 -6.23 5.74 -7.62
CA VAL A 55 -6.02 5.15 -8.94
C VAL A 55 -7.16 5.51 -9.89
N ASP A 56 -8.38 5.53 -9.36
CA ASP A 56 -9.56 5.86 -10.15
C ASP A 56 -9.36 7.16 -10.90
N GLU A 57 -8.76 8.15 -10.23
CA GLU A 57 -8.52 9.45 -10.83
C GLU A 57 -7.20 9.46 -11.59
N SER A 58 -6.37 8.44 -11.35
CA SER A 58 -5.08 8.33 -12.01
C SER A 58 -5.23 7.93 -13.47
N LEU A 59 -6.37 7.29 -13.77
CA LEU A 59 -6.65 6.85 -15.14
C LEU A 59 -6.46 8.00 -16.13
N PRO A 60 -7.25 9.07 -15.95
CA PRO A 60 -7.19 10.25 -16.82
C PRO A 60 -5.89 11.04 -16.63
N VAL A 61 -5.49 11.22 -15.37
CA VAL A 61 -4.28 11.96 -15.06
C VAL A 61 -3.10 11.43 -15.85
N LEU A 62 -3.13 10.15 -16.18
CA LEU A 62 -2.06 9.52 -16.95
C LEU A 62 -2.56 9.08 -18.32
N PRO A 63 -1.61 8.89 -19.25
CA PRO A 63 -1.93 8.47 -20.62
C PRO A 63 -2.41 7.01 -20.68
N ALA A 64 -3.47 6.78 -21.45
CA ALA A 64 -4.03 5.44 -21.60
C ALA A 64 -2.95 4.43 -21.98
N SER A 65 -2.81 3.38 -21.18
CA SER A 65 -1.81 2.35 -21.44
C SER A 65 -1.85 1.28 -20.34
N THR A 66 -2.16 1.70 -19.13
CA THR A 66 -2.22 0.78 -18.00
C THR A 66 -3.65 0.62 -17.49
N HIS A 67 -4.62 0.83 -18.39
CA HIS A 67 -6.03 0.71 -18.04
C HIS A 67 -6.35 -0.69 -17.53
N ARG A 68 -5.83 -1.69 -18.22
CA ARG A 68 -6.07 -3.09 -17.84
C ARG A 68 -5.73 -3.31 -16.38
N GLU A 69 -4.52 -2.93 -15.98
CA GLU A 69 -4.07 -3.10 -14.60
C GLU A 69 -4.89 -2.21 -13.66
N ILE A 70 -5.11 -0.97 -14.06
CA ILE A 70 -5.88 -0.02 -13.25
C ILE A 70 -7.25 -0.59 -12.92
N GLU A 71 -7.93 -1.12 -13.94
CA GLU A 71 -9.26 -1.69 -13.76
C GLU A 71 -9.22 -2.84 -12.76
N MET A 72 -8.35 -3.81 -13.02
CA MET A 72 -8.22 -4.97 -12.14
C MET A 72 -7.80 -4.55 -10.74
N ALA A 73 -7.11 -3.41 -10.66
CA ALA A 73 -6.65 -2.90 -9.37
C ALA A 73 -7.81 -2.45 -8.50
N GLN A 74 -8.86 -1.94 -9.14
CA GLN A 74 -10.05 -1.47 -8.42
C GLN A 74 -10.66 -2.61 -7.62
N LYS A 75 -11.18 -3.61 -8.31
CA LYS A 75 -11.81 -4.75 -7.66
C LYS A 75 -10.82 -5.47 -6.74
N LEU A 76 -9.59 -5.64 -7.22
CA LEU A 76 -8.55 -6.29 -6.44
C LEU A 76 -8.40 -5.64 -5.07
N LEU A 77 -8.27 -4.31 -5.06
CA LEU A 77 -8.13 -3.58 -3.81
C LEU A 77 -9.23 -3.94 -2.83
N ASN A 78 -10.48 -3.91 -3.30
CA ASN A 78 -11.63 -4.23 -2.46
C ASN A 78 -11.43 -5.58 -1.76
N SER A 79 -11.12 -6.61 -2.56
CA SER A 79 -10.91 -7.94 -2.02
C SER A 79 -9.88 -7.93 -0.90
N ASP A 80 -8.73 -7.32 -1.17
CA ASP A 80 -7.67 -7.23 -0.18
C ASP A 80 -8.17 -6.56 1.10
N LEU A 81 -9.04 -5.58 0.95
CA LEU A 81 -9.59 -4.86 2.09
C LEU A 81 -10.24 -5.83 3.08
N ALA A 82 -11.33 -6.46 2.66
CA ALA A 82 -12.03 -7.41 3.52
C ALA A 82 -11.13 -8.59 3.89
N GLU A 83 -10.29 -9.00 2.95
CA GLU A 83 -9.37 -10.11 3.18
C GLU A 83 -8.47 -9.83 4.38
N LEU A 84 -7.79 -8.68 4.35
CA LEU A 84 -6.90 -8.29 5.43
C LEU A 84 -7.67 -8.05 6.72
N ILE A 85 -8.66 -7.18 6.65
CA ILE A 85 -9.48 -6.87 7.83
C ILE A 85 -10.04 -8.14 8.46
N ASN A 86 -10.36 -9.12 7.63
CA ASN A 86 -10.90 -10.39 8.10
C ASN A 86 -9.89 -11.11 9.00
N LYS A 87 -8.77 -11.52 8.41
CA LYS A 87 -7.73 -12.21 9.16
C LYS A 87 -7.33 -11.43 10.41
N MET A 88 -7.09 -10.14 10.23
CA MET A 88 -6.71 -9.27 11.34
C MET A 88 -7.74 -9.34 12.46
N LYS A 89 -9.01 -9.29 12.10
CA LYS A 89 -10.09 -9.35 13.07
C LYS A 89 -9.99 -10.61 13.92
N LEU A 90 -9.48 -11.68 13.33
CA LEU A 90 -9.32 -12.95 14.03
C LEU A 90 -8.29 -12.84 15.14
N ALA A 91 -7.14 -12.27 14.81
CA ALA A 91 -6.06 -12.10 15.78
C ALA A 91 -6.56 -11.38 17.03
N GLN A 92 -7.40 -10.38 16.84
CA GLN A 92 -7.95 -9.61 17.95
C GLN A 92 -8.69 -10.53 18.93
N GLN A 93 -9.19 -11.65 18.42
CA GLN A 93 -9.92 -12.60 19.24
C GLN A 93 -9.00 -13.74 19.68
N TYR A 94 -7.95 -13.99 18.90
CA TYR A 94 -7.01 -15.06 19.22
C TYR A 94 -5.80 -14.50 19.96
N VAL A 95 -6.00 -13.38 20.66
CA VAL A 95 -4.92 -12.75 21.41
C VAL A 95 -5.11 -12.94 22.90
N MET A 96 -6.37 -12.99 23.33
CA MET A 96 -6.69 -13.17 24.75
C MET A 96 -6.32 -14.58 25.21
N THR A 97 -6.25 -15.51 24.26
CA THR A 97 -5.90 -16.89 24.57
C THR A 97 -4.41 -17.05 24.81
N SER A 98 -3.63 -17.00 23.74
CA SER A 98 -2.18 -17.15 23.83
C SER A 98 -1.54 -17.04 22.45
N LEU A 99 -2.22 -17.55 21.44
CA LEU A 99 -1.73 -17.52 20.08
C LEU A 99 -1.87 -16.13 19.48
N GLN A 100 -1.10 -15.18 20.01
CA GLN A 100 -1.15 -13.81 19.51
C GLN A 100 -0.07 -13.57 18.47
N GLN A 101 1.18 -13.82 18.84
CA GLN A 101 2.31 -13.64 17.93
C GLN A 101 2.07 -14.37 16.61
N GLU A 102 1.42 -15.52 16.68
CA GLU A 102 1.14 -16.32 15.50
C GLU A 102 0.44 -15.47 14.44
N TYR A 103 -0.73 -14.95 14.78
CA TYR A 103 -1.50 -14.12 13.86
C TYR A 103 -0.71 -12.89 13.44
N LYS A 104 0.19 -12.44 14.31
CA LYS A 104 1.01 -11.27 14.05
C LYS A 104 1.91 -11.51 12.84
N LYS A 105 2.50 -12.70 12.77
CA LYS A 105 3.38 -13.06 11.67
C LYS A 105 2.64 -13.04 10.34
N GLN A 106 1.56 -13.80 10.27
CA GLN A 106 0.75 -13.87 9.05
C GLN A 106 0.23 -12.48 8.66
N MET A 107 -0.02 -11.65 9.67
CA MET A 107 -0.51 -10.31 9.44
C MET A 107 0.47 -9.49 8.61
N LEU A 108 1.73 -9.49 9.05
CA LEU A 108 2.78 -8.75 8.35
C LEU A 108 2.85 -9.16 6.89
N THR A 109 2.78 -10.47 6.63
CA THR A 109 2.85 -11.00 5.28
C THR A 109 1.82 -10.31 4.38
N ALA A 110 0.56 -10.37 4.77
CA ALA A 110 -0.51 -9.75 4.00
C ALA A 110 -0.19 -8.30 3.69
N ALA A 111 0.18 -7.55 4.72
CA ALA A 111 0.52 -6.14 4.57
C ALA A 111 1.67 -5.95 3.59
N HIS A 112 2.57 -6.93 3.54
CA HIS A 112 3.71 -6.87 2.64
C HIS A 112 3.27 -6.77 1.19
N ALA A 113 2.35 -7.64 0.79
CA ALA A 113 1.83 -7.65 -0.57
C ALA A 113 1.18 -6.32 -0.91
N LEU A 114 0.43 -5.77 0.04
CA LEU A 114 -0.26 -4.49 -0.16
C LEU A 114 0.75 -3.37 -0.40
N ALA A 115 1.74 -3.26 0.48
CA ALA A 115 2.76 -2.23 0.35
C ALA A 115 3.38 -2.25 -1.04
N VAL A 116 3.87 -3.41 -1.46
CA VAL A 116 4.48 -3.55 -2.77
C VAL A 116 3.53 -3.12 -3.88
N ASP A 117 2.27 -3.54 -3.76
CA ASP A 117 1.26 -3.19 -4.76
C ASP A 117 1.05 -1.69 -4.82
N ALA A 118 0.91 -1.07 -3.65
CA ALA A 118 0.69 0.37 -3.57
C ALA A 118 1.75 1.12 -4.37
N LYS A 119 3.00 0.68 -4.27
CA LYS A 119 4.10 1.32 -4.98
C LYS A 119 4.09 0.90 -6.45
N ASN A 120 4.08 -0.40 -6.69
CA ASN A 120 4.07 -0.93 -8.05
C ASN A 120 2.97 -0.27 -8.89
N LEU A 121 1.88 0.08 -8.23
CA LEU A 121 0.75 0.72 -8.90
C LEU A 121 1.22 1.91 -9.73
N LEU A 122 1.82 2.88 -9.06
CA LEU A 122 2.32 4.08 -9.73
C LEU A 122 3.54 3.76 -10.58
N ASP A 123 4.36 2.84 -10.10
CA ASP A 123 5.57 2.44 -10.81
C ASP A 123 5.23 1.94 -12.21
N VAL A 124 4.19 1.12 -12.31
CA VAL A 124 3.76 0.58 -13.59
C VAL A 124 3.28 1.67 -14.52
N ILE A 125 2.24 2.38 -14.10
CA ILE A 125 1.68 3.47 -14.91
C ILE A 125 2.74 4.51 -15.24
N ASP A 126 3.78 4.56 -14.42
CA ASP A 126 4.88 5.52 -14.64
C ASP A 126 5.47 5.34 -16.04
N GLN A 127 5.60 4.10 -16.47
CA GLN A 127 6.17 3.82 -17.78
C GLN A 127 5.28 4.37 -18.89
N ALA A 128 3.99 4.52 -18.59
CA ALA A 128 3.04 5.05 -19.55
C ALA A 128 3.24 6.55 -19.78
N ARG A 129 3.43 7.28 -18.68
CA ARG A 129 3.63 8.72 -18.74
C ARG A 129 4.83 9.05 -19.63
N LEU A 130 5.95 8.41 -19.35
CA LEU A 130 7.17 8.64 -20.12
C LEU A 130 7.01 8.15 -21.55
N LYS A 131 6.24 7.08 -21.72
CA LYS A 131 6.01 6.51 -23.05
C LYS A 131 5.43 7.56 -23.99
N MET A 132 4.51 8.37 -23.48
CA MET A 132 3.88 9.41 -24.29
C MET A 132 4.82 10.60 -24.45
N ILE A 133 5.32 11.13 -23.33
CA ILE A 133 6.22 12.26 -23.37
C ILE A 133 7.39 12.02 -24.32
N SER A 134 8.13 10.94 -24.07
CA SER A 134 9.28 10.60 -24.89
C SER A 134 8.83 9.87 -26.17
N GLN A 135 8.22 10.61 -27.08
CA GLN A 135 7.73 10.04 -28.33
C GLN A 135 7.30 11.14 -29.29
N SER A 136 6.32 11.93 -28.88
CA SER A 136 5.80 13.01 -29.71
C SER A 136 4.77 13.83 -28.95
N ARG A 137 4.92 15.16 -28.99
CA ARG A 137 4.00 16.05 -28.31
C ARG A 137 4.39 17.51 -28.52
N PRO A 138 3.42 18.42 -28.36
CA PRO A 138 3.65 19.86 -28.53
C PRO A 138 4.52 20.44 -27.43
N HIS A 139 5.82 20.24 -27.54
CA HIS A 139 6.76 20.75 -26.54
C HIS A 139 8.19 20.39 -26.91
N SER A 155 14.85 11.37 -5.13
CA SER A 155 15.20 10.05 -4.64
C SER A 155 14.09 9.49 -3.75
N ASN A 156 12.86 9.94 -3.99
CA ASN A 156 11.71 9.49 -3.21
C ASN A 156 11.38 8.04 -3.52
N LEU A 157 11.43 7.69 -4.80
CA LEU A 157 11.13 6.32 -5.23
C LEU A 157 11.96 5.31 -4.46
N SER A 158 13.28 5.36 -4.65
CA SER A 158 14.18 4.44 -3.97
C SER A 158 13.95 4.46 -2.46
N GLU A 159 13.56 5.62 -1.95
CA GLU A 159 13.31 5.78 -0.52
C GLU A 159 12.26 4.78 -0.04
N LEU A 160 11.22 4.58 -0.86
CA LEU A 160 10.15 3.65 -0.52
C LEU A 160 10.60 2.21 -0.73
N ASP A 161 11.25 1.95 -1.87
CA ASP A 161 11.74 0.62 -2.19
C ASP A 161 12.68 0.10 -1.10
N ARG A 162 13.60 0.96 -0.68
CA ARG A 162 14.57 0.59 0.36
C ARG A 162 13.85 0.21 1.65
N LEU A 163 13.02 1.12 2.14
CA LEU A 163 12.27 0.89 3.38
C LEU A 163 11.53 -0.45 3.32
N LEU A 164 10.91 -0.73 2.17
CA LEU A 164 10.17 -1.97 1.99
C LEU A 164 11.05 -3.19 2.29
N LEU A 165 12.25 -3.20 1.70
CA LEU A 165 13.18 -4.30 1.92
C LEU A 165 13.40 -4.55 3.40
N GLU A 166 13.51 -3.48 4.18
CA GLU A 166 13.72 -3.59 5.61
C GLU A 166 12.60 -4.39 6.26
N LEU A 167 11.36 -4.05 5.92
CA LEU A 167 10.20 -4.73 6.47
C LEU A 167 10.33 -6.24 6.30
N ASN A 168 10.76 -6.67 5.12
CA ASN A 168 10.93 -8.09 4.83
C ASN A 168 11.93 -8.72 5.78
N ALA A 169 13.09 -8.08 5.92
CA ALA A 169 14.14 -8.57 6.80
C ALA A 169 13.66 -8.63 8.25
N VAL A 170 12.89 -7.63 8.65
CA VAL A 170 12.36 -7.56 10.01
C VAL A 170 11.63 -8.85 10.38
N GLN A 171 10.79 -9.33 9.47
CA GLN A 171 10.04 -10.56 9.70
C GLN A 171 10.97 -11.76 9.82
N HIS A 172 12.00 -11.79 8.98
CA HIS A 172 12.96 -12.88 9.00
C HIS A 172 13.50 -13.12 10.40
N ASN A 173 13.94 -12.04 11.05
CA ASN A 173 14.49 -12.13 12.40
C ASN A 173 14.75 -10.74 12.97
N PRO A 174 14.85 -10.66 14.31
CA PRO A 174 15.09 -9.40 15.00
C PRO A 174 16.51 -8.87 14.77
N PRO A 175 16.75 -7.60 15.16
CA PRO A 175 18.05 -6.96 15.00
C PRO A 175 19.10 -7.55 15.93
N SER A 176 18.64 -8.26 16.96
CA SER A 176 19.55 -8.88 17.93
C SER A 176 18.91 -10.11 18.55
N MET A 1 -6.66 27.80 -17.02
CA MET A 1 -6.78 27.30 -15.66
C MET A 1 -5.40 27.16 -15.02
N ALA A 2 -4.63 26.19 -15.51
CA ALA A 2 -3.29 25.94 -14.99
C ALA A 2 -3.32 25.75 -13.47
N ASN A 3 -3.87 24.62 -13.04
CA ASN A 3 -3.96 24.32 -11.60
C ASN A 3 -4.56 22.94 -11.38
N LEU A 4 -4.28 22.02 -12.29
CA LEU A 4 -4.80 20.66 -12.18
C LEU A 4 -3.73 19.70 -11.67
N ASP A 5 -2.79 20.25 -10.91
CA ASP A 5 -1.71 19.44 -10.34
C ASP A 5 -2.00 19.10 -8.88
N ARG A 6 -3.27 18.86 -8.57
CA ARG A 6 -3.68 18.53 -7.21
C ARG A 6 -3.96 17.03 -7.08
N SER A 7 -4.73 16.50 -8.02
CA SER A 7 -5.10 15.08 -8.02
C SER A 7 -3.92 14.23 -8.46
N ASN A 8 -3.20 14.70 -9.48
CA ASN A 8 -2.04 13.98 -10.00
C ASN A 8 -1.00 13.75 -8.91
N ASP A 9 -1.01 14.62 -7.91
CA ASP A 9 -0.06 14.51 -6.80
C ASP A 9 -0.64 13.68 -5.67
N LYS A 10 -1.97 13.67 -5.57
CA LYS A 10 -2.65 12.91 -4.53
C LYS A 10 -2.32 11.43 -4.63
N VAL A 11 -2.57 10.84 -5.80
CA VAL A 11 -2.29 9.43 -6.02
C VAL A 11 -0.80 9.13 -5.88
N TYR A 12 0.03 10.07 -6.33
CA TYR A 12 1.48 9.91 -6.26
C TYR A 12 1.97 10.08 -4.83
N GLU A 13 1.14 10.70 -3.98
CA GLU A 13 1.49 10.92 -2.59
C GLU A 13 1.04 9.76 -1.72
N ASN A 14 -0.24 9.41 -1.82
CA ASN A 14 -0.79 8.32 -1.03
C ASN A 14 0.04 7.05 -1.21
N VAL A 15 0.51 6.82 -2.43
CA VAL A 15 1.32 5.64 -2.73
C VAL A 15 2.51 5.54 -1.78
N THR A 16 2.94 6.68 -1.26
CA THR A 16 4.07 6.71 -0.34
C THR A 16 3.60 6.59 1.11
N GLY A 17 2.62 7.41 1.48
CA GLY A 17 2.10 7.38 2.83
C GLY A 17 1.71 5.98 3.27
N LEU A 18 0.91 5.31 2.45
CA LEU A 18 0.46 3.96 2.76
C LEU A 18 1.64 3.05 3.06
N VAL A 19 2.75 3.26 2.35
CA VAL A 19 3.95 2.47 2.54
C VAL A 19 4.56 2.71 3.92
N LYS A 20 4.73 3.97 4.27
CA LYS A 20 5.30 4.34 5.55
C LYS A 20 4.56 3.66 6.70
N ALA A 21 3.28 3.40 6.48
CA ALA A 21 2.44 2.75 7.48
C ALA A 21 2.80 1.28 7.62
N VAL A 22 2.95 0.60 6.48
CA VAL A 22 3.28 -0.82 6.47
C VAL A 22 4.59 -1.07 7.22
N ILE A 23 5.54 -0.16 7.08
CA ILE A 23 6.83 -0.29 7.75
C ILE A 23 6.72 0.09 9.22
N GLU A 24 6.29 1.32 9.48
CA GLU A 24 6.14 1.81 10.85
C GLU A 24 5.33 0.83 11.69
N MET A 25 4.19 0.41 11.14
CA MET A 25 3.32 -0.53 11.84
C MET A 25 4.06 -1.81 12.20
N SER A 26 4.80 -2.34 11.25
CA SER A 26 5.57 -3.57 11.46
C SER A 26 6.62 -3.37 12.55
N SER A 27 6.94 -2.11 12.84
CA SER A 27 7.93 -1.78 13.85
C SER A 27 7.37 -2.00 15.25
N LYS A 28 6.24 -1.35 15.53
CA LYS A 28 5.59 -1.46 16.83
C LYS A 28 4.43 -2.45 16.78
N ILE A 29 4.46 -3.34 15.80
CA ILE A 29 3.40 -4.34 15.63
C ILE A 29 3.31 -5.24 16.85
N GLN A 30 4.46 -5.61 17.41
CA GLN A 30 4.51 -6.48 18.57
C GLN A 30 3.86 -5.80 19.77
N PRO A 31 4.42 -4.65 20.18
CA PRO A 31 3.92 -3.88 21.32
C PRO A 31 2.57 -3.23 21.03
N ALA A 32 2.13 -3.32 19.77
CA ALA A 32 0.86 -2.74 19.37
C ALA A 32 -0.25 -3.09 20.35
N PRO A 33 -0.67 -2.11 21.15
CA PRO A 33 -1.72 -2.29 22.16
C PRO A 33 -3.10 -2.49 21.52
N PRO A 34 -4.08 -2.90 22.34
CA PRO A 34 -5.45 -3.13 21.88
C PRO A 34 -6.17 -1.83 21.51
N GLU A 35 -5.63 -0.71 21.98
CA GLU A 35 -6.22 0.59 21.70
C GLU A 35 -5.71 1.13 20.36
N GLU A 36 -4.54 0.66 19.94
CA GLU A 36 -3.95 1.11 18.69
C GLU A 36 -4.28 0.14 17.56
N TYR A 37 -4.73 -1.05 17.91
CA TYR A 37 -5.08 -2.07 16.93
C TYR A 37 -6.42 -1.74 16.26
N VAL A 38 -7.32 -1.14 17.02
CA VAL A 38 -8.63 -0.75 16.50
C VAL A 38 -8.49 0.24 15.36
N PRO A 39 -7.85 1.39 15.63
CA PRO A 39 -7.64 2.44 14.63
C PRO A 39 -6.65 2.02 13.55
N MET A 40 -5.71 1.16 13.91
CA MET A 40 -4.70 0.68 12.97
C MET A 40 -5.36 0.14 11.70
N VAL A 41 -6.49 -0.53 11.87
CA VAL A 41 -7.23 -1.09 10.73
C VAL A 41 -7.72 0.01 9.80
N LYS A 42 -8.35 1.02 10.37
CA LYS A 42 -8.87 2.14 9.58
C LYS A 42 -7.76 2.77 8.75
N GLU A 43 -6.55 2.80 9.30
CA GLU A 43 -5.40 3.38 8.60
C GLU A 43 -5.14 2.65 7.30
N VAL A 44 -4.73 1.38 7.40
CA VAL A 44 -4.43 0.57 6.22
C VAL A 44 -5.65 0.44 5.33
N GLY A 45 -6.80 0.17 5.94
CA GLY A 45 -8.03 0.02 5.18
C GLY A 45 -8.36 1.26 4.36
N LEU A 46 -7.98 2.43 4.88
CA LEU A 46 -8.23 3.69 4.19
C LEU A 46 -7.36 3.81 2.95
N ALA A 47 -6.13 3.34 3.04
CA ALA A 47 -5.20 3.39 1.91
C ALA A 47 -5.75 2.64 0.70
N LEU A 48 -6.26 1.44 0.95
CA LEU A 48 -6.83 0.62 -0.12
C LEU A 48 -8.06 1.29 -0.73
N ARG A 49 -9.02 1.62 0.13
CA ARG A 49 -10.25 2.26 -0.33
C ARG A 49 -9.94 3.55 -1.08
N THR A 50 -8.98 4.32 -0.58
CA THR A 50 -8.59 5.57 -1.20
C THR A 50 -7.86 5.34 -2.52
N LEU A 51 -7.02 4.30 -2.54
CA LEU A 51 -6.26 3.96 -3.74
C LEU A 51 -7.18 3.84 -4.95
N LEU A 52 -8.33 3.22 -4.75
CA LEU A 52 -9.31 3.05 -5.83
C LEU A 52 -9.66 4.39 -6.46
N ALA A 53 -9.91 5.38 -5.62
CA ALA A 53 -10.26 6.71 -6.11
C ALA A 53 -9.05 7.41 -6.70
N THR A 54 -7.93 7.38 -5.98
CA THR A 54 -6.70 8.01 -6.44
C THR A 54 -6.33 7.55 -7.84
N VAL A 55 -6.31 6.23 -8.04
CA VAL A 55 -5.98 5.66 -9.34
C VAL A 55 -7.02 6.02 -10.39
N ASP A 56 -8.28 6.08 -9.96
CA ASP A 56 -9.37 6.41 -10.87
C ASP A 56 -9.07 7.70 -11.64
N GLU A 57 -8.61 8.71 -10.92
CA GLU A 57 -8.28 9.99 -11.54
C GLU A 57 -6.91 9.94 -12.19
N SER A 58 -6.14 8.91 -11.87
CA SER A 58 -4.81 8.75 -12.43
C SER A 58 -4.88 8.31 -13.90
N LEU A 59 -5.99 7.68 -14.26
CA LEU A 59 -6.19 7.22 -15.62
C LEU A 59 -5.88 8.31 -16.63
N PRO A 60 -6.63 9.42 -16.54
CA PRO A 60 -6.45 10.57 -17.44
C PRO A 60 -5.14 11.31 -17.19
N VAL A 61 -4.81 11.49 -15.91
CA VAL A 61 -3.57 12.18 -15.53
C VAL A 61 -2.38 11.59 -16.26
N LEU A 62 -2.45 10.31 -16.58
CA LEU A 62 -1.37 9.62 -17.28
C LEU A 62 -1.81 9.18 -18.67
N PRO A 63 -0.82 8.93 -19.56
CA PRO A 63 -1.09 8.50 -20.93
C PRO A 63 -1.63 7.08 -20.99
N ALA A 64 -2.68 6.88 -21.78
CA ALA A 64 -3.29 5.58 -21.93
C ALA A 64 -2.25 4.53 -22.30
N SER A 65 -2.16 3.48 -21.49
CA SER A 65 -1.19 2.41 -21.73
C SER A 65 -1.27 1.36 -20.62
N THR A 66 -1.57 1.80 -19.41
CA THR A 66 -1.66 0.90 -18.26
C THR A 66 -3.10 0.80 -17.76
N HIS A 67 -4.06 1.03 -18.67
CA HIS A 67 -5.46 0.96 -18.32
C HIS A 67 -5.83 -0.42 -17.79
N ARG A 68 -5.40 -1.46 -18.49
CA ARG A 68 -5.67 -2.83 -18.09
C ARG A 68 -5.30 -3.07 -16.64
N GLU A 69 -4.02 -2.82 -16.32
CA GLU A 69 -3.54 -3.00 -14.96
C GLU A 69 -4.30 -2.12 -13.98
N ILE A 70 -4.61 -0.90 -14.40
CA ILE A 70 -5.35 0.04 -13.57
C ILE A 70 -6.73 -0.50 -13.20
N GLU A 71 -7.46 -0.97 -14.21
CA GLU A 71 -8.78 -1.52 -14.00
C GLU A 71 -8.74 -2.72 -13.06
N MET A 72 -7.90 -3.70 -13.40
CA MET A 72 -7.76 -4.90 -12.59
C MET A 72 -7.24 -4.55 -11.19
N ALA A 73 -6.50 -3.45 -11.11
CA ALA A 73 -5.94 -3.02 -9.83
C ALA A 73 -7.04 -2.58 -8.87
N GLN A 74 -8.11 -2.02 -9.42
CA GLN A 74 -9.22 -1.55 -8.61
C GLN A 74 -9.78 -2.68 -7.75
N LYS A 75 -10.46 -3.63 -8.39
CA LYS A 75 -11.04 -4.77 -7.68
C LYS A 75 -9.96 -5.54 -6.91
N LEU A 76 -8.78 -5.63 -7.50
CA LEU A 76 -7.66 -6.34 -6.87
C LEU A 76 -7.41 -5.82 -5.45
N LEU A 77 -7.13 -4.52 -5.35
CA LEU A 77 -6.88 -3.90 -4.05
C LEU A 77 -8.01 -4.20 -3.07
N ASN A 78 -9.24 -4.12 -3.57
CA ASN A 78 -10.41 -4.40 -2.74
C ASN A 78 -10.28 -5.73 -2.01
N SER A 79 -9.96 -6.78 -2.78
CA SER A 79 -9.81 -8.11 -2.20
C SER A 79 -8.83 -8.09 -1.04
N ASP A 80 -7.65 -7.51 -1.27
CA ASP A 80 -6.63 -7.44 -0.24
C ASP A 80 -7.17 -6.74 1.01
N LEU A 81 -7.84 -5.61 0.80
CA LEU A 81 -8.40 -4.84 1.91
C LEU A 81 -9.26 -5.73 2.81
N ALA A 82 -10.27 -6.35 2.22
CA ALA A 82 -11.17 -7.23 2.97
C ALA A 82 -10.38 -8.32 3.69
N GLU A 83 -9.31 -8.79 3.07
CA GLU A 83 -8.47 -9.82 3.66
C GLU A 83 -7.80 -9.33 4.93
N LEU A 84 -7.25 -8.12 4.87
CA LEU A 84 -6.58 -7.52 6.02
C LEU A 84 -7.57 -7.26 7.15
N ILE A 85 -8.62 -6.51 6.86
CA ILE A 85 -9.64 -6.19 7.85
C ILE A 85 -10.17 -7.46 8.52
N ASN A 86 -10.46 -8.48 7.72
CA ASN A 86 -10.98 -9.74 8.24
C ASN A 86 -9.95 -10.40 9.14
N LYS A 87 -8.76 -10.67 8.59
CA LYS A 87 -7.69 -11.31 9.35
C LYS A 87 -7.43 -10.57 10.65
N MET A 88 -7.53 -9.24 10.61
CA MET A 88 -7.31 -8.42 11.79
C MET A 88 -8.35 -8.72 12.87
N LYS A 89 -9.62 -8.76 12.47
CA LYS A 89 -10.70 -9.03 13.39
C LYS A 89 -10.44 -10.32 14.18
N LEU A 90 -9.81 -11.29 13.52
CA LEU A 90 -9.49 -12.55 14.17
C LEU A 90 -8.46 -12.37 15.27
N ALA A 91 -7.33 -11.76 14.92
CA ALA A 91 -6.26 -11.52 15.87
C ALA A 91 -6.79 -10.81 17.12
N GLN A 92 -7.79 -9.96 16.92
CA GLN A 92 -8.38 -9.22 18.04
C GLN A 92 -8.89 -10.17 19.11
N GLN A 93 -9.33 -11.36 18.69
CA GLN A 93 -9.84 -12.36 19.62
C GLN A 93 -8.81 -13.45 19.86
N TYR A 94 -7.90 -13.63 18.91
CA TYR A 94 -6.87 -14.64 19.01
C TYR A 94 -5.58 -14.05 19.57
N VAL A 95 -5.71 -12.97 20.33
CA VAL A 95 -4.55 -12.31 20.93
C VAL A 95 -4.54 -12.47 22.45
N MET A 96 -5.73 -12.43 23.05
CA MET A 96 -5.86 -12.57 24.49
C MET A 96 -5.67 -14.02 24.91
N THR A 97 -5.79 -14.93 23.95
CA THR A 97 -5.63 -16.36 24.22
C THR A 97 -4.15 -16.73 24.35
N SER A 98 -3.45 -16.77 23.22
CA SER A 98 -2.04 -17.12 23.22
C SER A 98 -1.47 -17.08 21.80
N LEU A 99 -2.30 -17.46 20.83
CA LEU A 99 -1.88 -17.47 19.43
C LEU A 99 -1.87 -16.06 18.86
N GLN A 100 -1.02 -15.19 19.42
CA GLN A 100 -0.91 -13.81 18.96
C GLN A 100 0.22 -13.67 17.96
N GLN A 101 1.42 -14.09 18.35
CA GLN A 101 2.59 -14.00 17.49
C GLN A 101 2.30 -14.60 16.11
N GLU A 102 1.54 -15.69 16.10
CA GLU A 102 1.19 -16.37 14.86
C GLU A 102 0.62 -15.38 13.85
N TYR A 103 -0.49 -14.75 14.21
CA TYR A 103 -1.14 -13.79 13.33
C TYR A 103 -0.16 -12.70 12.90
N LYS A 104 0.82 -12.41 13.75
CA LYS A 104 1.82 -11.39 13.46
C LYS A 104 2.64 -11.78 12.23
N LYS A 105 3.09 -13.02 12.19
CA LYS A 105 3.89 -13.51 11.07
C LYS A 105 3.11 -13.41 9.76
N GLN A 106 1.94 -14.04 9.73
CA GLN A 106 1.10 -14.02 8.53
C GLN A 106 0.71 -12.58 8.17
N MET A 107 0.44 -11.77 9.19
CA MET A 107 0.06 -10.38 8.96
C MET A 107 1.10 -9.66 8.12
N LEU A 108 2.36 -9.76 8.53
CA LEU A 108 3.46 -9.12 7.82
C LEU A 108 3.47 -9.55 6.35
N THR A 109 3.25 -10.83 6.11
CA THR A 109 3.23 -11.37 4.75
C THR A 109 2.31 -10.57 3.85
N ALA A 110 1.06 -10.39 4.30
CA ALA A 110 0.08 -9.64 3.54
C ALA A 110 0.53 -8.20 3.33
N ALA A 111 0.83 -7.51 4.42
CA ALA A 111 1.29 -6.13 4.36
C ALA A 111 2.50 -5.98 3.45
N HIS A 112 3.28 -7.06 3.33
CA HIS A 112 4.47 -7.05 2.50
C HIS A 112 4.11 -6.84 1.03
N ALA A 113 3.23 -7.69 0.51
CA ALA A 113 2.80 -7.60 -0.87
C ALA A 113 2.00 -6.33 -1.11
N LEU A 114 1.30 -5.87 -0.08
CA LEU A 114 0.50 -4.66 -0.17
C LEU A 114 1.36 -3.45 -0.50
N ALA A 115 2.34 -3.18 0.35
CA ALA A 115 3.25 -2.06 0.15
C ALA A 115 3.85 -2.08 -1.25
N VAL A 116 4.40 -3.22 -1.63
CA VAL A 116 5.01 -3.38 -2.95
C VAL A 116 3.97 -3.20 -4.05
N ASP A 117 2.75 -3.66 -3.80
CA ASP A 117 1.67 -3.55 -4.77
C ASP A 117 1.35 -2.09 -5.07
N ALA A 118 0.92 -1.36 -4.05
CA ALA A 118 0.58 0.05 -4.20
C ALA A 118 1.72 0.81 -4.87
N LYS A 119 2.94 0.36 -4.63
CA LYS A 119 4.13 1.01 -5.21
C LYS A 119 4.26 0.67 -6.70
N ASN A 120 4.32 -0.62 -7.00
CA ASN A 120 4.46 -1.08 -8.38
C ASN A 120 3.37 -0.46 -9.25
N LEU A 121 2.22 -0.16 -8.65
CA LEU A 121 1.11 0.43 -9.38
C LEU A 121 1.55 1.69 -10.12
N LEU A 122 2.09 2.65 -9.38
CA LEU A 122 2.56 3.90 -9.97
C LEU A 122 3.82 3.68 -10.78
N ASP A 123 4.66 2.77 -10.31
CA ASP A 123 5.91 2.46 -11.00
C ASP A 123 5.65 2.01 -12.43
N VAL A 124 4.64 1.16 -12.60
CA VAL A 124 4.29 0.65 -13.92
C VAL A 124 3.80 1.77 -14.83
N ILE A 125 2.73 2.44 -14.41
CA ILE A 125 2.17 3.53 -15.20
C ILE A 125 3.22 4.61 -15.48
N ASP A 126 4.23 4.66 -14.63
CA ASP A 126 5.31 5.64 -14.78
C ASP A 126 5.94 5.54 -16.16
N GLN A 127 6.20 4.31 -16.60
CA GLN A 127 6.81 4.08 -17.90
C GLN A 127 5.95 4.68 -19.01
N ALA A 128 4.65 4.79 -18.75
CA ALA A 128 3.73 5.33 -19.73
C ALA A 128 3.90 6.84 -19.88
N ARG A 129 4.06 7.52 -18.75
CA ARG A 129 4.24 8.97 -18.75
C ARG A 129 5.44 9.37 -19.61
N LEU A 130 6.58 8.73 -19.36
CA LEU A 130 7.79 9.01 -20.12
C LEU A 130 7.66 8.53 -21.56
N LYS A 131 6.94 7.44 -21.75
CA LYS A 131 6.73 6.88 -23.08
C LYS A 131 6.13 7.92 -24.03
N MET A 132 5.29 8.79 -23.49
CA MET A 132 4.64 9.83 -24.27
C MET A 132 5.58 11.03 -24.44
N ILE A 133 6.16 11.47 -23.33
CA ILE A 133 7.06 12.62 -23.36
C ILE A 133 8.18 12.41 -24.37
N SER A 134 8.93 11.33 -24.21
CA SER A 134 10.03 11.02 -25.12
C SER A 134 9.52 10.32 -26.37
N GLN A 135 8.67 11.02 -27.12
CA GLN A 135 8.11 10.47 -28.35
C GLN A 135 7.30 11.53 -29.10
N SER A 136 6.25 12.02 -28.45
CA SER A 136 5.38 13.03 -29.06
C SER A 136 4.27 13.44 -28.09
N ARG A 137 3.88 14.71 -28.16
CA ARG A 137 2.83 15.23 -27.30
C ARG A 137 3.15 14.97 -25.83
N PRO A 138 4.12 15.72 -25.29
CA PRO A 138 4.55 15.60 -23.89
C PRO A 138 3.48 16.08 -22.92
N HIS A 139 3.15 15.24 -21.93
CA HIS A 139 2.14 15.59 -20.93
C HIS A 139 2.57 15.11 -19.55
N SER A 155 8.01 6.59 -1.70
CA SER A 155 8.23 7.41 -2.88
C SER A 155 8.61 6.55 -4.09
N ASN A 156 8.17 5.30 -4.07
CA ASN A 156 8.45 4.37 -5.15
C ASN A 156 9.95 4.30 -5.44
N LEU A 157 10.31 3.66 -6.54
CA LEU A 157 11.72 3.52 -6.91
C LEU A 157 12.49 2.73 -5.87
N SER A 158 13.82 2.72 -6.01
CA SER A 158 14.67 2.00 -5.07
C SER A 158 14.35 2.38 -3.63
N GLU A 159 13.89 3.61 -3.44
CA GLU A 159 13.54 4.09 -2.10
C GLU A 159 12.59 3.13 -1.41
N LEU A 160 11.45 2.87 -2.03
CA LEU A 160 10.45 1.98 -1.47
C LEU A 160 10.98 0.55 -1.41
N ASP A 161 11.87 0.21 -2.33
CA ASP A 161 12.46 -1.13 -2.38
C ASP A 161 13.30 -1.39 -1.12
N ARG A 162 14.12 -0.42 -0.74
CA ARG A 162 14.97 -0.55 0.43
C ARG A 162 14.12 -0.78 1.68
N LEU A 163 13.13 0.07 1.88
CA LEU A 163 12.25 -0.03 3.05
C LEU A 163 11.70 -1.45 3.17
N LEU A 164 11.18 -1.97 2.07
CA LEU A 164 10.61 -3.32 2.06
C LEU A 164 11.64 -4.34 2.54
N LEU A 165 12.87 -4.19 2.09
CA LEU A 165 13.95 -5.11 2.46
C LEU A 165 14.02 -5.26 3.98
N GLU A 166 13.98 -4.13 4.69
CA GLU A 166 14.04 -4.13 6.14
C GLU A 166 12.87 -4.93 6.73
N LEU A 167 11.70 -4.78 6.15
CA LEU A 167 10.51 -5.47 6.61
C LEU A 167 10.77 -6.97 6.72
N ASN A 168 11.40 -7.53 5.69
CA ASN A 168 11.72 -8.96 5.67
C ASN A 168 12.64 -9.32 6.83
N ALA A 169 13.71 -8.55 7.01
CA ALA A 169 14.66 -8.80 8.07
C ALA A 169 14.00 -8.74 9.44
N VAL A 170 13.06 -7.80 9.59
CA VAL A 170 12.34 -7.64 10.85
C VAL A 170 11.58 -8.91 11.21
N GLN A 171 11.04 -9.58 10.21
CA GLN A 171 10.29 -10.81 10.42
C GLN A 171 11.18 -11.91 11.00
N HIS A 172 12.33 -12.11 10.37
CA HIS A 172 13.28 -13.12 10.81
C HIS A 172 13.59 -12.96 12.30
N ASN A 173 13.88 -11.72 12.71
CA ASN A 173 14.20 -11.43 14.10
C ASN A 173 14.45 -9.94 14.30
N PRO A 174 14.36 -9.49 15.55
CA PRO A 174 14.59 -8.07 15.91
C PRO A 174 16.04 -7.67 15.77
N PRO A 175 16.30 -6.35 15.82
CA PRO A 175 17.65 -5.80 15.70
C PRO A 175 18.52 -6.11 16.92
N SER A 176 19.03 -7.34 16.97
CA SER A 176 19.86 -7.77 18.09
C SER A 176 20.88 -8.81 17.63
N MET A 1 -9.06 23.71 -10.20
CA MET A 1 -9.49 23.38 -11.55
C MET A 1 -8.70 24.20 -12.57
N ALA A 2 -7.38 24.12 -12.50
CA ALA A 2 -6.51 24.84 -13.42
C ALA A 2 -5.74 23.87 -14.31
N ASN A 3 -4.85 23.08 -13.70
CA ASN A 3 -4.05 22.12 -14.45
C ASN A 3 -4.42 20.70 -14.07
N LEU A 4 -3.82 19.72 -14.75
CA LEU A 4 -4.09 18.32 -14.48
C LEU A 4 -2.97 17.70 -13.66
N ASP A 5 -2.30 18.53 -12.87
CA ASP A 5 -1.19 18.06 -12.03
C ASP A 5 -1.63 17.97 -10.57
N ARG A 6 -2.93 17.77 -10.36
CA ARG A 6 -3.47 17.67 -9.02
C ARG A 6 -3.76 16.21 -8.65
N SER A 7 -4.43 15.50 -9.55
CA SER A 7 -4.77 14.10 -9.33
C SER A 7 -3.54 13.21 -9.49
N ASN A 8 -2.71 13.54 -10.47
CA ASN A 8 -1.50 12.77 -10.74
C ASN A 8 -0.60 12.73 -9.51
N ASP A 9 -0.72 13.74 -8.66
CA ASP A 9 0.08 13.82 -7.44
C ASP A 9 -0.65 13.16 -6.27
N LYS A 10 -1.97 13.22 -6.29
CA LYS A 10 -2.78 12.63 -5.24
C LYS A 10 -2.54 11.12 -5.14
N VAL A 11 -2.74 10.43 -6.25
CA VAL A 11 -2.53 8.98 -6.28
C VAL A 11 -1.07 8.62 -6.05
N TYR A 12 -0.18 9.47 -6.53
CA TYR A 12 1.26 9.26 -6.37
C TYR A 12 1.70 9.52 -4.94
N GLU A 13 0.90 10.29 -4.21
CA GLU A 13 1.20 10.62 -2.82
C GLU A 13 0.82 9.47 -1.90
N ASN A 14 -0.43 9.03 -1.99
CA ASN A 14 -0.93 7.94 -1.17
C ASN A 14 0.02 6.73 -1.23
N VAL A 15 0.56 6.48 -2.43
CA VAL A 15 1.47 5.37 -2.62
C VAL A 15 2.59 5.38 -1.58
N THR A 16 2.93 6.57 -1.11
CA THR A 16 3.99 6.72 -0.12
C THR A 16 3.43 6.65 1.29
N GLY A 17 2.38 7.42 1.55
CA GLY A 17 1.76 7.43 2.87
C GLY A 17 1.42 6.03 3.36
N LEU A 18 0.71 5.27 2.54
CA LEU A 18 0.31 3.90 2.90
C LEU A 18 1.52 3.10 3.33
N VAL A 19 2.65 3.32 2.66
CA VAL A 19 3.89 2.61 2.97
C VAL A 19 4.38 2.97 4.38
N LYS A 20 4.36 4.25 4.70
CA LYS A 20 4.82 4.72 6.00
C LYS A 20 4.11 3.97 7.12
N ALA A 21 2.83 3.69 6.93
CA ALA A 21 2.04 2.97 7.92
C ALA A 21 2.36 1.48 7.90
N VAL A 22 2.36 0.89 6.70
CA VAL A 22 2.64 -0.53 6.53
C VAL A 22 3.99 -0.89 7.17
N ILE A 23 4.96 -0.01 6.99
CA ILE A 23 6.30 -0.23 7.54
C ILE A 23 6.34 0.07 9.03
N GLU A 24 5.90 1.27 9.40
CA GLU A 24 5.88 1.69 10.80
C GLU A 24 5.17 0.64 11.67
N MET A 25 4.01 0.20 11.21
CA MET A 25 3.23 -0.79 11.94
C MET A 25 4.06 -2.06 12.17
N SER A 26 4.71 -2.53 11.12
CA SER A 26 5.53 -3.74 11.20
C SER A 26 6.67 -3.55 12.20
N SER A 27 6.98 -2.29 12.51
CA SER A 27 8.05 -1.98 13.44
C SER A 27 7.62 -2.28 14.88
N LYS A 28 6.53 -1.66 15.30
CA LYS A 28 6.02 -1.86 16.65
C LYS A 28 4.84 -2.83 16.65
N ILE A 29 4.81 -3.71 15.65
CA ILE A 29 3.74 -4.69 15.53
C ILE A 29 3.72 -5.62 16.74
N GLN A 30 4.90 -6.01 17.20
CA GLN A 30 5.01 -6.90 18.35
C GLN A 30 4.44 -6.24 19.60
N PRO A 31 5.04 -5.11 20.00
CA PRO A 31 4.61 -4.37 21.18
C PRO A 31 3.25 -3.70 20.99
N ALA A 32 2.74 -3.77 19.77
CA ALA A 32 1.43 -3.18 19.45
C ALA A 32 0.39 -3.55 20.50
N PRO A 33 0.03 -2.56 21.34
CA PRO A 33 -0.95 -2.76 22.41
C PRO A 33 -2.37 -2.94 21.86
N PRO A 34 -3.30 -3.36 22.73
CA PRO A 34 -4.69 -3.59 22.35
C PRO A 34 -5.43 -2.28 22.06
N GLU A 35 -4.86 -1.17 22.52
CA GLU A 35 -5.46 0.14 22.30
C GLU A 35 -5.04 0.72 20.95
N GLU A 36 -3.90 0.25 20.44
CA GLU A 36 -3.39 0.72 19.16
C GLU A 36 -3.82 -0.20 18.04
N TYR A 37 -4.27 -1.41 18.40
CA TYR A 37 -4.71 -2.39 17.41
C TYR A 37 -6.08 -2.00 16.84
N VAL A 38 -6.92 -1.41 17.69
CA VAL A 38 -8.25 -1.00 17.28
C VAL A 38 -8.19 0.02 16.15
N PRO A 39 -7.49 1.14 16.41
CA PRO A 39 -7.34 2.22 15.42
C PRO A 39 -6.45 1.81 14.25
N MET A 40 -5.49 0.93 14.53
CA MET A 40 -4.57 0.47 13.50
C MET A 40 -5.33 -0.03 12.28
N VAL A 41 -6.46 -0.68 12.51
CA VAL A 41 -7.29 -1.20 11.42
C VAL A 41 -7.81 -0.07 10.54
N LYS A 42 -8.39 0.94 11.16
CA LYS A 42 -8.92 2.09 10.43
C LYS A 42 -7.86 2.71 9.53
N GLU A 43 -6.63 2.73 10.01
CA GLU A 43 -5.51 3.29 9.25
C GLU A 43 -5.32 2.55 7.93
N VAL A 44 -4.94 1.28 8.03
CA VAL A 44 -4.72 0.45 6.86
C VAL A 44 -5.97 0.38 6.00
N GLY A 45 -7.12 0.16 6.64
CA GLY A 45 -8.37 0.07 5.92
C GLY A 45 -8.65 1.31 5.08
N LEU A 46 -8.15 2.45 5.54
CA LEU A 46 -8.34 3.71 4.82
C LEU A 46 -7.49 3.75 3.55
N ALA A 47 -6.27 3.24 3.65
CA ALA A 47 -5.36 3.22 2.52
C ALA A 47 -5.96 2.46 1.34
N LEU A 48 -6.46 1.25 1.60
CA LEU A 48 -7.07 0.43 0.56
C LEU A 48 -8.29 1.12 -0.03
N ARG A 49 -9.24 1.48 0.83
CA ARG A 49 -10.46 2.15 0.39
C ARG A 49 -10.14 3.40 -0.41
N THR A 50 -9.12 4.14 0.01
CA THR A 50 -8.71 5.35 -0.67
C THR A 50 -8.03 5.03 -2.00
N LEU A 51 -7.24 3.95 -2.02
CA LEU A 51 -6.55 3.55 -3.23
C LEU A 51 -7.50 3.44 -4.41
N LEU A 52 -8.68 2.87 -4.16
CA LEU A 52 -9.68 2.71 -5.20
C LEU A 52 -10.05 4.06 -5.81
N ALA A 53 -10.26 5.06 -4.95
CA ALA A 53 -10.62 6.39 -5.40
C ALA A 53 -9.44 7.07 -6.11
N THR A 54 -8.26 6.97 -5.50
CA THR A 54 -7.06 7.56 -6.06
C THR A 54 -6.80 7.04 -7.47
N VAL A 55 -6.73 5.72 -7.60
CA VAL A 55 -6.48 5.09 -8.90
C VAL A 55 -7.62 5.35 -9.87
N ASP A 56 -8.85 5.37 -9.33
CA ASP A 56 -10.03 5.62 -10.15
C ASP A 56 -9.87 6.88 -10.99
N GLU A 57 -9.27 7.90 -10.39
CA GLU A 57 -9.06 9.17 -11.09
C GLU A 57 -7.73 9.15 -11.85
N SER A 58 -6.89 8.18 -11.53
CA SER A 58 -5.59 8.06 -12.17
C SER A 58 -5.74 7.56 -13.61
N LEU A 59 -6.84 6.88 -13.89
CA LEU A 59 -7.10 6.35 -15.22
C LEU A 59 -6.91 7.43 -16.28
N PRO A 60 -7.70 8.50 -16.18
CA PRO A 60 -7.63 9.63 -17.12
C PRO A 60 -6.35 10.44 -16.96
N VAL A 61 -5.90 10.61 -15.72
CA VAL A 61 -4.69 11.36 -15.44
C VAL A 61 -3.53 10.87 -16.31
N LEU A 62 -3.50 9.58 -16.59
CA LEU A 62 -2.46 9.00 -17.42
C LEU A 62 -3.01 8.54 -18.76
N PRO A 63 -2.12 8.38 -19.75
CA PRO A 63 -2.49 7.96 -21.10
C PRO A 63 -2.94 6.50 -21.14
N ALA A 64 -4.06 6.24 -21.80
CA ALA A 64 -4.59 4.88 -21.92
C ALA A 64 -3.53 3.92 -22.46
N SER A 65 -3.24 2.89 -21.70
CA SER A 65 -2.24 1.90 -22.09
C SER A 65 -2.07 0.84 -21.01
N THR A 66 -2.23 1.24 -19.75
CA THR A 66 -2.09 0.32 -18.63
C THR A 66 -3.43 0.10 -17.94
N HIS A 67 -4.51 0.25 -18.70
CA HIS A 67 -5.86 0.05 -18.16
C HIS A 67 -6.09 -1.40 -17.78
N ARG A 68 -5.42 -2.31 -18.48
CA ARG A 68 -5.55 -3.74 -18.23
C ARG A 68 -5.32 -4.04 -16.75
N GLU A 69 -4.14 -3.68 -16.25
CA GLU A 69 -3.80 -3.91 -14.85
C GLU A 69 -4.63 -3.04 -13.93
N ILE A 70 -4.89 -1.80 -14.37
CA ILE A 70 -5.67 -0.86 -13.59
C ILE A 70 -7.06 -1.43 -13.26
N GLU A 71 -7.71 -1.98 -14.27
CA GLU A 71 -9.04 -2.55 -14.10
C GLU A 71 -9.00 -3.70 -13.08
N MET A 72 -8.12 -4.67 -13.31
CA MET A 72 -7.99 -5.80 -12.42
C MET A 72 -7.57 -5.36 -11.03
N ALA A 73 -6.87 -4.23 -10.96
CA ALA A 73 -6.40 -3.69 -9.68
C ALA A 73 -7.57 -3.16 -8.85
N GLN A 74 -8.59 -2.66 -9.54
CA GLN A 74 -9.76 -2.12 -8.86
C GLN A 74 -10.44 -3.18 -8.00
N LYS A 75 -10.97 -4.21 -8.65
CA LYS A 75 -11.64 -5.30 -7.94
C LYS A 75 -10.68 -6.00 -6.98
N LEU A 76 -9.45 -6.24 -7.45
CA LEU A 76 -8.44 -6.90 -6.63
C LEU A 76 -8.20 -6.13 -5.34
N LEU A 77 -8.04 -4.82 -5.45
CA LEU A 77 -7.81 -3.97 -4.29
C LEU A 77 -8.87 -4.21 -3.22
N ASN A 78 -10.13 -4.20 -3.62
CA ASN A 78 -11.23 -4.42 -2.70
C ASN A 78 -11.02 -5.70 -1.89
N SER A 79 -10.69 -6.78 -2.59
CA SER A 79 -10.47 -8.07 -1.94
C SER A 79 -9.45 -7.94 -0.82
N ASP A 80 -8.32 -7.31 -1.12
CA ASP A 80 -7.26 -7.11 -0.13
C ASP A 80 -7.82 -6.48 1.14
N LEU A 81 -8.74 -5.54 0.97
CA LEU A 81 -9.35 -4.86 2.11
C LEU A 81 -10.08 -5.84 3.01
N ALA A 82 -11.18 -6.39 2.51
CA ALA A 82 -11.97 -7.36 3.27
C ALA A 82 -11.09 -8.49 3.81
N GLU A 83 -10.09 -8.89 3.01
CA GLU A 83 -9.19 -9.95 3.41
C GLU A 83 -8.38 -9.55 4.64
N LEU A 84 -7.80 -8.35 4.59
CA LEU A 84 -7.00 -7.85 5.70
C LEU A 84 -7.85 -7.63 6.95
N ILE A 85 -8.90 -6.83 6.81
CA ILE A 85 -9.80 -6.54 7.92
C ILE A 85 -10.32 -7.83 8.54
N ASN A 86 -10.67 -8.79 7.68
CA ASN A 86 -11.20 -10.08 8.14
C ASN A 86 -10.26 -10.70 9.18
N LYS A 87 -9.12 -11.20 8.71
CA LYS A 87 -8.14 -11.83 9.59
C LYS A 87 -7.79 -10.90 10.76
N MET A 88 -7.75 -9.61 10.48
CA MET A 88 -7.42 -8.62 11.51
C MET A 88 -8.39 -8.72 12.68
N LYS A 89 -9.69 -8.65 12.39
CA LYS A 89 -10.71 -8.73 13.42
C LYS A 89 -10.57 -10.01 14.24
N LEU A 90 -10.07 -11.05 13.60
CA LEU A 90 -9.87 -12.34 14.26
C LEU A 90 -8.76 -12.24 15.31
N ALA A 91 -7.60 -11.74 14.89
CA ALA A 91 -6.47 -11.58 15.80
C ALA A 91 -6.87 -10.83 17.07
N GLN A 92 -7.80 -9.90 16.92
CA GLN A 92 -8.27 -9.11 18.05
C GLN A 92 -8.82 -10.02 19.16
N GLN A 93 -9.36 -11.16 18.76
CA GLN A 93 -9.92 -12.11 19.72
C GLN A 93 -8.98 -13.30 19.92
N TYR A 94 -8.15 -13.54 18.92
CA TYR A 94 -7.20 -14.65 18.98
C TYR A 94 -5.83 -14.17 19.45
N VAL A 95 -5.83 -13.13 20.27
CA VAL A 95 -4.58 -12.56 20.80
C VAL A 95 -4.48 -12.79 22.31
N MET A 96 -5.60 -12.68 23.00
CA MET A 96 -5.64 -12.87 24.45
C MET A 96 -5.55 -14.35 24.80
N THR A 97 -5.80 -15.21 23.81
CA THR A 97 -5.74 -16.65 24.02
C THR A 97 -4.30 -17.14 24.05
N SER A 98 -3.67 -17.17 22.89
CA SER A 98 -2.29 -17.63 22.78
C SER A 98 -1.79 -17.54 21.33
N LEU A 99 -2.69 -17.78 20.39
CA LEU A 99 -2.35 -17.72 18.97
C LEU A 99 -2.27 -16.28 18.49
N GLN A 100 -1.37 -15.51 19.09
CA GLN A 100 -1.18 -14.11 18.72
C GLN A 100 -0.04 -13.97 17.72
N GLN A 101 1.13 -14.48 18.08
CA GLN A 101 2.30 -14.40 17.21
C GLN A 101 1.98 -14.91 15.81
N GLU A 102 1.11 -15.91 15.73
CA GLU A 102 0.71 -16.48 14.46
C GLU A 102 0.24 -15.40 13.49
N TYR A 103 -0.80 -14.68 13.87
CA TYR A 103 -1.35 -13.61 13.04
C TYR A 103 -0.28 -12.57 12.74
N LYS A 104 0.69 -12.43 13.64
CA LYS A 104 1.77 -11.47 13.47
C LYS A 104 2.60 -11.79 12.23
N LYS A 105 2.91 -13.07 12.06
CA LYS A 105 3.70 -13.52 10.92
C LYS A 105 2.96 -13.23 9.60
N GLN A 106 1.71 -13.68 9.54
CA GLN A 106 0.91 -13.47 8.34
C GLN A 106 0.74 -11.98 8.04
N MET A 107 0.58 -11.18 9.09
CA MET A 107 0.42 -9.75 8.93
C MET A 107 1.54 -9.16 8.07
N LEU A 108 2.78 -9.43 8.45
CA LEU A 108 3.94 -8.93 7.71
C LEU A 108 3.87 -9.35 6.24
N THR A 109 3.52 -10.61 6.01
CA THR A 109 3.41 -11.13 4.66
C THR A 109 2.43 -10.31 3.82
N ALA A 110 1.20 -10.20 4.31
CA ALA A 110 0.16 -9.44 3.62
C ALA A 110 0.57 -7.97 3.48
N ALA A 111 0.94 -7.35 4.58
CA ALA A 111 1.35 -5.96 4.58
C ALA A 111 2.43 -5.70 3.52
N HIS A 112 3.31 -6.67 3.33
CA HIS A 112 4.38 -6.56 2.35
C HIS A 112 3.82 -6.45 0.94
N ALA A 113 3.07 -7.46 0.52
CA ALA A 113 2.47 -7.47 -0.80
C ALA A 113 1.54 -6.28 -1.00
N LEU A 114 0.92 -5.84 0.09
CA LEU A 114 0.00 -4.71 0.04
C LEU A 114 0.72 -3.44 -0.39
N ALA A 115 1.71 -3.03 0.41
CA ALA A 115 2.48 -1.83 0.10
C ALA A 115 3.09 -1.91 -1.29
N VAL A 116 3.76 -3.02 -1.58
CA VAL A 116 4.40 -3.23 -2.87
C VAL A 116 3.38 -3.11 -4.00
N ASP A 117 2.17 -3.59 -3.75
CA ASP A 117 1.11 -3.55 -4.74
C ASP A 117 0.82 -2.10 -5.17
N ALA A 118 0.41 -1.28 -4.21
CA ALA A 118 0.10 0.11 -4.48
C ALA A 118 1.28 0.82 -5.15
N LYS A 119 2.48 0.34 -4.86
CA LYS A 119 3.70 0.92 -5.43
C LYS A 119 3.85 0.52 -6.90
N ASN A 120 3.99 -0.78 -7.13
CA ASN A 120 4.15 -1.29 -8.49
C ASN A 120 3.04 -0.76 -9.40
N LEU A 121 1.88 -0.50 -8.82
CA LEU A 121 0.74 0.00 -9.57
C LEU A 121 1.11 1.29 -10.32
N LEU A 122 1.55 2.29 -9.57
CA LEU A 122 1.93 3.57 -10.17
C LEU A 122 3.24 3.43 -10.95
N ASP A 123 4.14 2.58 -10.45
CA ASP A 123 5.42 2.36 -11.11
C ASP A 123 5.22 1.89 -12.54
N VAL A 124 4.29 0.97 -12.74
CA VAL A 124 4.01 0.43 -14.06
C VAL A 124 3.46 1.51 -14.99
N ILE A 125 2.33 2.10 -14.60
CA ILE A 125 1.72 3.15 -15.40
C ILE A 125 2.69 4.30 -15.66
N ASP A 126 3.68 4.43 -14.78
CA ASP A 126 4.69 5.48 -14.91
C ASP A 126 5.34 5.42 -16.29
N GLN A 127 5.65 4.22 -16.74
CA GLN A 127 6.29 4.02 -18.04
C GLN A 127 5.42 4.59 -19.16
N ALA A 128 4.11 4.62 -18.93
CA ALA A 128 3.19 5.14 -19.93
C ALA A 128 3.27 6.66 -20.02
N ARG A 129 3.34 7.31 -18.87
CA ARG A 129 3.42 8.77 -18.82
C ARG A 129 4.61 9.27 -19.63
N LEU A 130 5.76 8.66 -19.43
CA LEU A 130 6.98 9.05 -20.14
C LEU A 130 6.90 8.64 -21.61
N LYS A 131 6.20 7.54 -21.88
CA LYS A 131 6.03 7.05 -23.24
C LYS A 131 5.43 8.11 -24.14
N MET A 132 4.49 8.89 -23.59
CA MET A 132 3.84 9.94 -24.34
C MET A 132 4.75 11.15 -24.48
N ILE A 133 5.32 11.59 -23.36
CA ILE A 133 6.21 12.75 -23.35
C ILE A 133 7.36 12.55 -24.32
N SER A 134 8.13 11.49 -24.12
CA SER A 134 9.27 11.19 -24.98
C SER A 134 8.81 10.62 -26.32
N GLN A 135 8.25 11.49 -27.16
CA GLN A 135 7.77 11.08 -28.47
C GLN A 135 7.41 12.29 -29.32
N SER A 136 6.48 13.10 -28.83
CA SER A 136 6.03 14.29 -29.55
C SER A 136 5.10 15.13 -28.69
N ARG A 137 5.38 16.43 -28.62
CA ARG A 137 4.57 17.34 -27.83
C ARG A 137 5.04 18.78 -28.01
N PRO A 138 4.16 19.74 -27.67
CA PRO A 138 4.46 21.17 -27.79
C PRO A 138 5.49 21.63 -26.76
N HIS A 139 6.77 21.48 -27.11
CA HIS A 139 7.86 21.88 -26.22
C HIS A 139 9.19 21.88 -26.96
N SER A 155 16.07 10.04 -4.45
CA SER A 155 15.92 8.79 -3.72
C SER A 155 14.47 8.58 -3.31
N ASN A 156 13.61 8.28 -4.29
CA ASN A 156 12.20 8.04 -4.03
C ASN A 156 11.89 6.55 -4.01
N LEU A 157 11.87 5.94 -5.19
CA LEU A 157 11.59 4.51 -5.31
C LEU A 157 12.50 3.71 -4.39
N SER A 158 13.74 4.15 -4.26
CA SER A 158 14.71 3.46 -3.42
C SER A 158 14.32 3.55 -1.95
N GLU A 159 13.89 4.73 -1.53
CA GLU A 159 13.49 4.95 -0.14
C GLU A 159 12.46 3.89 0.29
N LEU A 160 11.47 3.66 -0.55
CA LEU A 160 10.42 2.68 -0.25
C LEU A 160 11.01 1.27 -0.21
N ASP A 161 12.00 1.02 -1.06
CA ASP A 161 12.64 -0.29 -1.12
C ASP A 161 13.40 -0.59 0.17
N ARG A 162 14.15 0.40 0.65
CA ARG A 162 14.92 0.24 1.88
C ARG A 162 14.03 -0.20 3.03
N LEU A 163 12.93 0.52 3.23
CA LEU A 163 11.98 0.20 4.29
C LEU A 163 11.53 -1.25 4.21
N LEU A 164 11.26 -1.72 2.99
CA LEU A 164 10.82 -3.08 2.77
C LEU A 164 11.85 -4.08 3.30
N LEU A 165 13.12 -3.83 2.98
CA LEU A 165 14.19 -4.70 3.43
C LEU A 165 14.14 -4.93 4.93
N GLU A 166 13.96 -3.85 5.68
CA GLU A 166 13.88 -3.94 7.14
C GLU A 166 12.72 -4.84 7.56
N LEU A 167 11.59 -4.71 6.87
CA LEU A 167 10.42 -5.52 7.17
C LEU A 167 10.76 -7.00 7.22
N ASN A 168 11.52 -7.45 6.22
CA ASN A 168 11.92 -8.85 6.15
C ASN A 168 12.74 -9.25 7.38
N ALA A 169 13.72 -8.42 7.73
CA ALA A 169 14.57 -8.69 8.88
C ALA A 169 13.76 -8.72 10.16
N VAL A 170 12.77 -7.83 10.26
CA VAL A 170 11.92 -7.76 11.44
C VAL A 170 11.26 -9.10 11.73
N GLN A 171 10.79 -9.77 10.68
CA GLN A 171 10.15 -11.07 10.82
C GLN A 171 11.14 -12.12 11.30
N HIS A 172 12.36 -12.06 10.77
CA HIS A 172 13.41 -13.01 11.14
C HIS A 172 13.56 -13.07 12.66
N ASN A 173 13.54 -11.91 13.30
CA ASN A 173 13.69 -11.83 14.75
C ASN A 173 13.46 -10.40 15.24
N PRO A 174 13.16 -10.27 16.54
CA PRO A 174 12.91 -8.97 17.17
C PRO A 174 14.17 -8.12 17.26
N PRO A 175 14.00 -6.82 17.58
CA PRO A 175 15.11 -5.88 17.71
C PRO A 175 15.98 -6.16 18.94
N SER A 176 16.84 -7.17 18.83
CA SER A 176 17.72 -7.54 19.93
C SER A 176 18.82 -6.50 20.12
N MET A 1 -10.49 23.89 -7.17
CA MET A 1 -10.76 24.30 -8.54
C MET A 1 -9.71 25.30 -9.02
N ALA A 2 -8.70 24.79 -9.72
CA ALA A 2 -7.63 25.63 -10.23
C ALA A 2 -6.86 24.94 -11.35
N ASN A 3 -6.02 23.98 -10.98
CA ASN A 3 -5.23 23.23 -11.94
C ASN A 3 -5.48 21.73 -11.81
N LEU A 4 -4.94 20.96 -12.75
CA LEU A 4 -5.11 19.51 -12.74
C LEU A 4 -3.87 18.83 -12.18
N ASP A 5 -3.17 19.50 -11.28
CA ASP A 5 -1.97 18.96 -10.66
C ASP A 5 -2.25 18.50 -9.23
N ARG A 6 -3.51 18.16 -8.96
CA ARG A 6 -3.90 17.71 -7.63
C ARG A 6 -4.08 16.20 -7.60
N SER A 7 -4.84 15.68 -8.57
CA SER A 7 -5.09 14.25 -8.65
C SER A 7 -3.87 13.50 -9.18
N ASN A 8 -3.18 14.11 -10.13
CA ASN A 8 -1.98 13.51 -10.72
C ASN A 8 -0.90 13.30 -9.67
N ASP A 9 -0.75 14.29 -8.78
CA ASP A 9 0.25 14.21 -7.72
C ASP A 9 -0.28 13.43 -6.52
N LYS A 10 -1.60 13.43 -6.36
CA LYS A 10 -2.24 12.72 -5.26
C LYS A 10 -1.91 11.23 -5.32
N VAL A 11 -2.22 10.61 -6.46
CA VAL A 11 -1.95 9.18 -6.64
C VAL A 11 -0.49 8.86 -6.38
N TYR A 12 0.40 9.70 -6.88
CA TYR A 12 1.83 9.50 -6.71
C TYR A 12 2.26 9.84 -5.28
N GLU A 13 1.38 10.54 -4.56
CA GLU A 13 1.67 10.93 -3.19
C GLU A 13 1.20 9.85 -2.21
N ASN A 14 -0.10 9.59 -2.20
CA ASN A 14 -0.67 8.59 -1.31
C ASN A 14 0.06 7.26 -1.44
N VAL A 15 0.46 6.92 -2.66
CA VAL A 15 1.18 5.69 -2.93
C VAL A 15 2.37 5.54 -2.01
N THR A 16 2.94 6.67 -1.59
CA THR A 16 4.09 6.66 -0.70
C THR A 16 3.66 6.67 0.76
N GLY A 17 2.75 7.58 1.10
CA GLY A 17 2.28 7.67 2.47
C GLY A 17 1.80 6.34 3.01
N LEU A 18 0.90 5.69 2.27
CA LEU A 18 0.35 4.41 2.68
C LEU A 18 1.48 3.42 3.01
N VAL A 19 2.56 3.50 2.24
CA VAL A 19 3.70 2.62 2.45
C VAL A 19 4.39 2.91 3.79
N LYS A 20 4.45 4.19 4.15
CA LYS A 20 5.07 4.60 5.39
C LYS A 20 4.37 3.96 6.59
N ALA A 21 3.05 3.84 6.51
CA ALA A 21 2.26 3.24 7.57
C ALA A 21 2.40 1.72 7.58
N VAL A 22 2.28 1.12 6.40
CA VAL A 22 2.39 -0.33 6.26
C VAL A 22 3.67 -0.84 6.91
N ILE A 23 4.76 -0.11 6.71
CA ILE A 23 6.05 -0.50 7.27
C ILE A 23 6.13 -0.13 8.75
N GLU A 24 5.75 1.10 9.07
CA GLU A 24 5.78 1.57 10.44
C GLU A 24 5.05 0.61 11.37
N MET A 25 3.85 0.22 10.98
CA MET A 25 3.04 -0.71 11.78
C MET A 25 3.80 -2.01 12.01
N SER A 26 4.40 -2.55 10.94
CA SER A 26 5.14 -3.80 11.04
C SER A 26 6.29 -3.67 12.04
N SER A 27 6.69 -2.43 12.30
CA SER A 27 7.79 -2.17 13.22
C SER A 27 7.34 -2.39 14.66
N LYS A 28 6.32 -1.64 15.08
CA LYS A 28 5.80 -1.74 16.43
C LYS A 28 4.61 -2.70 16.48
N ILE A 29 4.53 -3.60 15.51
CA ILE A 29 3.45 -4.58 15.44
C ILE A 29 3.43 -5.46 16.69
N GLN A 30 4.60 -5.86 17.14
CA GLN A 30 4.72 -6.71 18.32
C GLN A 30 4.15 -6.01 19.56
N PRO A 31 4.75 -4.86 19.91
CA PRO A 31 4.32 -4.08 21.07
C PRO A 31 2.97 -3.41 20.85
N ALA A 32 2.46 -3.50 19.63
CA ALA A 32 1.17 -2.92 19.28
C ALA A 32 0.12 -3.27 20.33
N PRO A 33 -0.26 -2.27 21.15
CA PRO A 33 -1.26 -2.45 22.20
C PRO A 33 -2.67 -2.65 21.64
N PRO A 34 -3.61 -3.06 22.51
CA PRO A 34 -4.99 -3.29 22.12
C PRO A 34 -5.74 -2.00 21.78
N GLU A 35 -5.20 -0.88 22.25
CA GLU A 35 -5.80 0.43 22.00
C GLU A 35 -5.33 0.99 20.66
N GLU A 36 -4.20 0.49 20.18
CA GLU A 36 -3.64 0.95 18.91
C GLU A 36 -3.98 -0.01 17.78
N TYR A 37 -4.39 -1.23 18.15
CA TYR A 37 -4.75 -2.24 17.17
C TYR A 37 -6.07 -1.91 16.49
N VAL A 38 -7.05 -1.49 17.27
CA VAL A 38 -8.36 -1.13 16.74
C VAL A 38 -8.23 -0.13 15.60
N PRO A 39 -7.60 1.02 15.88
CA PRO A 39 -7.40 2.07 14.88
C PRO A 39 -6.39 1.68 13.81
N MET A 40 -5.46 0.81 14.17
CA MET A 40 -4.44 0.35 13.24
C MET A 40 -5.08 -0.14 11.93
N VAL A 41 -6.14 -0.93 12.06
CA VAL A 41 -6.84 -1.45 10.89
C VAL A 41 -7.47 -0.33 10.07
N LYS A 42 -7.88 0.74 10.75
CA LYS A 42 -8.49 1.88 10.10
C LYS A 42 -7.53 2.52 9.10
N GLU A 43 -6.28 2.70 9.52
CA GLU A 43 -5.26 3.29 8.67
C GLU A 43 -5.04 2.45 7.42
N VAL A 44 -4.65 1.20 7.61
CA VAL A 44 -4.41 0.29 6.50
C VAL A 44 -5.64 0.15 5.63
N GLY A 45 -6.81 0.11 6.27
CA GLY A 45 -8.05 -0.02 5.53
C GLY A 45 -8.32 1.16 4.63
N LEU A 46 -7.88 2.34 5.04
CA LEU A 46 -8.07 3.56 4.26
C LEU A 46 -7.16 3.57 3.04
N ALA A 47 -5.94 3.07 3.21
CA ALA A 47 -4.98 3.02 2.13
C ALA A 47 -5.52 2.21 0.94
N LEU A 48 -6.09 1.06 1.25
CA LEU A 48 -6.66 0.20 0.20
C LEU A 48 -7.82 0.88 -0.50
N ARG A 49 -8.83 1.26 0.27
CA ARG A 49 -10.01 1.93 -0.27
C ARG A 49 -9.61 3.17 -1.07
N THR A 50 -8.61 3.90 -0.57
CA THR A 50 -8.15 5.10 -1.23
C THR A 50 -7.38 4.77 -2.50
N LEU A 51 -6.59 3.71 -2.45
CA LEU A 51 -5.80 3.28 -3.60
C LEU A 51 -6.68 3.10 -4.83
N LEU A 52 -7.89 2.61 -4.61
CA LEU A 52 -8.84 2.40 -5.70
C LEU A 52 -9.19 3.72 -6.39
N ALA A 53 -9.45 4.74 -5.59
CA ALA A 53 -9.80 6.05 -6.11
C ALA A 53 -8.58 6.74 -6.71
N THR A 54 -7.45 6.67 -6.00
CA THR A 54 -6.22 7.28 -6.46
C THR A 54 -5.88 6.85 -7.89
N VAL A 55 -5.82 5.54 -8.10
CA VAL A 55 -5.51 4.99 -9.42
C VAL A 55 -6.61 5.33 -10.42
N ASP A 56 -7.84 5.43 -9.93
CA ASP A 56 -8.99 5.74 -10.79
C ASP A 56 -8.71 7.00 -11.61
N GLU A 57 -8.23 8.04 -10.94
CA GLU A 57 -7.94 9.30 -11.61
C GLU A 57 -6.61 9.22 -12.36
N SER A 58 -5.81 8.21 -12.03
CA SER A 58 -4.51 8.03 -12.66
C SER A 58 -4.67 7.51 -14.09
N LEU A 59 -5.80 6.89 -14.36
CA LEU A 59 -6.08 6.35 -15.69
C LEU A 59 -5.87 7.41 -16.76
N PRO A 60 -6.65 8.50 -16.67
CA PRO A 60 -6.57 9.62 -17.62
C PRO A 60 -5.28 10.41 -17.48
N VAL A 61 -4.85 10.63 -16.23
CA VAL A 61 -3.63 11.38 -15.96
C VAL A 61 -2.44 10.75 -16.68
N LEU A 62 -2.54 9.46 -16.99
CA LEU A 62 -1.47 8.74 -17.68
C LEU A 62 -1.92 8.30 -19.05
N PRO A 63 -0.95 8.06 -19.95
CA PRO A 63 -1.22 7.62 -21.33
C PRO A 63 -1.75 6.19 -21.38
N ALA A 64 -2.80 5.98 -22.17
CA ALA A 64 -3.40 4.66 -22.32
C ALA A 64 -2.36 3.63 -22.73
N SER A 65 -2.11 2.66 -21.86
CA SER A 65 -1.13 1.62 -22.14
C SER A 65 -1.01 0.66 -20.95
N THR A 66 -1.17 1.20 -19.74
CA THR A 66 -1.08 0.40 -18.53
C THR A 66 -2.44 0.27 -17.85
N HIS A 67 -3.50 0.37 -18.64
CA HIS A 67 -4.85 0.26 -18.11
C HIS A 67 -5.12 -1.14 -17.58
N ARG A 68 -4.47 -2.13 -18.19
CA ARG A 68 -4.64 -3.53 -17.77
C ARG A 68 -4.44 -3.68 -16.27
N GLU A 69 -3.24 -3.35 -15.80
CA GLU A 69 -2.92 -3.45 -14.39
C GLU A 69 -3.79 -2.50 -13.56
N ILE A 70 -4.07 -1.34 -14.12
CA ILE A 70 -4.88 -0.34 -13.43
C ILE A 70 -6.26 -0.90 -13.09
N GLU A 71 -6.93 -1.47 -14.10
CA GLU A 71 -8.25 -2.04 -13.90
C GLU A 71 -8.21 -3.17 -12.87
N MET A 72 -7.29 -4.12 -13.09
CA MET A 72 -7.15 -5.25 -12.19
C MET A 72 -6.78 -4.79 -10.78
N ALA A 73 -6.17 -3.61 -10.69
CA ALA A 73 -5.76 -3.05 -9.41
C ALA A 73 -6.97 -2.57 -8.61
N GLN A 74 -7.99 -2.10 -9.32
CA GLN A 74 -9.21 -1.62 -8.68
C GLN A 74 -9.88 -2.73 -7.88
N LYS A 75 -10.29 -3.78 -8.56
CA LYS A 75 -10.95 -4.91 -7.91
C LYS A 75 -10.02 -5.58 -6.91
N LEU A 76 -8.76 -5.78 -7.31
CA LEU A 76 -7.78 -6.39 -6.45
C LEU A 76 -7.70 -5.69 -5.10
N LEU A 77 -7.53 -4.38 -5.15
CA LEU A 77 -7.46 -3.57 -3.92
C LEU A 77 -8.63 -3.87 -3.00
N ASN A 78 -9.83 -3.92 -3.57
CA ASN A 78 -11.03 -4.19 -2.80
C ASN A 78 -10.91 -5.52 -2.05
N SER A 79 -10.67 -6.59 -2.80
CA SER A 79 -10.53 -7.91 -2.19
C SER A 79 -9.51 -7.90 -1.06
N ASP A 80 -8.30 -7.44 -1.37
CA ASP A 80 -7.23 -7.36 -0.38
C ASP A 80 -7.66 -6.54 0.83
N LEU A 81 -8.46 -5.50 0.58
CA LEU A 81 -8.94 -4.64 1.65
C LEU A 81 -9.59 -5.46 2.76
N ALA A 82 -10.71 -6.08 2.45
CA ALA A 82 -11.43 -6.91 3.41
C ALA A 82 -10.52 -7.95 4.03
N GLU A 83 -9.60 -8.48 3.23
CA GLU A 83 -8.67 -9.50 3.70
C GLU A 83 -7.84 -8.96 4.86
N LEU A 84 -7.34 -7.74 4.72
CA LEU A 84 -6.52 -7.12 5.76
C LEU A 84 -7.34 -6.88 7.03
N ILE A 85 -8.55 -6.36 6.85
CA ILE A 85 -9.45 -6.08 7.97
C ILE A 85 -9.72 -7.34 8.78
N ASN A 86 -9.95 -8.45 8.07
CA ASN A 86 -10.22 -9.72 8.72
C ASN A 86 -9.03 -10.18 9.56
N LYS A 87 -7.87 -10.27 8.93
CA LYS A 87 -6.65 -10.68 9.61
C LYS A 87 -6.39 -9.81 10.83
N MET A 88 -6.31 -8.50 10.61
CA MET A 88 -6.05 -7.56 11.69
C MET A 88 -7.09 -7.70 12.79
N LYS A 89 -8.36 -7.77 12.41
CA LYS A 89 -9.45 -7.92 13.36
C LYS A 89 -9.31 -9.22 14.14
N LEU A 90 -8.80 -10.25 13.48
CA LEU A 90 -8.62 -11.56 14.11
C LEU A 90 -7.56 -11.49 15.21
N ALA A 91 -6.38 -11.01 14.84
CA ALA A 91 -5.28 -10.88 15.80
C ALA A 91 -5.70 -10.07 17.02
N GLN A 92 -6.62 -9.14 16.81
CA GLN A 92 -7.11 -8.29 17.89
C GLN A 92 -7.89 -9.10 18.91
N GLN A 93 -8.47 -10.21 18.45
CA GLN A 93 -9.26 -11.08 19.34
C GLN A 93 -8.43 -12.29 19.77
N TYR A 94 -7.44 -12.65 18.96
CA TYR A 94 -6.60 -13.80 19.26
C TYR A 94 -5.30 -13.34 19.94
N VAL A 95 -5.38 -12.20 20.62
CA VAL A 95 -4.21 -11.67 21.33
C VAL A 95 -4.43 -11.68 22.84
N MET A 96 -5.68 -11.49 23.25
CA MET A 96 -6.02 -11.49 24.67
C MET A 96 -5.79 -12.87 25.29
N THR A 97 -5.81 -13.90 24.46
CA THR A 97 -5.61 -15.27 24.92
C THR A 97 -4.12 -15.54 25.17
N SER A 98 -3.37 -15.71 24.09
CA SER A 98 -1.94 -15.98 24.19
C SER A 98 -1.32 -16.11 22.79
N LEU A 99 -2.08 -16.66 21.86
CA LEU A 99 -1.61 -16.85 20.49
C LEU A 99 -1.64 -15.53 19.72
N GLN A 100 -0.85 -14.56 20.17
CA GLN A 100 -0.80 -13.25 19.53
C GLN A 100 0.21 -13.26 18.38
N GLN A 101 1.44 -13.64 18.68
CA GLN A 101 2.50 -13.69 17.67
C GLN A 101 2.05 -14.50 16.46
N GLU A 102 1.31 -15.58 16.69
CA GLU A 102 0.83 -16.42 15.61
C GLU A 102 -0.01 -15.62 14.62
N TYR A 103 -1.22 -15.26 15.05
CA TYR A 103 -2.13 -14.49 14.20
C TYR A 103 -1.46 -13.22 13.70
N LYS A 104 -0.51 -12.71 14.48
CA LYS A 104 0.21 -11.50 14.11
C LYS A 104 1.05 -11.71 12.86
N LYS A 105 1.83 -12.78 12.86
CA LYS A 105 2.68 -13.12 11.71
C LYS A 105 1.86 -13.15 10.42
N GLN A 106 0.72 -13.84 10.48
CA GLN A 106 -0.15 -13.95 9.31
C GLN A 106 -0.53 -12.57 8.78
N MET A 107 -0.89 -11.66 9.69
CA MET A 107 -1.27 -10.31 9.29
C MET A 107 -0.16 -9.65 8.48
N LEU A 108 1.06 -9.67 9.03
CA LEU A 108 2.20 -9.06 8.37
C LEU A 108 2.36 -9.61 6.95
N THR A 109 2.17 -10.91 6.80
CA THR A 109 2.28 -11.56 5.50
C THR A 109 1.45 -10.84 4.45
N ALA A 110 0.17 -10.66 4.74
CA ALA A 110 -0.74 -9.99 3.83
C ALA A 110 -0.29 -8.56 3.56
N ALA A 111 -0.11 -7.79 4.62
CA ALA A 111 0.33 -6.40 4.50
C ALA A 111 1.62 -6.31 3.70
N HIS A 112 2.43 -7.36 3.74
CA HIS A 112 3.69 -7.39 3.02
C HIS A 112 3.46 -7.31 1.52
N ALA A 113 2.67 -8.25 0.99
CA ALA A 113 2.38 -8.27 -0.44
C ALA A 113 1.54 -7.06 -0.85
N LEU A 114 0.70 -6.58 0.07
CA LEU A 114 -0.15 -5.43 -0.20
C LEU A 114 0.68 -4.17 -0.38
N ALA A 115 1.57 -3.91 0.57
CA ALA A 115 2.44 -2.74 0.51
C ALA A 115 3.16 -2.65 -0.83
N VAL A 116 3.84 -3.72 -1.20
CA VAL A 116 4.56 -3.77 -2.47
C VAL A 116 3.65 -3.49 -3.64
N ASP A 117 2.42 -3.98 -3.55
CA ASP A 117 1.43 -3.77 -4.61
C ASP A 117 1.12 -2.29 -4.79
N ALA A 118 0.86 -1.61 -3.68
CA ALA A 118 0.54 -0.19 -3.71
C ALA A 118 1.60 0.60 -4.48
N LYS A 119 2.86 0.23 -4.28
CA LYS A 119 3.97 0.89 -4.95
C LYS A 119 4.10 0.40 -6.39
N ASN A 120 3.98 -0.91 -6.57
CA ASN A 120 4.10 -1.51 -7.90
C ASN A 120 3.07 -0.90 -8.85
N LEU A 121 1.99 -0.36 -8.29
CA LEU A 121 0.93 0.25 -9.08
C LEU A 121 1.49 1.37 -9.95
N LEU A 122 2.04 2.40 -9.30
CA LEU A 122 2.62 3.54 -10.01
C LEU A 122 3.92 3.16 -10.69
N ASP A 123 4.68 2.28 -10.04
CA ASP A 123 5.96 1.82 -10.58
C ASP A 123 5.80 1.34 -12.03
N VAL A 124 4.85 0.44 -12.23
CA VAL A 124 4.60 -0.11 -13.56
C VAL A 124 4.09 0.97 -14.51
N ILE A 125 3.11 1.76 -14.05
CA ILE A 125 2.54 2.82 -14.86
C ILE A 125 3.62 3.80 -15.32
N ASP A 126 4.72 3.85 -14.57
CA ASP A 126 5.82 4.74 -14.90
C ASP A 126 6.31 4.51 -16.32
N GLN A 127 6.39 3.25 -16.72
CA GLN A 127 6.83 2.90 -18.06
C GLN A 127 5.92 3.52 -19.12
N ALA A 128 4.66 3.72 -18.76
CA ALA A 128 3.69 4.31 -19.67
C ALA A 128 3.93 5.80 -19.85
N ARG A 129 4.14 6.50 -18.75
CA ARG A 129 4.40 7.94 -18.78
C ARG A 129 5.59 8.26 -19.68
N LEU A 130 6.68 7.50 -19.50
CA LEU A 130 7.88 7.70 -20.29
C LEU A 130 7.69 7.20 -21.72
N LYS A 131 6.89 6.16 -21.86
CA LYS A 131 6.62 5.57 -23.17
C LYS A 131 6.06 6.62 -24.13
N MET A 132 5.23 7.52 -23.61
CA MET A 132 4.64 8.58 -24.41
C MET A 132 5.62 9.71 -24.63
N ILE A 133 6.21 10.21 -23.55
CA ILE A 133 7.17 11.29 -23.63
C ILE A 133 8.30 10.96 -24.60
N SER A 134 8.99 9.86 -24.33
CA SER A 134 10.11 9.43 -25.18
C SER A 134 9.59 8.75 -26.45
N GLN A 135 8.87 9.51 -27.27
CA GLN A 135 8.32 8.99 -28.51
C GLN A 135 7.65 10.09 -29.32
N SER A 136 6.57 10.65 -28.78
CA SER A 136 5.85 11.72 -29.46
C SER A 136 4.68 12.21 -28.60
N ARG A 137 4.56 13.53 -28.48
CA ARG A 137 3.49 14.12 -27.69
C ARG A 137 3.56 15.65 -27.74
N PRO A 138 2.43 16.31 -27.46
CA PRO A 138 2.33 17.77 -27.47
C PRO A 138 3.09 18.41 -26.31
N HIS A 139 2.99 19.72 -26.19
CA HIS A 139 3.67 20.44 -25.11
C HIS A 139 3.02 20.16 -23.76
N SER A 155 10.41 12.03 0.48
CA SER A 155 10.36 10.62 0.08
C SER A 155 10.64 10.48 -1.41
N ASN A 156 11.57 9.59 -1.75
CA ASN A 156 11.94 9.35 -3.14
C ASN A 156 11.59 7.93 -3.56
N LEU A 157 11.63 7.67 -4.86
CA LEU A 157 11.32 6.35 -5.40
C LEU A 157 12.16 5.28 -4.71
N SER A 158 13.47 5.41 -4.81
CA SER A 158 14.39 4.45 -4.21
C SER A 158 14.12 4.31 -2.71
N GLU A 159 13.83 5.44 -2.07
CA GLU A 159 13.56 5.45 -0.63
C GLU A 159 12.48 4.43 -0.28
N LEU A 160 11.46 4.34 -1.13
CA LEU A 160 10.36 3.41 -0.90
C LEU A 160 10.80 1.98 -1.17
N ASP A 161 11.49 1.77 -2.28
CA ASP A 161 11.98 0.44 -2.66
C ASP A 161 12.87 -0.13 -1.56
N ARG A 162 13.83 0.67 -1.10
CA ARG A 162 14.75 0.23 -0.06
C ARG A 162 13.99 -0.14 1.21
N LEU A 163 13.12 0.76 1.66
CA LEU A 163 12.33 0.53 2.86
C LEU A 163 11.56 -0.78 2.77
N LEU A 164 10.96 -1.03 1.61
CA LEU A 164 10.20 -2.25 1.39
C LEU A 164 11.05 -3.49 1.67
N LEU A 165 12.26 -3.50 1.12
CA LEU A 165 13.18 -4.62 1.33
C LEU A 165 13.33 -4.94 2.81
N GLU A 166 13.53 -3.91 3.62
CA GLU A 166 13.69 -4.08 5.05
C GLU A 166 12.46 -4.75 5.66
N LEU A 167 11.28 -4.32 5.22
CA LEU A 167 10.04 -4.86 5.72
C LEU A 167 10.03 -6.39 5.64
N ASN A 168 10.52 -6.91 4.51
CA ASN A 168 10.58 -8.36 4.31
C ASN A 168 11.48 -9.02 5.35
N ALA A 169 12.68 -8.48 5.50
CA ALA A 169 13.64 -9.02 6.46
C ALA A 169 13.07 -9.00 7.88
N VAL A 170 12.35 -7.92 8.20
CA VAL A 170 11.76 -7.78 9.52
C VAL A 170 10.87 -8.96 9.86
N GLN A 171 10.05 -9.38 8.89
CA GLN A 171 9.15 -10.51 9.08
C GLN A 171 9.94 -11.80 9.33
N HIS A 172 11.06 -11.94 8.63
CA HIS A 172 11.90 -13.13 8.78
C HIS A 172 12.23 -13.38 10.24
N ASN A 173 12.78 -12.36 10.90
CA ASN A 173 13.16 -12.47 12.31
C ASN A 173 13.65 -11.13 12.85
N PRO A 174 13.64 -10.98 14.17
CA PRO A 174 14.09 -9.76 14.84
C PRO A 174 15.60 -9.57 14.74
N PRO A 175 16.06 -8.36 15.10
CA PRO A 175 17.49 -8.02 15.06
C PRO A 175 18.29 -8.76 16.13
N SER A 176 19.13 -9.69 15.70
CA SER A 176 19.95 -10.46 16.62
C SER A 176 21.25 -9.73 16.94
N MET A 1 1.45 26.32 -15.68
CA MET A 1 0.03 26.35 -15.35
C MET A 1 -0.38 25.10 -14.57
N ALA A 2 0.40 24.75 -13.56
CA ALA A 2 0.12 23.58 -12.73
C ALA A 2 -1.00 23.87 -11.74
N ASN A 3 -2.24 23.60 -12.16
CA ASN A 3 -3.40 23.82 -11.30
C ASN A 3 -4.10 22.50 -10.98
N LEU A 4 -3.95 21.53 -11.87
CA LEU A 4 -4.56 20.21 -11.67
C LEU A 4 -3.55 19.20 -11.14
N ASP A 5 -2.73 19.65 -10.20
CA ASP A 5 -1.70 18.78 -9.61
C ASP A 5 -2.14 18.30 -8.23
N ARG A 6 -3.46 18.23 -8.02
CA ARG A 6 -4.00 17.78 -6.73
C ARG A 6 -4.52 16.35 -6.84
N SER A 7 -5.30 16.09 -7.87
CA SER A 7 -5.87 14.76 -8.08
C SER A 7 -4.80 13.80 -8.60
N ASN A 8 -4.09 14.21 -9.65
CA ASN A 8 -3.05 13.37 -10.24
C ASN A 8 -1.92 13.14 -9.25
N ASP A 9 -1.76 14.05 -8.30
CA ASP A 9 -0.72 13.94 -7.29
C ASP A 9 -1.20 13.10 -6.10
N LYS A 10 -2.51 13.11 -5.88
CA LYS A 10 -3.11 12.35 -4.78
C LYS A 10 -2.78 10.87 -4.91
N VAL A 11 -3.13 10.29 -6.05
CA VAL A 11 -2.88 8.87 -6.30
C VAL A 11 -1.40 8.54 -6.12
N TYR A 12 -0.53 9.40 -6.65
CA TYR A 12 0.90 9.20 -6.55
C TYR A 12 1.40 9.50 -5.14
N GLU A 13 0.55 10.13 -4.34
CA GLU A 13 0.91 10.47 -2.97
C GLU A 13 0.51 9.35 -2.01
N ASN A 14 -0.75 8.95 -2.06
CA ASN A 14 -1.25 7.88 -1.20
C ASN A 14 -0.41 6.62 -1.34
N VAL A 15 0.00 6.32 -2.58
CA VAL A 15 0.81 5.15 -2.86
C VAL A 15 2.09 5.16 -2.03
N THR A 16 2.48 6.34 -1.57
CA THR A 16 3.69 6.50 -0.76
C THR A 16 3.36 6.49 0.73
N GLY A 17 2.38 7.29 1.12
CA GLY A 17 1.99 7.37 2.51
C GLY A 17 1.66 6.01 3.09
N LEU A 18 0.78 5.27 2.42
CA LEU A 18 0.37 3.94 2.87
C LEU A 18 1.60 3.07 3.15
N VAL A 19 2.62 3.21 2.31
CA VAL A 19 3.84 2.43 2.48
C VAL A 19 4.51 2.74 3.81
N LYS A 20 4.51 4.01 4.19
CA LYS A 20 5.12 4.43 5.45
C LYS A 20 4.45 3.75 6.63
N ALA A 21 3.14 3.60 6.56
CA ALA A 21 2.37 2.95 7.63
C ALA A 21 2.62 1.44 7.64
N VAL A 22 2.65 0.85 6.45
CA VAL A 22 2.88 -0.60 6.33
C VAL A 22 4.12 -1.02 7.11
N ILE A 23 5.19 -0.23 6.98
CA ILE A 23 6.44 -0.53 7.66
C ILE A 23 6.39 -0.06 9.11
N GLU A 24 5.81 1.11 9.33
CA GLU A 24 5.70 1.67 10.67
C GLU A 24 5.07 0.67 11.63
N MET A 25 3.87 0.23 11.31
CA MET A 25 3.15 -0.74 12.14
C MET A 25 3.98 -2.00 12.33
N SER A 26 4.61 -2.47 11.26
CA SER A 26 5.44 -3.67 11.32
C SER A 26 6.59 -3.49 12.31
N SER A 27 6.91 -2.24 12.62
CA SER A 27 7.99 -1.94 13.56
C SER A 27 7.54 -2.14 15.00
N LYS A 28 6.49 -1.43 15.38
CA LYS A 28 5.95 -1.52 16.73
C LYS A 28 4.79 -2.51 16.79
N ILE A 29 4.79 -3.46 15.86
CA ILE A 29 3.73 -4.48 15.81
C ILE A 29 3.69 -5.29 17.10
N GLN A 30 4.87 -5.63 17.61
CA GLN A 30 4.96 -6.42 18.84
C GLN A 30 4.33 -5.67 20.01
N PRO A 31 4.87 -4.49 20.33
CA PRO A 31 4.37 -3.66 21.42
C PRO A 31 3.00 -3.06 21.12
N ALA A 32 2.55 -3.23 19.89
CA ALA A 32 1.26 -2.71 19.46
C ALA A 32 0.17 -3.05 20.48
N PRO A 33 -0.27 -2.03 21.24
CA PRO A 33 -1.31 -2.18 22.26
C PRO A 33 -2.68 -2.46 21.65
N PRO A 34 -3.64 -2.86 22.50
CA PRO A 34 -5.00 -3.17 22.07
C PRO A 34 -5.77 -1.92 21.65
N GLU A 35 -5.29 -0.75 22.09
CA GLU A 35 -5.93 0.51 21.76
C GLU A 35 -5.43 1.04 20.41
N GLU A 36 -4.27 0.54 19.98
CA GLU A 36 -3.68 0.96 18.72
C GLU A 36 -4.13 0.06 17.58
N TYR A 37 -4.67 -1.10 17.93
CA TYR A 37 -5.14 -2.06 16.94
C TYR A 37 -6.42 -1.57 16.28
N VAL A 38 -7.34 -1.06 17.08
CA VAL A 38 -8.61 -0.56 16.57
C VAL A 38 -8.40 0.44 15.44
N PRO A 39 -7.63 1.51 15.72
CA PRO A 39 -7.33 2.55 14.75
C PRO A 39 -6.39 2.05 13.65
N MET A 40 -5.53 1.11 13.99
CA MET A 40 -4.58 0.55 13.05
C MET A 40 -5.29 0.09 11.77
N VAL A 41 -6.43 -0.56 11.95
CA VAL A 41 -7.22 -1.06 10.82
C VAL A 41 -7.71 0.09 9.95
N LYS A 42 -8.32 1.09 10.58
CA LYS A 42 -8.85 2.25 9.87
C LYS A 42 -7.76 2.86 8.98
N GLU A 43 -6.51 2.73 9.40
CA GLU A 43 -5.39 3.28 8.64
C GLU A 43 -5.20 2.52 7.32
N VAL A 44 -4.83 1.25 7.43
CA VAL A 44 -4.63 0.41 6.25
C VAL A 44 -5.88 0.35 5.39
N GLY A 45 -7.02 0.14 6.03
CA GLY A 45 -8.28 0.07 5.31
C GLY A 45 -8.54 1.31 4.48
N LEU A 46 -8.19 2.47 5.03
CA LEU A 46 -8.40 3.74 4.34
C LEU A 46 -7.58 3.79 3.05
N ALA A 47 -6.37 3.25 3.11
CA ALA A 47 -5.49 3.23 1.94
C ALA A 47 -6.13 2.49 0.78
N LEU A 48 -6.68 1.32 1.06
CA LEU A 48 -7.32 0.51 0.02
C LEU A 48 -8.55 1.22 -0.53
N ARG A 49 -9.46 1.60 0.37
CA ARG A 49 -10.69 2.29 -0.03
C ARG A 49 -10.36 3.56 -0.83
N THR A 50 -9.33 4.28 -0.39
CA THR A 50 -8.92 5.51 -1.06
C THR A 50 -8.26 5.21 -2.39
N LEU A 51 -7.48 4.14 -2.44
CA LEU A 51 -6.79 3.76 -3.67
C LEU A 51 -7.76 3.68 -4.84
N LEU A 52 -8.93 3.10 -4.59
CA LEU A 52 -9.96 2.96 -5.62
C LEU A 52 -10.30 4.32 -6.23
N ALA A 53 -10.49 5.32 -5.37
CA ALA A 53 -10.81 6.66 -5.82
C ALA A 53 -9.63 7.31 -6.54
N THR A 54 -8.49 7.36 -5.87
CA THR A 54 -7.29 7.94 -6.44
C THR A 54 -6.98 7.34 -7.81
N VAL A 55 -6.97 6.01 -7.88
CA VAL A 55 -6.68 5.31 -9.12
C VAL A 55 -7.77 5.57 -10.15
N ASP A 56 -9.01 5.68 -9.68
CA ASP A 56 -10.15 5.92 -10.57
C ASP A 56 -9.88 7.12 -11.47
N GLU A 57 -9.41 8.21 -10.88
CA GLU A 57 -9.11 9.43 -11.64
C GLU A 57 -7.77 9.30 -12.36
N SER A 58 -6.98 8.29 -11.97
CA SER A 58 -5.68 8.07 -12.57
C SER A 58 -5.82 7.50 -13.98
N LEU A 59 -6.95 6.84 -14.24
CA LEU A 59 -7.22 6.24 -15.53
C LEU A 59 -6.98 7.24 -16.66
N PRO A 60 -7.73 8.35 -16.63
CA PRO A 60 -7.62 9.41 -17.64
C PRO A 60 -6.30 10.18 -17.53
N VAL A 61 -5.87 10.41 -16.29
CA VAL A 61 -4.61 11.14 -16.05
C VAL A 61 -3.47 10.54 -16.85
N LEU A 62 -3.55 9.23 -17.11
CA LEU A 62 -2.51 8.54 -17.88
C LEU A 62 -3.05 8.09 -19.23
N PRO A 63 -2.13 7.85 -20.17
CA PRO A 63 -2.48 7.40 -21.53
C PRO A 63 -3.02 5.98 -21.55
N ALA A 64 -4.13 5.78 -22.26
CA ALA A 64 -4.75 4.47 -22.37
C ALA A 64 -3.76 3.44 -22.90
N SER A 65 -3.40 2.48 -22.06
CA SER A 65 -2.46 1.43 -22.46
C SER A 65 -2.14 0.51 -21.29
N THR A 66 -2.14 1.08 -20.08
CA THR A 66 -1.84 0.32 -18.87
C THR A 66 -3.07 0.20 -17.99
N HIS A 67 -4.25 0.27 -18.61
CA HIS A 67 -5.51 0.16 -17.87
C HIS A 67 -5.85 -1.29 -17.58
N ARG A 68 -5.22 -2.20 -18.31
CA ARG A 68 -5.46 -3.63 -18.13
C ARG A 68 -5.31 -4.02 -16.66
N GLU A 69 -4.08 -3.94 -16.16
CA GLU A 69 -3.81 -4.29 -14.76
C GLU A 69 -4.58 -3.38 -13.82
N ILE A 70 -4.80 -2.14 -14.23
CA ILE A 70 -5.54 -1.17 -13.43
C ILE A 70 -6.95 -1.65 -13.14
N GLU A 71 -7.63 -2.10 -14.19
CA GLU A 71 -9.00 -2.59 -14.06
C GLU A 71 -9.07 -3.77 -13.10
N MET A 72 -8.26 -4.79 -13.39
CA MET A 72 -8.23 -5.99 -12.56
C MET A 72 -7.76 -5.66 -11.14
N ALA A 73 -6.98 -4.59 -11.02
CA ALA A 73 -6.47 -4.16 -9.73
C ALA A 73 -7.57 -3.57 -8.87
N GLN A 74 -8.54 -2.93 -9.52
CA GLN A 74 -9.66 -2.31 -8.81
C GLN A 74 -10.38 -3.33 -7.93
N LYS A 75 -11.11 -4.23 -8.57
CA LYS A 75 -11.86 -5.26 -7.84
C LYS A 75 -10.92 -6.07 -6.95
N LEU A 76 -9.77 -6.44 -7.48
CA LEU A 76 -8.79 -7.21 -6.72
C LEU A 76 -8.46 -6.53 -5.40
N LEU A 77 -8.21 -5.22 -5.47
CA LEU A 77 -7.87 -4.45 -4.28
C LEU A 77 -8.94 -4.62 -3.20
N ASN A 78 -10.20 -4.54 -3.60
CA ASN A 78 -11.32 -4.69 -2.67
C ASN A 78 -11.17 -5.97 -1.86
N SER A 79 -10.95 -7.09 -2.55
CA SER A 79 -10.79 -8.37 -1.89
C SER A 79 -9.74 -8.30 -0.79
N ASP A 80 -8.59 -7.69 -1.11
CA ASP A 80 -7.51 -7.55 -0.15
C ASP A 80 -8.00 -6.91 1.15
N LEU A 81 -8.79 -5.85 1.00
CA LEU A 81 -9.33 -5.14 2.16
C LEU A 81 -10.05 -6.11 3.10
N ALA A 82 -11.13 -6.71 2.62
CA ALA A 82 -11.90 -7.66 3.42
C ALA A 82 -11.00 -8.75 3.99
N GLU A 83 -10.02 -9.17 3.20
CA GLU A 83 -9.09 -10.21 3.64
C GLU A 83 -8.25 -9.74 4.83
N LEU A 84 -7.71 -8.53 4.71
CA LEU A 84 -6.89 -7.97 5.78
C LEU A 84 -7.72 -7.73 7.04
N ILE A 85 -8.78 -6.93 6.90
CA ILE A 85 -9.65 -6.62 8.02
C ILE A 85 -10.13 -7.90 8.71
N ASN A 86 -10.36 -8.94 7.92
CA ASN A 86 -10.81 -10.22 8.46
C ASN A 86 -9.77 -10.81 9.41
N LYS A 87 -8.62 -11.19 8.86
CA LYS A 87 -7.55 -11.77 9.65
C LYS A 87 -7.21 -10.88 10.84
N MET A 88 -7.27 -9.57 10.63
CA MET A 88 -6.98 -8.61 11.70
C MET A 88 -7.91 -8.81 12.89
N LYS A 89 -9.21 -8.80 12.62
CA LYS A 89 -10.22 -8.98 13.66
C LYS A 89 -9.93 -10.23 14.49
N LEU A 90 -9.39 -11.25 13.83
CA LEU A 90 -9.05 -12.50 14.50
C LEU A 90 -7.92 -12.30 15.51
N ALA A 91 -6.82 -11.72 15.04
CA ALA A 91 -5.67 -11.46 15.90
C ALA A 91 -6.07 -10.70 17.14
N GLN A 92 -7.02 -9.77 16.99
CA GLN A 92 -7.49 -8.97 18.11
C GLN A 92 -8.01 -9.85 19.23
N GLN A 93 -8.48 -11.05 18.86
CA GLN A 93 -9.01 -12.00 19.84
C GLN A 93 -8.00 -13.11 20.13
N TYR A 94 -7.12 -13.37 19.17
CA TYR A 94 -6.11 -14.41 19.32
C TYR A 94 -4.78 -13.80 19.76
N VAL A 95 -4.84 -12.66 20.43
CA VAL A 95 -3.65 -11.98 20.91
C VAL A 95 -3.54 -12.07 22.43
N MET A 96 -4.67 -11.99 23.11
CA MET A 96 -4.71 -12.06 24.56
C MET A 96 -4.50 -13.50 25.04
N THR A 97 -4.69 -14.45 24.13
CA THR A 97 -4.53 -15.86 24.46
C THR A 97 -3.05 -16.25 24.51
N SER A 98 -2.44 -16.35 23.34
CA SER A 98 -1.03 -16.71 23.25
C SER A 98 -0.57 -16.74 21.80
N LEU A 99 -1.47 -17.16 20.91
CA LEU A 99 -1.15 -17.23 19.49
C LEU A 99 -1.17 -15.85 18.85
N GLN A 100 -0.26 -14.98 19.29
CA GLN A 100 -0.18 -13.63 18.76
C GLN A 100 0.88 -13.53 17.65
N GLN A 101 2.09 -13.97 17.97
CA GLN A 101 3.18 -13.94 17.00
C GLN A 101 2.77 -14.60 15.69
N GLU A 102 1.94 -15.63 15.79
CA GLU A 102 1.46 -16.35 14.62
C GLU A 102 0.90 -15.38 13.57
N TYR A 103 -0.14 -14.66 13.96
CA TYR A 103 -0.77 -13.70 13.06
C TYR A 103 0.23 -12.66 12.58
N LYS A 104 1.24 -12.40 13.40
CA LYS A 104 2.27 -11.42 13.06
C LYS A 104 3.03 -11.84 11.82
N LYS A 105 3.38 -13.13 11.74
CA LYS A 105 4.11 -13.66 10.60
C LYS A 105 3.31 -13.50 9.32
N GLN A 106 2.10 -14.07 9.30
CA GLN A 106 1.24 -13.98 8.14
C GLN A 106 0.92 -12.54 7.79
N MET A 107 0.62 -11.74 8.82
CA MET A 107 0.30 -10.33 8.62
C MET A 107 1.38 -9.64 7.79
N LEU A 108 2.63 -9.76 8.23
CA LEU A 108 3.74 -9.15 7.53
C LEU A 108 3.73 -9.52 6.05
N THR A 109 3.46 -10.79 5.77
CA THR A 109 3.42 -11.28 4.39
C THR A 109 2.39 -10.52 3.57
N ALA A 110 1.15 -10.49 4.05
CA ALA A 110 0.08 -9.80 3.37
C ALA A 110 0.38 -8.31 3.24
N ALA A 111 0.69 -7.68 4.36
CA ALA A 111 1.01 -6.26 4.38
C ALA A 111 2.15 -5.93 3.44
N HIS A 112 3.08 -6.88 3.30
CA HIS A 112 4.23 -6.69 2.42
C HIS A 112 3.79 -6.53 0.97
N ALA A 113 3.03 -7.51 0.47
CA ALA A 113 2.54 -7.47 -0.90
C ALA A 113 1.55 -6.33 -1.10
N LEU A 114 0.81 -6.01 -0.06
CA LEU A 114 -0.18 -4.93 -0.12
C LEU A 114 0.49 -3.61 -0.45
N ALA A 115 1.40 -3.17 0.42
CA ALA A 115 2.12 -1.91 0.21
C ALA A 115 2.83 -1.89 -1.14
N VAL A 116 3.64 -2.92 -1.40
CA VAL A 116 4.37 -3.03 -2.66
C VAL A 116 3.41 -2.98 -3.85
N ASP A 117 2.24 -3.57 -3.69
CA ASP A 117 1.24 -3.59 -4.75
C ASP A 117 0.78 -2.18 -5.10
N ALA A 118 0.26 -1.48 -4.10
CA ALA A 118 -0.21 -0.11 -4.31
C ALA A 118 0.85 0.75 -4.98
N LYS A 119 2.11 0.47 -4.66
CA LYS A 119 3.23 1.22 -5.23
C LYS A 119 3.48 0.80 -6.67
N ASN A 120 3.63 -0.51 -6.89
CA ASN A 120 3.87 -1.03 -8.24
C ASN A 120 2.81 -0.54 -9.22
N LEU A 121 1.62 -0.26 -8.70
CA LEU A 121 0.52 0.23 -9.54
C LEU A 121 0.95 1.44 -10.35
N LEU A 122 1.42 2.48 -9.67
CA LEU A 122 1.87 3.69 -10.33
C LEU A 122 3.20 3.47 -11.05
N ASP A 123 4.05 2.63 -10.45
CA ASP A 123 5.36 2.33 -11.03
C ASP A 123 5.20 1.74 -12.42
N VAL A 124 4.25 0.82 -12.58
CA VAL A 124 4.01 0.18 -13.86
C VAL A 124 3.49 1.19 -14.89
N ILE A 125 2.35 1.80 -14.59
CA ILE A 125 1.76 2.78 -15.49
C ILE A 125 2.73 3.91 -15.79
N ASP A 126 3.70 4.10 -14.89
CA ASP A 126 4.70 5.15 -15.07
C ASP A 126 5.43 4.99 -16.41
N GLN A 127 5.66 3.74 -16.79
CA GLN A 127 6.35 3.45 -18.05
C GLN A 127 5.60 4.04 -19.23
N ALA A 128 4.28 4.13 -19.11
CA ALA A 128 3.45 4.69 -20.17
C ALA A 128 3.60 6.20 -20.25
N ARG A 129 3.51 6.85 -19.09
CA ARG A 129 3.63 8.31 -19.01
C ARG A 129 4.95 8.78 -19.62
N LEU A 130 6.02 8.06 -19.29
CA LEU A 130 7.35 8.41 -19.79
C LEU A 130 7.49 8.03 -21.27
N LYS A 131 6.75 7.00 -21.68
CA LYS A 131 6.78 6.55 -23.06
C LYS A 131 6.42 7.67 -24.01
N MET A 132 5.40 8.44 -23.66
CA MET A 132 4.95 9.56 -24.49
C MET A 132 5.88 10.76 -24.32
N ILE A 133 6.11 11.16 -23.08
CA ILE A 133 6.98 12.30 -22.79
C ILE A 133 8.33 12.14 -23.48
N SER A 134 9.02 11.04 -23.18
CA SER A 134 10.33 10.77 -23.78
C SER A 134 10.18 10.31 -25.22
N GLN A 135 9.83 11.25 -26.10
CA GLN A 135 9.66 10.94 -27.52
C GLN A 135 9.37 12.20 -28.32
N SER A 136 8.29 12.89 -27.96
CA SER A 136 7.90 14.10 -28.65
C SER A 136 6.74 14.79 -27.94
N ARG A 137 6.89 16.09 -27.71
CA ARG A 137 5.86 16.86 -27.02
C ARG A 137 6.02 18.36 -27.30
N PRO A 138 5.67 18.78 -28.53
CA PRO A 138 5.78 20.17 -28.95
C PRO A 138 4.75 21.06 -28.25
N HIS A 139 5.14 21.63 -27.12
CA HIS A 139 4.25 22.50 -26.36
C HIS A 139 5.06 23.56 -25.59
N SER A 155 11.79 11.74 -6.41
CA SER A 155 11.66 10.29 -6.58
C SER A 155 12.16 9.55 -5.34
N ASN A 156 11.31 8.69 -4.79
CA ASN A 156 11.67 7.92 -3.60
C ASN A 156 11.43 6.43 -3.82
N LEU A 157 11.51 6.00 -5.08
CA LEU A 157 11.31 4.61 -5.43
C LEU A 157 12.20 3.70 -4.59
N SER A 158 13.48 4.03 -4.52
CA SER A 158 14.44 3.25 -3.76
C SER A 158 14.15 3.37 -2.26
N GLU A 159 13.82 4.58 -1.82
CA GLU A 159 13.54 4.83 -0.41
C GLU A 159 12.48 3.84 0.10
N LEU A 160 11.41 3.67 -0.67
CA LEU A 160 10.34 2.76 -0.29
C LEU A 160 10.81 1.32 -0.29
N ASP A 161 11.69 0.99 -1.25
CA ASP A 161 12.22 -0.36 -1.35
C ASP A 161 13.08 -0.70 -0.14
N ARG A 162 13.95 0.22 0.25
CA ARG A 162 14.83 0.01 1.40
C ARG A 162 14.02 -0.38 2.63
N LEU A 163 13.10 0.49 3.03
CA LEU A 163 12.26 0.25 4.19
C LEU A 163 11.60 -1.13 4.10
N LEU A 164 11.22 -1.52 2.89
CA LEU A 164 10.57 -2.80 2.67
C LEU A 164 11.48 -3.95 3.09
N LEU A 165 12.75 -3.87 2.69
CA LEU A 165 13.72 -4.90 3.02
C LEU A 165 13.81 -5.10 4.53
N GLU A 166 13.83 -4.00 5.27
CA GLU A 166 13.91 -4.06 6.73
C GLU A 166 12.71 -4.82 7.30
N LEU A 167 11.52 -4.51 6.80
CA LEU A 167 10.31 -5.17 7.26
C LEU A 167 10.46 -6.69 7.22
N ASN A 168 11.02 -7.19 6.12
CA ASN A 168 11.22 -8.63 5.96
C ASN A 168 12.11 -9.18 7.06
N ALA A 169 13.23 -8.51 7.30
CA ALA A 169 14.17 -8.94 8.33
C ALA A 169 13.53 -8.89 9.71
N VAL A 170 12.72 -7.86 9.95
CA VAL A 170 12.04 -7.69 11.22
C VAL A 170 11.28 -8.96 11.61
N GLN A 171 10.54 -9.51 10.66
CA GLN A 171 9.77 -10.72 10.91
C GLN A 171 10.68 -11.94 10.99
N HIS A 172 11.77 -11.92 10.24
CA HIS A 172 12.72 -13.01 10.23
C HIS A 172 13.14 -13.38 11.65
N ASN A 173 13.36 -12.36 12.47
CA ASN A 173 13.77 -12.57 13.86
C ASN A 173 13.88 -11.25 14.61
N PRO A 174 13.84 -11.31 15.94
CA PRO A 174 13.92 -10.13 16.80
C PRO A 174 15.31 -9.50 16.78
N PRO A 175 15.41 -8.28 17.32
CA PRO A 175 16.68 -7.54 17.37
C PRO A 175 17.68 -8.18 18.35
N SER A 176 17.15 -8.98 19.28
CA SER A 176 18.00 -9.63 20.27
C SER A 176 17.50 -11.05 20.56
N MET A 1 1.46 24.03 -20.35
CA MET A 1 0.09 24.27 -19.91
C MET A 1 -0.29 23.33 -18.77
N ALA A 2 0.54 23.29 -17.74
CA ALA A 2 0.29 22.43 -16.59
C ALA A 2 -1.12 22.63 -16.06
N ASN A 3 -1.91 21.56 -16.08
CA ASN A 3 -3.29 21.62 -15.59
C ASN A 3 -3.71 20.28 -14.99
N LEU A 4 -3.34 19.19 -15.66
CA LEU A 4 -3.67 17.85 -15.18
C LEU A 4 -2.52 17.25 -14.40
N ASP A 5 -1.71 18.11 -13.79
CA ASP A 5 -0.56 17.66 -13.01
C ASP A 5 -0.84 17.79 -11.51
N ARG A 6 -2.12 17.74 -11.15
CA ARG A 6 -2.52 17.86 -9.75
C ARG A 6 -2.90 16.50 -9.18
N SER A 7 -3.72 15.76 -9.93
CA SER A 7 -4.17 14.44 -9.49
C SER A 7 -3.06 13.41 -9.65
N ASN A 8 -2.19 13.62 -10.63
CA ASN A 8 -1.07 12.72 -10.88
C ASN A 8 -0.19 12.59 -9.64
N ASP A 9 -0.19 13.63 -8.81
CA ASP A 9 0.60 13.63 -7.58
C ASP A 9 -0.17 13.03 -6.42
N LYS A 10 -1.49 13.13 -6.49
CA LYS A 10 -2.36 12.59 -5.44
C LYS A 10 -2.14 11.08 -5.28
N VAL A 11 -2.30 10.36 -6.37
CA VAL A 11 -2.13 8.91 -6.34
C VAL A 11 -0.69 8.53 -5.98
N TYR A 12 0.27 9.19 -6.61
CA TYR A 12 1.67 8.92 -6.35
C TYR A 12 2.04 9.28 -4.91
N GLU A 13 1.22 10.14 -4.31
CA GLU A 13 1.46 10.58 -2.93
C GLU A 13 0.97 9.52 -1.95
N ASN A 14 -0.29 9.12 -2.09
CA ASN A 14 -0.87 8.12 -1.20
C ASN A 14 -0.02 6.86 -1.15
N VAL A 15 0.54 6.49 -2.31
CA VAL A 15 1.38 5.30 -2.40
C VAL A 15 2.55 5.38 -1.43
N THR A 16 2.92 6.61 -1.04
CA THR A 16 4.02 6.82 -0.12
C THR A 16 3.53 6.84 1.32
N GLY A 17 2.48 7.61 1.58
CA GLY A 17 1.94 7.70 2.93
C GLY A 17 1.67 6.33 3.53
N LEU A 18 0.96 5.49 2.79
CA LEU A 18 0.62 4.16 3.27
C LEU A 18 1.87 3.42 3.73
N VAL A 19 2.99 3.65 3.04
CA VAL A 19 4.25 3.02 3.39
C VAL A 19 4.69 3.39 4.79
N LYS A 20 4.68 4.68 5.08
CA LYS A 20 5.07 5.18 6.40
C LYS A 20 4.32 4.45 7.50
N ALA A 21 3.03 4.22 7.28
CA ALA A 21 2.20 3.52 8.25
C ALA A 21 2.56 2.05 8.33
N VAL A 22 2.78 1.43 7.18
CA VAL A 22 3.14 0.02 7.11
C VAL A 22 4.43 -0.26 7.86
N ILE A 23 5.36 0.69 7.79
CA ILE A 23 6.65 0.55 8.47
C ILE A 23 6.52 0.84 9.96
N GLU A 24 5.98 2.01 10.29
CA GLU A 24 5.81 2.41 11.68
C GLU A 24 5.06 1.33 12.46
N MET A 25 3.94 0.87 11.91
CA MET A 25 3.14 -0.17 12.55
C MET A 25 3.96 -1.41 12.80
N SER A 26 4.72 -1.83 11.80
CA SER A 26 5.55 -3.02 11.91
C SER A 26 6.60 -2.85 13.01
N SER A 27 6.84 -1.60 13.39
CA SER A 27 7.83 -1.29 14.43
C SER A 27 7.26 -1.59 15.81
N LYS A 28 6.13 -0.97 16.13
CA LYS A 28 5.48 -1.17 17.42
C LYS A 28 4.41 -2.25 17.33
N ILE A 29 4.51 -3.09 16.32
CA ILE A 29 3.54 -4.18 16.12
C ILE A 29 3.55 -5.14 17.30
N GLN A 30 4.74 -5.43 17.81
CA GLN A 30 4.89 -6.33 18.95
C GLN A 30 4.19 -5.77 20.19
N PRO A 31 4.66 -4.60 20.64
CA PRO A 31 4.10 -3.93 21.82
C PRO A 31 2.69 -3.39 21.57
N ALA A 32 2.25 -3.47 20.32
CA ALA A 32 0.92 -2.99 19.95
C ALA A 32 -0.13 -3.49 20.94
N PRO A 33 -0.63 -2.58 21.78
CA PRO A 33 -1.65 -2.91 22.78
C PRO A 33 -3.01 -3.21 22.15
N PRO A 34 -3.93 -3.75 22.97
CA PRO A 34 -5.29 -4.09 22.51
C PRO A 34 -6.12 -2.86 22.20
N GLU A 35 -5.71 -1.71 22.75
CA GLU A 35 -6.43 -0.47 22.54
C GLU A 35 -5.97 0.22 21.26
N GLU A 36 -4.79 -0.16 20.79
CA GLU A 36 -4.23 0.42 19.57
C GLU A 36 -4.59 -0.44 18.36
N TYR A 37 -5.13 -1.63 18.61
CA TYR A 37 -5.50 -2.54 17.53
C TYR A 37 -6.75 -2.03 16.80
N VAL A 38 -7.73 -1.56 17.56
CA VAL A 38 -8.96 -1.04 17.00
C VAL A 38 -8.69 0.01 15.93
N PRO A 39 -7.97 1.08 16.34
CA PRO A 39 -7.60 2.18 15.44
C PRO A 39 -6.58 1.76 14.39
N MET A 40 -5.74 0.80 14.75
CA MET A 40 -4.71 0.31 13.83
C MET A 40 -5.32 -0.06 12.48
N VAL A 41 -6.36 -0.89 12.51
CA VAL A 41 -7.03 -1.32 11.29
C VAL A 41 -7.58 -0.14 10.51
N LYS A 42 -7.96 0.91 11.24
CA LYS A 42 -8.50 2.12 10.62
C LYS A 42 -7.48 2.74 9.66
N GLU A 43 -6.25 2.91 10.14
CA GLU A 43 -5.20 3.50 9.33
C GLU A 43 -4.93 2.64 8.09
N VAL A 44 -4.70 1.35 8.31
CA VAL A 44 -4.44 0.43 7.21
C VAL A 44 -5.58 0.44 6.19
N GLY A 45 -6.80 0.38 6.69
CA GLY A 45 -7.96 0.38 5.81
C GLY A 45 -8.09 1.66 5.02
N LEU A 46 -7.54 2.75 5.56
CA LEU A 46 -7.59 4.05 4.90
C LEU A 46 -6.77 4.04 3.62
N ALA A 47 -5.55 3.53 3.71
CA ALA A 47 -4.65 3.47 2.56
C ALA A 47 -5.27 2.65 1.43
N LEU A 48 -5.78 1.47 1.78
CA LEU A 48 -6.40 0.58 0.80
C LEU A 48 -7.64 1.23 0.20
N ARG A 49 -8.57 1.66 1.06
CA ARG A 49 -9.79 2.29 0.61
C ARG A 49 -9.49 3.50 -0.27
N THR A 50 -8.48 4.27 0.11
CA THR A 50 -8.08 5.45 -0.64
C THR A 50 -7.49 5.07 -2.00
N LEU A 51 -6.64 4.04 -2.00
CA LEU A 51 -6.01 3.57 -3.23
C LEU A 51 -7.05 3.32 -4.32
N LEU A 52 -8.21 2.82 -3.91
CA LEU A 52 -9.29 2.54 -4.85
C LEU A 52 -9.70 3.80 -5.61
N ALA A 53 -9.85 4.90 -4.88
CA ALA A 53 -10.24 6.16 -5.48
C ALA A 53 -9.08 6.78 -6.26
N THR A 54 -7.89 6.74 -5.67
CA THR A 54 -6.70 7.30 -6.31
C THR A 54 -6.52 6.74 -7.72
N VAL A 55 -6.58 5.42 -7.84
CA VAL A 55 -6.43 4.76 -9.13
C VAL A 55 -7.58 5.12 -10.06
N ASP A 56 -8.78 5.17 -9.51
CA ASP A 56 -9.97 5.51 -10.30
C ASP A 56 -9.77 6.80 -11.08
N GLU A 57 -9.11 7.77 -10.43
CA GLU A 57 -8.85 9.06 -11.06
C GLU A 57 -7.53 9.03 -11.84
N SER A 58 -6.73 8.00 -11.59
CA SER A 58 -5.45 7.86 -12.26
C SER A 58 -5.63 7.45 -13.71
N LEU A 59 -6.77 6.81 -14.01
CA LEU A 59 -7.08 6.37 -15.36
C LEU A 59 -6.89 7.51 -16.36
N PRO A 60 -7.67 8.59 -16.18
CA PRO A 60 -7.61 9.76 -17.06
C PRO A 60 -6.31 10.54 -16.89
N VAL A 61 -5.86 10.67 -15.65
CA VAL A 61 -4.63 11.39 -15.35
C VAL A 61 -3.46 10.84 -16.15
N LEU A 62 -3.56 9.57 -16.55
CA LEU A 62 -2.51 8.92 -17.32
C LEU A 62 -3.01 8.57 -18.72
N PRO A 63 -2.06 8.41 -19.66
CA PRO A 63 -2.38 8.06 -21.04
C PRO A 63 -2.90 6.63 -21.19
N ALA A 64 -3.92 6.46 -22.02
CA ALA A 64 -4.50 5.14 -22.24
C ALA A 64 -3.44 4.16 -22.76
N SER A 65 -3.15 3.14 -21.96
CA SER A 65 -2.16 2.14 -22.33
C SER A 65 -1.98 1.11 -21.22
N THR A 66 -2.14 1.56 -19.98
CA THR A 66 -2.00 0.67 -18.83
C THR A 66 -3.33 0.45 -18.13
N HIS A 67 -4.42 0.57 -18.89
CA HIS A 67 -5.76 0.39 -18.35
C HIS A 67 -5.93 -1.02 -17.79
N ARG A 68 -5.33 -1.99 -18.46
CA ARG A 68 -5.42 -3.39 -18.02
C ARG A 68 -5.03 -3.52 -16.56
N GLU A 69 -3.80 -3.12 -16.24
CA GLU A 69 -3.31 -3.19 -14.86
C GLU A 69 -4.13 -2.31 -13.94
N ILE A 70 -4.54 -1.15 -14.44
CA ILE A 70 -5.34 -0.22 -13.65
C ILE A 70 -6.64 -0.87 -13.19
N GLU A 71 -7.41 -1.39 -14.13
CA GLU A 71 -8.68 -2.04 -13.81
C GLU A 71 -8.46 -3.23 -12.88
N MET A 72 -7.54 -4.11 -13.27
CA MET A 72 -7.23 -5.29 -12.47
C MET A 72 -6.73 -4.89 -11.08
N ALA A 73 -6.18 -3.70 -10.98
CA ALA A 73 -5.66 -3.19 -9.71
C ALA A 73 -6.79 -2.85 -8.75
N GLN A 74 -7.91 -2.36 -9.29
CA GLN A 74 -9.06 -2.00 -8.49
C GLN A 74 -9.59 -3.20 -7.72
N LYS A 75 -9.99 -4.24 -8.45
CA LYS A 75 -10.53 -5.44 -7.85
C LYS A 75 -9.49 -6.09 -6.92
N LEU A 76 -8.24 -6.16 -7.41
CA LEU A 76 -7.16 -6.75 -6.62
C LEU A 76 -7.04 -6.08 -5.26
N LEU A 77 -7.08 -4.74 -5.26
CA LEU A 77 -6.97 -3.98 -4.03
C LEU A 77 -8.02 -4.43 -3.01
N ASN A 78 -9.26 -4.57 -3.47
CA ASN A 78 -10.34 -5.00 -2.59
C ASN A 78 -9.97 -6.28 -1.86
N SER A 79 -9.42 -7.23 -2.59
CA SER A 79 -9.02 -8.52 -2.01
C SER A 79 -8.13 -8.31 -0.79
N ASP A 80 -7.02 -7.62 -0.99
CA ASP A 80 -6.08 -7.34 0.10
C ASP A 80 -6.77 -6.62 1.24
N LEU A 81 -7.62 -5.66 0.90
CA LEU A 81 -8.35 -4.89 1.91
C LEU A 81 -9.13 -5.81 2.83
N ALA A 82 -10.13 -6.49 2.28
CA ALA A 82 -10.96 -7.42 3.05
C ALA A 82 -10.09 -8.41 3.81
N GLU A 83 -9.06 -8.91 3.16
CA GLU A 83 -8.16 -9.89 3.79
C GLU A 83 -7.44 -9.27 4.99
N LEU A 84 -7.17 -7.97 4.89
CA LEU A 84 -6.48 -7.25 5.96
C LEU A 84 -7.39 -7.09 7.18
N ILE A 85 -8.56 -6.48 6.96
CA ILE A 85 -9.51 -6.28 8.04
C ILE A 85 -10.00 -7.60 8.61
N ASN A 86 -10.29 -8.55 7.73
CA ASN A 86 -10.75 -9.87 8.15
C ASN A 86 -9.80 -10.50 9.15
N LYS A 87 -8.61 -10.86 8.68
CA LYS A 87 -7.61 -11.47 9.54
C LYS A 87 -7.37 -10.63 10.80
N MET A 88 -7.43 -9.31 10.63
CA MET A 88 -7.23 -8.39 11.74
C MET A 88 -8.27 -8.63 12.83
N LYS A 89 -9.54 -8.60 12.45
CA LYS A 89 -10.63 -8.81 13.40
C LYS A 89 -10.46 -10.14 14.14
N LEU A 90 -9.77 -11.08 13.51
CA LEU A 90 -9.54 -12.39 14.11
C LEU A 90 -8.49 -12.30 15.20
N ALA A 91 -7.36 -11.69 14.90
CA ALA A 91 -6.27 -11.53 15.86
C ALA A 91 -6.78 -10.93 17.16
N GLN A 92 -7.79 -10.06 17.05
CA GLN A 92 -8.36 -9.41 18.22
C GLN A 92 -8.86 -10.44 19.23
N GLN A 93 -9.32 -11.58 18.72
CA GLN A 93 -9.84 -12.64 19.58
C GLN A 93 -8.82 -13.77 19.70
N TYR A 94 -7.93 -13.87 18.72
CA TYR A 94 -6.91 -14.92 18.72
C TYR A 94 -5.60 -14.38 19.28
N VAL A 95 -5.70 -13.43 20.20
CA VAL A 95 -4.52 -12.84 20.82
C VAL A 95 -4.46 -13.17 22.31
N MET A 96 -5.61 -13.15 22.96
CA MET A 96 -5.68 -13.46 24.39
C MET A 96 -5.54 -14.96 24.63
N THR A 97 -5.71 -15.74 23.57
CA THR A 97 -5.61 -17.20 23.67
C THR A 97 -4.15 -17.64 23.73
N SER A 98 -3.47 -17.56 22.59
CA SER A 98 -2.07 -17.95 22.51
C SER A 98 -1.54 -17.75 21.09
N LEU A 99 -2.40 -17.97 20.10
CA LEU A 99 -2.01 -17.83 18.70
C LEU A 99 -1.96 -16.35 18.31
N GLN A 100 -1.10 -15.60 18.98
CA GLN A 100 -0.95 -14.18 18.69
C GLN A 100 0.21 -13.93 17.75
N GLN A 101 1.39 -14.43 18.10
CA GLN A 101 2.58 -14.26 17.28
C GLN A 101 2.31 -14.68 15.83
N GLU A 102 1.50 -15.72 15.66
CA GLU A 102 1.17 -16.22 14.34
C GLU A 102 0.65 -15.09 13.46
N TYR A 103 -0.45 -14.48 13.88
CA TYR A 103 -1.06 -13.38 13.12
C TYR A 103 -0.05 -12.28 12.87
N LYS A 104 0.93 -12.16 13.76
CA LYS A 104 1.96 -11.14 13.63
C LYS A 104 2.78 -11.36 12.36
N LYS A 105 3.29 -12.57 12.18
CA LYS A 105 4.08 -12.91 11.01
C LYS A 105 3.26 -12.77 9.73
N GLN A 106 2.09 -13.41 9.72
CA GLN A 106 1.21 -13.34 8.56
C GLN A 106 0.85 -11.91 8.22
N MET A 107 0.45 -11.14 9.23
CA MET A 107 0.08 -9.75 9.03
C MET A 107 1.17 -9.00 8.28
N LEU A 108 2.40 -9.11 8.76
CA LEU A 108 3.54 -8.44 8.13
C LEU A 108 3.64 -8.80 6.65
N THR A 109 3.44 -10.08 6.34
CA THR A 109 3.49 -10.56 4.97
C THR A 109 2.61 -9.72 4.06
N ALA A 110 1.37 -9.49 4.49
CA ALA A 110 0.43 -8.69 3.72
C ALA A 110 0.95 -7.28 3.49
N ALA A 111 1.61 -6.73 4.51
CA ALA A 111 2.16 -5.39 4.42
C ALA A 111 3.18 -5.28 3.29
N HIS A 112 3.95 -6.34 3.09
CA HIS A 112 4.96 -6.37 2.04
C HIS A 112 4.33 -6.27 0.67
N ALA A 113 3.37 -7.14 0.40
CA ALA A 113 2.67 -7.14 -0.88
C ALA A 113 1.85 -5.88 -1.07
N LEU A 114 1.41 -5.30 0.04
CA LEU A 114 0.60 -4.08 0.00
C LEU A 114 1.43 -2.91 -0.52
N ALA A 115 2.48 -2.55 0.21
CA ALA A 115 3.34 -1.44 -0.17
C ALA A 115 3.87 -1.64 -1.59
N VAL A 116 4.48 -2.80 -1.84
CA VAL A 116 5.03 -3.11 -3.16
C VAL A 116 3.98 -2.95 -4.24
N ASP A 117 2.74 -3.34 -3.93
CA ASP A 117 1.64 -3.23 -4.88
C ASP A 117 1.38 -1.78 -5.25
N ALA A 118 1.09 -0.96 -4.25
CA ALA A 118 0.83 0.45 -4.48
C ALA A 118 1.97 1.12 -5.23
N LYS A 119 3.19 0.65 -4.99
CA LYS A 119 4.37 1.19 -5.65
C LYS A 119 4.44 0.74 -7.10
N ASN A 120 4.57 -0.57 -7.30
CA ASN A 120 4.65 -1.13 -8.64
C ASN A 120 3.48 -0.67 -9.50
N LEU A 121 2.34 -0.43 -8.85
CA LEU A 121 1.15 0.02 -9.55
C LEU A 121 1.41 1.31 -10.32
N LEU A 122 1.85 2.34 -9.60
CA LEU A 122 2.15 3.63 -10.21
C LEU A 122 3.43 3.55 -11.05
N ASP A 123 4.38 2.74 -10.60
CA ASP A 123 5.65 2.57 -11.31
C ASP A 123 5.40 2.09 -12.74
N VAL A 124 4.51 1.12 -12.89
CA VAL A 124 4.19 0.56 -14.20
C VAL A 124 3.52 1.62 -15.09
N ILE A 125 2.37 2.13 -14.64
CA ILE A 125 1.64 3.13 -15.39
C ILE A 125 2.52 4.35 -15.68
N ASP A 126 3.54 4.54 -14.84
CA ASP A 126 4.45 5.67 -15.01
C ASP A 126 5.12 5.62 -16.38
N GLN A 127 5.46 4.43 -16.84
CA GLN A 127 6.11 4.26 -18.14
C GLN A 127 5.25 4.82 -19.25
N ALA A 128 3.93 4.75 -19.07
CA ALA A 128 3.00 5.26 -20.07
C ALA A 128 2.99 6.78 -20.09
N ARG A 129 3.02 7.39 -18.90
CA ARG A 129 3.02 8.84 -18.78
C ARG A 129 4.13 9.45 -19.62
N LEU A 130 5.33 8.86 -19.53
CA LEU A 130 6.49 9.35 -20.27
C LEU A 130 6.36 9.01 -21.76
N LYS A 131 5.66 7.93 -22.05
CA LYS A 131 5.46 7.51 -23.43
C LYS A 131 4.82 8.61 -24.26
N MET A 132 3.84 9.30 -23.67
CA MET A 132 3.15 10.39 -24.35
C MET A 132 4.01 11.65 -24.37
N ILE A 133 4.55 12.02 -23.20
CA ILE A 133 5.38 13.20 -23.09
C ILE A 133 6.52 13.17 -24.10
N SER A 134 7.36 12.15 -24.01
CA SER A 134 8.50 12.00 -24.91
C SER A 134 8.04 11.48 -26.28
N GLN A 135 7.24 12.29 -26.96
CA GLN A 135 6.73 11.91 -28.28
C GLN A 135 6.05 13.10 -28.96
N SER A 136 5.02 13.62 -28.31
CA SER A 136 4.27 14.76 -28.85
C SER A 136 3.27 15.28 -27.83
N ARG A 137 3.16 16.60 -27.74
CA ARG A 137 2.25 17.24 -26.80
C ARG A 137 2.60 16.88 -25.36
N PRO A 138 3.74 17.39 -24.89
CA PRO A 138 4.22 17.14 -23.53
C PRO A 138 3.36 17.82 -22.47
N HIS A 139 3.82 17.80 -21.23
CA HIS A 139 3.09 18.43 -20.13
C HIS A 139 1.73 17.75 -19.93
N SER A 155 11.55 10.44 0.90
CA SER A 155 10.53 10.09 -0.09
C SER A 155 11.16 9.96 -1.47
N ASN A 156 11.11 8.75 -2.03
CA ASN A 156 11.66 8.49 -3.35
C ASN A 156 11.46 7.03 -3.75
N LEU A 157 11.66 6.74 -5.03
CA LEU A 157 11.48 5.38 -5.54
C LEU A 157 12.29 4.38 -4.71
N SER A 158 13.59 4.62 -4.59
CA SER A 158 14.46 3.74 -3.82
C SER A 158 14.12 3.79 -2.33
N GLU A 159 13.57 4.93 -1.90
CA GLU A 159 13.19 5.10 -0.51
C GLU A 159 12.16 4.06 -0.08
N LEU A 160 11.14 3.88 -0.91
CA LEU A 160 10.08 2.92 -0.62
C LEU A 160 10.61 1.49 -0.72
N ASP A 161 11.52 1.26 -1.67
CA ASP A 161 12.10 -0.06 -1.86
C ASP A 161 12.96 -0.46 -0.67
N ARG A 162 13.91 0.39 -0.32
CA ARG A 162 14.80 0.13 0.81
C ARG A 162 13.99 -0.18 2.07
N LEU A 163 13.10 0.73 2.44
CA LEU A 163 12.28 0.55 3.63
C LEU A 163 11.56 -0.80 3.60
N LEU A 164 11.13 -1.21 2.41
CA LEU A 164 10.44 -2.48 2.24
C LEU A 164 11.36 -3.65 2.58
N LEU A 165 12.62 -3.55 2.17
CA LEU A 165 13.59 -4.60 2.44
C LEU A 165 13.67 -4.91 3.93
N GLU A 166 13.92 -3.87 4.73
CA GLU A 166 14.02 -4.03 6.17
C GLU A 166 12.75 -4.65 6.75
N LEU A 167 11.61 -4.17 6.27
CA LEU A 167 10.31 -4.69 6.73
C LEU A 167 10.26 -6.21 6.62
N ASN A 168 10.74 -6.72 5.50
CA ASN A 168 10.75 -8.17 5.26
C ASN A 168 11.63 -8.88 6.28
N ALA A 169 12.83 -8.37 6.48
CA ALA A 169 13.77 -8.95 7.43
C ALA A 169 13.18 -8.97 8.84
N VAL A 170 12.48 -7.89 9.19
CA VAL A 170 11.87 -7.78 10.51
C VAL A 170 10.87 -8.90 10.75
N GLN A 171 10.15 -9.28 9.70
CA GLN A 171 9.16 -10.35 9.79
C GLN A 171 9.83 -11.68 10.14
N HIS A 172 10.92 -11.99 9.46
CA HIS A 172 11.65 -13.23 9.69
C HIS A 172 11.97 -13.39 11.17
N ASN A 173 12.56 -12.36 11.77
CA ASN A 173 12.92 -12.40 13.17
C ASN A 173 13.55 -11.08 13.61
N PRO A 174 13.55 -10.82 14.93
CA PRO A 174 14.11 -9.60 15.50
C PRO A 174 15.64 -9.56 15.40
N PRO A 175 16.22 -8.38 15.66
CA PRO A 175 17.67 -8.18 15.60
C PRO A 175 18.40 -8.91 16.74
N SER A 176 18.57 -10.22 16.58
CA SER A 176 19.25 -11.02 17.60
C SER A 176 20.68 -11.34 17.16
N MET A 1 -2.36 28.11 -14.12
CA MET A 1 -1.18 27.70 -13.36
C MET A 1 -1.38 26.32 -12.74
N ALA A 2 -0.93 25.29 -13.45
CA ALA A 2 -1.07 23.92 -12.97
C ALA A 2 -2.51 23.60 -12.61
N ASN A 3 -3.26 23.11 -13.59
CA ASN A 3 -4.67 22.76 -13.37
C ASN A 3 -4.83 21.25 -13.19
N LEU A 4 -4.07 20.49 -13.97
CA LEU A 4 -4.13 19.03 -13.89
C LEU A 4 -3.01 18.48 -13.03
N ASP A 5 -2.56 19.29 -12.07
CA ASP A 5 -1.49 18.88 -11.17
C ASP A 5 -2.05 18.56 -9.78
N ARG A 6 -3.31 18.17 -9.74
CA ARG A 6 -3.96 17.83 -8.47
C ARG A 6 -4.08 16.32 -8.30
N SER A 7 -4.55 15.64 -9.34
CA SER A 7 -4.72 14.20 -9.31
C SER A 7 -3.36 13.50 -9.44
N ASN A 8 -2.55 13.99 -10.37
CA ASN A 8 -1.22 13.40 -10.59
C ASN A 8 -0.38 13.44 -9.32
N ASP A 9 -0.68 14.41 -8.45
CA ASP A 9 0.05 14.56 -7.21
C ASP A 9 -0.66 13.80 -6.08
N LYS A 10 -1.96 13.63 -6.21
CA LYS A 10 -2.74 12.92 -5.20
C LYS A 10 -2.33 11.46 -5.11
N VAL A 11 -2.38 10.77 -6.25
CA VAL A 11 -2.01 9.36 -6.30
C VAL A 11 -0.54 9.17 -5.92
N TYR A 12 0.32 10.02 -6.46
CA TYR A 12 1.75 9.94 -6.18
C TYR A 12 2.03 10.21 -4.70
N GLU A 13 1.04 10.77 -4.01
CA GLU A 13 1.18 11.07 -2.59
C GLU A 13 0.71 9.90 -1.74
N ASN A 14 -0.53 9.47 -1.96
CA ASN A 14 -1.10 8.35 -1.21
C ASN A 14 -0.20 7.12 -1.29
N VAL A 15 0.39 6.90 -2.46
CA VAL A 15 1.28 5.77 -2.66
C VAL A 15 2.43 5.78 -1.67
N THR A 16 2.72 6.96 -1.11
CA THR A 16 3.80 7.11 -0.15
C THR A 16 3.27 7.02 1.27
N GLY A 17 2.22 7.78 1.57
CA GLY A 17 1.63 7.77 2.89
C GLY A 17 1.28 6.37 3.37
N LEU A 18 0.54 5.64 2.55
CA LEU A 18 0.13 4.28 2.89
C LEU A 18 1.34 3.44 3.29
N VAL A 19 2.46 3.66 2.60
CA VAL A 19 3.69 2.93 2.89
C VAL A 19 4.20 3.23 4.29
N LYS A 20 4.06 4.48 4.71
CA LYS A 20 4.51 4.90 6.03
C LYS A 20 3.77 4.12 7.12
N ALA A 21 2.48 3.91 6.92
CA ALA A 21 1.67 3.18 7.89
C ALA A 21 1.98 1.68 7.84
N VAL A 22 2.07 1.14 6.64
CA VAL A 22 2.37 -0.29 6.46
C VAL A 22 3.63 -0.68 7.21
N ILE A 23 4.66 0.16 7.12
CA ILE A 23 5.92 -0.11 7.79
C ILE A 23 5.85 0.28 9.27
N GLU A 24 5.21 1.41 9.54
CA GLU A 24 5.07 1.89 10.91
C GLU A 24 4.50 0.81 11.82
N MET A 25 3.31 0.31 11.46
CA MET A 25 2.65 -0.73 12.25
C MET A 25 3.56 -1.96 12.37
N SER A 26 4.18 -2.34 11.26
CA SER A 26 5.06 -3.50 11.24
C SER A 26 6.23 -3.32 12.21
N SER A 27 6.48 -2.07 12.59
CA SER A 27 7.57 -1.75 13.50
C SER A 27 7.18 -2.07 14.94
N LYS A 28 6.07 -1.47 15.40
CA LYS A 28 5.59 -1.69 16.75
C LYS A 28 4.45 -2.69 16.76
N ILE A 29 4.46 -3.60 15.79
CA ILE A 29 3.42 -4.62 15.69
C ILE A 29 3.42 -5.53 16.92
N GLN A 30 4.62 -5.87 17.38
CA GLN A 30 4.75 -6.75 18.55
C GLN A 30 4.18 -6.08 19.80
N PRO A 31 4.75 -4.92 20.17
CA PRO A 31 4.31 -4.17 21.34
C PRO A 31 2.95 -3.53 21.14
N ALA A 32 2.43 -3.61 19.91
CA ALA A 32 1.12 -3.05 19.59
C ALA A 32 0.09 -3.44 20.64
N PRO A 33 -0.30 -2.47 21.48
CA PRO A 33 -1.30 -2.70 22.53
C PRO A 33 -2.70 -2.91 21.97
N PRO A 34 -3.62 -3.35 22.84
CA PRO A 34 -5.02 -3.60 22.46
C PRO A 34 -5.77 -2.31 22.16
N GLU A 35 -5.25 -1.19 22.63
CA GLU A 35 -5.88 0.11 22.41
C GLU A 35 -5.43 0.71 21.08
N GLU A 36 -4.26 0.30 20.62
CA GLU A 36 -3.72 0.81 19.36
C GLU A 36 -4.13 -0.10 18.19
N TYR A 37 -4.64 -1.28 18.52
CA TYR A 37 -5.08 -2.22 17.51
C TYR A 37 -6.38 -1.77 16.86
N VAL A 38 -7.30 -1.27 17.69
CA VAL A 38 -8.59 -0.80 17.20
C VAL A 38 -8.42 0.17 16.03
N PRO A 39 -7.67 1.25 16.27
CA PRO A 39 -7.41 2.28 15.26
C PRO A 39 -6.50 1.78 14.15
N MET A 40 -5.62 0.83 14.49
CA MET A 40 -4.70 0.26 13.51
C MET A 40 -5.44 -0.17 12.25
N VAL A 41 -6.65 -0.69 12.43
CA VAL A 41 -7.46 -1.15 11.30
C VAL A 41 -7.82 0.01 10.38
N LYS A 42 -8.38 1.07 10.97
CA LYS A 42 -8.76 2.24 10.19
C LYS A 42 -7.61 2.74 9.33
N GLU A 43 -6.40 2.67 9.88
CA GLU A 43 -5.21 3.11 9.16
C GLU A 43 -5.02 2.30 7.88
N VAL A 44 -5.00 0.98 8.02
CA VAL A 44 -4.83 0.09 6.88
C VAL A 44 -5.99 0.21 5.90
N GLY A 45 -7.21 0.21 6.44
CA GLY A 45 -8.39 0.32 5.60
C GLY A 45 -8.43 1.62 4.82
N LEU A 46 -7.81 2.66 5.37
CA LEU A 46 -7.78 3.96 4.72
C LEU A 46 -6.91 3.91 3.46
N ALA A 47 -5.72 3.33 3.59
CA ALA A 47 -4.80 3.22 2.47
C ALA A 47 -5.42 2.45 1.32
N LEU A 48 -6.01 1.30 1.63
CA LEU A 48 -6.65 0.45 0.63
C LEU A 48 -7.84 1.18 0.00
N ARG A 49 -8.76 1.64 0.83
CA ARG A 49 -9.94 2.36 0.36
C ARG A 49 -9.55 3.56 -0.49
N THR A 50 -8.51 4.26 -0.05
CA THR A 50 -8.04 5.45 -0.77
C THR A 50 -7.36 5.05 -2.09
N LEU A 51 -6.58 3.98 -2.04
CA LEU A 51 -5.87 3.50 -3.23
C LEU A 51 -6.82 3.35 -4.40
N LEU A 52 -8.04 2.86 -4.12
CA LEU A 52 -9.04 2.66 -5.16
C LEU A 52 -9.41 3.99 -5.82
N ALA A 53 -9.62 5.02 -5.00
CA ALA A 53 -9.98 6.34 -5.50
C ALA A 53 -8.80 6.98 -6.22
N THR A 54 -7.62 6.88 -5.62
CA THR A 54 -6.41 7.46 -6.21
C THR A 54 -6.18 6.93 -7.60
N VAL A 55 -6.05 5.61 -7.72
CA VAL A 55 -5.82 4.97 -9.02
C VAL A 55 -6.98 5.24 -9.98
N ASP A 56 -8.19 5.27 -9.43
CA ASP A 56 -9.38 5.50 -10.24
C ASP A 56 -9.23 6.77 -11.06
N GLU A 57 -8.65 7.80 -10.46
CA GLU A 57 -8.44 9.08 -11.14
C GLU A 57 -7.10 9.10 -11.87
N SER A 58 -6.26 8.11 -11.57
CA SER A 58 -4.95 8.02 -12.18
C SER A 58 -5.06 7.55 -13.64
N LEU A 59 -6.15 6.86 -13.95
CA LEU A 59 -6.38 6.37 -15.30
C LEU A 59 -6.19 7.47 -16.33
N PRO A 60 -7.00 8.54 -16.21
CA PRO A 60 -6.95 9.68 -17.12
C PRO A 60 -5.68 10.50 -16.93
N VAL A 61 -5.30 10.72 -15.68
CA VAL A 61 -4.10 11.49 -15.36
C VAL A 61 -2.90 10.99 -16.14
N LEU A 62 -2.88 9.68 -16.42
CA LEU A 62 -1.79 9.08 -17.17
C LEU A 62 -2.27 8.56 -18.52
N PRO A 63 -1.32 8.38 -19.46
CA PRO A 63 -1.63 7.88 -20.81
C PRO A 63 -2.05 6.42 -20.80
N ALA A 64 -3.09 6.11 -21.56
CA ALA A 64 -3.59 4.74 -21.66
C ALA A 64 -2.48 3.76 -22.00
N SER A 65 -2.31 2.74 -21.18
CA SER A 65 -1.27 1.74 -21.40
C SER A 65 -1.28 0.69 -20.29
N THR A 66 -1.63 1.12 -19.07
CA THR A 66 -1.68 0.23 -17.93
C THR A 66 -3.11 0.02 -17.45
N HIS A 67 -4.07 0.18 -18.36
CA HIS A 67 -5.48 0.02 -18.03
C HIS A 67 -5.74 -1.37 -17.45
N ARG A 68 -5.17 -2.40 -18.08
CA ARG A 68 -5.34 -3.77 -17.63
C ARG A 68 -5.02 -3.90 -16.14
N GLU A 69 -3.82 -3.47 -15.77
CA GLU A 69 -3.39 -3.54 -14.37
C GLU A 69 -4.27 -2.66 -13.49
N ILE A 70 -4.53 -1.44 -13.95
CA ILE A 70 -5.36 -0.51 -13.20
C ILE A 70 -6.72 -1.12 -12.87
N GLU A 71 -7.35 -1.72 -13.87
CA GLU A 71 -8.65 -2.34 -13.68
C GLU A 71 -8.58 -3.46 -12.63
N MET A 72 -7.66 -4.40 -12.83
CA MET A 72 -7.48 -5.50 -11.91
C MET A 72 -7.11 -5.00 -10.52
N ALA A 73 -6.49 -3.82 -10.46
CA ALA A 73 -6.08 -3.23 -9.20
C ALA A 73 -7.29 -2.82 -8.37
N GLN A 74 -8.34 -2.36 -9.05
CA GLN A 74 -9.55 -1.93 -8.37
C GLN A 74 -10.18 -3.09 -7.59
N LYS A 75 -10.58 -4.14 -8.31
CA LYS A 75 -11.19 -5.31 -7.68
C LYS A 75 -10.24 -5.95 -6.68
N LEU A 76 -8.98 -6.08 -7.08
CA LEU A 76 -7.97 -6.68 -6.21
C LEU A 76 -7.87 -5.93 -4.88
N LEU A 77 -7.84 -4.61 -4.96
CA LEU A 77 -7.76 -3.78 -3.77
C LEU A 77 -8.83 -4.15 -2.75
N ASN A 78 -10.08 -4.17 -3.20
CA ASN A 78 -11.20 -4.53 -2.33
C ASN A 78 -10.94 -5.86 -1.63
N SER A 79 -10.57 -6.87 -2.40
CA SER A 79 -10.29 -8.20 -1.84
C SER A 79 -9.27 -8.11 -0.71
N ASP A 80 -8.10 -7.60 -1.03
CA ASP A 80 -7.03 -7.46 -0.03
C ASP A 80 -7.54 -6.73 1.21
N LEU A 81 -8.46 -5.79 0.99
CA LEU A 81 -9.04 -5.01 2.09
C LEU A 81 -9.75 -5.92 3.09
N ALA A 82 -10.84 -6.54 2.65
CA ALA A 82 -11.61 -7.44 3.50
C ALA A 82 -10.71 -8.49 4.14
N GLU A 83 -9.74 -8.97 3.37
CA GLU A 83 -8.81 -9.98 3.86
C GLU A 83 -8.10 -9.50 5.12
N LEU A 84 -7.58 -8.28 5.09
CA LEU A 84 -6.89 -7.71 6.23
C LEU A 84 -7.85 -7.42 7.38
N ILE A 85 -8.91 -6.68 7.08
CA ILE A 85 -9.90 -6.34 8.08
C ILE A 85 -10.41 -7.58 8.79
N ASN A 86 -10.73 -8.62 8.01
CA ASN A 86 -11.23 -9.87 8.58
C ASN A 86 -10.18 -10.52 9.47
N LYS A 87 -9.01 -10.79 8.91
CA LYS A 87 -7.92 -11.42 9.65
C LYS A 87 -7.64 -10.65 10.95
N MET A 88 -7.64 -9.33 10.86
CA MET A 88 -7.39 -8.48 12.02
C MET A 88 -8.39 -8.78 13.14
N LYS A 89 -9.67 -8.75 12.79
CA LYS A 89 -10.73 -9.01 13.75
C LYS A 89 -10.49 -10.32 14.49
N LEU A 90 -9.84 -11.27 13.80
CA LEU A 90 -9.54 -12.56 14.39
C LEU A 90 -8.46 -12.45 15.46
N ALA A 91 -7.33 -11.84 15.08
CA ALA A 91 -6.22 -11.65 16.01
C ALA A 91 -6.69 -11.01 17.31
N GLN A 92 -7.69 -10.14 17.20
CA GLN A 92 -8.23 -9.45 18.37
C GLN A 92 -8.70 -10.45 19.43
N GLN A 93 -9.18 -11.60 18.96
CA GLN A 93 -9.65 -12.65 19.87
C GLN A 93 -8.63 -13.77 20.00
N TYR A 94 -7.77 -13.91 18.99
CA TYR A 94 -6.75 -14.93 18.99
C TYR A 94 -5.43 -14.40 19.51
N VAL A 95 -5.51 -13.36 20.35
CA VAL A 95 -4.31 -12.75 20.92
C VAL A 95 -4.25 -12.97 22.43
N MET A 96 -5.41 -12.90 23.07
CA MET A 96 -5.49 -13.09 24.52
C MET A 96 -5.36 -14.57 24.87
N THR A 97 -5.55 -15.43 23.88
CA THR A 97 -5.45 -16.87 24.09
C THR A 97 -4.00 -17.32 24.17
N SER A 98 -3.34 -17.35 23.01
CA SER A 98 -1.94 -17.75 22.94
C SER A 98 -1.43 -17.68 21.50
N LEU A 99 -2.30 -17.97 20.55
CA LEU A 99 -1.93 -17.94 19.14
C LEU A 99 -1.89 -16.50 18.62
N GLN A 100 -1.02 -15.70 19.23
CA GLN A 100 -0.87 -14.30 18.82
C GLN A 100 0.23 -14.14 17.78
N GLN A 101 1.42 -14.64 18.10
CA GLN A 101 2.55 -14.56 17.18
C GLN A 101 2.18 -15.08 15.80
N GLU A 102 1.34 -16.12 15.77
CA GLU A 102 0.91 -16.71 14.52
C GLU A 102 0.36 -15.65 13.57
N TYR A 103 -0.68 -14.97 14.00
CA TYR A 103 -1.31 -13.92 13.19
C TYR A 103 -0.28 -12.85 12.80
N LYS A 104 0.73 -12.68 13.65
CA LYS A 104 1.78 -11.71 13.40
C LYS A 104 2.54 -12.02 12.11
N LYS A 105 2.94 -13.28 11.98
CA LYS A 105 3.68 -13.71 10.78
C LYS A 105 2.82 -13.57 9.53
N GLN A 106 1.63 -14.15 9.57
CA GLN A 106 0.71 -14.08 8.43
C GLN A 106 0.38 -12.63 8.08
N MET A 107 0.10 -11.84 9.11
CA MET A 107 -0.23 -10.43 8.91
C MET A 107 0.83 -9.73 8.06
N LEU A 108 2.09 -9.90 8.44
CA LEU A 108 3.20 -9.30 7.71
C LEU A 108 3.16 -9.69 6.23
N THR A 109 2.87 -10.96 5.97
CA THR A 109 2.81 -11.46 4.61
C THR A 109 1.89 -10.59 3.75
N ALA A 110 0.68 -10.35 4.24
CA ALA A 110 -0.29 -9.53 3.52
C ALA A 110 0.24 -8.13 3.30
N ALA A 111 0.63 -7.46 4.39
CA ALA A 111 1.16 -6.11 4.31
C ALA A 111 2.36 -6.04 3.38
N HIS A 112 3.07 -7.16 3.24
CA HIS A 112 4.24 -7.23 2.38
C HIS A 112 3.86 -6.98 0.93
N ALA A 113 2.89 -7.74 0.44
CA ALA A 113 2.44 -7.61 -0.93
C ALA A 113 1.77 -6.26 -1.16
N LEU A 114 1.01 -5.80 -0.18
CA LEU A 114 0.32 -4.52 -0.27
C LEU A 114 1.30 -3.38 -0.47
N ALA A 115 2.28 -3.28 0.43
CA ALA A 115 3.29 -2.24 0.35
C ALA A 115 3.92 -2.19 -1.04
N VAL A 116 4.44 -3.34 -1.49
CA VAL A 116 5.07 -3.43 -2.79
C VAL A 116 4.08 -3.10 -3.91
N ASP A 117 2.84 -3.53 -3.74
CA ASP A 117 1.81 -3.29 -4.73
C ASP A 117 1.56 -1.78 -4.89
N ALA A 118 1.40 -1.10 -3.77
CA ALA A 118 1.15 0.34 -3.78
C ALA A 118 2.21 1.07 -4.61
N LYS A 119 3.47 0.66 -4.44
CA LYS A 119 4.57 1.27 -5.17
C LYS A 119 4.58 0.82 -6.62
N ASN A 120 4.53 -0.50 -6.84
CA ASN A 120 4.52 -1.06 -8.18
C ASN A 120 3.41 -0.46 -9.02
N LEU A 121 2.31 -0.10 -8.36
CA LEU A 121 1.16 0.49 -9.05
C LEU A 121 1.59 1.68 -9.91
N LEU A 122 2.20 2.66 -9.26
CA LEU A 122 2.66 3.86 -9.96
C LEU A 122 3.88 3.55 -10.83
N ASP A 123 4.72 2.64 -10.34
CA ASP A 123 5.92 2.25 -11.07
C ASP A 123 5.57 1.72 -12.46
N VAL A 124 4.54 0.89 -12.52
CA VAL A 124 4.10 0.31 -13.79
C VAL A 124 3.58 1.39 -14.73
N ILE A 125 2.53 2.09 -14.30
CA ILE A 125 1.93 3.15 -15.10
C ILE A 125 2.98 4.20 -15.49
N ASP A 126 4.04 4.29 -14.69
CA ASP A 126 5.11 5.24 -14.95
C ASP A 126 5.67 5.08 -16.36
N GLN A 127 5.83 3.82 -16.77
CA GLN A 127 6.36 3.53 -18.10
C GLN A 127 5.45 4.10 -19.19
N ALA A 128 4.17 4.25 -18.87
CA ALA A 128 3.20 4.79 -19.82
C ALA A 128 3.40 6.29 -20.01
N ARG A 129 3.64 7.00 -18.91
CA ARG A 129 3.84 8.44 -18.96
C ARG A 129 5.00 8.79 -19.89
N LEU A 130 6.13 8.14 -19.69
CA LEU A 130 7.32 8.38 -20.51
C LEU A 130 7.10 7.87 -21.93
N LYS A 131 6.34 6.80 -22.07
CA LYS A 131 6.05 6.21 -23.37
C LYS A 131 5.44 7.24 -24.30
N MET A 132 4.63 8.13 -23.74
CA MET A 132 3.97 9.18 -24.54
C MET A 132 4.94 10.32 -24.83
N ILE A 133 5.65 10.77 -23.79
CA ILE A 133 6.60 11.86 -23.94
C ILE A 133 7.59 11.57 -25.07
N SER A 134 8.32 10.46 -24.95
CA SER A 134 9.29 10.07 -25.96
C SER A 134 8.61 9.41 -27.14
N GLN A 135 7.75 10.16 -27.82
CA GLN A 135 7.02 9.64 -28.98
C GLN A 135 6.14 10.72 -29.60
N SER A 136 5.21 11.24 -28.80
CA SER A 136 4.30 12.27 -29.26
C SER A 136 3.47 12.83 -28.11
N ARG A 137 3.41 14.16 -28.02
CA ARG A 137 2.65 14.81 -26.96
C ARG A 137 2.57 16.31 -27.21
N PRO A 138 1.76 16.71 -28.20
CA PRO A 138 1.57 18.12 -28.56
C PRO A 138 0.80 18.89 -27.50
N HIS A 139 1.40 19.96 -26.98
CA HIS A 139 0.78 20.79 -25.96
C HIS A 139 0.52 19.98 -24.70
N SER A 155 15.30 11.49 -4.85
CA SER A 155 15.29 10.03 -5.05
C SER A 155 13.85 9.51 -5.12
N ASN A 156 13.15 9.62 -4.00
CA ASN A 156 11.76 9.15 -3.93
C ASN A 156 11.69 7.63 -4.00
N LEU A 157 11.88 7.09 -5.20
CA LEU A 157 11.85 5.65 -5.40
C LEU A 157 12.89 4.95 -4.54
N SER A 158 13.96 5.67 -4.21
CA SER A 158 15.03 5.12 -3.38
C SER A 158 14.59 5.02 -1.93
N GLU A 159 14.03 6.11 -1.41
CA GLU A 159 13.57 6.15 -0.02
C GLU A 159 12.65 4.96 0.28
N LEU A 160 11.76 4.66 -0.67
CA LEU A 160 10.82 3.55 -0.50
C LEU A 160 11.55 2.21 -0.57
N ASP A 161 12.57 2.15 -1.42
CA ASP A 161 13.34 0.91 -1.59
C ASP A 161 13.94 0.47 -0.26
N ARG A 162 14.70 1.35 0.38
CA ARG A 162 15.33 1.05 1.65
C ARG A 162 14.29 0.58 2.66
N LEU A 163 13.22 1.35 2.82
CA LEU A 163 12.16 1.01 3.75
C LEU A 163 11.66 -0.41 3.53
N LEU A 164 11.42 -0.75 2.27
CA LEU A 164 10.93 -2.08 1.92
C LEU A 164 11.88 -3.16 2.45
N LEU A 165 13.18 -2.95 2.25
CA LEU A 165 14.17 -3.90 2.72
C LEU A 165 13.98 -4.23 4.19
N GLU A 166 13.69 -3.20 4.99
CA GLU A 166 13.48 -3.38 6.42
C GLU A 166 12.32 -4.33 6.68
N LEU A 167 11.23 -4.14 5.93
CA LEU A 167 10.05 -4.99 6.08
C LEU A 167 10.42 -6.47 6.01
N ASN A 168 11.21 -6.82 5.00
CA ASN A 168 11.64 -8.21 4.82
C ASN A 168 12.43 -8.70 6.02
N ALA A 169 13.38 -7.88 6.47
CA ALA A 169 14.21 -8.23 7.62
C ALA A 169 13.36 -8.43 8.87
N VAL A 170 12.31 -7.62 9.00
CA VAL A 170 11.42 -7.70 10.15
C VAL A 170 10.74 -9.07 10.22
N GLN A 171 10.40 -9.61 9.06
CA GLN A 171 9.75 -10.91 8.97
C GLN A 171 10.66 -12.02 9.50
N HIS A 172 11.90 -12.03 9.02
CA HIS A 172 12.87 -13.03 9.44
C HIS A 172 12.98 -13.09 10.95
N ASN A 173 13.15 -11.92 11.57
CA ASN A 173 13.27 -11.84 13.02
C ASN A 173 13.39 -10.38 13.47
N PRO A 174 13.08 -10.14 14.76
CA PRO A 174 13.15 -8.80 15.34
C PRO A 174 14.58 -8.29 15.48
N PRO A 175 14.72 -6.99 15.76
CA PRO A 175 16.04 -6.35 15.93
C PRO A 175 16.74 -6.81 17.19
N SER A 176 17.54 -7.85 17.07
CA SER A 176 18.28 -8.39 18.22
C SER A 176 19.77 -8.08 18.10
N MET A 1 -1.43 23.44 -20.98
CA MET A 1 -0.16 23.85 -20.37
C MET A 1 -0.09 23.40 -18.92
N ALA A 2 -0.87 24.07 -18.06
CA ALA A 2 -0.90 23.74 -16.64
C ALA A 2 -2.32 23.82 -16.08
N ASN A 3 -2.81 22.68 -15.59
CA ASN A 3 -4.16 22.63 -15.03
C ASN A 3 -4.47 21.23 -14.50
N LEU A 4 -3.95 20.22 -15.19
CA LEU A 4 -4.17 18.83 -14.80
C LEU A 4 -3.01 18.31 -13.96
N ASP A 5 -2.37 19.22 -13.23
CA ASP A 5 -1.24 18.85 -12.38
C ASP A 5 -1.65 18.83 -10.91
N ARG A 6 -2.93 18.60 -10.66
CA ARG A 6 -3.46 18.56 -9.30
C ARG A 6 -3.64 17.12 -8.84
N SER A 7 -4.28 16.30 -9.68
CA SER A 7 -4.54 14.91 -9.36
C SER A 7 -3.26 14.08 -9.51
N ASN A 8 -2.40 14.50 -10.43
CA ASN A 8 -1.15 13.79 -10.67
C ASN A 8 -0.31 13.73 -9.41
N ASP A 9 -0.55 14.66 -8.49
CA ASP A 9 0.20 14.71 -7.23
C ASP A 9 -0.53 13.93 -6.15
N LYS A 10 -1.87 13.95 -6.20
CA LYS A 10 -2.69 13.26 -5.22
C LYS A 10 -2.41 11.75 -5.26
N VAL A 11 -2.57 11.15 -6.44
CA VAL A 11 -2.35 9.72 -6.60
C VAL A 11 -0.90 9.36 -6.26
N TYR A 12 0.03 10.20 -6.69
CA TYR A 12 1.44 9.96 -6.44
C TYR A 12 1.79 10.24 -4.98
N GLU A 13 0.88 10.90 -4.27
CA GLU A 13 1.09 11.22 -2.86
C GLU A 13 0.61 10.08 -1.97
N ASN A 14 -0.66 9.73 -2.09
CA ASN A 14 -1.24 8.66 -1.29
C ASN A 14 -0.41 7.39 -1.40
N VAL A 15 0.09 7.12 -2.60
CA VAL A 15 0.92 5.93 -2.84
C VAL A 15 2.09 5.88 -1.87
N THR A 16 2.51 7.04 -1.40
CA THR A 16 3.63 7.13 -0.47
C THR A 16 3.16 7.04 0.98
N GLY A 17 2.15 7.84 1.31
CA GLY A 17 1.62 7.83 2.66
C GLY A 17 1.27 6.44 3.14
N LEU A 18 0.46 5.74 2.35
CA LEU A 18 0.05 4.38 2.71
C LEU A 18 1.25 3.50 3.04
N VAL A 19 2.35 3.72 2.32
CA VAL A 19 3.57 2.96 2.54
C VAL A 19 4.18 3.28 3.91
N LYS A 20 4.21 4.56 4.25
CA LYS A 20 4.75 5.00 5.53
C LYS A 20 4.11 4.23 6.68
N ALA A 21 2.81 4.00 6.59
CA ALA A 21 2.08 3.27 7.62
C ALA A 21 2.41 1.78 7.57
N VAL A 22 2.45 1.23 6.36
CA VAL A 22 2.75 -0.19 6.18
C VAL A 22 4.06 -0.57 6.86
N ILE A 23 5.06 0.30 6.73
CA ILE A 23 6.36 0.05 7.33
C ILE A 23 6.35 0.40 8.82
N GLU A 24 5.81 1.58 9.14
CA GLU A 24 5.74 2.03 10.53
C GLU A 24 5.12 0.96 11.42
N MET A 25 3.93 0.51 11.05
CA MET A 25 3.22 -0.51 11.82
C MET A 25 4.07 -1.77 11.95
N SER A 26 4.83 -2.08 10.91
CA SER A 26 5.68 -3.26 10.91
C SER A 26 6.80 -3.12 11.93
N SER A 27 7.10 -1.87 12.30
CA SER A 27 8.16 -1.60 13.26
C SER A 27 7.68 -1.88 14.69
N LYS A 28 6.50 -1.37 15.01
CA LYS A 28 5.92 -1.56 16.35
C LYS A 28 4.87 -2.67 16.32
N ILE A 29 4.92 -3.52 15.30
CA ILE A 29 3.98 -4.62 15.17
C ILE A 29 4.09 -5.57 16.36
N GLN A 30 5.32 -5.83 16.79
CA GLN A 30 5.56 -6.73 17.93
C GLN A 30 4.91 -6.19 19.19
N PRO A 31 5.35 -4.99 19.62
CA PRO A 31 4.83 -4.35 20.83
C PRO A 31 3.40 -3.87 20.65
N ALA A 32 2.89 -3.95 19.42
CA ALA A 32 1.54 -3.53 19.11
C ALA A 32 0.54 -4.08 20.13
N PRO A 33 0.04 -3.21 21.01
CA PRO A 33 -0.92 -3.59 22.05
C PRO A 33 -2.29 -3.94 21.47
N PRO A 34 -3.15 -4.53 22.32
CA PRO A 34 -4.51 -4.93 21.91
C PRO A 34 -5.41 -3.73 21.66
N GLU A 35 -5.03 -2.58 22.21
CA GLU A 35 -5.81 -1.36 22.05
C GLU A 35 -5.44 -0.64 20.75
N GLU A 36 -4.26 -0.95 20.24
CA GLU A 36 -3.78 -0.34 19.00
C GLU A 36 -4.16 -1.19 17.78
N TYR A 37 -4.58 -2.41 18.05
CA TYR A 37 -4.97 -3.34 16.98
C TYR A 37 -6.29 -2.91 16.34
N VAL A 38 -7.23 -2.48 17.18
CA VAL A 38 -8.54 -2.05 16.70
C VAL A 38 -8.41 -0.93 15.68
N PRO A 39 -7.75 0.18 16.09
CA PRO A 39 -7.54 1.34 15.22
C PRO A 39 -6.55 1.05 14.10
N MET A 40 -5.61 0.14 14.35
CA MET A 40 -4.61 -0.23 13.36
C MET A 40 -5.27 -0.56 12.01
N VAL A 41 -6.32 -1.36 12.06
CA VAL A 41 -7.04 -1.75 10.85
C VAL A 41 -7.68 -0.54 10.18
N LYS A 42 -8.07 0.44 10.98
CA LYS A 42 -8.69 1.66 10.47
C LYS A 42 -7.75 2.39 9.52
N GLU A 43 -6.51 2.58 9.94
CA GLU A 43 -5.51 3.25 9.12
C GLU A 43 -5.28 2.51 7.82
N VAL A 44 -4.96 1.22 7.93
CA VAL A 44 -4.71 0.38 6.76
C VAL A 44 -5.91 0.38 5.83
N GLY A 45 -7.10 0.21 6.39
CA GLY A 45 -8.32 0.19 5.60
C GLY A 45 -8.50 1.47 4.79
N LEU A 46 -7.94 2.56 5.29
CA LEU A 46 -8.05 3.85 4.62
C LEU A 46 -7.17 3.88 3.36
N ALA A 47 -5.96 3.35 3.49
CA ALA A 47 -5.02 3.32 2.37
C ALA A 47 -5.61 2.56 1.19
N LEU A 48 -6.17 1.38 1.46
CA LEU A 48 -6.76 0.55 0.42
C LEU A 48 -7.97 1.24 -0.21
N ARG A 49 -8.93 1.64 0.62
CA ARG A 49 -10.13 2.31 0.15
C ARG A 49 -9.77 3.57 -0.63
N THR A 50 -8.76 4.29 -0.16
CA THR A 50 -8.32 5.51 -0.82
C THR A 50 -7.59 5.20 -2.13
N LEU A 51 -6.81 4.14 -2.12
CA LEU A 51 -6.06 3.72 -3.31
C LEU A 51 -6.99 3.57 -4.51
N LEU A 52 -8.20 3.08 -4.25
CA LEU A 52 -9.18 2.88 -5.32
C LEU A 52 -9.55 4.22 -5.97
N ALA A 53 -9.78 5.23 -5.14
CA ALA A 53 -10.14 6.55 -5.64
C ALA A 53 -8.94 7.25 -6.26
N THR A 54 -7.79 7.15 -5.59
CA THR A 54 -6.57 7.77 -6.08
C THR A 54 -6.27 7.37 -7.52
N VAL A 55 -6.23 6.07 -7.77
CA VAL A 55 -5.97 5.55 -9.11
C VAL A 55 -7.09 5.91 -10.07
N ASP A 56 -8.32 5.97 -9.55
CA ASP A 56 -9.48 6.31 -10.35
C ASP A 56 -9.24 7.60 -11.14
N GLU A 57 -8.69 8.60 -10.46
CA GLU A 57 -8.41 9.89 -11.09
C GLU A 57 -7.11 9.84 -11.87
N SER A 58 -6.30 8.81 -11.62
CA SER A 58 -5.03 8.65 -12.31
C SER A 58 -5.24 8.20 -13.76
N LEU A 59 -6.39 7.58 -14.02
CA LEU A 59 -6.71 7.11 -15.35
C LEU A 59 -6.52 8.22 -16.38
N PRO A 60 -7.27 9.32 -16.22
CA PRO A 60 -7.20 10.47 -17.13
C PRO A 60 -5.89 11.23 -16.98
N VAL A 61 -5.45 11.43 -15.75
CA VAL A 61 -4.20 12.15 -15.49
C VAL A 61 -3.06 11.57 -16.30
N LEU A 62 -3.13 10.28 -16.59
CA LEU A 62 -2.10 9.61 -17.37
C LEU A 62 -2.65 9.14 -18.71
N PRO A 63 -1.74 8.90 -19.67
CA PRO A 63 -2.11 8.44 -21.01
C PRO A 63 -2.62 7.01 -21.01
N ALA A 64 -3.70 6.77 -21.75
CA ALA A 64 -4.30 5.44 -21.83
C ALA A 64 -3.25 4.40 -22.22
N SER A 65 -3.11 3.36 -21.40
CA SER A 65 -2.15 2.30 -21.65
C SER A 65 -2.18 1.26 -20.54
N THR A 66 -2.45 1.71 -19.31
CA THR A 66 -2.51 0.82 -18.17
C THR A 66 -3.94 0.71 -17.63
N HIS A 67 -4.91 0.91 -18.52
CA HIS A 67 -6.31 0.82 -18.13
C HIS A 67 -6.62 -0.53 -17.51
N ARG A 68 -6.19 -1.61 -18.17
CA ARG A 68 -6.42 -2.95 -17.67
C ARG A 68 -5.98 -3.08 -16.22
N GLU A 69 -4.73 -2.67 -15.95
CA GLU A 69 -4.19 -2.75 -14.60
C GLU A 69 -4.94 -1.83 -13.65
N ILE A 70 -5.22 -0.61 -14.12
CA ILE A 70 -5.94 0.36 -13.31
C ILE A 70 -7.29 -0.18 -12.85
N GLU A 71 -8.10 -0.60 -13.81
CA GLU A 71 -9.42 -1.14 -13.52
C GLU A 71 -9.30 -2.38 -12.62
N MET A 72 -8.44 -3.30 -13.02
CA MET A 72 -8.24 -4.54 -12.27
C MET A 72 -7.73 -4.23 -10.86
N ALA A 73 -7.12 -3.06 -10.70
CA ALA A 73 -6.59 -2.65 -9.39
C ALA A 73 -7.72 -2.27 -8.45
N GLN A 74 -8.75 -1.63 -8.98
CA GLN A 74 -9.90 -1.21 -8.18
C GLN A 74 -10.49 -2.39 -7.43
N LYS A 75 -11.01 -3.37 -8.17
CA LYS A 75 -11.62 -4.55 -7.57
C LYS A 75 -10.60 -5.32 -6.74
N LEU A 76 -9.40 -5.48 -7.29
CA LEU A 76 -8.33 -6.19 -6.59
C LEU A 76 -8.09 -5.60 -5.20
N LEU A 77 -7.95 -4.28 -5.14
CA LEU A 77 -7.72 -3.59 -3.88
C LEU A 77 -8.77 -3.98 -2.84
N ASN A 78 -10.03 -3.98 -3.26
CA ASN A 78 -11.12 -4.34 -2.37
C ASN A 78 -10.86 -5.69 -1.70
N SER A 79 -10.52 -6.69 -2.50
CA SER A 79 -10.25 -8.03 -1.98
C SER A 79 -9.21 -7.97 -0.86
N ASP A 80 -8.02 -7.47 -1.19
CA ASP A 80 -6.94 -7.37 -0.21
C ASP A 80 -7.42 -6.65 1.04
N LEU A 81 -8.11 -5.53 0.86
CA LEU A 81 -8.63 -4.75 1.98
C LEU A 81 -9.41 -5.64 2.94
N ALA A 82 -10.57 -6.10 2.49
CA ALA A 82 -11.42 -6.96 3.31
C ALA A 82 -10.63 -8.14 3.88
N GLU A 83 -9.70 -8.66 3.07
CA GLU A 83 -8.88 -9.78 3.49
C GLU A 83 -8.08 -9.44 4.74
N LEU A 84 -7.48 -8.24 4.75
CA LEU A 84 -6.69 -7.80 5.88
C LEU A 84 -7.57 -7.54 7.10
N ILE A 85 -8.73 -6.92 6.87
CA ILE A 85 -9.66 -6.62 7.95
C ILE A 85 -10.16 -7.90 8.62
N ASN A 86 -10.54 -8.87 7.80
CA ASN A 86 -11.03 -10.15 8.31
C ASN A 86 -9.98 -10.84 9.16
N LYS A 87 -8.84 -11.16 8.55
CA LYS A 87 -7.75 -11.82 9.25
C LYS A 87 -7.40 -11.08 10.53
N MET A 88 -7.48 -9.75 10.48
CA MET A 88 -7.16 -8.92 11.63
C MET A 88 -8.16 -9.15 12.75
N LYS A 89 -9.45 -9.13 12.42
CA LYS A 89 -10.50 -9.34 13.40
C LYS A 89 -10.26 -10.62 14.20
N LEU A 90 -9.67 -11.62 13.54
CA LEU A 90 -9.38 -12.89 14.19
C LEU A 90 -8.30 -12.72 15.25
N ALA A 91 -7.19 -12.10 14.87
CA ALA A 91 -6.08 -11.88 15.78
C ALA A 91 -6.56 -11.20 17.07
N GLN A 92 -7.55 -10.33 16.93
CA GLN A 92 -8.09 -9.61 18.08
C GLN A 92 -8.58 -10.58 19.14
N GLN A 93 -9.03 -11.76 18.71
CA GLN A 93 -9.53 -12.77 19.63
C GLN A 93 -8.50 -13.88 19.83
N TYR A 94 -7.61 -14.03 18.85
CA TYR A 94 -6.58 -15.06 18.92
C TYR A 94 -5.27 -14.49 19.46
N VAL A 95 -5.38 -13.41 20.24
CA VAL A 95 -4.21 -12.75 20.80
C VAL A 95 -4.15 -12.97 22.32
N MET A 96 -5.32 -12.95 22.96
CA MET A 96 -5.39 -13.13 24.40
C MET A 96 -5.20 -14.61 24.77
N THR A 97 -5.35 -15.48 23.79
CA THR A 97 -5.18 -16.92 24.00
C THR A 97 -3.70 -17.29 24.08
N SER A 98 -3.03 -17.29 22.92
CA SER A 98 -1.63 -17.64 22.86
C SER A 98 -1.11 -17.54 21.43
N LEU A 99 -1.97 -17.88 20.47
CA LEU A 99 -1.60 -17.84 19.07
C LEU A 99 -1.61 -16.39 18.54
N GLN A 100 -0.75 -15.56 19.12
CA GLN A 100 -0.65 -14.16 18.71
C GLN A 100 0.46 -13.97 17.70
N GLN A 101 1.67 -14.40 18.06
CA GLN A 101 2.83 -14.28 17.18
C GLN A 101 2.51 -14.83 15.79
N GLU A 102 1.72 -15.89 15.74
CA GLU A 102 1.35 -16.51 14.47
C GLU A 102 0.79 -15.47 13.50
N TYR A 103 -0.30 -14.83 13.89
CA TYR A 103 -0.94 -13.81 13.06
C TYR A 103 0.06 -12.73 12.65
N LYS A 104 1.02 -12.48 13.54
CA LYS A 104 2.04 -11.46 13.28
C LYS A 104 2.88 -11.84 12.06
N LYS A 105 3.24 -13.11 11.97
CA LYS A 105 4.04 -13.60 10.85
C LYS A 105 3.30 -13.44 9.54
N GLN A 106 2.14 -14.10 9.42
CA GLN A 106 1.33 -14.01 8.21
C GLN A 106 1.02 -12.56 7.86
N MET A 107 0.61 -11.80 8.86
CA MET A 107 0.27 -10.40 8.66
C MET A 107 1.40 -9.66 7.95
N LEU A 108 2.62 -9.82 8.46
CA LEU A 108 3.79 -9.18 7.88
C LEU A 108 3.87 -9.46 6.38
N THR A 109 3.61 -10.70 6.00
CA THR A 109 3.66 -11.11 4.60
C THR A 109 2.62 -10.34 3.78
N ALA A 110 1.39 -10.30 4.27
CA ALA A 110 0.32 -9.59 3.58
C ALA A 110 0.65 -8.11 3.43
N ALA A 111 0.94 -7.46 4.55
CA ALA A 111 1.28 -6.04 4.54
C ALA A 111 2.46 -5.75 3.62
N HIS A 112 3.37 -6.72 3.52
CA HIS A 112 4.55 -6.57 2.67
C HIS A 112 4.16 -6.41 1.21
N ALA A 113 3.33 -7.34 0.71
CA ALA A 113 2.88 -7.30 -0.67
C ALA A 113 1.99 -6.07 -0.92
N LEU A 114 1.24 -5.68 0.10
CA LEU A 114 0.35 -4.52 -0.01
C LEU A 114 1.14 -3.25 -0.28
N ALA A 115 2.15 -3.00 0.55
CA ALA A 115 2.99 -1.81 0.41
C ALA A 115 3.60 -1.75 -1.00
N VAL A 116 4.27 -2.83 -1.39
CA VAL A 116 4.91 -2.89 -2.70
C VAL A 116 3.87 -2.78 -3.82
N ASP A 117 2.70 -3.36 -3.59
CA ASP A 117 1.62 -3.33 -4.57
C ASP A 117 1.19 -1.90 -4.85
N ALA A 118 0.81 -1.18 -3.80
CA ALA A 118 0.36 0.21 -3.94
C ALA A 118 1.39 1.03 -4.70
N LYS A 119 2.67 0.70 -4.52
CA LYS A 119 3.75 1.41 -5.19
C LYS A 119 3.82 1.03 -6.66
N ASN A 120 3.78 -0.27 -6.94
CA ASN A 120 3.84 -0.76 -8.31
C ASN A 120 2.76 -0.11 -9.17
N LEU A 121 1.67 0.30 -8.53
CA LEU A 121 0.56 0.94 -9.24
C LEU A 121 1.06 2.10 -10.09
N LEU A 122 1.72 3.05 -9.45
CA LEU A 122 2.26 4.22 -10.13
C LEU A 122 3.46 3.84 -11.00
N ASP A 123 4.25 2.90 -10.51
CA ASP A 123 5.43 2.44 -11.24
C ASP A 123 5.05 1.92 -12.62
N VAL A 124 3.98 1.14 -12.68
CA VAL A 124 3.51 0.57 -13.94
C VAL A 124 3.04 1.67 -14.89
N ILE A 125 2.03 2.42 -14.46
CA ILE A 125 1.49 3.50 -15.27
C ILE A 125 2.58 4.50 -15.65
N ASP A 126 3.65 4.54 -14.86
CA ASP A 126 4.76 5.44 -15.12
C ASP A 126 5.32 5.23 -16.53
N GLN A 127 5.42 3.97 -16.94
CA GLN A 127 5.94 3.63 -18.25
C GLN A 127 5.03 4.18 -19.36
N ALA A 128 3.76 4.39 -19.03
CA ALA A 128 2.80 4.91 -19.98
C ALA A 128 3.05 6.40 -20.25
N ARG A 129 3.27 7.17 -19.19
CA ARG A 129 3.53 8.59 -19.33
C ARG A 129 4.72 8.85 -20.24
N LEU A 130 5.84 8.19 -19.94
CA LEU A 130 7.05 8.35 -20.74
C LEU A 130 6.85 7.84 -22.16
N LYS A 131 6.01 6.82 -22.30
CA LYS A 131 5.72 6.24 -23.60
C LYS A 131 5.19 7.30 -24.57
N MET A 132 4.29 8.14 -24.07
CA MET A 132 3.70 9.20 -24.88
C MET A 132 4.68 10.36 -25.04
N ILE A 133 5.20 10.85 -23.92
CA ILE A 133 6.15 11.95 -23.94
C ILE A 133 7.30 11.68 -24.91
N SER A 134 8.00 10.58 -24.70
CA SER A 134 9.12 10.21 -25.55
C SER A 134 8.63 9.59 -26.85
N GLN A 135 7.87 10.36 -27.63
CA GLN A 135 7.34 9.89 -28.89
C GLN A 135 6.63 11.02 -29.64
N SER A 136 5.60 11.58 -29.00
CA SER A 136 4.84 12.66 -29.61
C SER A 136 3.85 13.26 -28.60
N ARG A 137 3.64 14.57 -28.69
CA ARG A 137 2.73 15.26 -27.79
C ARG A 137 3.20 15.13 -26.34
N PRO A 138 4.30 15.81 -26.02
CA PRO A 138 4.89 15.80 -24.67
C PRO A 138 4.02 16.54 -23.67
N HIS A 139 4.38 16.45 -22.40
CA HIS A 139 3.64 17.13 -21.33
C HIS A 139 4.53 17.36 -20.11
N SER A 155 11.70 10.10 0.31
CA SER A 155 10.45 10.14 -0.43
C SER A 155 10.67 9.77 -1.89
N ASN A 156 11.48 8.75 -2.12
CA ASN A 156 11.77 8.30 -3.48
C ASN A 156 11.47 6.81 -3.62
N LEU A 157 11.55 6.31 -4.86
CA LEU A 157 11.29 4.91 -5.14
C LEU A 157 12.20 4.01 -4.31
N SER A 158 13.48 4.35 -4.27
CA SER A 158 14.45 3.57 -3.51
C SER A 158 14.16 3.63 -2.02
N GLU A 159 13.71 4.79 -1.56
CA GLU A 159 13.38 4.99 -0.15
C GLU A 159 12.43 3.91 0.34
N LEU A 160 11.38 3.66 -0.45
CA LEU A 160 10.38 2.65 -0.09
C LEU A 160 11.00 1.25 -0.10
N ASP A 161 11.85 0.99 -1.09
CA ASP A 161 12.51 -0.30 -1.21
C ASP A 161 13.32 -0.62 0.04
N ARG A 162 14.14 0.33 0.47
CA ARG A 162 14.97 0.15 1.65
C ARG A 162 14.13 -0.29 2.84
N LEU A 163 13.09 0.47 3.14
CA LEU A 163 12.20 0.15 4.26
C LEU A 163 11.67 -1.28 4.14
N LEU A 164 11.34 -1.68 2.92
CA LEU A 164 10.82 -3.02 2.67
C LEU A 164 11.78 -4.08 3.20
N LEU A 165 13.04 -3.98 2.82
CA LEU A 165 14.06 -4.93 3.25
C LEU A 165 14.05 -5.08 4.77
N GLU A 166 13.95 -3.95 5.47
CA GLU A 166 13.93 -3.95 6.92
C GLU A 166 12.75 -4.77 7.45
N LEU A 167 11.59 -4.59 6.83
CA LEU A 167 10.38 -5.31 7.23
C LEU A 167 10.65 -6.80 7.30
N ASN A 168 11.32 -7.33 6.29
CA ASN A 168 11.63 -8.76 6.24
C ASN A 168 12.47 -9.17 7.44
N ALA A 169 13.51 -8.40 7.71
CA ALA A 169 14.40 -8.68 8.85
C ALA A 169 13.64 -8.60 10.16
N VAL A 170 12.73 -7.63 10.26
CA VAL A 170 11.94 -7.45 11.47
C VAL A 170 11.25 -8.73 11.89
N GLN A 171 10.65 -9.42 10.92
CA GLN A 171 9.95 -10.67 11.19
C GLN A 171 10.93 -11.73 11.67
N HIS A 172 12.08 -11.84 11.00
CA HIS A 172 13.09 -12.81 11.36
C HIS A 172 13.43 -12.74 12.84
N ASN A 173 13.62 -11.51 13.34
CA ASN A 173 13.95 -11.30 14.74
C ASN A 173 13.94 -9.82 15.08
N PRO A 174 13.81 -9.51 16.38
CA PRO A 174 13.78 -8.13 16.88
C PRO A 174 15.13 -7.44 16.74
N PRO A 175 15.14 -6.11 16.92
CA PRO A 175 16.36 -5.30 16.83
C PRO A 175 17.32 -5.57 17.99
N SER A 176 18.49 -6.11 17.67
CA SER A 176 19.50 -6.40 18.69
C SER A 176 19.94 -5.14 19.40
N MET A 1 -1.74 23.23 -20.40
CA MET A 1 -2.74 23.86 -19.55
C MET A 1 -2.42 23.65 -18.08
N ALA A 2 -1.70 22.58 -17.78
CA ALA A 2 -1.32 22.27 -16.41
C ALA A 2 -2.54 22.26 -15.49
N ASN A 3 -3.61 21.61 -15.95
CA ASN A 3 -4.84 21.54 -15.17
C ASN A 3 -5.08 20.12 -14.67
N LEU A 4 -4.54 19.15 -15.40
CA LEU A 4 -4.69 17.74 -15.03
C LEU A 4 -3.49 17.25 -14.23
N ASP A 5 -2.83 18.18 -13.53
CA ASP A 5 -1.67 17.84 -12.72
C ASP A 5 -2.02 17.84 -11.22
N ARG A 6 -3.30 17.60 -10.93
CA ARG A 6 -3.77 17.57 -9.55
C ARG A 6 -3.96 16.14 -9.07
N SER A 7 -4.64 15.34 -9.88
CA SER A 7 -4.90 13.95 -9.53
C SER A 7 -3.65 13.10 -9.70
N ASN A 8 -2.79 13.50 -10.65
CA ASN A 8 -1.55 12.78 -10.91
C ASN A 8 -0.69 12.71 -9.65
N ASP A 9 -0.78 13.74 -8.82
CA ASP A 9 0.00 13.80 -7.60
C ASP A 9 -0.75 13.13 -6.44
N LYS A 10 -2.08 13.16 -6.51
CA LYS A 10 -2.92 12.56 -5.48
C LYS A 10 -2.64 11.07 -5.37
N VAL A 11 -2.78 10.35 -6.48
CA VAL A 11 -2.55 8.91 -6.50
C VAL A 11 -1.12 8.58 -6.12
N TYR A 12 -0.17 9.30 -6.73
CA TYR A 12 1.24 9.07 -6.45
C TYR A 12 1.57 9.41 -5.00
N GLU A 13 0.74 10.24 -4.38
CA GLU A 13 0.94 10.64 -3.00
C GLU A 13 0.44 9.56 -2.04
N ASN A 14 -0.82 9.16 -2.22
CA ASN A 14 -1.42 8.13 -1.37
C ASN A 14 -0.55 6.88 -1.35
N VAL A 15 0.02 6.54 -2.49
CA VAL A 15 0.88 5.36 -2.60
C VAL A 15 2.02 5.42 -1.59
N THR A 16 2.38 6.64 -1.18
CA THR A 16 3.46 6.84 -0.23
C THR A 16 2.94 6.80 1.21
N GLY A 17 1.88 7.55 1.47
CA GLY A 17 1.31 7.60 2.80
C GLY A 17 1.05 6.21 3.35
N LEU A 18 0.31 5.40 2.60
CA LEU A 18 -0.03 4.05 3.02
C LEU A 18 1.23 3.28 3.44
N VAL A 19 2.32 3.52 2.70
CA VAL A 19 3.59 2.85 3.00
C VAL A 19 4.14 3.29 4.35
N LYS A 20 3.94 4.56 4.69
CA LYS A 20 4.41 5.09 5.96
C LYS A 20 3.79 4.35 7.13
N ALA A 21 2.50 4.05 7.01
CA ALA A 21 1.78 3.33 8.06
C ALA A 21 2.17 1.85 8.09
N VAL A 22 2.29 1.25 6.91
CA VAL A 22 2.66 -0.15 6.81
C VAL A 22 4.01 -0.41 7.46
N ILE A 23 4.94 0.53 7.31
CA ILE A 23 6.26 0.40 7.90
C ILE A 23 6.24 0.71 9.38
N GLU A 24 5.70 1.88 9.74
CA GLU A 24 5.61 2.28 11.14
C GLU A 24 4.99 1.18 11.99
N MET A 25 3.85 0.67 11.53
CA MET A 25 3.14 -0.38 12.26
C MET A 25 4.05 -1.59 12.48
N SER A 26 4.75 -2.00 11.42
CA SER A 26 5.64 -3.15 11.49
C SER A 26 6.75 -2.91 12.52
N SER A 27 6.97 -1.64 12.85
CA SER A 27 8.00 -1.28 13.82
C SER A 27 7.55 -1.59 15.24
N LYS A 28 6.43 -1.00 15.64
CA LYS A 28 5.88 -1.22 16.98
C LYS A 28 4.83 -2.32 16.97
N ILE A 29 4.90 -3.19 15.95
CA ILE A 29 3.96 -4.29 15.83
C ILE A 29 4.04 -5.23 17.02
N GLN A 30 5.27 -5.49 17.48
CA GLN A 30 5.49 -6.36 18.62
C GLN A 30 4.84 -5.81 19.88
N PRO A 31 5.28 -4.61 20.29
CA PRO A 31 4.74 -3.94 21.48
C PRO A 31 3.32 -3.44 21.29
N ALA A 32 2.83 -3.56 20.06
CA ALA A 32 1.47 -3.13 19.74
C ALA A 32 0.47 -3.65 20.76
N PRO A 33 -0.02 -2.75 21.62
CA PRO A 33 -1.00 -3.10 22.66
C PRO A 33 -2.36 -3.46 22.10
N PRO A 34 -3.24 -4.01 22.94
CA PRO A 34 -4.59 -4.42 22.55
C PRO A 34 -5.48 -3.21 22.26
N GLU A 35 -5.10 -2.06 22.78
CA GLU A 35 -5.87 -0.84 22.59
C GLU A 35 -5.48 -0.15 21.29
N GLU A 36 -4.31 -0.49 20.77
CA GLU A 36 -3.82 0.09 19.53
C GLU A 36 -4.29 -0.72 18.32
N TYR A 37 -4.82 -1.91 18.59
CA TYR A 37 -5.30 -2.79 17.53
C TYR A 37 -6.59 -2.24 16.91
N VAL A 38 -7.50 -1.78 17.76
CA VAL A 38 -8.77 -1.24 17.29
C VAL A 38 -8.55 -0.16 16.23
N PRO A 39 -7.78 0.88 16.59
CA PRO A 39 -7.48 1.99 15.68
C PRO A 39 -6.54 1.56 14.54
N MET A 40 -5.68 0.59 14.83
CA MET A 40 -4.74 0.10 13.83
C MET A 40 -5.46 -0.28 12.54
N VAL A 41 -6.58 -0.99 12.67
CA VAL A 41 -7.36 -1.41 11.51
C VAL A 41 -7.88 -0.20 10.74
N LYS A 42 -8.25 0.84 11.47
CA LYS A 42 -8.78 2.06 10.86
C LYS A 42 -7.77 2.65 9.87
N GLU A 43 -6.52 2.78 10.31
CA GLU A 43 -5.47 3.33 9.47
C GLU A 43 -5.25 2.44 8.24
N VAL A 44 -5.07 1.16 8.46
CA VAL A 44 -4.86 0.21 7.37
C VAL A 44 -6.01 0.24 6.37
N GLY A 45 -7.23 0.24 6.90
CA GLY A 45 -8.40 0.27 6.04
C GLY A 45 -8.48 1.53 5.20
N LEU A 46 -7.87 2.60 5.70
CA LEU A 46 -7.87 3.88 4.99
C LEU A 46 -7.02 3.79 3.72
N ALA A 47 -5.83 3.21 3.85
CA ALA A 47 -4.93 3.05 2.71
C ALA A 47 -5.58 2.27 1.58
N LEU A 48 -6.13 1.11 1.91
CA LEU A 48 -6.79 0.26 0.92
C LEU A 48 -7.99 0.99 0.30
N ARG A 49 -8.87 1.48 1.15
CA ARG A 49 -10.06 2.20 0.69
C ARG A 49 -9.67 3.38 -0.20
N THR A 50 -8.60 4.07 0.17
CA THR A 50 -8.12 5.22 -0.59
C THR A 50 -7.49 4.78 -1.91
N LEU A 51 -6.77 3.66 -1.87
CA LEU A 51 -6.11 3.14 -3.06
C LEU A 51 -7.11 3.00 -4.21
N LEU A 52 -8.29 2.50 -3.91
CA LEU A 52 -9.33 2.33 -4.92
C LEU A 52 -9.72 3.68 -5.53
N ALA A 53 -9.93 4.67 -4.68
CA ALA A 53 -10.31 6.00 -5.13
C ALA A 53 -9.20 6.64 -5.96
N THR A 54 -7.97 6.61 -5.43
CA THR A 54 -6.83 7.18 -6.13
C THR A 54 -6.72 6.63 -7.54
N VAL A 55 -6.62 5.31 -7.65
CA VAL A 55 -6.50 4.67 -8.96
C VAL A 55 -7.70 5.01 -9.85
N ASP A 56 -8.88 5.09 -9.24
CA ASP A 56 -10.09 5.41 -9.98
C ASP A 56 -9.90 6.68 -10.82
N GLU A 57 -9.33 7.71 -10.21
CA GLU A 57 -9.10 8.98 -10.90
C GLU A 57 -7.82 8.91 -11.72
N SER A 58 -7.01 7.87 -11.48
CA SER A 58 -5.75 7.70 -12.20
C SER A 58 -6.01 7.24 -13.63
N LEU A 59 -7.15 6.60 -13.85
CA LEU A 59 -7.52 6.12 -15.18
C LEU A 59 -7.36 7.21 -16.23
N PRO A 60 -8.10 8.31 -16.05
CA PRO A 60 -8.05 9.45 -16.97
C PRO A 60 -6.73 10.21 -16.89
N VAL A 61 -6.23 10.38 -15.67
CA VAL A 61 -4.97 11.08 -15.45
C VAL A 61 -3.87 10.53 -16.35
N LEU A 62 -3.97 9.24 -16.67
CA LEU A 62 -2.98 8.58 -17.51
C LEU A 62 -3.58 8.20 -18.87
N PRO A 63 -2.71 8.02 -19.87
CA PRO A 63 -3.14 7.63 -21.22
C PRO A 63 -3.67 6.21 -21.28
N ALA A 64 -4.81 6.05 -21.95
CA ALA A 64 -5.43 4.73 -22.09
C ALA A 64 -4.45 3.73 -22.70
N SER A 65 -4.06 2.74 -21.92
CA SER A 65 -3.13 1.72 -22.39
C SER A 65 -2.81 0.72 -21.28
N THR A 66 -2.77 1.21 -20.04
CA THR A 66 -2.48 0.37 -18.89
C THR A 66 -3.69 0.23 -17.98
N HIS A 67 -4.88 0.37 -18.56
CA HIS A 67 -6.11 0.26 -17.81
C HIS A 67 -6.46 -1.21 -17.54
N ARG A 68 -5.90 -2.10 -18.35
CA ARG A 68 -6.15 -3.52 -18.20
C ARG A 68 -5.90 -3.98 -16.77
N GLU A 69 -4.67 -3.79 -16.29
CA GLU A 69 -4.32 -4.19 -14.93
C GLU A 69 -5.02 -3.30 -13.91
N ILE A 70 -5.10 -2.01 -14.22
CA ILE A 70 -5.76 -1.06 -13.32
C ILE A 70 -7.17 -1.50 -12.98
N GLU A 71 -7.92 -1.91 -14.00
CA GLU A 71 -9.29 -2.36 -13.81
C GLU A 71 -9.34 -3.57 -12.87
N MET A 72 -8.58 -4.60 -13.22
CA MET A 72 -8.53 -5.81 -12.41
C MET A 72 -8.03 -5.52 -11.00
N ALA A 73 -7.24 -4.46 -10.87
CA ALA A 73 -6.69 -4.07 -9.58
C ALA A 73 -7.79 -3.54 -8.66
N GLN A 74 -8.80 -2.91 -9.25
CA GLN A 74 -9.91 -2.36 -8.49
C GLN A 74 -10.54 -3.42 -7.61
N LYS A 75 -11.23 -4.37 -8.23
CA LYS A 75 -11.88 -5.45 -7.50
C LYS A 75 -10.89 -6.17 -6.59
N LEU A 76 -9.67 -6.36 -7.08
CA LEU A 76 -8.64 -7.03 -6.31
C LEU A 76 -8.37 -6.30 -4.99
N LEU A 77 -8.28 -4.98 -5.08
CA LEU A 77 -8.02 -4.16 -3.90
C LEU A 77 -9.05 -4.43 -2.81
N ASN A 78 -10.33 -4.44 -3.20
CA ASN A 78 -11.42 -4.69 -2.25
C ASN A 78 -11.16 -5.98 -1.47
N SER A 79 -10.82 -7.04 -2.17
CA SER A 79 -10.55 -8.33 -1.54
C SER A 79 -9.52 -8.18 -0.43
N ASP A 80 -8.42 -7.50 -0.73
CA ASP A 80 -7.36 -7.29 0.24
C ASP A 80 -7.92 -6.70 1.54
N LEU A 81 -8.90 -5.82 1.40
CA LEU A 81 -9.52 -5.18 2.56
C LEU A 81 -10.17 -6.22 3.47
N ALA A 82 -11.21 -6.88 2.97
CA ALA A 82 -11.92 -7.88 3.74
C ALA A 82 -10.95 -8.93 4.28
N GLU A 83 -9.99 -9.33 3.45
CA GLU A 83 -9.00 -10.32 3.84
C GLU A 83 -8.13 -9.81 4.99
N LEU A 84 -7.79 -8.52 4.93
CA LEU A 84 -6.97 -7.91 5.96
C LEU A 84 -7.69 -7.88 7.30
N ILE A 85 -8.85 -7.24 7.33
CA ILE A 85 -9.64 -7.16 8.56
C ILE A 85 -10.04 -8.54 9.05
N ASN A 86 -10.11 -9.50 8.13
CA ASN A 86 -10.49 -10.86 8.46
C ASN A 86 -9.47 -11.48 9.42
N LYS A 87 -8.25 -11.65 8.94
CA LYS A 87 -7.17 -12.23 9.74
C LYS A 87 -6.91 -11.39 10.98
N MET A 88 -6.94 -10.07 10.82
CA MET A 88 -6.71 -9.16 11.93
C MET A 88 -7.74 -9.38 13.04
N LYS A 89 -9.01 -9.39 12.65
CA LYS A 89 -10.09 -9.59 13.61
C LYS A 89 -9.85 -10.84 14.45
N LEU A 90 -9.31 -11.87 13.82
CA LEU A 90 -9.03 -13.12 14.51
C LEU A 90 -7.92 -12.94 15.55
N ALA A 91 -6.83 -12.31 15.13
CA ALA A 91 -5.71 -12.07 16.02
C ALA A 91 -6.16 -11.37 17.30
N GLN A 92 -7.09 -10.43 17.17
CA GLN A 92 -7.60 -9.69 18.32
C GLN A 92 -8.19 -10.65 19.36
N GLN A 93 -8.65 -11.81 18.89
CA GLN A 93 -9.24 -12.80 19.78
C GLN A 93 -8.22 -13.89 20.13
N TYR A 94 -7.24 -14.07 19.25
CA TYR A 94 -6.20 -15.08 19.48
C TYR A 94 -4.97 -14.45 20.11
N VAL A 95 -5.17 -13.35 20.83
CA VAL A 95 -4.07 -12.66 21.50
C VAL A 95 -4.16 -12.80 23.00
N MET A 96 -5.38 -12.87 23.52
CA MET A 96 -5.60 -13.02 24.95
C MET A 96 -5.09 -14.35 25.46
N THR A 97 -4.98 -15.32 24.54
CA THR A 97 -4.49 -16.65 24.90
C THR A 97 -2.97 -16.66 25.04
N SER A 98 -2.28 -16.60 23.90
CA SER A 98 -0.82 -16.60 23.90
C SER A 98 -0.28 -16.50 22.48
N LEU A 99 -0.98 -17.12 21.54
CA LEU A 99 -0.58 -17.11 20.14
C LEU A 99 -0.90 -15.75 19.49
N GLN A 100 -0.22 -14.71 19.94
CA GLN A 100 -0.43 -13.37 19.42
C GLN A 100 0.60 -13.04 18.34
N GLN A 101 1.87 -13.26 18.67
CA GLN A 101 2.96 -12.98 17.74
C GLN A 101 2.72 -13.69 16.40
N GLU A 102 2.06 -14.83 16.46
CA GLU A 102 1.77 -15.61 15.25
C GLU A 102 1.04 -14.75 14.22
N TYR A 103 -0.18 -14.35 14.56
CA TYR A 103 -0.99 -13.52 13.67
C TYR A 103 -0.26 -12.24 13.30
N LYS A 104 0.62 -11.78 14.19
CA LYS A 104 1.38 -10.56 13.95
C LYS A 104 2.30 -10.72 12.75
N LYS A 105 2.95 -11.88 12.66
CA LYS A 105 3.85 -12.16 11.55
C LYS A 105 3.11 -12.14 10.22
N GLN A 106 2.10 -12.99 10.10
CA GLN A 106 1.31 -13.07 8.87
C GLN A 106 0.71 -11.71 8.53
N MET A 107 0.30 -10.97 9.56
CA MET A 107 -0.28 -9.65 9.35
C MET A 107 0.63 -8.77 8.51
N LEU A 108 1.88 -8.64 8.93
CA LEU A 108 2.85 -7.83 8.22
C LEU A 108 2.96 -8.27 6.75
N THR A 109 2.97 -9.58 6.54
CA THR A 109 3.07 -10.13 5.19
C THR A 109 2.03 -9.51 4.27
N ALA A 110 0.80 -9.41 4.76
CA ALA A 110 -0.30 -8.85 3.97
C ALA A 110 -0.01 -7.40 3.60
N ALA A 111 0.28 -6.58 4.62
CA ALA A 111 0.58 -5.17 4.40
C ALA A 111 1.81 -5.00 3.51
N HIS A 112 2.70 -5.98 3.55
CA HIS A 112 3.92 -5.94 2.75
C HIS A 112 3.59 -5.95 1.27
N ALA A 113 2.70 -6.84 0.86
CA ALA A 113 2.29 -6.95 -0.54
C ALA A 113 1.55 -5.70 -0.99
N LEU A 114 0.68 -5.18 -0.13
CA LEU A 114 -0.10 -3.99 -0.44
C LEU A 114 0.83 -2.82 -0.80
N ALA A 115 1.79 -2.56 0.08
CA ALA A 115 2.75 -1.47 -0.14
C ALA A 115 3.37 -1.56 -1.53
N VAL A 116 3.94 -2.73 -1.84
CA VAL A 116 4.59 -2.94 -3.13
C VAL A 116 3.57 -2.85 -4.27
N ASP A 117 2.36 -3.32 -4.01
CA ASP A 117 1.30 -3.28 -5.01
C ASP A 117 0.98 -1.84 -5.41
N ALA A 118 0.60 -1.02 -4.45
CA ALA A 118 0.28 0.37 -4.71
C ALA A 118 1.43 1.09 -5.41
N LYS A 119 2.64 0.60 -5.18
CA LYS A 119 3.83 1.19 -5.79
C LYS A 119 3.93 0.80 -7.27
N ASN A 120 4.04 -0.49 -7.54
CA ASN A 120 4.13 -0.98 -8.90
C ASN A 120 3.01 -0.43 -9.77
N LEU A 121 1.86 -0.18 -9.14
CA LEU A 121 0.71 0.36 -9.84
C LEU A 121 1.06 1.63 -10.60
N LEU A 122 1.57 2.62 -9.88
CA LEU A 122 1.97 3.89 -10.49
C LEU A 122 3.23 3.73 -11.31
N ASP A 123 4.13 2.86 -10.85
CA ASP A 123 5.38 2.62 -11.55
C ASP A 123 5.12 2.14 -12.98
N VAL A 124 4.17 1.23 -13.13
CA VAL A 124 3.83 0.69 -14.44
C VAL A 124 3.23 1.78 -15.35
N ILE A 125 2.12 2.35 -14.90
CA ILE A 125 1.46 3.40 -15.68
C ILE A 125 2.41 4.56 -15.95
N ASP A 126 3.43 4.70 -15.11
CA ASP A 126 4.41 5.77 -15.28
C ASP A 126 5.09 5.67 -16.63
N GLN A 127 5.24 4.45 -17.14
CA GLN A 127 5.88 4.22 -18.43
C GLN A 127 5.02 4.76 -19.56
N ALA A 128 3.71 4.85 -19.32
CA ALA A 128 2.78 5.35 -20.32
C ALA A 128 2.88 6.87 -20.45
N ARG A 129 2.76 7.56 -19.33
CA ARG A 129 2.83 9.02 -19.31
C ARG A 129 4.15 9.50 -19.91
N LEU A 130 5.23 8.82 -19.56
CA LEU A 130 6.56 9.19 -20.07
C LEU A 130 6.70 8.79 -21.53
N LYS A 131 6.06 7.70 -21.91
CA LYS A 131 6.11 7.23 -23.29
C LYS A 131 5.64 8.30 -24.26
N MET A 132 4.65 9.07 -23.84
CA MET A 132 4.11 10.14 -24.68
C MET A 132 4.99 11.39 -24.61
N ILE A 133 5.33 11.80 -23.40
CA ILE A 133 6.18 12.97 -23.20
C ILE A 133 7.49 12.83 -23.96
N SER A 134 8.23 11.77 -23.66
CA SER A 134 9.51 11.53 -24.32
C SER A 134 9.31 11.01 -25.74
N GLN A 135 9.04 11.93 -26.65
CA GLN A 135 8.83 11.56 -28.06
C GLN A 135 8.76 12.81 -28.94
N SER A 136 7.82 13.69 -28.64
CA SER A 136 7.65 14.92 -29.41
C SER A 136 6.63 15.84 -28.74
N ARG A 137 7.00 17.11 -28.58
CA ARG A 137 6.12 18.10 -27.96
C ARG A 137 6.78 19.46 -27.92
N PRO A 138 5.96 20.52 -27.82
CA PRO A 138 6.44 21.90 -27.77
C PRO A 138 7.16 22.22 -26.47
N HIS A 139 7.52 23.48 -26.29
CA HIS A 139 8.22 23.92 -25.09
C HIS A 139 7.46 23.50 -23.83
N SER A 155 11.27 10.59 0.57
CA SER A 155 10.11 9.84 0.12
C SER A 155 10.13 9.66 -1.40
N ASN A 156 11.20 9.08 -1.90
CA ASN A 156 11.35 8.85 -3.34
C ASN A 156 11.15 7.37 -3.67
N LEU A 157 11.09 7.07 -4.96
CA LEU A 157 10.90 5.69 -5.41
C LEU A 157 11.92 4.77 -4.77
N SER A 158 13.20 5.10 -4.92
CA SER A 158 14.27 4.30 -4.36
C SER A 158 14.14 4.19 -2.84
N GLU A 159 13.72 5.28 -2.21
CA GLU A 159 13.55 5.32 -0.76
C GLU A 159 12.60 4.22 -0.31
N LEU A 160 11.53 4.01 -1.08
CA LEU A 160 10.54 2.99 -0.75
C LEU A 160 11.13 1.59 -0.89
N ASP A 161 12.00 1.42 -1.88
CA ASP A 161 12.64 0.13 -2.12
C ASP A 161 13.44 -0.31 -0.91
N ARG A 162 14.27 0.60 -0.40
CA ARG A 162 15.11 0.30 0.76
C ARG A 162 14.26 -0.16 1.94
N LEU A 163 13.34 0.69 2.36
CA LEU A 163 12.45 0.37 3.48
C LEU A 163 11.75 -0.97 3.26
N LEU A 164 11.52 -1.30 1.99
CA LEU A 164 10.87 -2.56 1.65
C LEU A 164 11.71 -3.75 2.09
N LEU A 165 12.97 -3.75 1.69
CA LEU A 165 13.89 -4.83 2.04
C LEU A 165 13.88 -5.09 3.54
N GLU A 166 14.08 -4.03 4.32
CA GLU A 166 14.10 -4.14 5.77
C GLU A 166 12.78 -4.72 6.28
N LEU A 167 11.67 -4.25 5.71
CA LEU A 167 10.35 -4.72 6.11
C LEU A 167 10.25 -6.24 6.01
N ASN A 168 10.90 -6.80 4.99
CA ASN A 168 10.89 -8.25 4.77
C ASN A 168 11.58 -8.97 5.93
N ALA A 169 12.84 -8.62 6.18
CA ALA A 169 13.61 -9.23 7.26
C ALA A 169 12.86 -9.13 8.58
N VAL A 170 12.28 -7.96 8.85
CA VAL A 170 11.54 -7.74 10.08
C VAL A 170 10.47 -8.81 10.27
N GLN A 171 9.78 -9.14 9.18
CA GLN A 171 8.72 -10.14 9.23
C GLN A 171 9.29 -11.54 9.46
N HIS A 172 10.47 -11.78 8.88
CA HIS A 172 11.13 -13.07 9.02
C HIS A 172 11.23 -13.48 10.49
N ASN A 173 11.79 -12.60 11.31
CA ASN A 173 11.95 -12.86 12.73
C ASN A 173 12.50 -11.64 13.45
N PRO A 174 12.31 -11.60 14.78
CA PRO A 174 12.80 -10.49 15.62
C PRO A 174 14.31 -10.48 15.74
N PRO A 175 14.84 -9.36 16.27
CA PRO A 175 16.29 -9.19 16.45
C PRO A 175 16.85 -10.10 17.54
N SER A 176 15.98 -10.55 18.44
CA SER A 176 16.38 -11.42 19.53
C SER A 176 16.06 -12.88 19.22
N MET A 1 -6.23 22.81 -18.89
CA MET A 1 -5.20 23.82 -19.13
C MET A 1 -4.07 23.68 -18.12
N ALA A 2 -4.40 23.78 -16.84
CA ALA A 2 -3.40 23.66 -15.78
C ALA A 2 -4.05 23.30 -14.45
N ASN A 3 -3.27 23.37 -13.38
CA ASN A 3 -3.76 23.05 -12.05
C ASN A 3 -4.20 21.59 -11.97
N LEU A 4 -3.65 20.76 -12.86
CA LEU A 4 -3.97 19.34 -12.88
C LEU A 4 -2.87 18.52 -12.23
N ASP A 5 -2.14 19.14 -11.31
CA ASP A 5 -1.06 18.45 -10.61
C ASP A 5 -1.49 18.05 -9.20
N ARG A 6 -2.79 17.83 -9.03
CA ARG A 6 -3.33 17.44 -7.73
C ARG A 6 -3.63 15.94 -7.70
N SER A 7 -4.34 15.46 -8.72
CA SER A 7 -4.68 14.04 -8.80
C SER A 7 -3.47 13.20 -9.19
N ASN A 8 -2.77 13.63 -10.23
CA ASN A 8 -1.59 12.92 -10.71
C ASN A 8 -0.55 12.81 -9.60
N ASP A 9 -0.59 13.74 -8.66
CA ASP A 9 0.35 13.73 -7.55
C ASP A 9 -0.21 12.97 -6.35
N LYS A 10 -1.53 12.98 -6.22
CA LYS A 10 -2.20 12.29 -5.13
C LYS A 10 -1.93 10.79 -5.19
N VAL A 11 -2.20 10.18 -6.33
CA VAL A 11 -1.98 8.75 -6.51
C VAL A 11 -0.53 8.38 -6.23
N TYR A 12 0.39 9.13 -6.82
CA TYR A 12 1.82 8.87 -6.63
C TYR A 12 2.24 9.19 -5.19
N GLU A 13 1.45 10.01 -4.52
CA GLU A 13 1.74 10.39 -3.14
C GLU A 13 1.30 9.30 -2.18
N ASN A 14 0.03 8.90 -2.27
CA ASN A 14 -0.51 7.86 -1.41
C ASN A 14 0.39 6.63 -1.41
N VAL A 15 0.92 6.30 -2.58
CA VAL A 15 1.80 5.14 -2.72
C VAL A 15 2.91 5.16 -1.69
N THR A 16 3.30 6.36 -1.27
CA THR A 16 4.35 6.51 -0.27
C THR A 16 3.78 6.51 1.15
N GLY A 17 2.75 7.32 1.36
CA GLY A 17 2.13 7.39 2.67
C GLY A 17 1.76 6.03 3.22
N LEU A 18 1.07 5.24 2.39
CA LEU A 18 0.65 3.91 2.80
C LEU A 18 1.83 3.07 3.27
N VAL A 19 2.98 3.28 2.63
CA VAL A 19 4.20 2.55 2.98
C VAL A 19 4.68 2.93 4.37
N LYS A 20 4.57 4.21 4.70
CA LYS A 20 5.00 4.71 6.01
C LYS A 20 4.22 4.02 7.13
N ALA A 21 2.94 3.77 6.88
CA ALA A 21 2.09 3.11 7.87
C ALA A 21 2.39 1.61 7.95
N VAL A 22 2.56 0.99 6.78
CA VAL A 22 2.85 -0.44 6.72
C VAL A 22 4.12 -0.78 7.49
N ILE A 23 5.14 0.07 7.33
CA ILE A 23 6.42 -0.15 8.01
C ILE A 23 6.33 0.29 9.48
N GLU A 24 5.67 1.41 9.71
CA GLU A 24 5.52 1.93 11.07
C GLU A 24 4.95 0.85 12.00
N MET A 25 3.77 0.35 11.67
CA MET A 25 3.13 -0.68 12.48
C MET A 25 4.03 -1.90 12.63
N SER A 26 4.67 -2.30 11.53
CA SER A 26 5.56 -3.45 11.54
C SER A 26 6.72 -3.23 12.51
N SER A 27 6.97 -1.97 12.86
CA SER A 27 8.05 -1.63 13.77
C SER A 27 7.65 -1.90 15.22
N LYS A 28 6.57 -1.27 15.66
CA LYS A 28 6.08 -1.44 17.02
C LYS A 28 4.99 -2.51 17.07
N ILE A 29 5.00 -3.41 16.10
CA ILE A 29 4.02 -4.49 16.03
C ILE A 29 4.08 -5.36 17.28
N GLN A 30 5.29 -5.65 17.74
CA GLN A 30 5.48 -6.49 18.92
C GLN A 30 4.85 -5.83 20.15
N PRO A 31 5.33 -4.64 20.50
CA PRO A 31 4.83 -3.89 21.66
C PRO A 31 3.42 -3.36 21.43
N ALA A 32 2.92 -3.50 20.21
CA ALA A 32 1.58 -3.04 19.87
C ALA A 32 0.56 -3.49 20.91
N PRO A 33 0.09 -2.52 21.72
CA PRO A 33 -0.89 -2.80 22.78
C PRO A 33 -2.27 -3.14 22.22
N PRO A 34 -3.16 -3.63 23.08
CA PRO A 34 -4.52 -3.99 22.70
C PRO A 34 -5.38 -2.78 22.37
N GLU A 35 -4.95 -1.61 22.84
CA GLU A 35 -5.68 -0.37 22.59
C GLU A 35 -5.26 0.25 21.26
N GLU A 36 -4.10 -0.18 20.76
CA GLU A 36 -3.59 0.34 19.50
C GLU A 36 -4.10 -0.50 18.33
N TYR A 37 -4.69 -1.64 18.63
CA TYR A 37 -5.21 -2.54 17.61
C TYR A 37 -6.46 -1.96 16.97
N VAL A 38 -7.34 -1.41 17.80
CA VAL A 38 -8.58 -0.82 17.32
C VAL A 38 -8.31 0.22 16.23
N PRO A 39 -7.51 1.23 16.57
CA PRO A 39 -7.15 2.31 15.64
C PRO A 39 -6.23 1.83 14.52
N MET A 40 -5.42 0.81 14.81
CA MET A 40 -4.51 0.26 13.84
C MET A 40 -5.24 -0.09 12.53
N VAL A 41 -6.29 -0.89 12.66
CA VAL A 41 -7.07 -1.30 11.50
C VAL A 41 -7.63 -0.09 10.76
N LYS A 42 -7.91 0.97 11.50
CA LYS A 42 -8.43 2.20 10.91
C LYS A 42 -7.48 2.76 9.87
N GLU A 43 -6.20 2.88 10.24
CA GLU A 43 -5.19 3.40 9.34
C GLU A 43 -5.07 2.54 8.09
N VAL A 44 -5.00 1.22 8.30
CA VAL A 44 -4.88 0.28 7.19
C VAL A 44 -6.04 0.43 6.21
N GLY A 45 -7.25 0.52 6.76
CA GLY A 45 -8.42 0.66 5.91
C GLY A 45 -8.43 1.97 5.13
N LEU A 46 -7.76 2.98 5.68
CA LEU A 46 -7.69 4.28 5.02
C LEU A 46 -6.91 4.19 3.72
N ALA A 47 -5.76 3.52 3.76
CA ALA A 47 -4.92 3.37 2.58
C ALA A 47 -5.67 2.63 1.47
N LEU A 48 -6.33 1.53 1.84
CA LEU A 48 -7.08 0.73 0.89
C LEU A 48 -8.23 1.53 0.29
N ARG A 49 -9.10 2.05 1.16
CA ARG A 49 -10.24 2.84 0.72
C ARG A 49 -9.79 3.99 -0.17
N THR A 50 -8.68 4.62 0.19
CA THR A 50 -8.14 5.73 -0.58
C THR A 50 -7.56 5.26 -1.90
N LEU A 51 -6.94 4.08 -1.89
CA LEU A 51 -6.33 3.51 -3.09
C LEU A 51 -7.34 3.44 -4.22
N LEU A 52 -8.58 3.10 -3.89
CA LEU A 52 -9.64 3.00 -4.88
C LEU A 52 -9.88 4.34 -5.56
N ALA A 53 -9.95 5.41 -4.75
CA ALA A 53 -10.18 6.75 -5.27
C ALA A 53 -8.97 7.25 -6.05
N THR A 54 -7.78 7.08 -5.47
CA THR A 54 -6.55 7.52 -6.11
C THR A 54 -6.44 6.96 -7.52
N VAL A 55 -6.40 5.64 -7.63
CA VAL A 55 -6.30 4.97 -8.93
C VAL A 55 -7.45 5.36 -9.84
N ASP A 56 -8.62 5.59 -9.24
CA ASP A 56 -9.81 5.97 -10.01
C ASP A 56 -9.50 7.16 -10.91
N GLU A 57 -8.86 8.18 -10.35
CA GLU A 57 -8.51 9.38 -11.11
C GLU A 57 -7.21 9.17 -11.87
N SER A 58 -6.50 8.09 -11.57
CA SER A 58 -5.24 7.78 -12.22
C SER A 58 -5.47 7.33 -13.66
N LEU A 59 -6.65 6.75 -13.91
CA LEU A 59 -7.00 6.26 -15.24
C LEU A 59 -6.71 7.32 -16.30
N PRO A 60 -7.38 8.48 -16.17
CA PRO A 60 -7.21 9.60 -17.11
C PRO A 60 -5.85 10.26 -16.99
N VAL A 61 -5.32 10.29 -15.77
CA VAL A 61 -4.02 10.89 -15.52
C VAL A 61 -2.97 10.37 -16.48
N LEU A 62 -3.08 9.09 -16.84
CA LEU A 62 -2.14 8.46 -17.76
C LEU A 62 -2.84 8.04 -19.04
N PRO A 63 -2.07 7.97 -20.14
CA PRO A 63 -2.59 7.58 -21.45
C PRO A 63 -2.97 6.11 -21.51
N ALA A 64 -4.00 5.79 -22.29
CA ALA A 64 -4.47 4.42 -22.44
C ALA A 64 -3.35 3.52 -22.96
N SER A 65 -3.05 2.46 -22.22
CA SER A 65 -2.01 1.52 -22.61
C SER A 65 -1.85 0.42 -21.57
N THR A 66 -2.06 0.77 -20.30
CA THR A 66 -1.94 -0.18 -19.21
C THR A 66 -3.30 -0.48 -18.58
N HIS A 67 -4.36 -0.33 -19.37
CA HIS A 67 -5.72 -0.58 -18.89
C HIS A 67 -5.82 -1.97 -18.28
N ARG A 68 -5.15 -2.93 -18.89
CA ARG A 68 -5.17 -4.31 -18.40
C ARG A 68 -4.83 -4.37 -16.91
N GLU A 69 -3.69 -3.79 -16.56
CA GLU A 69 -3.25 -3.77 -15.16
C GLU A 69 -4.15 -2.86 -14.32
N ILE A 70 -4.50 -1.71 -14.86
CA ILE A 70 -5.35 -0.76 -14.17
C ILE A 70 -6.65 -1.42 -13.70
N GLU A 71 -7.32 -2.09 -14.63
CA GLU A 71 -8.57 -2.77 -14.32
C GLU A 71 -8.37 -3.83 -13.25
N MET A 72 -7.38 -4.69 -13.46
CA MET A 72 -7.06 -5.76 -12.51
C MET A 72 -6.68 -5.18 -11.15
N ALA A 73 -6.20 -3.95 -11.16
CA ALA A 73 -5.80 -3.28 -9.92
C ALA A 73 -7.00 -2.88 -9.08
N GLN A 74 -8.10 -2.53 -9.76
CA GLN A 74 -9.33 -2.13 -9.09
C GLN A 74 -9.88 -3.28 -8.24
N LYS A 75 -10.29 -4.36 -8.92
CA LYS A 75 -10.84 -5.52 -8.23
C LYS A 75 -9.85 -6.06 -7.20
N LEU A 76 -8.58 -6.13 -7.60
CA LEU A 76 -7.54 -6.64 -6.71
C LEU A 76 -7.54 -5.89 -5.39
N LEU A 77 -7.59 -4.57 -5.45
CA LEU A 77 -7.61 -3.74 -4.25
C LEU A 77 -8.73 -4.16 -3.30
N ASN A 78 -9.93 -4.32 -3.84
CA ASN A 78 -11.08 -4.73 -3.05
C ASN A 78 -10.77 -6.00 -2.25
N SER A 79 -10.34 -7.04 -2.95
CA SER A 79 -10.01 -8.30 -2.32
C SER A 79 -9.02 -8.10 -1.17
N ASP A 80 -7.91 -7.43 -1.47
CA ASP A 80 -6.89 -7.16 -0.47
C ASP A 80 -7.51 -6.52 0.77
N LEU A 81 -8.53 -5.70 0.56
CA LEU A 81 -9.20 -5.02 1.66
C LEU A 81 -9.78 -6.02 2.66
N ALA A 82 -10.73 -6.82 2.19
CA ALA A 82 -11.35 -7.83 3.04
C ALA A 82 -10.31 -8.77 3.64
N GLU A 83 -9.30 -9.10 2.85
CA GLU A 83 -8.23 -9.99 3.30
C GLU A 83 -7.45 -9.37 4.45
N LEU A 84 -7.08 -8.10 4.28
CA LEU A 84 -6.31 -7.39 5.32
C LEU A 84 -7.15 -7.20 6.58
N ILE A 85 -8.31 -6.57 6.42
CA ILE A 85 -9.20 -6.33 7.55
C ILE A 85 -9.54 -7.63 8.26
N ASN A 86 -9.60 -8.71 7.51
CA ASN A 86 -9.91 -10.02 8.08
C ASN A 86 -8.84 -10.45 9.08
N LYS A 87 -7.61 -10.60 8.60
CA LYS A 87 -6.51 -10.99 9.47
C LYS A 87 -6.33 -10.01 10.62
N MET A 88 -6.30 -8.73 10.30
CA MET A 88 -6.15 -7.69 11.31
C MET A 88 -7.22 -7.81 12.39
N LYS A 89 -8.48 -7.81 11.97
CA LYS A 89 -9.60 -7.92 12.88
C LYS A 89 -9.55 -9.25 13.64
N LEU A 90 -9.04 -10.29 12.98
CA LEU A 90 -8.94 -11.61 13.60
C LEU A 90 -7.93 -11.59 14.74
N ALA A 91 -6.71 -11.15 14.44
CA ALA A 91 -5.66 -11.08 15.44
C ALA A 91 -6.11 -10.31 16.67
N GLN A 92 -6.89 -9.25 16.46
CA GLN A 92 -7.38 -8.44 17.55
C GLN A 92 -8.20 -9.27 18.53
N GLN A 93 -8.78 -10.36 18.03
CA GLN A 93 -9.60 -11.25 18.86
C GLN A 93 -8.80 -12.49 19.26
N TYR A 94 -7.81 -12.85 18.44
CA TYR A 94 -6.98 -14.02 18.71
C TYR A 94 -5.70 -13.62 19.42
N VAL A 95 -5.75 -12.50 20.14
CA VAL A 95 -4.58 -12.01 20.87
C VAL A 95 -4.78 -12.15 22.38
N MET A 96 -6.03 -12.03 22.82
CA MET A 96 -6.34 -12.15 24.23
C MET A 96 -6.08 -13.56 24.74
N THR A 97 -6.09 -14.52 23.82
CA THR A 97 -5.85 -15.91 24.17
C THR A 97 -4.37 -16.18 24.38
N SER A 98 -3.62 -16.23 23.28
CA SER A 98 -2.19 -16.48 23.34
C SER A 98 -1.57 -16.48 21.95
N LEU A 99 -2.33 -16.97 20.97
CA LEU A 99 -1.86 -17.02 19.59
C LEU A 99 -1.92 -15.65 18.94
N GLN A 100 -1.07 -14.73 19.42
CA GLN A 100 -1.02 -13.37 18.89
C GLN A 100 0.04 -13.26 17.81
N GLN A 101 1.27 -13.64 18.14
CA GLN A 101 2.38 -13.57 17.20
C GLN A 101 2.02 -14.26 15.89
N GLU A 102 1.23 -15.32 15.98
CA GLU A 102 0.81 -16.09 14.80
C GLU A 102 0.14 -15.17 13.78
N TYR A 103 -1.08 -14.74 14.09
CA TYR A 103 -1.82 -13.86 13.20
C TYR A 103 -1.01 -12.62 12.84
N LYS A 104 -0.11 -12.22 13.75
CA LYS A 104 0.73 -11.06 13.54
C LYS A 104 1.70 -11.29 12.38
N LYS A 105 2.43 -12.40 12.45
CA LYS A 105 3.40 -12.73 11.40
C LYS A 105 2.74 -12.72 10.03
N GLN A 106 1.67 -13.49 9.87
CA GLN A 106 0.96 -13.56 8.60
C GLN A 106 0.55 -12.17 8.13
N MET A 107 0.28 -11.28 9.09
CA MET A 107 -0.11 -9.91 8.77
C MET A 107 0.99 -9.20 8.00
N LEU A 108 2.20 -9.20 8.56
CA LEU A 108 3.34 -8.55 7.93
C LEU A 108 3.48 -9.00 6.48
N THR A 109 3.34 -10.30 6.25
CA THR A 109 3.46 -10.86 4.92
C THR A 109 2.56 -10.12 3.93
N ALA A 110 1.26 -10.10 4.22
CA ALA A 110 0.30 -9.42 3.36
C ALA A 110 0.61 -7.93 3.24
N ALA A 111 0.85 -7.29 4.38
CA ALA A 111 1.16 -5.87 4.39
C ALA A 111 2.33 -5.55 3.47
N HIS A 112 3.29 -6.46 3.41
CA HIS A 112 4.47 -6.28 2.56
C HIS A 112 4.07 -6.21 1.10
N ALA A 113 3.39 -7.25 0.62
CA ALA A 113 2.94 -7.31 -0.77
C ALA A 113 2.07 -6.10 -1.12
N LEU A 114 1.32 -5.63 -0.13
CA LEU A 114 0.43 -4.48 -0.33
C LEU A 114 1.23 -3.24 -0.74
N ALA A 115 2.27 -2.93 0.02
CA ALA A 115 3.11 -1.77 -0.26
C ALA A 115 3.63 -1.82 -1.69
N VAL A 116 4.27 -2.93 -2.05
CA VAL A 116 4.81 -3.10 -3.39
C VAL A 116 3.72 -2.98 -4.45
N ASP A 117 2.53 -3.48 -4.13
CA ASP A 117 1.40 -3.43 -5.04
C ASP A 117 1.13 -2.00 -5.49
N ALA A 118 0.78 -1.15 -4.53
CA ALA A 118 0.49 0.25 -4.81
C ALA A 118 1.65 0.92 -5.55
N LYS A 119 2.86 0.39 -5.35
CA LYS A 119 4.04 0.93 -6.00
C LYS A 119 4.08 0.54 -7.47
N ASN A 120 4.14 -0.76 -7.72
CA ASN A 120 4.19 -1.27 -9.09
C ASN A 120 3.06 -0.67 -9.93
N LEU A 121 1.95 -0.36 -9.28
CA LEU A 121 0.80 0.21 -9.96
C LEU A 121 1.19 1.46 -10.75
N LEU A 122 1.77 2.44 -10.05
CA LEU A 122 2.20 3.67 -10.68
C LEU A 122 3.44 3.44 -11.54
N ASP A 123 4.31 2.54 -11.10
CA ASP A 123 5.53 2.22 -11.84
C ASP A 123 5.21 1.75 -13.24
N VAL A 124 4.21 0.87 -13.36
CA VAL A 124 3.80 0.34 -14.65
C VAL A 124 3.23 1.44 -15.54
N ILE A 125 2.15 2.07 -15.08
CA ILE A 125 1.52 3.14 -15.85
C ILE A 125 2.51 4.24 -16.17
N ASP A 126 3.56 4.34 -15.37
CA ASP A 126 4.59 5.36 -15.58
C ASP A 126 5.16 5.27 -17.00
N GLN A 127 5.37 4.05 -17.47
CA GLN A 127 5.92 3.82 -18.81
C GLN A 127 5.03 4.46 -19.87
N ALA A 128 3.74 4.56 -19.57
CA ALA A 128 2.79 5.16 -20.49
C ALA A 128 2.95 6.68 -20.54
N ARG A 129 3.04 7.29 -19.37
CA ARG A 129 3.18 8.74 -19.27
C ARG A 129 4.41 9.22 -20.05
N LEU A 130 5.52 8.50 -19.88
CA LEU A 130 6.77 8.85 -20.55
C LEU A 130 6.69 8.50 -22.04
N LYS A 131 5.92 7.46 -22.36
CA LYS A 131 5.76 7.02 -23.74
C LYS A 131 5.25 8.16 -24.61
N MET A 132 4.34 8.96 -24.05
CA MET A 132 3.77 10.09 -24.79
C MET A 132 4.75 11.27 -24.82
N ILE A 133 5.29 11.61 -23.65
CA ILE A 133 6.24 12.72 -23.55
C ILE A 133 7.38 12.56 -24.55
N SER A 134 8.09 11.44 -24.45
CA SER A 134 9.21 11.15 -25.34
C SER A 134 8.72 10.73 -26.71
N GLN A 135 8.13 11.68 -27.45
CA GLN A 135 7.62 11.40 -28.79
C GLN A 135 7.04 12.67 -29.41
N SER A 136 6.02 13.24 -28.75
CA SER A 136 5.37 14.44 -29.25
C SER A 136 4.39 14.99 -28.22
N ARG A 137 4.47 16.29 -27.96
CA ARG A 137 3.60 16.95 -27.01
C ARG A 137 3.81 18.45 -27.00
N PRO A 138 3.33 19.13 -28.06
CA PRO A 138 3.46 20.58 -28.20
C PRO A 138 2.60 21.33 -27.20
N HIS A 139 3.09 21.48 -25.98
CA HIS A 139 2.37 22.18 -24.93
C HIS A 139 3.32 22.71 -23.86
N SER A 155 11.46 10.19 -1.80
CA SER A 155 10.71 9.14 -2.44
C SER A 155 11.48 8.55 -3.62
N ASN A 156 11.63 7.23 -3.63
CA ASN A 156 12.35 6.55 -4.70
C ASN A 156 11.99 5.07 -4.73
N LEU A 157 12.05 4.48 -5.93
CA LEU A 157 11.75 3.06 -6.09
C LEU A 157 12.55 2.20 -5.11
N SER A 158 13.85 2.45 -5.05
CA SER A 158 14.74 1.70 -4.16
C SER A 158 14.46 2.07 -2.70
N GLU A 159 14.04 3.30 -2.48
CA GLU A 159 13.75 3.79 -1.13
C GLU A 159 12.70 2.90 -0.46
N LEU A 160 11.59 2.68 -1.15
CA LEU A 160 10.51 1.86 -0.63
C LEU A 160 10.93 0.39 -0.55
N ASP A 161 11.79 -0.01 -1.47
CA ASP A 161 12.28 -1.39 -1.51
C ASP A 161 13.14 -1.70 -0.29
N ARG A 162 14.21 -0.93 -0.11
CA ARG A 162 15.11 -1.12 1.01
C ARG A 162 14.34 -1.15 2.34
N LEU A 163 13.53 -0.12 2.55
CA LEU A 163 12.73 -0.02 3.77
C LEU A 163 11.94 -1.31 4.01
N LEU A 164 11.36 -1.83 2.95
CA LEU A 164 10.56 -3.05 3.03
C LEU A 164 11.44 -4.24 3.43
N LEU A 165 12.68 -4.25 2.95
CA LEU A 165 13.62 -5.32 3.25
C LEU A 165 13.77 -5.50 4.76
N GLU A 166 14.02 -4.39 5.46
CA GLU A 166 14.18 -4.42 6.90
C GLU A 166 12.93 -4.96 7.59
N LEU A 167 11.78 -4.50 7.12
CA LEU A 167 10.49 -4.92 7.68
C LEU A 167 10.39 -6.44 7.71
N ASN A 168 10.83 -7.07 6.62
CA ASN A 168 10.79 -8.52 6.51
C ASN A 168 11.63 -9.18 7.60
N ALA A 169 12.86 -8.71 7.77
CA ALA A 169 13.76 -9.24 8.78
C ALA A 169 13.21 -9.02 10.18
N VAL A 170 12.61 -7.85 10.40
CA VAL A 170 12.03 -7.52 11.69
C VAL A 170 11.06 -8.61 12.16
N GLN A 171 10.21 -9.07 11.25
CA GLN A 171 9.24 -10.10 11.58
C GLN A 171 9.94 -11.43 11.86
N HIS A 172 11.00 -11.71 11.11
CA HIS A 172 11.76 -12.95 11.28
C HIS A 172 12.17 -13.14 12.73
N ASN A 173 12.58 -12.06 13.37
CA ASN A 173 13.01 -12.12 14.77
C ASN A 173 13.29 -10.71 15.31
N PRO A 174 13.28 -10.58 16.65
CA PRO A 174 13.55 -9.30 17.31
C PRO A 174 15.00 -8.86 17.18
N PRO A 175 15.27 -7.60 17.53
CA PRO A 175 16.62 -7.03 17.46
C PRO A 175 17.56 -7.62 18.50
N SER A 176 16.98 -8.17 19.58
CA SER A 176 17.77 -8.77 20.64
C SER A 176 17.20 -10.12 21.04
N MET A 1 -7.49 21.12 -20.24
CA MET A 1 -6.39 21.93 -20.76
C MET A 1 -5.27 22.03 -19.72
N ALA A 2 -5.54 22.73 -18.63
CA ALA A 2 -4.54 22.90 -17.57
C ALA A 2 -5.16 22.65 -16.20
N ASN A 3 -4.41 22.99 -15.15
CA ASN A 3 -4.88 22.80 -13.79
C ASN A 3 -5.11 21.33 -13.49
N LEU A 4 -4.44 20.46 -14.23
CA LEU A 4 -4.58 19.02 -14.05
C LEU A 4 -3.38 18.46 -13.29
N ASP A 5 -2.76 19.30 -12.47
CA ASP A 5 -1.61 18.89 -11.68
C ASP A 5 -1.99 18.70 -10.21
N ARG A 6 -3.26 18.38 -9.98
CA ARG A 6 -3.76 18.17 -8.63
C ARG A 6 -3.86 16.69 -8.30
N SER A 7 -4.49 15.94 -9.20
CA SER A 7 -4.67 14.50 -9.02
C SER A 7 -3.37 13.76 -9.30
N ASN A 8 -2.58 14.29 -10.23
CA ASN A 8 -1.31 13.67 -10.59
C ASN A 8 -0.36 13.62 -9.40
N ASP A 9 -0.54 14.57 -8.48
CA ASP A 9 0.31 14.64 -7.29
C ASP A 9 -0.32 13.85 -6.14
N LYS A 10 -1.64 13.73 -6.16
CA LYS A 10 -2.35 13.01 -5.11
C LYS A 10 -1.94 11.54 -5.10
N VAL A 11 -2.07 10.88 -6.24
CA VAL A 11 -1.71 9.47 -6.37
C VAL A 11 -0.24 9.25 -6.07
N TYR A 12 0.59 10.20 -6.50
CA TYR A 12 2.04 10.11 -6.29
C TYR A 12 2.38 10.40 -4.83
N GLU A 13 1.47 11.05 -4.12
CA GLU A 13 1.69 11.38 -2.72
C GLU A 13 1.17 10.27 -1.81
N ASN A 14 -0.14 10.00 -1.90
CA ASN A 14 -0.76 8.95 -1.09
C ASN A 14 -0.01 7.63 -1.23
N VAL A 15 0.45 7.34 -2.44
CA VAL A 15 1.19 6.11 -2.71
C VAL A 15 2.37 5.97 -1.76
N THR A 16 2.89 7.11 -1.28
CA THR A 16 4.02 7.11 -0.37
C THR A 16 3.56 7.04 1.08
N GLY A 17 2.62 7.91 1.44
CA GLY A 17 2.10 7.93 2.79
C GLY A 17 1.66 6.55 3.27
N LEU A 18 0.80 5.90 2.49
CA LEU A 18 0.31 4.58 2.84
C LEU A 18 1.46 3.63 3.15
N VAL A 19 2.55 3.78 2.42
CA VAL A 19 3.73 2.93 2.62
C VAL A 19 4.37 3.20 3.97
N LYS A 20 4.46 4.48 4.34
CA LYS A 20 5.05 4.87 5.61
C LYS A 20 4.40 4.12 6.77
N ALA A 21 3.08 4.01 6.72
CA ALA A 21 2.33 3.32 7.76
C ALA A 21 2.58 1.81 7.70
N VAL A 22 2.59 1.26 6.49
CA VAL A 22 2.81 -0.16 6.30
C VAL A 22 4.10 -0.61 6.96
N ILE A 23 5.15 0.18 6.79
CA ILE A 23 6.45 -0.13 7.37
C ILE A 23 6.50 0.23 8.84
N GLU A 24 5.91 1.38 9.19
CA GLU A 24 5.88 1.83 10.57
C GLU A 24 5.35 0.74 11.49
N MET A 25 4.14 0.27 11.20
CA MET A 25 3.51 -0.77 12.00
C MET A 25 4.40 -2.02 12.08
N SER A 26 4.97 -2.39 10.93
CA SER A 26 5.83 -3.56 10.86
C SER A 26 7.04 -3.40 11.78
N SER A 27 7.33 -2.16 12.16
CA SER A 27 8.47 -1.87 13.03
C SER A 27 8.12 -2.19 14.48
N LYS A 28 7.08 -1.54 14.99
CA LYS A 28 6.66 -1.76 16.37
C LYS A 28 5.53 -2.79 16.43
N ILE A 29 5.48 -3.67 15.44
CA ILE A 29 4.45 -4.70 15.38
C ILE A 29 4.53 -5.62 16.61
N GLN A 30 5.75 -5.97 17.00
CA GLN A 30 5.95 -6.84 18.15
C GLN A 30 5.37 -6.21 19.40
N PRO A 31 5.90 -5.04 19.80
CA PRO A 31 5.45 -4.32 20.99
C PRO A 31 4.05 -3.75 20.82
N ALA A 32 3.52 -3.83 19.60
CA ALA A 32 2.18 -3.32 19.30
C ALA A 32 1.17 -3.80 20.35
N PRO A 33 0.73 -2.89 21.22
CA PRO A 33 -0.23 -3.19 22.27
C PRO A 33 -1.62 -3.48 21.71
N PRO A 34 -2.52 -4.00 22.56
CA PRO A 34 -3.89 -4.32 22.18
C PRO A 34 -4.73 -3.08 21.93
N GLU A 35 -4.27 -1.95 22.45
CA GLU A 35 -4.98 -0.68 22.28
C GLU A 35 -4.58 0.00 20.97
N GLU A 36 -3.41 -0.38 20.45
CA GLU A 36 -2.92 0.20 19.21
C GLU A 36 -3.38 -0.62 18.01
N TYR A 37 -3.94 -1.79 18.28
CA TYR A 37 -4.43 -2.68 17.23
C TYR A 37 -5.72 -2.15 16.63
N VAL A 38 -6.61 -1.65 17.49
CA VAL A 38 -7.88 -1.10 17.05
C VAL A 38 -7.69 -0.08 15.93
N PRO A 39 -6.89 0.96 16.21
CA PRO A 39 -6.60 2.02 15.25
C PRO A 39 -5.73 1.54 14.10
N MET A 40 -4.89 0.54 14.37
CA MET A 40 -4.01 -0.02 13.35
C MET A 40 -4.78 -0.35 12.08
N VAL A 41 -5.92 -1.01 12.24
CA VAL A 41 -6.75 -1.38 11.10
C VAL A 41 -7.27 -0.14 10.37
N LYS A 42 -7.50 0.92 11.12
CA LYS A 42 -7.99 2.17 10.55
C LYS A 42 -7.03 2.72 9.52
N GLU A 43 -5.74 2.74 9.86
CA GLU A 43 -4.71 3.23 8.95
C GLU A 43 -4.67 2.42 7.66
N VAL A 44 -4.43 1.13 7.80
CA VAL A 44 -4.37 0.23 6.65
C VAL A 44 -5.68 0.28 5.85
N GLY A 45 -6.79 0.40 6.56
CA GLY A 45 -8.09 0.45 5.91
C GLY A 45 -8.25 1.69 5.05
N LEU A 46 -7.69 2.80 5.51
CA LEU A 46 -7.77 4.06 4.78
C LEU A 46 -6.92 4.03 3.52
N ALA A 47 -5.75 3.40 3.64
CA ALA A 47 -4.83 3.29 2.50
C ALA A 47 -5.47 2.53 1.35
N LEU A 48 -6.08 1.38 1.66
CA LEU A 48 -6.71 0.57 0.65
C LEU A 48 -7.90 1.30 0.02
N ARG A 49 -8.79 1.81 0.87
CA ARG A 49 -9.97 2.54 0.40
C ARG A 49 -9.56 3.74 -0.43
N THR A 50 -8.54 4.46 0.04
CA THR A 50 -8.06 5.65 -0.66
C THR A 50 -7.38 5.28 -1.97
N LEU A 51 -6.61 4.20 -1.94
CA LEU A 51 -5.90 3.73 -3.14
C LEU A 51 -6.87 3.56 -4.31
N LEU A 52 -8.06 3.07 -4.01
CA LEU A 52 -9.08 2.86 -5.04
C LEU A 52 -9.47 4.18 -5.69
N ALA A 53 -9.69 5.19 -4.87
CA ALA A 53 -10.07 6.51 -5.37
C ALA A 53 -8.90 7.19 -6.09
N THR A 54 -7.72 7.10 -5.50
CA THR A 54 -6.52 7.69 -6.08
C THR A 54 -6.29 7.19 -7.50
N VAL A 55 -6.16 5.87 -7.64
CA VAL A 55 -5.93 5.26 -8.95
C VAL A 55 -7.11 5.51 -9.87
N ASP A 56 -8.32 5.51 -9.32
CA ASP A 56 -9.53 5.73 -10.10
C ASP A 56 -9.41 7.01 -10.91
N GLU A 57 -8.84 8.05 -10.30
CA GLU A 57 -8.67 9.34 -10.97
C GLU A 57 -7.35 9.39 -11.72
N SER A 58 -6.48 8.43 -11.45
CA SER A 58 -5.18 8.36 -12.09
C SER A 58 -5.30 7.92 -13.55
N LEU A 59 -6.39 7.20 -13.84
CA LEU A 59 -6.63 6.72 -15.20
C LEU A 59 -6.50 7.84 -16.22
N PRO A 60 -7.33 8.88 -16.08
CA PRO A 60 -7.32 10.04 -16.97
C PRO A 60 -6.08 10.90 -16.79
N VAL A 61 -5.66 11.09 -15.54
CA VAL A 61 -4.49 11.89 -15.23
C VAL A 61 -3.29 11.42 -16.04
N LEU A 62 -3.27 10.14 -16.38
CA LEU A 62 -2.17 9.56 -17.15
C LEU A 62 -2.66 9.11 -18.53
N PRO A 63 -1.71 8.99 -19.47
CA PRO A 63 -2.02 8.56 -20.84
C PRO A 63 -2.43 7.09 -20.92
N ALA A 64 -3.47 6.82 -21.71
CA ALA A 64 -3.96 5.45 -21.87
C ALA A 64 -2.83 4.50 -22.25
N SER A 65 -2.66 3.44 -21.46
CA SER A 65 -1.61 2.46 -21.72
C SER A 65 -1.61 1.38 -20.65
N THR A 66 -1.95 1.76 -19.42
CA THR A 66 -1.99 0.82 -18.31
C THR A 66 -3.42 0.59 -17.84
N HIS A 67 -4.38 0.77 -18.74
CA HIS A 67 -5.78 0.58 -18.41
C HIS A 67 -6.02 -0.82 -17.86
N ARG A 68 -5.50 -1.83 -18.56
CA ARG A 68 -5.65 -3.21 -18.14
C ARG A 68 -5.24 -3.40 -16.69
N GLU A 69 -4.00 -3.02 -16.38
CA GLU A 69 -3.49 -3.15 -15.02
C GLU A 69 -4.33 -2.33 -14.05
N ILE A 70 -4.60 -1.08 -14.41
CA ILE A 70 -5.40 -0.19 -13.56
C ILE A 70 -6.75 -0.82 -13.23
N GLU A 71 -7.38 -1.42 -14.23
CA GLU A 71 -8.68 -2.06 -14.04
C GLU A 71 -8.59 -3.18 -13.01
N MET A 72 -7.63 -4.08 -13.19
CA MET A 72 -7.44 -5.19 -12.28
C MET A 72 -7.05 -4.69 -10.89
N ALA A 73 -6.48 -3.50 -10.83
CA ALA A 73 -6.06 -2.91 -9.56
C ALA A 73 -7.27 -2.51 -8.72
N GLN A 74 -8.34 -2.08 -9.39
CA GLN A 74 -9.55 -1.67 -8.71
C GLN A 74 -10.16 -2.83 -7.93
N LYS A 75 -10.59 -3.86 -8.66
CA LYS A 75 -11.18 -5.04 -8.03
C LYS A 75 -10.23 -5.67 -7.03
N LEU A 76 -8.97 -5.79 -7.42
CA LEU A 76 -7.96 -6.38 -6.55
C LEU A 76 -7.93 -5.68 -5.19
N LEU A 77 -7.89 -4.35 -5.22
CA LEU A 77 -7.86 -3.57 -3.98
C LEU A 77 -9.00 -3.98 -3.05
N ASN A 78 -10.20 -4.09 -3.61
CA ASN A 78 -11.37 -4.47 -2.83
C ASN A 78 -11.10 -5.75 -2.05
N SER A 79 -10.78 -6.83 -2.76
CA SER A 79 -10.51 -8.11 -2.13
C SER A 79 -9.45 -7.97 -1.04
N ASP A 80 -8.34 -7.34 -1.39
CA ASP A 80 -7.25 -7.13 -0.44
C ASP A 80 -7.76 -6.48 0.84
N LEU A 81 -8.59 -5.46 0.69
CA LEU A 81 -9.15 -4.75 1.85
C LEU A 81 -9.89 -5.72 2.77
N ALA A 82 -10.97 -6.30 2.26
CA ALA A 82 -11.77 -7.24 3.03
C ALA A 82 -10.88 -8.33 3.63
N GLU A 83 -9.97 -8.86 2.82
CA GLU A 83 -9.08 -9.92 3.26
C GLU A 83 -8.19 -9.43 4.42
N LEU A 84 -7.82 -8.16 4.36
CA LEU A 84 -6.97 -7.57 5.40
C LEU A 84 -7.77 -7.33 6.68
N ILE A 85 -8.87 -6.60 6.55
CA ILE A 85 -9.72 -6.31 7.70
C ILE A 85 -10.25 -7.59 8.35
N ASN A 86 -10.61 -8.56 7.51
CA ASN A 86 -11.12 -9.83 7.99
C ASN A 86 -10.09 -10.55 8.85
N LYS A 87 -8.98 -10.94 8.23
CA LYS A 87 -7.91 -11.63 8.93
C LYS A 87 -7.50 -10.87 10.18
N MET A 88 -7.51 -9.54 10.09
CA MET A 88 -7.14 -8.70 11.23
C MET A 88 -8.10 -8.89 12.39
N LYS A 89 -9.40 -8.78 12.11
CA LYS A 89 -10.42 -8.96 13.14
C LYS A 89 -10.21 -10.26 13.90
N LEU A 90 -9.68 -11.27 13.20
CA LEU A 90 -9.44 -12.57 13.82
C LEU A 90 -8.34 -12.47 14.88
N ALA A 91 -7.22 -11.86 14.52
CA ALA A 91 -6.11 -11.69 15.45
C ALA A 91 -6.55 -10.97 16.72
N GLN A 92 -7.34 -9.92 16.55
CA GLN A 92 -7.83 -9.14 17.68
C GLN A 92 -8.59 -10.03 18.66
N GLN A 93 -9.16 -11.11 18.15
CA GLN A 93 -9.91 -12.04 18.98
C GLN A 93 -9.01 -13.17 19.49
N TYR A 94 -7.96 -13.46 18.72
CA TYR A 94 -7.03 -14.52 19.09
C TYR A 94 -5.82 -13.97 19.84
N VAL A 95 -6.02 -12.83 20.50
CA VAL A 95 -4.96 -12.18 21.25
C VAL A 95 -5.15 -12.38 22.75
N MET A 96 -6.41 -12.43 23.18
CA MET A 96 -6.73 -12.62 24.59
C MET A 96 -6.41 -14.03 25.04
N THR A 97 -6.35 -14.95 24.08
CA THR A 97 -6.05 -16.36 24.39
C THR A 97 -4.55 -16.55 24.62
N SER A 98 -3.79 -16.52 23.54
CA SER A 98 -2.34 -16.70 23.62
C SER A 98 -1.71 -16.61 22.23
N LEU A 99 -2.43 -17.10 21.23
CA LEU A 99 -1.93 -17.08 19.85
C LEU A 99 -2.05 -15.68 19.26
N GLN A 100 -1.27 -14.74 19.80
CA GLN A 100 -1.29 -13.36 19.31
C GLN A 100 -0.21 -13.14 18.28
N GLN A 101 1.05 -13.38 18.67
CA GLN A 101 2.18 -13.20 17.77
C GLN A 101 1.97 -13.96 16.46
N GLU A 102 1.31 -15.12 16.56
CA GLU A 102 1.05 -15.95 15.40
C GLU A 102 0.37 -15.14 14.29
N TYR A 103 -0.80 -14.60 14.60
CA TYR A 103 -1.56 -13.81 13.63
C TYR A 103 -0.74 -12.60 13.17
N LYS A 104 0.15 -12.12 14.05
CA LYS A 104 0.99 -10.98 13.74
C LYS A 104 1.93 -11.29 12.58
N LYS A 105 2.48 -12.49 12.58
CA LYS A 105 3.41 -12.92 11.53
C LYS A 105 2.70 -12.94 10.18
N GLN A 106 1.61 -13.71 10.11
CA GLN A 106 0.85 -13.82 8.87
C GLN A 106 0.38 -12.45 8.38
N MET A 107 0.03 -11.59 9.32
CA MET A 107 -0.44 -10.24 9.00
C MET A 107 0.61 -9.50 8.18
N LEU A 108 1.84 -9.48 8.67
CA LEU A 108 2.93 -8.80 7.98
C LEU A 108 3.06 -9.30 6.54
N THR A 109 2.94 -10.62 6.36
CA THR A 109 3.04 -11.22 5.04
C THR A 109 2.13 -10.52 4.04
N ALA A 110 0.86 -10.41 4.39
CA ALA A 110 -0.13 -9.76 3.52
C ALA A 110 0.25 -8.30 3.27
N ALA A 111 0.43 -7.55 4.35
CA ALA A 111 0.79 -6.14 4.25
C ALA A 111 2.06 -5.95 3.41
N HIS A 112 2.90 -6.97 3.40
CA HIS A 112 4.14 -6.93 2.62
C HIS A 112 3.86 -6.81 1.13
N ALA A 113 3.10 -7.77 0.61
CA ALA A 113 2.75 -7.77 -0.81
C ALA A 113 1.85 -6.60 -1.15
N LEU A 114 1.02 -6.18 -0.20
CA LEU A 114 0.11 -5.07 -0.40
C LEU A 114 0.88 -3.76 -0.58
N ALA A 115 1.79 -3.48 0.35
CA ALA A 115 2.59 -2.27 0.29
C ALA A 115 3.27 -2.12 -1.06
N VAL A 116 3.99 -3.15 -1.48
CA VAL A 116 4.68 -3.14 -2.76
C VAL A 116 3.71 -2.83 -3.90
N ASP A 117 2.50 -3.32 -3.78
CA ASP A 117 1.48 -3.10 -4.80
C ASP A 117 1.16 -1.62 -4.94
N ALA A 118 0.90 -0.97 -3.80
CA ALA A 118 0.58 0.46 -3.80
C ALA A 118 1.63 1.25 -4.57
N LYS A 119 2.90 0.89 -4.39
CA LYS A 119 3.99 1.57 -5.07
C LYS A 119 4.06 1.19 -6.53
N ASN A 120 4.03 -0.12 -6.80
CA ASN A 120 4.08 -0.63 -8.17
C ASN A 120 2.97 -0.02 -9.01
N LEU A 121 1.86 0.30 -8.37
CA LEU A 121 0.72 0.91 -9.07
C LEU A 121 1.16 2.12 -9.89
N LEU A 122 1.75 3.09 -9.22
CA LEU A 122 2.23 4.30 -9.89
C LEU A 122 3.46 4.02 -10.74
N ASP A 123 4.30 3.11 -10.26
CA ASP A 123 5.52 2.75 -10.98
C ASP A 123 5.18 2.23 -12.38
N VAL A 124 4.15 1.38 -12.46
CA VAL A 124 3.73 0.81 -13.73
C VAL A 124 3.20 1.90 -14.66
N ILE A 125 2.14 2.58 -14.23
CA ILE A 125 1.53 3.64 -15.03
C ILE A 125 2.56 4.70 -15.38
N ASP A 126 3.58 4.85 -14.54
CA ASP A 126 4.63 5.84 -14.77
C ASP A 126 5.31 5.60 -16.11
N GLN A 127 5.46 4.33 -16.48
CA GLN A 127 6.10 3.96 -17.72
C GLN A 127 5.30 4.47 -18.92
N ALA A 128 3.99 4.59 -18.74
CA ALA A 128 3.11 5.08 -19.80
C ALA A 128 3.31 6.57 -20.04
N ARG A 129 3.42 7.33 -18.95
CA ARG A 129 3.60 8.77 -19.03
C ARG A 129 4.83 9.11 -19.88
N LEU A 130 5.96 8.48 -19.56
CA LEU A 130 7.20 8.72 -20.28
C LEU A 130 7.10 8.22 -21.72
N LYS A 131 6.32 7.16 -21.92
CA LYS A 131 6.13 6.59 -23.25
C LYS A 131 5.60 7.63 -24.22
N MET A 132 4.71 8.49 -23.73
CA MET A 132 4.14 9.54 -24.56
C MET A 132 5.13 10.69 -24.76
N ILE A 133 5.71 11.14 -23.66
CA ILE A 133 6.68 12.23 -23.71
C ILE A 133 7.78 11.96 -24.73
N SER A 134 8.49 10.84 -24.53
CA SER A 134 9.57 10.46 -25.43
C SER A 134 9.02 9.80 -26.69
N GLN A 135 8.25 10.56 -27.47
CA GLN A 135 7.66 10.05 -28.70
C GLN A 135 6.96 11.16 -29.46
N SER A 136 5.96 11.78 -28.83
CA SER A 136 5.21 12.86 -29.46
C SER A 136 4.24 13.49 -28.46
N ARG A 137 3.97 14.78 -28.65
CA ARG A 137 3.06 15.50 -27.77
C ARG A 137 3.56 15.47 -26.33
N PRO A 138 4.67 16.17 -26.07
CA PRO A 138 5.28 16.24 -24.74
C PRO A 138 4.43 17.05 -23.76
N HIS A 139 4.40 16.61 -22.51
CA HIS A 139 3.64 17.29 -21.48
C HIS A 139 4.44 17.41 -20.19
N SER A 155 11.96 11.99 -0.52
CA SER A 155 11.91 10.54 -0.74
C SER A 155 12.13 10.22 -2.22
N ASN A 156 12.04 8.93 -2.54
CA ASN A 156 12.22 8.49 -3.93
C ASN A 156 12.01 6.98 -4.04
N LEU A 157 12.02 6.48 -5.27
CA LEU A 157 11.83 5.05 -5.52
C LEU A 157 12.78 4.22 -4.67
N SER A 158 13.97 4.76 -4.43
CA SER A 158 14.98 4.06 -3.64
C SER A 158 14.62 4.08 -2.17
N GLU A 159 14.14 5.23 -1.69
CA GLU A 159 13.76 5.38 -0.29
C GLU A 159 12.74 4.31 0.11
N LEU A 160 11.78 4.06 -0.77
CA LEU A 160 10.75 3.06 -0.50
C LEU A 160 11.32 1.65 -0.60
N ASP A 161 12.29 1.46 -1.49
CA ASP A 161 12.92 0.16 -1.68
C ASP A 161 13.64 -0.27 -0.41
N ARG A 162 14.64 0.51 -0.01
CA ARG A 162 15.42 0.20 1.19
C ARG A 162 14.51 -0.02 2.39
N LEU A 163 13.49 0.82 2.51
CA LEU A 163 12.53 0.71 3.61
C LEU A 163 11.89 -0.67 3.65
N LEU A 164 11.45 -1.14 2.49
CA LEU A 164 10.82 -2.45 2.40
C LEU A 164 11.80 -3.56 2.76
N LEU A 165 13.06 -3.37 2.38
CA LEU A 165 14.10 -4.36 2.67
C LEU A 165 14.11 -4.70 4.16
N GLU A 166 14.16 -3.67 5.00
CA GLU A 166 14.18 -3.88 6.44
C GLU A 166 12.94 -4.62 6.91
N LEU A 167 11.78 -4.18 6.45
CA LEU A 167 10.51 -4.81 6.81
C LEU A 167 10.56 -6.32 6.57
N ASN A 168 11.19 -6.71 5.45
CA ASN A 168 11.30 -8.12 5.10
C ASN A 168 12.10 -8.87 6.14
N ALA A 169 13.31 -8.39 6.42
CA ALA A 169 14.18 -9.03 7.40
C ALA A 169 13.48 -9.14 8.76
N VAL A 170 12.78 -8.08 9.15
CA VAL A 170 12.06 -8.06 10.41
C VAL A 170 11.12 -9.26 10.54
N GLN A 171 10.45 -9.59 9.44
CA GLN A 171 9.52 -10.72 9.43
C GLN A 171 10.27 -12.04 9.60
N HIS A 172 11.44 -12.13 8.99
CA HIS A 172 12.25 -13.34 9.08
C HIS A 172 12.46 -13.76 10.53
N ASN A 173 12.97 -12.84 11.34
CA ASN A 173 13.21 -13.10 12.76
C ASN A 173 13.71 -11.86 13.46
N PRO A 174 13.60 -11.85 14.80
CA PRO A 174 14.05 -10.72 15.62
C PRO A 174 15.56 -10.59 15.66
N PRO A 175 16.05 -9.45 16.18
CA PRO A 175 17.49 -9.18 16.28
C PRO A 175 18.17 -10.06 17.33
N SER A 176 17.48 -10.30 18.43
CA SER A 176 18.02 -11.12 19.51
C SER A 176 19.34 -10.54 20.02
N MET A 1 -9.25 26.62 -9.30
CA MET A 1 -9.06 25.64 -10.36
C MET A 1 -7.61 25.20 -10.45
N ALA A 2 -6.70 26.18 -10.49
CA ALA A 2 -5.27 25.90 -10.57
C ALA A 2 -4.96 24.99 -11.75
N ASN A 3 -3.71 24.54 -11.84
CA ASN A 3 -3.28 23.67 -12.92
C ASN A 3 -3.81 22.25 -12.72
N LEU A 4 -3.38 21.34 -13.59
CA LEU A 4 -3.82 19.94 -13.51
C LEU A 4 -2.78 19.09 -12.79
N ASP A 5 -2.05 19.71 -11.87
CA ASP A 5 -1.02 19.01 -11.11
C ASP A 5 -1.49 18.73 -9.69
N ARG A 6 -2.81 18.59 -9.53
CA ARG A 6 -3.40 18.32 -8.22
C ARG A 6 -3.74 16.85 -8.07
N SER A 7 -4.47 16.31 -9.04
CA SER A 7 -4.87 14.90 -9.02
C SER A 7 -3.70 14.01 -9.37
N ASN A 8 -2.94 14.40 -10.39
CA ASN A 8 -1.79 13.62 -10.83
C ASN A 8 -0.79 13.45 -9.70
N ASP A 9 -0.69 14.46 -8.84
CA ASP A 9 0.24 14.42 -7.71
C ASP A 9 -0.41 13.74 -6.51
N LYS A 10 -1.73 13.81 -6.44
CA LYS A 10 -2.47 13.20 -5.34
C LYS A 10 -2.21 11.70 -5.26
N VAL A 11 -2.46 11.00 -6.36
CA VAL A 11 -2.24 9.56 -6.43
C VAL A 11 -0.77 9.22 -6.24
N TYR A 12 0.10 10.07 -6.79
CA TYR A 12 1.54 9.85 -6.68
C TYR A 12 2.03 10.15 -5.26
N GLU A 13 1.22 10.86 -4.50
CA GLU A 13 1.56 11.21 -3.13
C GLU A 13 1.08 10.14 -2.15
N ASN A 14 -0.24 9.97 -2.10
CA ASN A 14 -0.83 8.98 -1.20
C ASN A 14 -0.17 7.62 -1.38
N VAL A 15 0.17 7.28 -2.62
CA VAL A 15 0.80 6.00 -2.92
C VAL A 15 2.01 5.77 -2.02
N THR A 16 2.64 6.85 -1.59
CA THR A 16 3.82 6.77 -0.73
C THR A 16 3.41 6.76 0.74
N GLY A 17 2.56 7.69 1.13
CA GLY A 17 2.11 7.77 2.50
C GLY A 17 1.58 6.44 3.02
N LEU A 18 0.64 5.86 2.28
CA LEU A 18 0.05 4.59 2.67
C LEU A 18 1.12 3.55 2.95
N VAL A 19 2.19 3.59 2.15
CA VAL A 19 3.30 2.65 2.32
C VAL A 19 4.00 2.86 3.65
N LYS A 20 4.10 4.12 4.07
CA LYS A 20 4.75 4.46 5.32
C LYS A 20 4.05 3.78 6.50
N ALA A 21 2.72 3.79 6.48
CA ALA A 21 1.93 3.19 7.54
C ALA A 21 2.06 1.66 7.51
N VAL A 22 2.02 1.10 6.31
CA VAL A 22 2.13 -0.35 6.14
C VAL A 22 3.45 -0.87 6.69
N ILE A 23 4.53 -0.13 6.41
CA ILE A 23 5.86 -0.52 6.88
C ILE A 23 6.04 -0.17 8.35
N GLU A 24 5.75 1.07 8.70
CA GLU A 24 5.89 1.53 10.08
C GLU A 24 5.17 0.59 11.04
N MET A 25 3.91 0.27 10.71
CA MET A 25 3.11 -0.62 11.54
C MET A 25 3.81 -1.96 11.72
N SER A 26 4.31 -2.52 10.63
CA SER A 26 5.01 -3.81 10.66
C SER A 26 6.21 -3.75 11.60
N SER A 27 6.70 -2.53 11.85
CA SER A 27 7.86 -2.34 12.71
C SER A 27 7.47 -2.50 14.18
N LYS A 28 6.41 -1.81 14.59
CA LYS A 28 5.94 -1.87 15.96
C LYS A 28 4.73 -2.79 16.08
N ILE A 29 4.60 -3.72 15.13
CA ILE A 29 3.50 -4.66 15.13
C ILE A 29 3.49 -5.50 16.40
N GLN A 30 4.67 -5.94 16.84
CA GLN A 30 4.80 -6.75 18.04
C GLN A 30 4.28 -5.99 19.26
N PRO A 31 4.91 -4.85 19.58
CA PRO A 31 4.52 -4.02 20.71
C PRO A 31 3.18 -3.33 20.50
N ALA A 32 2.64 -3.45 19.29
CA ALA A 32 1.36 -2.85 18.96
C ALA A 32 0.32 -3.15 20.02
N PRO A 33 -0.03 -2.14 20.83
CA PRO A 33 -1.03 -2.28 21.90
C PRO A 33 -2.44 -2.47 21.37
N PRO A 34 -3.37 -2.85 22.26
CA PRO A 34 -4.77 -3.07 21.90
C PRO A 34 -5.50 -1.77 21.56
N GLU A 35 -4.93 -0.66 21.99
CA GLU A 35 -5.52 0.65 21.73
C GLU A 35 -5.07 1.20 20.38
N GLU A 36 -3.96 0.66 19.88
CA GLU A 36 -3.42 1.09 18.59
C GLU A 36 -3.94 0.21 17.45
N TYR A 37 -4.48 -0.95 17.81
CA TYR A 37 -5.02 -1.88 16.83
C TYR A 37 -6.34 -1.38 16.27
N VAL A 38 -7.19 -0.85 17.16
CA VAL A 38 -8.49 -0.34 16.76
C VAL A 38 -8.36 0.68 15.63
N PRO A 39 -7.58 1.75 15.89
CA PRO A 39 -7.35 2.82 14.91
C PRO A 39 -6.50 2.35 13.74
N MET A 40 -5.61 1.40 14.00
CA MET A 40 -4.73 0.87 12.97
C MET A 40 -5.54 0.44 11.74
N VAL A 41 -6.70 -0.16 11.99
CA VAL A 41 -7.56 -0.63 10.91
C VAL A 41 -8.06 0.54 10.06
N LYS A 42 -8.56 1.58 10.72
CA LYS A 42 -9.05 2.76 10.02
C LYS A 42 -7.99 3.35 9.10
N GLU A 43 -6.73 3.22 9.52
CA GLU A 43 -5.62 3.74 8.73
C GLU A 43 -5.41 2.91 7.47
N VAL A 44 -5.14 1.63 7.65
CA VAL A 44 -4.92 0.72 6.52
C VAL A 44 -6.12 0.70 5.59
N GLY A 45 -7.31 0.73 6.18
CA GLY A 45 -8.53 0.71 5.38
C GLY A 45 -8.65 1.93 4.49
N LEU A 46 -8.17 3.07 4.98
CA LEU A 46 -8.23 4.31 4.22
C LEU A 46 -7.32 4.25 2.99
N ALA A 47 -6.16 3.61 3.15
CA ALA A 47 -5.22 3.47 2.06
C ALA A 47 -5.83 2.74 0.87
N LEU A 48 -6.42 1.58 1.14
CA LEU A 48 -7.05 0.78 0.09
C LEU A 48 -8.21 1.53 -0.54
N ARG A 49 -9.14 1.99 0.30
CA ARG A 49 -10.30 2.73 -0.19
C ARG A 49 -9.87 3.93 -1.00
N THR A 50 -8.82 4.60 -0.56
CA THR A 50 -8.31 5.78 -1.25
C THR A 50 -7.62 5.40 -2.56
N LEU A 51 -6.89 4.29 -2.53
CA LEU A 51 -6.18 3.81 -3.71
C LEU A 51 -7.12 3.70 -4.91
N LEU A 52 -8.35 3.29 -4.63
CA LEU A 52 -9.35 3.13 -5.69
C LEU A 52 -9.65 4.48 -6.36
N ALA A 53 -9.82 5.51 -5.55
CA ALA A 53 -10.10 6.84 -6.06
C ALA A 53 -8.87 7.45 -6.71
N THR A 54 -7.73 7.34 -6.03
CA THR A 54 -6.47 7.89 -6.55
C THR A 54 -6.20 7.39 -7.95
N VAL A 55 -6.20 6.07 -8.12
CA VAL A 55 -5.95 5.46 -9.42
C VAL A 55 -7.06 5.80 -10.41
N ASP A 56 -8.28 5.95 -9.90
CA ASP A 56 -9.43 6.28 -10.73
C ASP A 56 -9.13 7.49 -11.60
N GLU A 57 -8.56 8.53 -11.00
CA GLU A 57 -8.23 9.75 -11.72
C GLU A 57 -6.91 9.60 -12.48
N SER A 58 -6.16 8.55 -12.15
CA SER A 58 -4.88 8.29 -12.79
C SER A 58 -5.09 7.77 -14.21
N LEU A 59 -6.25 7.17 -14.45
CA LEU A 59 -6.57 6.62 -15.77
C LEU A 59 -6.32 7.65 -16.86
N PRO A 60 -7.04 8.78 -16.78
CA PRO A 60 -6.90 9.87 -17.75
C PRO A 60 -5.56 10.59 -17.65
N VAL A 61 -5.11 10.82 -16.42
CA VAL A 61 -3.84 11.49 -16.18
C VAL A 61 -2.70 10.80 -16.93
N LEU A 62 -2.87 9.51 -17.19
CA LEU A 62 -1.86 8.73 -17.90
C LEU A 62 -2.38 8.26 -19.25
N PRO A 63 -1.46 7.97 -20.17
CA PRO A 63 -1.80 7.51 -21.52
C PRO A 63 -2.38 6.10 -21.52
N ALA A 64 -3.48 5.92 -22.24
CA ALA A 64 -4.13 4.61 -22.33
C ALA A 64 -3.16 3.55 -22.83
N SER A 65 -2.82 2.59 -21.97
CA SER A 65 -1.90 1.52 -22.33
C SER A 65 -1.58 0.65 -21.12
N THR A 66 -1.57 1.26 -19.94
CA THR A 66 -1.29 0.54 -18.70
C THR A 66 -2.52 0.45 -17.82
N HIS A 67 -3.69 0.42 -18.44
CA HIS A 67 -4.96 0.34 -17.71
C HIS A 67 -5.34 -1.11 -17.46
N ARG A 68 -4.78 -2.02 -18.26
CA ARG A 68 -5.07 -3.44 -18.12
C ARG A 68 -4.87 -3.90 -16.68
N GLU A 69 -3.63 -3.86 -16.22
CA GLU A 69 -3.30 -4.28 -14.86
C GLU A 69 -4.03 -3.40 -13.84
N ILE A 70 -4.23 -2.14 -14.20
CA ILE A 70 -4.90 -1.20 -13.31
C ILE A 70 -6.33 -1.65 -13.01
N GLU A 71 -7.05 -2.04 -14.07
CA GLU A 71 -8.43 -2.50 -13.91
C GLU A 71 -8.50 -3.73 -13.01
N MET A 72 -7.72 -4.75 -13.35
CA MET A 72 -7.69 -5.98 -12.57
C MET A 72 -7.16 -5.72 -11.16
N ALA A 73 -6.35 -4.68 -11.03
CA ALA A 73 -5.78 -4.32 -9.73
C ALA A 73 -6.84 -3.71 -8.82
N GLN A 74 -7.79 -3.00 -9.41
CA GLN A 74 -8.85 -2.36 -8.65
C GLN A 74 -9.61 -3.38 -7.80
N LYS A 75 -10.25 -4.34 -8.47
CA LYS A 75 -11.00 -5.37 -7.77
C LYS A 75 -10.09 -6.19 -6.85
N LEU A 76 -8.92 -6.54 -7.36
CA LEU A 76 -7.96 -7.33 -6.58
C LEU A 76 -7.65 -6.64 -5.26
N LEU A 77 -7.37 -5.35 -5.32
CA LEU A 77 -7.06 -4.58 -4.12
C LEU A 77 -8.15 -4.73 -3.07
N ASN A 78 -9.40 -4.63 -3.52
CA ASN A 78 -10.54 -4.75 -2.63
C ASN A 78 -10.44 -6.03 -1.79
N SER A 79 -10.16 -7.14 -2.45
CA SER A 79 -10.04 -8.43 -1.77
C SER A 79 -9.06 -8.33 -0.61
N ASP A 80 -7.86 -7.84 -0.89
CA ASP A 80 -6.82 -7.70 0.13
C ASP A 80 -7.36 -6.93 1.34
N LEU A 81 -8.16 -5.90 1.07
CA LEU A 81 -8.73 -5.09 2.14
C LEU A 81 -9.47 -5.96 3.15
N ALA A 82 -10.57 -6.56 2.71
CA ALA A 82 -11.37 -7.41 3.58
C ALA A 82 -10.51 -8.46 4.26
N GLU A 83 -9.50 -8.95 3.53
CA GLU A 83 -8.59 -9.96 4.07
C GLU A 83 -7.89 -9.45 5.33
N LEU A 84 -7.38 -8.22 5.26
CA LEU A 84 -6.68 -7.62 6.39
C LEU A 84 -7.64 -7.39 7.55
N ILE A 85 -8.80 -6.83 7.26
CA ILE A 85 -9.80 -6.57 8.29
C ILE A 85 -10.28 -7.86 8.94
N ASN A 86 -10.42 -8.91 8.13
CA ASN A 86 -10.87 -10.20 8.63
C ASN A 86 -9.88 -10.77 9.64
N LYS A 87 -8.66 -11.04 9.18
CA LYS A 87 -7.62 -11.58 10.04
C LYS A 87 -7.46 -10.74 11.30
N MET A 88 -7.44 -9.43 11.13
CA MET A 88 -7.30 -8.52 12.26
C MET A 88 -8.38 -8.78 13.31
N LYS A 89 -9.63 -8.78 12.87
CA LYS A 89 -10.76 -9.02 13.76
C LYS A 89 -10.54 -10.30 14.59
N LEU A 90 -9.83 -11.25 14.01
CA LEU A 90 -9.55 -12.51 14.69
C LEU A 90 -8.44 -12.34 15.72
N ALA A 91 -7.36 -11.70 15.31
CA ALA A 91 -6.23 -11.46 16.21
C ALA A 91 -6.67 -10.80 17.50
N GLN A 92 -7.68 -9.93 17.40
CA GLN A 92 -8.20 -9.24 18.57
C GLN A 92 -8.66 -10.22 19.63
N GLN A 93 -9.10 -11.41 19.19
CA GLN A 93 -9.57 -12.44 20.10
C GLN A 93 -8.52 -13.53 20.28
N TYR A 94 -7.63 -13.65 19.29
CA TYR A 94 -6.58 -14.65 19.33
C TYR A 94 -5.26 -14.05 19.79
N VAL A 95 -5.34 -12.97 20.55
CA VAL A 95 -4.16 -12.29 21.06
C VAL A 95 -4.02 -12.48 22.57
N MET A 96 -5.15 -12.46 23.27
CA MET A 96 -5.17 -12.63 24.71
C MET A 96 -4.92 -14.09 25.10
N THR A 97 -5.11 -14.98 24.13
CA THR A 97 -4.91 -16.41 24.36
C THR A 97 -3.42 -16.76 24.37
N SER A 98 -2.82 -16.77 23.19
CA SER A 98 -1.39 -17.10 23.06
C SER A 98 -0.95 -17.04 21.61
N LEU A 99 -1.86 -17.42 20.71
CA LEU A 99 -1.56 -17.40 19.28
C LEU A 99 -1.60 -15.98 18.72
N GLN A 100 -0.68 -15.15 19.19
CA GLN A 100 -0.60 -13.76 18.75
C GLN A 100 0.43 -13.60 17.63
N GLN A 101 1.65 -14.06 17.89
CA GLN A 101 2.73 -13.97 16.92
C GLN A 101 2.28 -14.53 15.57
N GLU A 102 1.48 -15.59 15.61
CA GLU A 102 0.99 -16.23 14.40
C GLU A 102 0.35 -15.19 13.46
N TYR A 103 -0.69 -14.53 13.94
CA TYR A 103 -1.39 -13.52 13.16
C TYR A 103 -0.41 -12.48 12.62
N LYS A 104 0.64 -12.21 13.39
CA LYS A 104 1.65 -11.24 12.99
C LYS A 104 2.35 -11.67 11.71
N LYS A 105 2.77 -12.94 11.67
CA LYS A 105 3.45 -13.48 10.51
C LYS A 105 2.54 -13.45 9.27
N GLN A 106 1.34 -14.00 9.43
CA GLN A 106 0.38 -14.05 8.33
C GLN A 106 0.03 -12.64 7.86
N MET A 107 -0.27 -11.76 8.81
CA MET A 107 -0.63 -10.38 8.49
C MET A 107 0.54 -9.67 7.81
N LEU A 108 1.72 -9.73 8.43
CA LEU A 108 2.91 -9.10 7.88
C LEU A 108 3.13 -9.50 6.43
N THR A 109 2.93 -10.79 6.15
CA THR A 109 3.11 -11.30 4.79
C THR A 109 2.24 -10.54 3.80
N ALA A 110 0.94 -10.54 4.03
CA ALA A 110 0.00 -9.84 3.16
C ALA A 110 0.30 -8.34 3.12
N ALA A 111 0.37 -7.72 4.29
CA ALA A 111 0.65 -6.30 4.38
C ALA A 111 1.91 -5.93 3.61
N HIS A 112 2.85 -6.86 3.56
CA HIS A 112 4.11 -6.64 2.85
C HIS A 112 3.86 -6.44 1.35
N ALA A 113 3.29 -7.45 0.71
CA ALA A 113 2.99 -7.39 -0.71
C ALA A 113 1.93 -6.33 -1.01
N LEU A 114 1.14 -5.99 0.00
CA LEU A 114 0.10 -5.00 -0.15
C LEU A 114 0.68 -3.61 -0.38
N ALA A 115 1.55 -3.18 0.53
CA ALA A 115 2.18 -1.88 0.43
C ALA A 115 2.91 -1.73 -0.89
N VAL A 116 3.81 -2.68 -1.17
CA VAL A 116 4.59 -2.65 -2.41
C VAL A 116 3.67 -2.61 -3.63
N ASP A 117 2.52 -3.26 -3.52
CA ASP A 117 1.56 -3.30 -4.62
C ASP A 117 1.12 -1.89 -5.00
N ALA A 118 0.55 -1.16 -4.05
CA ALA A 118 0.10 0.21 -4.29
C ALA A 118 1.20 1.05 -4.92
N LYS A 119 2.45 0.75 -4.56
CA LYS A 119 3.59 1.48 -5.08
C LYS A 119 3.87 1.08 -6.54
N ASN A 120 4.06 -0.21 -6.76
CA ASN A 120 4.33 -0.72 -8.10
C ASN A 120 3.28 -0.24 -9.09
N LEU A 121 2.07 0.00 -8.59
CA LEU A 121 0.97 0.45 -9.44
C LEU A 121 1.38 1.70 -10.23
N LEU A 122 1.79 2.74 -9.51
CA LEU A 122 2.21 3.99 -10.15
C LEU A 122 3.56 3.81 -10.84
N ASP A 123 4.43 3.01 -10.24
CA ASP A 123 5.75 2.76 -10.79
C ASP A 123 5.65 2.18 -12.20
N VAL A 124 4.74 1.22 -12.37
CA VAL A 124 4.54 0.59 -13.68
C VAL A 124 4.01 1.59 -14.70
N ILE A 125 2.84 2.16 -14.43
CA ILE A 125 2.24 3.13 -15.33
C ILE A 125 3.20 4.28 -15.63
N ASP A 126 4.15 4.50 -14.72
CA ASP A 126 5.13 5.57 -14.89
C ASP A 126 5.84 5.44 -16.23
N GLN A 127 6.21 4.21 -16.58
CA GLN A 127 6.89 3.95 -17.85
C GLN A 127 6.05 4.40 -19.03
N ALA A 128 4.73 4.39 -18.84
CA ALA A 128 3.81 4.80 -19.91
C ALA A 128 3.79 6.31 -20.06
N ARG A 129 3.81 7.02 -18.95
CA ARG A 129 3.78 8.48 -18.97
C ARG A 129 4.95 9.03 -19.79
N LEU A 130 6.14 8.47 -19.56
CA LEU A 130 7.34 8.89 -20.28
C LEU A 130 7.30 8.40 -21.72
N LYS A 131 6.67 7.26 -21.95
CA LYS A 131 6.55 6.69 -23.29
C LYS A 131 5.91 7.68 -24.26
N MET A 132 4.92 8.41 -23.77
CA MET A 132 4.22 9.40 -24.59
C MET A 132 5.06 10.67 -24.73
N ILE A 133 5.53 11.20 -23.61
CA ILE A 133 6.34 12.40 -23.61
C ILE A 133 7.51 12.28 -24.57
N SER A 134 8.35 11.27 -24.36
CA SER A 134 9.52 11.04 -25.21
C SER A 134 9.11 10.38 -26.52
N GLN A 135 8.28 11.08 -27.29
CA GLN A 135 7.81 10.56 -28.57
C GLN A 135 7.08 11.65 -29.36
N SER A 136 6.02 12.18 -28.77
CA SER A 136 5.23 13.22 -29.43
C SER A 136 4.18 13.79 -28.46
N ARG A 137 4.01 15.10 -28.50
CA ARG A 137 3.04 15.77 -27.64
C ARG A 137 3.40 15.57 -26.17
N PRO A 138 4.47 16.26 -25.73
CA PRO A 138 4.95 16.18 -24.35
C PRO A 138 3.99 16.86 -23.37
N HIS A 139 4.20 16.62 -22.07
CA HIS A 139 3.36 17.21 -21.04
C HIS A 139 4.19 17.58 -19.82
N SER A 155 15.36 8.51 -5.76
CA SER A 155 15.02 9.41 -4.67
C SER A 155 13.85 8.86 -3.85
N ASN A 156 12.65 8.93 -4.43
CA ASN A 156 11.45 8.43 -3.76
C ASN A 156 11.38 6.91 -3.81
N LEU A 157 11.54 6.36 -5.00
CA LEU A 157 11.50 4.91 -5.20
C LEU A 157 12.49 4.22 -4.27
N SER A 158 13.69 4.76 -4.17
CA SER A 158 14.73 4.18 -3.32
C SER A 158 14.27 4.16 -1.86
N GLU A 159 13.73 5.29 -1.40
CA GLU A 159 13.26 5.39 -0.02
C GLU A 159 12.31 4.25 0.31
N LEU A 160 11.41 3.93 -0.61
CA LEU A 160 10.45 2.85 -0.41
C LEU A 160 11.14 1.49 -0.44
N ASP A 161 12.13 1.36 -1.32
CA ASP A 161 12.87 0.11 -1.45
C ASP A 161 13.53 -0.27 -0.12
N ARG A 162 14.21 0.69 0.49
CA ARG A 162 14.89 0.46 1.76
C ARG A 162 13.91 -0.02 2.82
N LEU A 163 12.82 0.72 2.99
CA LEU A 163 11.81 0.38 3.98
C LEU A 163 11.31 -1.05 3.77
N LEU A 164 11.09 -1.42 2.50
CA LEU A 164 10.62 -2.75 2.17
C LEU A 164 11.55 -3.83 2.74
N LEU A 165 12.85 -3.64 2.52
CA LEU A 165 13.85 -4.59 3.01
C LEU A 165 13.67 -4.84 4.50
N GLU A 166 13.46 -3.77 5.27
CA GLU A 166 13.26 -3.89 6.70
C GLU A 166 12.14 -4.87 7.03
N LEU A 167 11.02 -4.71 6.34
CA LEU A 167 9.86 -5.59 6.55
C LEU A 167 10.26 -7.05 6.45
N ASN A 168 11.05 -7.38 5.44
CA ASN A 168 11.51 -8.75 5.23
C ASN A 168 12.27 -9.26 6.45
N ALA A 169 13.23 -8.46 6.91
CA ALA A 169 14.03 -8.83 8.07
C ALA A 169 13.17 -8.96 9.32
N VAL A 170 12.18 -8.07 9.45
CA VAL A 170 11.28 -8.10 10.60
C VAL A 170 10.54 -9.43 10.69
N GLN A 171 10.31 -10.05 9.54
CA GLN A 171 9.61 -11.32 9.49
C GLN A 171 10.51 -12.46 10.01
N HIS A 172 11.72 -12.52 9.48
CA HIS A 172 12.68 -13.55 9.89
C HIS A 172 12.83 -13.59 11.40
N ASN A 173 13.13 -12.44 11.99
CA ASN A 173 13.30 -12.34 13.44
C ASN A 173 13.42 -10.89 13.88
N PRO A 174 13.17 -10.63 15.18
CA PRO A 174 13.24 -9.29 15.75
C PRO A 174 14.68 -8.77 15.83
N PRO A 175 14.82 -7.47 16.10
CA PRO A 175 16.13 -6.81 16.21
C PRO A 175 16.89 -7.25 17.45
N SER A 176 18.17 -7.61 17.26
CA SER A 176 19.00 -8.05 18.37
C SER A 176 20.48 -7.89 18.04
N MET A 1 -8.10 26.30 -17.57
CA MET A 1 -6.96 26.87 -16.88
C MET A 1 -6.00 25.78 -16.43
N ALA A 2 -4.75 26.18 -16.17
CA ALA A 2 -3.73 25.24 -15.72
C ALA A 2 -3.74 25.08 -14.21
N ASN A 3 -4.35 24.00 -13.73
CA ASN A 3 -4.43 23.75 -12.30
C ASN A 3 -4.98 22.35 -12.03
N LEU A 4 -4.71 21.42 -12.94
CA LEU A 4 -5.18 20.05 -12.81
C LEU A 4 -4.05 19.14 -12.31
N ASP A 5 -3.11 19.72 -11.59
CA ASP A 5 -1.97 18.96 -11.06
C ASP A 5 -2.15 18.70 -9.57
N ARG A 6 -3.39 18.49 -9.15
CA ARG A 6 -3.69 18.24 -7.75
C ARG A 6 -3.97 16.76 -7.51
N SER A 7 -4.82 16.18 -8.35
CA SER A 7 -5.17 14.77 -8.23
C SER A 7 -4.03 13.88 -8.72
N ASN A 8 -3.39 14.29 -9.81
CA ASN A 8 -2.28 13.53 -10.39
C ASN A 8 -1.16 13.37 -9.37
N ASP A 9 -1.07 14.31 -8.43
CA ASP A 9 -0.04 14.26 -7.40
C ASP A 9 -0.54 13.52 -6.17
N LYS A 10 -1.86 13.55 -5.97
CA LYS A 10 -2.46 12.88 -4.82
C LYS A 10 -2.20 11.39 -4.86
N VAL A 11 -2.59 10.74 -5.95
CA VAL A 11 -2.40 9.31 -6.12
C VAL A 11 -0.92 8.95 -6.03
N TYR A 12 -0.07 9.77 -6.63
CA TYR A 12 1.37 9.53 -6.61
C TYR A 12 1.96 9.83 -5.23
N GLU A 13 1.20 10.58 -4.43
CA GLU A 13 1.65 10.94 -3.10
C GLU A 13 1.21 9.90 -2.07
N ASN A 14 -0.09 9.72 -1.93
CA ASN A 14 -0.64 8.76 -0.99
C ASN A 14 -0.01 7.38 -1.19
N VAL A 15 0.24 7.03 -2.45
CA VAL A 15 0.84 5.74 -2.77
C VAL A 15 2.12 5.51 -1.96
N THR A 16 2.78 6.60 -1.60
CA THR A 16 4.01 6.52 -0.82
C THR A 16 3.73 6.54 0.67
N GLY A 17 2.91 7.51 1.10
CA GLY A 17 2.57 7.63 2.50
C GLY A 17 2.06 6.32 3.09
N LEU A 18 1.05 5.73 2.44
CA LEU A 18 0.49 4.47 2.90
C LEU A 18 1.56 3.42 3.11
N VAL A 19 2.57 3.43 2.25
CA VAL A 19 3.67 2.48 2.34
C VAL A 19 4.49 2.72 3.61
N LYS A 20 4.63 3.98 3.99
CA LYS A 20 5.40 4.34 5.18
C LYS A 20 4.78 3.71 6.42
N ALA A 21 3.45 3.74 6.51
CA ALA A 21 2.74 3.17 7.64
C ALA A 21 2.89 1.65 7.68
N VAL A 22 2.67 1.02 6.53
CA VAL A 22 2.79 -0.43 6.43
C VAL A 22 4.12 -0.92 6.98
N ILE A 23 5.16 -0.12 6.79
CA ILE A 23 6.49 -0.48 7.28
C ILE A 23 6.66 -0.12 8.75
N GLU A 24 6.32 1.12 9.09
CA GLU A 24 6.42 1.59 10.47
C GLU A 24 5.71 0.63 11.42
N MET A 25 4.46 0.33 11.12
CA MET A 25 3.67 -0.58 11.95
C MET A 25 4.36 -1.92 12.09
N SER A 26 4.97 -2.39 11.01
CA SER A 26 5.67 -3.67 11.01
C SER A 26 6.87 -3.64 11.95
N SER A 27 7.33 -2.43 12.25
CA SER A 27 8.48 -2.26 13.14
C SER A 27 8.08 -2.46 14.60
N LYS A 28 7.03 -1.76 15.02
CA LYS A 28 6.54 -1.86 16.38
C LYS A 28 5.31 -2.77 16.46
N ILE A 29 5.17 -3.65 15.47
CA ILE A 29 4.04 -4.56 15.43
C ILE A 29 4.02 -5.47 16.66
N GLN A 30 5.20 -5.94 17.06
CA GLN A 30 5.30 -6.81 18.23
C GLN A 30 4.79 -6.11 19.48
N PRO A 31 5.43 -4.99 19.85
CA PRO A 31 5.05 -4.21 21.03
C PRO A 31 3.72 -3.50 20.84
N ALA A 32 3.19 -3.54 19.62
CA ALA A 32 1.92 -2.90 19.32
C ALA A 32 0.87 -3.26 20.35
N PRO A 33 0.52 -2.29 21.21
CA PRO A 33 -0.49 -2.48 22.26
C PRO A 33 -1.91 -2.62 21.69
N PRO A 34 -2.85 -3.02 22.56
CA PRO A 34 -4.25 -3.20 22.17
C PRO A 34 -4.95 -1.88 21.87
N GLU A 35 -4.35 -0.78 22.35
CA GLU A 35 -4.92 0.54 22.14
C GLU A 35 -4.45 1.12 20.80
N GLU A 36 -3.33 0.62 20.30
CA GLU A 36 -2.77 1.08 19.04
C GLU A 36 -3.18 0.16 17.90
N TYR A 37 -3.62 -1.04 18.25
CA TYR A 37 -4.04 -2.03 17.25
C TYR A 37 -5.39 -1.64 16.63
N VAL A 38 -6.30 -1.17 17.47
CA VAL A 38 -7.63 -0.76 17.00
C VAL A 38 -7.51 0.21 15.82
N PRO A 39 -6.80 1.32 16.04
CA PRO A 39 -6.61 2.35 15.01
C PRO A 39 -5.71 1.87 13.89
N MET A 40 -4.79 0.97 14.21
CA MET A 40 -3.85 0.43 13.23
C MET A 40 -4.60 -0.05 11.97
N VAL A 41 -5.68 -0.79 12.18
CA VAL A 41 -6.48 -1.30 11.07
C VAL A 41 -7.10 -0.16 10.28
N LYS A 42 -7.42 0.93 10.96
CA LYS A 42 -8.02 2.09 10.33
C LYS A 42 -7.11 2.64 9.23
N GLU A 43 -5.85 2.84 9.57
CA GLU A 43 -4.88 3.37 8.61
C GLU A 43 -4.73 2.44 7.41
N VAL A 44 -4.46 1.16 7.69
CA VAL A 44 -4.30 0.17 6.64
C VAL A 44 -5.54 0.08 5.77
N GLY A 45 -6.71 0.05 6.41
CA GLY A 45 -7.96 -0.03 5.68
C GLY A 45 -8.19 1.17 4.80
N LEU A 46 -7.88 2.36 5.32
CA LEU A 46 -8.05 3.60 4.57
C LEU A 46 -7.17 3.62 3.32
N ALA A 47 -5.96 3.08 3.45
CA ALA A 47 -5.02 3.04 2.34
C ALA A 47 -5.61 2.27 1.17
N LEU A 48 -6.17 1.10 1.44
CA LEU A 48 -6.78 0.28 0.40
C LEU A 48 -7.97 0.97 -0.23
N ARG A 49 -8.92 1.37 0.60
CA ARG A 49 -10.12 2.06 0.12
C ARG A 49 -9.75 3.29 -0.68
N THR A 50 -8.73 4.02 -0.22
CA THR A 50 -8.28 5.23 -0.90
C THR A 50 -7.56 4.89 -2.19
N LEU A 51 -6.79 3.81 -2.17
CA LEU A 51 -6.04 3.39 -3.35
C LEU A 51 -6.97 3.24 -4.56
N LEU A 52 -8.18 2.75 -4.31
CA LEU A 52 -9.16 2.56 -5.38
C LEU A 52 -9.51 3.90 -6.03
N ALA A 53 -9.75 4.90 -5.20
CA ALA A 53 -10.10 6.24 -5.70
C ALA A 53 -8.89 6.91 -6.35
N THR A 54 -7.75 6.83 -5.67
CA THR A 54 -6.52 7.44 -6.18
C THR A 54 -6.24 6.99 -7.61
N VAL A 55 -6.15 5.68 -7.82
CA VAL A 55 -5.88 5.12 -9.13
C VAL A 55 -7.03 5.42 -10.10
N ASP A 56 -8.24 5.50 -9.56
CA ASP A 56 -9.42 5.78 -10.36
C ASP A 56 -9.21 7.01 -11.24
N GLU A 57 -8.70 8.08 -10.64
CA GLU A 57 -8.44 9.31 -11.37
C GLU A 57 -7.14 9.22 -12.16
N SER A 58 -6.33 8.21 -11.85
CA SER A 58 -5.06 8.01 -12.53
C SER A 58 -5.29 7.47 -13.95
N LEU A 59 -6.43 6.82 -14.17
CA LEU A 59 -6.76 6.27 -15.46
C LEU A 59 -6.59 7.31 -16.56
N PRO A 60 -7.35 8.41 -16.46
CA PRO A 60 -7.31 9.50 -17.43
C PRO A 60 -6.00 10.28 -17.36
N VAL A 61 -5.50 10.49 -16.14
CA VAL A 61 -4.26 11.22 -15.93
C VAL A 61 -3.12 10.62 -16.75
N LEU A 62 -3.24 9.33 -17.06
CA LEU A 62 -2.22 8.62 -17.82
C LEU A 62 -2.75 8.23 -19.20
N PRO A 63 -1.85 7.99 -20.15
CA PRO A 63 -2.20 7.60 -21.52
C PRO A 63 -2.78 6.19 -21.58
N ALA A 64 -3.89 6.04 -22.30
CA ALA A 64 -4.54 4.75 -22.44
C ALA A 64 -3.57 3.69 -22.95
N SER A 65 -3.29 2.70 -22.12
CA SER A 65 -2.37 1.63 -22.51
C SER A 65 -2.18 0.64 -21.35
N THR A 66 -2.25 1.15 -20.13
CA THR A 66 -2.09 0.31 -18.94
C THR A 66 -3.41 0.20 -18.17
N HIS A 67 -4.52 0.34 -18.88
CA HIS A 67 -5.84 0.26 -18.26
C HIS A 67 -6.13 -1.17 -17.80
N ARG A 68 -5.54 -2.14 -18.50
CA ARG A 68 -5.74 -3.54 -18.16
C ARG A 68 -5.46 -3.79 -16.67
N GLU A 69 -4.24 -3.51 -16.25
CA GLU A 69 -3.85 -3.70 -14.85
C GLU A 69 -4.64 -2.77 -13.94
N ILE A 70 -4.86 -1.54 -14.40
CA ILE A 70 -5.58 -0.54 -13.63
C ILE A 70 -6.97 -1.07 -13.25
N GLU A 71 -7.71 -1.56 -14.23
CA GLU A 71 -9.05 -2.09 -14.00
C GLU A 71 -9.01 -3.26 -13.02
N MET A 72 -8.15 -4.24 -13.30
CA MET A 72 -8.01 -5.40 -12.44
C MET A 72 -7.57 -5.00 -11.05
N ALA A 73 -6.90 -3.86 -10.95
CA ALA A 73 -6.41 -3.36 -9.67
C ALA A 73 -7.56 -2.87 -8.80
N GLN A 74 -8.59 -2.32 -9.44
CA GLN A 74 -9.75 -1.81 -8.72
C GLN A 74 -10.46 -2.93 -7.96
N LYS A 75 -11.02 -3.88 -8.70
CA LYS A 75 -11.72 -5.01 -8.09
C LYS A 75 -10.82 -5.76 -7.13
N LEU A 76 -9.57 -6.00 -7.55
CA LEU A 76 -8.61 -6.71 -6.72
C LEU A 76 -8.39 -5.99 -5.39
N LEU A 77 -8.28 -4.66 -5.46
CA LEU A 77 -8.07 -3.86 -4.27
C LEU A 77 -9.12 -4.17 -3.20
N ASN A 78 -10.39 -4.14 -3.60
CA ASN A 78 -11.48 -4.42 -2.68
C ASN A 78 -11.26 -5.75 -1.96
N SER A 79 -10.99 -6.79 -2.73
CA SER A 79 -10.76 -8.11 -2.17
C SER A 79 -9.68 -8.07 -1.10
N ASP A 80 -8.50 -7.59 -1.47
CA ASP A 80 -7.38 -7.49 -0.55
C ASP A 80 -7.79 -6.76 0.72
N LEU A 81 -8.47 -5.63 0.55
CA LEU A 81 -8.93 -4.83 1.69
C LEU A 81 -9.70 -5.69 2.68
N ALA A 82 -10.87 -6.17 2.27
CA ALA A 82 -11.71 -7.00 3.11
C ALA A 82 -10.90 -8.17 3.69
N GLU A 83 -10.20 -8.88 2.82
CA GLU A 83 -9.39 -10.02 3.24
C GLU A 83 -8.42 -9.62 4.36
N LEU A 84 -7.94 -8.38 4.30
CA LEU A 84 -7.01 -7.88 5.31
C LEU A 84 -7.73 -7.58 6.62
N ILE A 85 -8.78 -6.76 6.53
CA ILE A 85 -9.55 -6.40 7.72
C ILE A 85 -10.13 -7.64 8.39
N ASN A 86 -10.48 -8.64 7.59
CA ASN A 86 -11.05 -9.88 8.12
C ASN A 86 -10.04 -10.59 9.00
N LYS A 87 -8.97 -11.09 8.41
CA LYS A 87 -7.94 -11.80 9.14
C LYS A 87 -7.45 -10.98 10.33
N MET A 88 -7.37 -9.66 10.14
CA MET A 88 -6.92 -8.77 11.20
C MET A 88 -7.84 -8.87 12.41
N LYS A 89 -9.13 -8.67 12.19
CA LYS A 89 -10.12 -8.74 13.27
C LYS A 89 -9.98 -10.04 14.06
N LEU A 90 -9.53 -11.10 13.38
CA LEU A 90 -9.35 -12.38 14.01
C LEU A 90 -8.22 -12.34 15.04
N ALA A 91 -7.08 -11.79 14.63
CA ALA A 91 -5.93 -11.67 15.52
C ALA A 91 -6.29 -10.94 16.81
N GLN A 92 -7.07 -9.86 16.67
CA GLN A 92 -7.48 -9.07 17.82
C GLN A 92 -8.22 -9.93 18.83
N GLN A 93 -8.84 -11.01 18.35
CA GLN A 93 -9.59 -11.91 19.22
C GLN A 93 -8.70 -13.07 19.67
N TYR A 94 -7.69 -13.40 18.87
CA TYR A 94 -6.79 -14.49 19.20
C TYR A 94 -5.48 -13.96 19.78
N VAL A 95 -5.56 -12.77 20.39
CA VAL A 95 -4.39 -12.15 21.01
C VAL A 95 -4.43 -12.26 22.52
N MET A 96 -5.65 -12.23 23.08
CA MET A 96 -5.82 -12.33 24.52
C MET A 96 -5.57 -13.75 25.00
N THR A 97 -5.70 -14.71 24.09
CA THR A 97 -5.47 -16.12 24.43
C THR A 97 -3.98 -16.43 24.52
N SER A 98 -3.34 -16.51 23.37
CA SER A 98 -1.91 -16.81 23.31
C SER A 98 -1.41 -16.83 21.87
N LEU A 99 -2.26 -17.29 20.96
CA LEU A 99 -1.91 -17.36 19.55
C LEU A 99 -1.98 -15.99 18.90
N GLN A 100 -1.09 -15.09 19.33
CA GLN A 100 -1.05 -13.74 18.79
C GLN A 100 -0.02 -13.63 17.67
N GLN A 101 1.22 -14.02 17.96
CA GLN A 101 2.29 -13.97 16.99
C GLN A 101 1.88 -14.66 15.70
N GLU A 102 1.11 -15.74 15.82
CA GLU A 102 0.66 -16.50 14.67
C GLU A 102 -0.02 -15.58 13.65
N TYR A 103 -1.21 -15.10 14.00
CA TYR A 103 -1.96 -14.21 13.11
C TYR A 103 -1.12 -13.00 12.71
N LYS A 104 -0.19 -12.63 13.58
CA LYS A 104 0.68 -11.49 13.31
C LYS A 104 1.58 -11.75 12.11
N LYS A 105 2.21 -12.92 12.10
CA LYS A 105 3.11 -13.30 11.01
C LYS A 105 2.40 -13.17 9.66
N GLN A 106 1.24 -13.81 9.55
CA GLN A 106 0.46 -13.76 8.32
C GLN A 106 0.22 -12.32 7.88
N MET A 107 0.02 -11.44 8.84
CA MET A 107 -0.21 -10.03 8.55
C MET A 107 0.92 -9.45 7.72
N LEU A 108 2.16 -9.65 8.18
CA LEU A 108 3.33 -9.15 7.48
C LEU A 108 3.36 -9.64 6.04
N THR A 109 3.02 -10.91 5.84
CA THR A 109 3.01 -11.50 4.51
C THR A 109 2.07 -10.74 3.58
N ALA A 110 0.77 -10.77 3.90
CA ALA A 110 -0.22 -10.08 3.11
C ALA A 110 0.10 -8.59 2.97
N ALA A 111 0.48 -7.97 4.08
CA ALA A 111 0.82 -6.55 4.08
C ALA A 111 1.99 -6.27 3.15
N HIS A 112 2.90 -7.24 3.05
CA HIS A 112 4.08 -7.10 2.19
C HIS A 112 3.66 -6.90 0.73
N ALA A 113 2.85 -7.82 0.22
CA ALA A 113 2.38 -7.74 -1.15
C ALA A 113 1.47 -6.53 -1.36
N LEU A 114 0.77 -6.14 -0.30
CA LEU A 114 -0.14 -4.99 -0.37
C LEU A 114 0.65 -3.70 -0.59
N ALA A 115 1.57 -3.40 0.31
CA ALA A 115 2.38 -2.20 0.22
C ALA A 115 3.03 -2.09 -1.16
N VAL A 116 3.75 -3.15 -1.55
CA VAL A 116 4.42 -3.16 -2.85
C VAL A 116 3.43 -3.02 -3.99
N ASP A 117 2.25 -3.61 -3.81
CA ASP A 117 1.21 -3.54 -4.83
C ASP A 117 0.80 -2.10 -5.11
N ALA A 118 0.42 -1.38 -4.04
CA ALA A 118 0.01 0.01 -4.18
C ALA A 118 1.05 0.82 -4.93
N LYS A 119 2.32 0.53 -4.68
CA LYS A 119 3.42 1.24 -5.34
C LYS A 119 3.56 0.78 -6.79
N ASN A 120 3.46 -0.53 -7.01
CA ASN A 120 3.59 -1.09 -8.34
C ASN A 120 2.53 -0.49 -9.28
N LEU A 121 1.38 -0.13 -8.72
CA LEU A 121 0.31 0.46 -9.51
C LEU A 121 0.80 1.64 -10.33
N LEU A 122 1.36 2.65 -9.64
CA LEU A 122 1.87 3.83 -10.30
C LEU A 122 3.17 3.52 -11.04
N ASP A 123 3.97 2.61 -10.48
CA ASP A 123 5.23 2.22 -11.09
C ASP A 123 5.01 1.68 -12.50
N VAL A 124 4.00 0.83 -12.64
CA VAL A 124 3.67 0.23 -13.93
C VAL A 124 3.22 1.30 -14.93
N ILE A 125 2.14 1.98 -14.60
CA ILE A 125 1.60 3.02 -15.47
C ILE A 125 2.65 4.09 -15.77
N ASP A 126 3.64 4.20 -14.89
CA ASP A 126 4.72 5.17 -15.07
C ASP A 126 5.40 4.98 -16.42
N GLN A 127 5.62 3.72 -16.80
CA GLN A 127 6.27 3.41 -18.06
C GLN A 127 5.49 4.00 -19.24
N ALA A 128 4.17 4.05 -19.09
CA ALA A 128 3.30 4.59 -20.13
C ALA A 128 3.43 6.11 -20.22
N ARG A 129 3.48 6.76 -19.06
CA ARG A 129 3.59 8.22 -19.00
C ARG A 129 4.83 8.68 -19.76
N LEU A 130 5.95 8.00 -19.54
CA LEU A 130 7.21 8.35 -20.19
C LEU A 130 7.18 7.95 -21.67
N LYS A 131 6.45 6.89 -21.98
CA LYS A 131 6.33 6.41 -23.35
C LYS A 131 5.82 7.51 -24.26
N MET A 132 4.89 8.31 -23.77
CA MET A 132 4.31 9.40 -24.55
C MET A 132 5.21 10.63 -24.51
N ILE A 133 5.54 11.08 -23.31
CA ILE A 133 6.40 12.25 -23.14
C ILE A 133 7.72 12.07 -23.89
N SER A 134 8.50 11.09 -23.47
CA SER A 134 9.79 10.81 -24.11
C SER A 134 9.60 10.11 -25.46
N GLN A 135 9.10 10.86 -26.43
CA GLN A 135 8.86 10.31 -27.76
C GLN A 135 8.39 11.40 -28.72
N SER A 136 7.27 12.04 -28.38
CA SER A 136 6.71 13.09 -29.21
C SER A 136 5.54 13.77 -28.51
N ARG A 137 5.56 15.10 -28.49
CA ARG A 137 4.50 15.87 -27.85
C ARG A 137 4.77 17.36 -27.99
N PRO A 138 3.70 18.17 -27.88
CA PRO A 138 3.78 19.63 -27.99
C PRO A 138 4.50 20.26 -26.81
N HIS A 139 4.90 21.51 -26.97
CA HIS A 139 5.61 22.23 -25.92
C HIS A 139 4.83 22.17 -24.61
N SER A 155 10.03 10.44 -0.92
CA SER A 155 9.15 9.44 -1.52
C SER A 155 9.78 8.82 -2.76
N ASN A 156 11.09 8.56 -2.68
CA ASN A 156 11.82 7.96 -3.79
C ASN A 156 11.54 6.47 -3.88
N LEU A 157 11.54 5.95 -5.11
CA LEU A 157 11.29 4.53 -5.34
C LEU A 157 12.19 3.67 -4.46
N SER A 158 13.48 3.99 -4.45
CA SER A 158 14.44 3.24 -3.66
C SER A 158 14.12 3.35 -2.17
N GLU A 159 13.63 4.52 -1.76
CA GLU A 159 13.27 4.74 -0.36
C GLU A 159 12.30 3.69 0.13
N LEU A 160 11.32 3.36 -0.70
CA LEU A 160 10.32 2.36 -0.36
C LEU A 160 10.89 0.95 -0.44
N ASP A 161 11.79 0.74 -1.39
CA ASP A 161 12.41 -0.57 -1.57
C ASP A 161 13.26 -0.93 -0.37
N ARG A 162 14.11 0.00 0.06
CA ARG A 162 14.98 -0.23 1.21
C ARG A 162 14.17 -0.55 2.46
N LEU A 163 13.26 0.35 2.82
CA LEU A 163 12.42 0.17 3.99
C LEU A 163 11.73 -1.19 3.96
N LEU A 164 11.38 -1.63 2.75
CA LEU A 164 10.70 -2.91 2.57
C LEU A 164 11.60 -4.07 3.03
N LEU A 165 12.84 -4.05 2.57
CA LEU A 165 13.80 -5.09 2.94
C LEU A 165 13.87 -5.27 4.45
N GLU A 166 13.89 -4.15 5.17
CA GLU A 166 13.95 -4.19 6.63
C GLU A 166 12.75 -4.92 7.20
N LEU A 167 11.56 -4.63 6.66
CA LEU A 167 10.34 -5.27 7.12
C LEU A 167 10.48 -6.79 7.12
N ASN A 168 11.09 -7.32 6.07
CA ASN A 168 11.29 -8.76 5.95
C ASN A 168 12.13 -9.29 7.10
N ALA A 169 13.26 -8.64 7.35
CA ALA A 169 14.16 -9.04 8.43
C ALA A 169 13.47 -8.94 9.78
N VAL A 170 12.68 -7.90 9.96
CA VAL A 170 11.96 -7.68 11.21
C VAL A 170 11.16 -8.92 11.61
N GLN A 171 10.45 -9.49 10.64
CA GLN A 171 9.65 -10.68 10.88
C GLN A 171 10.53 -11.87 11.26
N HIS A 172 11.68 -11.97 10.59
CA HIS A 172 12.60 -13.06 10.86
C HIS A 172 12.92 -13.16 12.35
N ASN A 173 13.09 -12.02 12.99
CA ASN A 173 13.39 -11.97 14.41
C ASN A 173 13.30 -10.55 14.95
N PRO A 174 13.16 -10.42 16.27
CA PRO A 174 13.07 -9.12 16.94
C PRO A 174 14.38 -8.35 16.91
N PRO A 175 14.33 -7.06 17.26
CA PRO A 175 15.51 -6.19 17.29
C PRO A 175 16.47 -6.55 18.41
N SER A 176 15.92 -6.85 19.58
CA SER A 176 16.74 -7.21 20.74
C SER A 176 16.02 -8.23 21.61
#